data_2KA9
#
_entry.id   2KA9
#
_cell.length_a   1.000
_cell.length_b   1.000
_cell.length_c   1.000
_cell.angle_alpha   90.00
_cell.angle_beta   90.00
_cell.angle_gamma   90.00
#
_symmetry.space_group_name_H-M   'P 1'
#
loop_
_entity.id
_entity.type
_entity.pdbx_description
1 polymer 'Disks large homolog 4'
2 polymer 'cypin peptide'
#
loop_
_entity_poly.entity_id
_entity_poly.type
_entity_poly.pdbx_seq_one_letter_code
_entity_poly.pdbx_strand_id
1 'polypeptide(L)'
;MEYEEITLERGNSGLGFSIAGGTDNPHIGDDPSIFITKIIPGGAAAQDGRLRVNDSILFVNEVDVREVTHSAAVEALKEA
GSIVRLYVMRRKPPAEKVMEIKLIKGPKGLGFSIAGGVGNQHIPGDNSIYVTKIIEGGAAHKDGRLQIGDKILAVNSVGL
EDVMHEDAVAALKNTYDVVYLKVAKPSNA
;
A
2 'polypeptide(L)' QVVPFSSSV B,C
#
# COMPACT_ATOMS: atom_id res chain seq x y z
N MET A 1 -11.33 -4.50 4.41
CA MET A 1 -12.02 -3.22 4.76
C MET A 1 -12.90 -3.40 5.99
N GLU A 2 -12.63 -2.61 7.01
CA GLU A 2 -13.41 -2.68 8.26
C GLU A 2 -14.48 -1.59 8.30
N TYR A 3 -15.52 -1.82 9.08
CA TYR A 3 -16.61 -0.86 9.21
C TYR A 3 -17.32 -1.03 10.56
N GLU A 4 -17.76 0.08 11.14
CA GLU A 4 -18.46 0.03 12.43
C GLU A 4 -18.89 1.43 12.88
N GLU A 5 -19.86 1.48 13.78
CA GLU A 5 -20.36 2.74 14.31
C GLU A 5 -19.78 3.01 15.70
N ILE A 6 -19.73 4.28 16.09
CA ILE A 6 -19.20 4.65 17.39
C ILE A 6 -19.71 6.02 17.84
N THR A 7 -19.71 6.22 19.16
CA THR A 7 -20.16 7.47 19.75
C THR A 7 -19.00 8.23 20.35
N LEU A 8 -18.80 9.46 19.87
CA LEU A 8 -17.73 10.29 20.38
C LEU A 8 -18.29 11.53 21.05
N GLU A 9 -18.46 11.41 22.36
CA GLU A 9 -18.99 12.50 23.17
C GLU A 9 -17.95 13.60 23.36
N ARG A 10 -18.38 14.85 23.22
CA ARG A 10 -17.51 16.01 23.40
C ARG A 10 -16.86 15.99 24.78
N GLY A 11 -15.59 15.61 24.83
CA GLY A 11 -14.88 15.58 26.11
C GLY A 11 -15.06 16.87 26.86
N ASN A 12 -15.24 17.95 26.11
CA ASN A 12 -15.43 19.28 26.68
C ASN A 12 -15.94 20.23 25.62
N SER A 13 -15.04 20.84 24.87
CA SER A 13 -15.41 21.77 23.81
C SER A 13 -15.16 21.19 22.42
N GLY A 14 -15.26 19.86 22.29
CA GLY A 14 -15.02 19.23 21.01
C GLY A 14 -14.40 17.86 21.16
N LEU A 15 -14.32 17.14 20.04
CA LEU A 15 -13.77 15.81 20.04
C LEU A 15 -12.24 15.85 19.94
N GLY A 16 -11.74 16.61 18.98
CA GLY A 16 -10.31 16.76 18.81
C GLY A 16 -9.75 15.88 17.71
N PHE A 17 -9.88 16.32 16.46
CA PHE A 17 -9.36 15.59 15.32
C PHE A 17 -9.31 16.48 14.08
N SER A 18 -8.35 16.21 13.20
CA SER A 18 -8.20 17.01 11.99
C SER A 18 -8.68 16.26 10.76
N ILE A 19 -9.57 16.90 9.99
CA ILE A 19 -10.11 16.30 8.78
C ILE A 19 -9.78 17.16 7.56
N ALA A 20 -9.96 16.59 6.38
CA ALA A 20 -9.68 17.31 5.14
C ALA A 20 -10.14 16.52 3.92
N GLY A 21 -10.45 17.23 2.84
CA GLY A 21 -10.89 16.57 1.63
C GLY A 21 -12.13 17.22 1.03
N GLY A 22 -13.20 16.44 0.91
CA GLY A 22 -14.43 16.96 0.35
C GLY A 22 -14.74 16.35 -1.00
N THR A 23 -16.02 16.07 -1.25
CA THR A 23 -16.44 15.48 -2.51
C THR A 23 -16.01 16.34 -3.71
N ASP A 24 -15.71 17.61 -3.45
CA ASP A 24 -15.29 18.51 -4.52
C ASP A 24 -13.77 18.50 -4.68
N ASN A 25 -13.07 18.73 -3.59
CA ASN A 25 -11.61 18.76 -3.61
C ASN A 25 -11.03 17.68 -2.69
N PRO A 26 -10.99 16.42 -3.17
CA PRO A 26 -10.44 15.31 -2.39
C PRO A 26 -9.08 15.62 -1.79
N HIS A 27 -8.89 15.21 -0.54
CA HIS A 27 -7.63 15.46 0.17
C HIS A 27 -6.49 14.63 -0.43
N ILE A 28 -6.85 13.59 -1.18
CA ILE A 28 -5.85 12.72 -1.81
C ILE A 28 -5.81 12.93 -3.31
N GLY A 29 -6.97 13.16 -3.90
CA GLY A 29 -7.06 13.39 -5.33
C GLY A 29 -7.69 12.21 -6.06
N ASP A 30 -8.50 11.43 -5.35
CA ASP A 30 -9.16 10.28 -5.95
C ASP A 30 -10.05 9.58 -4.92
N ASP A 31 -10.75 10.37 -4.12
CA ASP A 31 -11.64 9.83 -3.10
C ASP A 31 -12.64 10.88 -2.62
N PRO A 32 -13.87 10.85 -3.15
CA PRO A 32 -14.92 11.82 -2.77
C PRO A 32 -15.20 11.79 -1.26
N SER A 33 -14.94 10.65 -0.64
CA SER A 33 -15.17 10.50 0.79
C SER A 33 -14.09 11.22 1.59
N ILE A 34 -14.50 11.84 2.69
CA ILE A 34 -13.56 12.58 3.53
C ILE A 34 -12.96 11.67 4.60
N PHE A 35 -11.75 12.00 5.04
CA PHE A 35 -11.06 11.21 6.06
C PHE A 35 -10.29 12.12 7.01
N ILE A 36 -9.85 11.56 8.13
CA ILE A 36 -9.11 12.30 9.13
C ILE A 36 -7.60 12.17 8.88
N THR A 37 -6.84 13.17 9.31
CA THR A 37 -5.40 13.16 9.11
C THR A 37 -4.65 12.86 10.40
N LYS A 38 -5.12 13.42 11.50
CA LYS A 38 -4.48 13.20 12.79
C LYS A 38 -5.38 13.64 13.95
N ILE A 39 -5.13 13.06 15.12
CA ILE A 39 -5.89 13.36 16.32
C ILE A 39 -5.00 13.95 17.40
N ILE A 40 -5.52 14.93 18.12
CA ILE A 40 -4.78 15.59 19.18
C ILE A 40 -4.96 14.86 20.51
N PRO A 41 -3.84 14.50 21.18
CA PRO A 41 -3.90 13.79 22.47
C PRO A 41 -4.48 14.67 23.57
N GLY A 42 -5.73 15.05 23.43
CA GLY A 42 -6.39 15.89 24.41
C GLY A 42 -7.89 15.77 24.39
N GLY A 43 -8.49 16.08 23.24
CA GLY A 43 -9.94 15.99 23.11
C GLY A 43 -10.45 14.59 23.38
N ALA A 44 -11.76 14.41 23.24
CA ALA A 44 -12.38 13.11 23.47
C ALA A 44 -12.09 12.14 22.33
N ALA A 45 -11.67 12.66 21.18
CA ALA A 45 -11.36 11.83 20.03
C ALA A 45 -10.24 10.85 20.35
N ALA A 46 -9.09 11.39 20.76
CA ALA A 46 -7.95 10.56 21.12
C ALA A 46 -8.25 9.69 22.33
N GLN A 47 -9.16 10.18 23.18
CA GLN A 47 -9.56 9.46 24.37
C GLN A 47 -10.42 8.27 23.97
N ASP A 48 -11.31 8.50 23.02
CA ASP A 48 -12.19 7.46 22.54
C ASP A 48 -11.41 6.52 21.64
N GLY A 49 -10.42 7.09 20.92
CA GLY A 49 -9.58 6.31 20.01
C GLY A 49 -10.26 5.07 19.46
N ARG A 50 -11.52 5.21 19.04
CA ARG A 50 -12.27 4.09 18.49
C ARG A 50 -12.15 4.02 16.97
N LEU A 51 -11.10 4.62 16.42
CA LEU A 51 -10.89 4.61 14.98
C LEU A 51 -9.58 5.30 14.60
N ARG A 52 -9.20 5.16 13.34
CA ARG A 52 -7.97 5.77 12.83
C ARG A 52 -8.29 7.04 12.05
N VAL A 53 -7.27 7.87 11.83
CA VAL A 53 -7.46 9.11 11.11
C VAL A 53 -7.71 8.89 9.62
N ASN A 54 -6.90 8.03 9.02
CA ASN A 54 -7.01 7.71 7.59
C ASN A 54 -8.28 6.92 7.26
N ASP A 55 -9.21 6.81 8.21
CA ASP A 55 -10.44 6.09 7.96
C ASP A 55 -11.40 6.93 7.12
N SER A 56 -12.54 6.35 6.77
CA SER A 56 -13.53 7.07 5.97
C SER A 56 -14.90 7.02 6.64
N ILE A 57 -15.28 8.12 7.27
CA ILE A 57 -16.56 8.19 7.95
C ILE A 57 -17.72 7.89 6.99
N LEU A 58 -18.14 6.63 6.97
CA LEU A 58 -19.24 6.21 6.12
C LEU A 58 -20.49 7.01 6.42
N PHE A 59 -20.61 7.45 7.67
CA PHE A 59 -21.77 8.24 8.10
C PHE A 59 -21.48 8.95 9.41
N VAL A 60 -22.11 10.10 9.62
CA VAL A 60 -21.92 10.89 10.83
C VAL A 60 -23.24 11.50 11.30
N ASN A 61 -23.53 11.34 12.58
CA ASN A 61 -24.76 11.88 13.17
C ASN A 61 -25.97 11.59 12.27
N GLU A 62 -26.00 10.40 11.68
CA GLU A 62 -27.09 10.00 10.81
C GLU A 62 -27.17 10.92 9.60
N VAL A 63 -26.02 11.40 9.14
CA VAL A 63 -25.96 12.30 8.00
C VAL A 63 -25.11 11.70 6.87
N ASP A 64 -25.55 11.91 5.64
CA ASP A 64 -24.84 11.40 4.48
C ASP A 64 -23.49 12.08 4.32
N VAL A 65 -22.43 11.41 4.75
CA VAL A 65 -21.07 11.95 4.65
C VAL A 65 -20.11 10.91 4.10
N ARG A 66 -20.52 10.28 2.99
CA ARG A 66 -19.70 9.26 2.35
C ARG A 66 -19.05 9.80 1.07
N GLU A 67 -19.53 10.94 0.59
CA GLU A 67 -19.00 11.55 -0.62
C GLU A 67 -19.55 12.95 -0.83
N VAL A 68 -19.52 13.75 0.23
CA VAL A 68 -20.02 15.12 0.16
C VAL A 68 -18.89 16.12 0.40
N THR A 69 -19.02 17.29 -0.23
CA THR A 69 -18.02 18.35 -0.12
C THR A 69 -17.65 18.64 1.33
N HIS A 70 -16.44 19.17 1.51
CA HIS A 70 -15.94 19.51 2.83
C HIS A 70 -16.92 20.38 3.60
N SER A 71 -17.43 21.42 2.94
CA SER A 71 -18.38 22.33 3.57
C SER A 71 -19.52 21.56 4.22
N ALA A 72 -19.94 20.48 3.60
CA ALA A 72 -21.01 19.65 4.14
C ALA A 72 -20.51 18.84 5.33
N ALA A 73 -19.23 18.49 5.30
CA ALA A 73 -18.63 17.72 6.39
C ALA A 73 -18.47 18.61 7.60
N VAL A 74 -18.06 19.85 7.36
CA VAL A 74 -17.88 20.81 8.42
C VAL A 74 -19.24 21.13 9.06
N GLU A 75 -20.27 21.14 8.22
CA GLU A 75 -21.62 21.41 8.67
C GLU A 75 -22.16 20.26 9.51
N ALA A 76 -21.73 19.04 9.18
CA ALA A 76 -22.15 17.84 9.90
C ALA A 76 -21.56 17.84 11.30
N LEU A 77 -20.30 18.22 11.38
CA LEU A 77 -19.59 18.28 12.65
C LEU A 77 -20.04 19.52 13.41
N LYS A 78 -20.48 20.53 12.66
CA LYS A 78 -20.95 21.76 13.25
C LYS A 78 -22.26 21.50 13.99
N GLU A 79 -23.06 20.60 13.42
CA GLU A 79 -24.33 20.24 14.01
C GLU A 79 -24.29 18.82 14.56
N ALA A 80 -23.09 18.41 14.96
CA ALA A 80 -22.90 17.06 15.51
C ALA A 80 -23.37 16.98 16.95
N GLY A 81 -23.31 18.10 17.67
CA GLY A 81 -23.73 18.13 19.06
C GLY A 81 -22.59 17.86 20.02
N SER A 82 -22.53 16.63 20.52
CA SER A 82 -21.47 16.24 21.47
C SER A 82 -21.18 14.75 21.37
N ILE A 83 -22.23 13.95 21.48
CA ILE A 83 -22.13 12.51 21.39
C ILE A 83 -22.51 12.09 19.99
N VAL A 84 -21.53 12.14 19.13
CA VAL A 84 -21.71 11.82 17.72
C VAL A 84 -21.62 10.33 17.45
N ARG A 85 -22.74 9.75 17.04
CA ARG A 85 -22.80 8.34 16.70
C ARG A 85 -22.56 8.18 15.20
N LEU A 86 -21.31 8.24 14.81
CA LEU A 86 -20.93 8.14 13.40
C LEU A 86 -20.46 6.74 13.02
N TYR A 87 -20.62 6.42 11.75
CA TYR A 87 -20.20 5.13 11.22
C TYR A 87 -18.99 5.33 10.31
N VAL A 88 -17.85 4.79 10.72
CA VAL A 88 -16.62 4.96 9.94
C VAL A 88 -16.20 3.67 9.25
N MET A 89 -15.24 3.81 8.33
CA MET A 89 -14.71 2.68 7.58
C MET A 89 -13.19 2.79 7.51
N ARG A 90 -12.52 1.89 8.22
CA ARG A 90 -11.05 1.89 8.24
C ARG A 90 -10.51 0.63 7.57
N ARG A 91 -9.85 0.82 6.44
CA ARG A 91 -9.28 -0.29 5.68
C ARG A 91 -8.15 -0.96 6.46
N LYS A 92 -8.05 -2.28 6.33
CA LYS A 92 -7.02 -3.04 7.02
C LYS A 92 -5.62 -2.50 6.68
N PRO A 93 -4.61 -2.88 7.48
CA PRO A 93 -3.23 -2.43 7.26
C PRO A 93 -2.67 -2.94 5.93
N PRO A 94 -1.76 -2.17 5.31
CA PRO A 94 -1.14 -2.54 4.03
C PRO A 94 -0.24 -3.77 4.16
N ALA A 95 0.63 -3.96 3.18
CA ALA A 95 1.55 -5.09 3.19
C ALA A 95 2.75 -4.82 2.29
N GLU A 96 3.11 -3.55 2.14
CA GLU A 96 4.24 -3.16 1.31
C GLU A 96 5.54 -3.20 2.11
N LYS A 97 6.42 -4.14 1.76
CA LYS A 97 7.69 -4.29 2.45
C LYS A 97 8.77 -4.75 1.49
N VAL A 98 9.99 -4.21 1.67
CA VAL A 98 11.11 -4.57 0.82
C VAL A 98 12.06 -5.54 1.52
N MET A 99 12.16 -6.75 0.97
CA MET A 99 13.02 -7.78 1.53
C MET A 99 14.41 -7.76 0.91
N GLU A 100 15.34 -8.47 1.55
CA GLU A 100 16.71 -8.58 1.07
C GLU A 100 17.15 -10.03 1.15
N ILE A 101 17.24 -10.66 0.00
CA ILE A 101 17.59 -12.07 -0.07
C ILE A 101 18.93 -12.32 -0.73
N LYS A 102 19.53 -13.45 -0.38
CA LYS A 102 20.81 -13.86 -0.94
C LYS A 102 20.64 -15.02 -1.92
N LEU A 103 21.11 -14.82 -3.14
CA LEU A 103 21.00 -15.86 -4.17
C LEU A 103 22.35 -16.09 -4.83
N ILE A 104 22.86 -17.30 -4.71
CA ILE A 104 24.13 -17.65 -5.29
C ILE A 104 23.96 -18.27 -6.67
N LYS A 105 24.90 -17.96 -7.56
CA LYS A 105 24.85 -18.48 -8.92
C LYS A 105 25.14 -19.98 -8.96
N GLY A 106 24.60 -20.66 -9.97
CA GLY A 106 24.82 -22.08 -10.10
C GLY A 106 25.22 -22.47 -11.50
N PRO A 107 25.82 -23.65 -11.71
CA PRO A 107 26.23 -24.09 -13.03
C PRO A 107 25.10 -24.06 -14.03
N LYS A 108 23.90 -24.40 -13.59
CA LYS A 108 22.75 -24.37 -14.45
C LYS A 108 21.99 -23.05 -14.27
N GLY A 109 22.70 -22.06 -13.76
CA GLY A 109 22.10 -20.76 -13.54
C GLY A 109 21.79 -20.54 -12.08
N LEU A 110 20.82 -19.68 -11.79
CA LEU A 110 20.45 -19.41 -10.41
C LEU A 110 19.42 -20.43 -9.92
N GLY A 111 18.83 -21.18 -10.85
CA GLY A 111 17.83 -22.17 -10.48
C GLY A 111 16.50 -21.55 -10.11
N PHE A 112 15.86 -20.87 -11.07
CA PHE A 112 14.56 -20.25 -10.83
C PHE A 112 14.04 -19.59 -12.11
N SER A 113 12.71 -19.52 -12.23
CA SER A 113 12.09 -18.92 -13.39
C SER A 113 11.43 -17.60 -13.02
N ILE A 114 11.92 -16.51 -13.61
CA ILE A 114 11.39 -15.18 -13.34
C ILE A 114 11.22 -14.39 -14.63
N ALA A 115 10.29 -13.45 -14.64
CA ALA A 115 10.07 -12.63 -15.82
C ALA A 115 9.53 -11.25 -15.48
N GLY A 116 10.23 -10.21 -15.95
CA GLY A 116 9.82 -8.84 -15.72
C GLY A 116 10.34 -7.90 -16.79
N GLY A 117 10.10 -6.60 -16.60
CA GLY A 117 10.57 -5.61 -17.56
C GLY A 117 9.63 -5.41 -18.73
N VAL A 118 10.00 -4.50 -19.62
CA VAL A 118 9.21 -4.19 -20.80
C VAL A 118 9.33 -5.30 -21.84
N GLY A 119 8.28 -5.49 -22.63
CA GLY A 119 8.28 -6.53 -23.65
C GLY A 119 7.77 -7.84 -23.11
N ASN A 120 7.97 -8.06 -21.81
CA ASN A 120 7.53 -9.27 -21.13
C ASN A 120 7.53 -9.04 -19.63
N GLN A 121 6.62 -8.20 -19.17
CA GLN A 121 6.52 -7.88 -17.75
C GLN A 121 6.00 -9.05 -16.94
N HIS A 122 5.62 -10.15 -17.62
CA HIS A 122 5.10 -11.33 -16.94
C HIS A 122 3.69 -11.07 -16.43
N ILE A 123 3.59 -10.06 -15.59
CA ILE A 123 2.32 -9.65 -14.99
C ILE A 123 1.61 -8.65 -15.89
N PRO A 124 0.28 -8.79 -16.06
CA PRO A 124 -0.50 -7.87 -16.91
C PRO A 124 -0.60 -6.47 -16.28
N GLY A 125 0.55 -5.82 -16.13
CA GLY A 125 0.56 -4.49 -15.55
C GLY A 125 1.52 -4.37 -14.38
N ASP A 126 2.79 -4.68 -14.61
CA ASP A 126 3.80 -4.60 -13.56
C ASP A 126 5.19 -4.88 -14.13
N ASN A 127 5.94 -3.82 -14.39
CA ASN A 127 7.28 -3.94 -14.94
C ASN A 127 8.20 -4.73 -13.99
N SER A 128 7.81 -4.82 -12.72
CA SER A 128 8.60 -5.54 -11.73
C SER A 128 8.80 -7.00 -12.16
N ILE A 129 9.91 -7.58 -11.72
CA ILE A 129 10.23 -8.96 -12.05
C ILE A 129 9.68 -9.92 -11.00
N TYR A 130 8.74 -10.77 -11.41
CA TYR A 130 8.14 -11.74 -10.51
C TYR A 130 8.60 -13.15 -10.87
N VAL A 131 8.58 -14.03 -9.88
CA VAL A 131 8.99 -15.42 -10.09
C VAL A 131 7.78 -16.27 -10.46
N THR A 132 8.03 -17.39 -11.16
CA THR A 132 6.93 -18.25 -11.58
C THR A 132 7.24 -19.74 -11.35
N LYS A 133 8.51 -20.12 -11.37
CA LYS A 133 8.87 -21.52 -11.17
C LYS A 133 10.26 -21.68 -10.55
N ILE A 134 10.42 -22.73 -9.75
CA ILE A 134 11.71 -23.00 -9.10
C ILE A 134 12.05 -24.48 -9.16
N ILE A 135 13.32 -24.79 -9.37
CA ILE A 135 13.78 -26.17 -9.44
C ILE A 135 13.98 -26.74 -8.04
N GLU A 136 14.25 -28.04 -7.97
CA GLU A 136 14.48 -28.71 -6.70
C GLU A 136 15.96 -28.74 -6.35
N GLY A 137 16.29 -28.38 -5.12
CA GLY A 137 17.68 -28.38 -4.69
C GLY A 137 18.50 -27.34 -5.40
N GLY A 138 17.84 -26.27 -5.85
CA GLY A 138 18.53 -25.20 -6.54
C GLY A 138 19.26 -24.26 -5.60
N ALA A 139 19.97 -23.30 -6.16
CA ALA A 139 20.71 -22.33 -5.37
C ALA A 139 19.77 -21.38 -4.63
N ALA A 140 18.89 -20.75 -5.38
CA ALA A 140 17.93 -19.82 -4.81
C ALA A 140 16.88 -20.53 -3.97
N HIS A 141 16.51 -21.73 -4.39
CA HIS A 141 15.53 -22.51 -3.66
C HIS A 141 15.91 -22.63 -2.19
N LYS A 142 17.09 -23.18 -1.95
CA LYS A 142 17.60 -23.36 -0.60
C LYS A 142 18.04 -22.04 0.05
N ASP A 143 18.83 -21.26 -0.69
CA ASP A 143 19.34 -19.99 -0.17
C ASP A 143 18.32 -18.87 -0.27
N GLY A 144 17.89 -18.59 -1.49
CA GLY A 144 16.93 -17.52 -1.72
C GLY A 144 15.62 -17.73 -0.99
N ARG A 145 15.10 -18.95 -1.03
CA ARG A 145 13.83 -19.26 -0.38
C ARG A 145 12.69 -18.45 -1.02
N LEU A 146 12.94 -17.93 -2.22
CA LEU A 146 11.94 -17.14 -2.94
C LEU A 146 10.96 -18.06 -3.65
N GLN A 147 9.95 -18.51 -2.92
CA GLN A 147 8.93 -19.38 -3.49
C GLN A 147 8.12 -18.66 -4.55
N ILE A 148 7.60 -19.41 -5.51
CA ILE A 148 6.80 -18.83 -6.59
C ILE A 148 5.78 -17.84 -6.06
N GLY A 149 6.07 -16.57 -6.28
CA GLY A 149 5.19 -15.51 -5.82
C GLY A 149 5.95 -14.26 -5.43
N ASP A 150 7.27 -14.38 -5.26
CA ASP A 150 8.08 -13.23 -4.88
C ASP A 150 8.39 -12.36 -6.09
N LYS A 151 8.79 -11.12 -5.83
CA LYS A 151 9.11 -10.19 -6.90
C LYS A 151 10.32 -9.33 -6.50
N ILE A 152 11.31 -9.28 -7.38
CA ILE A 152 12.52 -8.49 -7.11
C ILE A 152 12.47 -7.18 -7.90
N LEU A 153 12.79 -6.09 -7.19
CA LEU A 153 12.80 -4.77 -7.80
C LEU A 153 14.21 -4.33 -8.14
N ALA A 154 15.20 -5.16 -7.77
CA ALA A 154 16.60 -4.83 -8.02
C ALA A 154 17.53 -5.79 -7.30
N VAL A 155 18.62 -6.16 -7.96
CA VAL A 155 19.61 -7.06 -7.37
C VAL A 155 20.75 -6.25 -6.76
N ASN A 156 20.70 -6.05 -5.45
CA ASN A 156 21.71 -5.27 -4.74
C ASN A 156 21.58 -3.80 -5.10
N SER A 157 21.70 -3.53 -6.40
CA SER A 157 21.58 -2.17 -6.91
C SER A 157 21.35 -2.18 -8.43
N VAL A 158 20.79 -3.27 -8.94
CA VAL A 158 20.51 -3.40 -10.36
C VAL A 158 19.10 -2.94 -10.69
N GLY A 159 18.91 -2.55 -11.94
CA GLY A 159 17.62 -2.08 -12.41
C GLY A 159 16.89 -3.14 -13.20
N LEU A 160 16.39 -4.14 -12.50
CA LEU A 160 15.66 -5.24 -13.12
C LEU A 160 14.31 -4.81 -13.65
N GLU A 161 14.16 -3.52 -13.88
CA GLU A 161 12.92 -2.96 -14.40
C GLU A 161 13.14 -1.55 -14.93
N ASP A 162 14.07 -1.44 -15.86
CA ASP A 162 14.40 -0.15 -16.47
C ASP A 162 15.08 -0.36 -17.82
N VAL A 163 14.76 -1.48 -18.47
CA VAL A 163 15.33 -1.81 -19.77
C VAL A 163 14.39 -2.67 -20.59
N MET A 164 14.30 -3.94 -20.23
CA MET A 164 13.44 -4.90 -20.89
C MET A 164 13.70 -6.28 -20.32
N HIS A 165 12.79 -7.22 -20.59
CA HIS A 165 12.95 -8.58 -20.11
C HIS A 165 14.31 -9.14 -20.50
N GLU A 166 14.83 -8.68 -21.63
CA GLU A 166 16.12 -9.13 -22.14
C GLU A 166 17.28 -8.56 -21.33
N ASP A 167 17.25 -7.27 -21.06
CA ASP A 167 18.32 -6.62 -20.31
C ASP A 167 18.28 -7.04 -18.84
N ALA A 168 17.07 -7.21 -18.32
CA ALA A 168 16.90 -7.61 -16.94
C ALA A 168 17.33 -9.06 -16.77
N VAL A 169 17.09 -9.87 -17.79
CA VAL A 169 17.46 -11.27 -17.76
C VAL A 169 18.98 -11.41 -17.83
N ALA A 170 19.59 -10.63 -18.71
CA ALA A 170 21.04 -10.67 -18.88
C ALA A 170 21.73 -10.04 -17.68
N ALA A 171 21.07 -9.07 -17.06
CA ALA A 171 21.60 -8.38 -15.90
C ALA A 171 21.49 -9.23 -14.64
N LEU A 172 20.54 -10.14 -14.62
CA LEU A 172 20.33 -11.01 -13.47
C LEU A 172 21.32 -12.18 -13.53
N LYS A 173 21.53 -12.71 -14.72
CA LYS A 173 22.46 -13.80 -14.91
C LYS A 173 23.90 -13.30 -14.84
N ASN A 174 24.07 -12.02 -15.17
CA ASN A 174 25.40 -11.40 -15.15
C ASN A 174 25.90 -11.21 -13.71
N THR A 175 25.01 -11.40 -12.75
CA THR A 175 25.35 -11.23 -11.33
C THR A 175 26.56 -12.09 -10.95
N TYR A 176 26.89 -12.09 -9.67
CA TYR A 176 28.04 -12.84 -9.18
C TYR A 176 27.59 -14.13 -8.49
N ASP A 177 28.56 -15.01 -8.20
CA ASP A 177 28.29 -16.29 -7.56
C ASP A 177 27.46 -16.13 -6.28
N VAL A 178 27.52 -14.95 -5.67
CA VAL A 178 26.78 -14.70 -4.44
C VAL A 178 26.29 -13.25 -4.41
N VAL A 179 25.06 -13.04 -4.87
CA VAL A 179 24.47 -11.72 -4.93
C VAL A 179 23.20 -11.61 -4.08
N TYR A 180 22.97 -10.42 -3.56
CA TYR A 180 21.78 -10.15 -2.73
C TYR A 180 20.71 -9.50 -3.59
N LEU A 181 19.55 -10.14 -3.69
CA LEU A 181 18.46 -9.60 -4.49
C LEU A 181 17.46 -8.87 -3.62
N LYS A 182 16.90 -7.78 -4.15
CA LYS A 182 15.93 -7.00 -3.42
C LYS A 182 14.52 -7.40 -3.81
N VAL A 183 13.83 -8.06 -2.88
CA VAL A 183 12.47 -8.52 -3.12
C VAL A 183 11.47 -7.57 -2.46
N ALA A 184 10.22 -7.63 -2.89
CA ALA A 184 9.19 -6.75 -2.32
C ALA A 184 7.86 -7.46 -2.16
N LYS A 185 7.16 -7.16 -1.09
CA LYS A 185 5.86 -7.76 -0.80
C LYS A 185 4.74 -6.94 -1.45
N PRO A 186 3.67 -7.60 -1.90
CA PRO A 186 2.53 -6.93 -2.54
C PRO A 186 1.90 -5.87 -1.64
N SER A 187 2.13 -4.60 -1.98
CA SER A 187 1.60 -3.49 -1.20
C SER A 187 0.09 -3.63 -1.01
N ASN A 188 -0.43 -3.05 0.07
CA ASN A 188 -1.85 -3.11 0.38
C ASN A 188 -2.36 -4.54 0.31
N ALA A 189 -1.49 -5.49 0.64
CA ALA A 189 -1.84 -6.89 0.62
C ALA A 189 -2.30 -7.33 -0.77
N GLN B 1 -5.67 23.21 0.37
CA GLN B 1 -4.80 23.50 -0.80
C GLN B 1 -4.11 24.85 -0.65
N VAL B 2 -4.88 25.92 -0.77
CA VAL B 2 -4.33 27.26 -0.65
C VAL B 2 -5.17 28.12 0.31
N VAL B 3 -6.47 28.15 0.09
CA VAL B 3 -7.37 28.92 0.95
C VAL B 3 -7.98 28.06 2.05
N PRO B 4 -8.52 26.87 1.72
CA PRO B 4 -9.14 25.99 2.71
C PRO B 4 -8.11 25.11 3.43
N PHE B 5 -8.26 24.99 4.74
CA PHE B 5 -7.36 24.19 5.55
C PHE B 5 -8.11 23.08 6.27
N SER B 6 -7.37 22.23 6.97
CA SER B 6 -7.98 21.13 7.71
C SER B 6 -8.90 21.64 8.81
N SER B 7 -9.83 20.79 9.23
CA SER B 7 -10.78 21.16 10.28
C SER B 7 -10.47 20.43 11.58
N SER B 8 -9.94 21.17 12.55
CA SER B 8 -9.60 20.60 13.84
C SER B 8 -10.74 20.78 14.84
N VAL B 9 -11.65 19.82 14.89
CA VAL B 9 -12.79 19.88 15.79
C VAL B 9 -13.00 18.56 16.52
N GLN C 1 14.44 -22.79 -23.26
CA GLN C 1 13.93 -22.86 -24.64
C GLN C 1 12.88 -21.78 -24.89
N VAL C 2 12.15 -21.41 -23.84
CA VAL C 2 11.11 -20.39 -23.95
C VAL C 2 11.45 -19.16 -23.10
N VAL C 3 12.02 -18.16 -23.75
CA VAL C 3 12.40 -16.92 -23.07
C VAL C 3 11.23 -15.94 -22.93
N PRO C 4 10.24 -15.96 -23.86
CA PRO C 4 9.10 -15.05 -23.79
C PRO C 4 8.01 -15.52 -22.82
N PHE C 5 8.15 -16.75 -22.32
CA PHE C 5 7.18 -17.31 -21.39
C PHE C 5 7.67 -17.18 -19.95
N SER C 6 8.97 -17.38 -19.76
CA SER C 6 9.57 -17.29 -18.43
C SER C 6 11.08 -17.52 -18.50
N SER C 7 11.84 -16.69 -17.78
CA SER C 7 13.29 -16.82 -17.76
C SER C 7 13.73 -17.90 -16.78
N SER C 8 13.74 -19.14 -17.25
CA SER C 8 14.13 -20.27 -16.41
C SER C 8 15.65 -20.35 -16.30
N VAL C 9 16.23 -19.57 -15.39
CA VAL C 9 17.67 -19.55 -15.19
C VAL C 9 18.02 -19.79 -13.72
N MET A 1 1.73 11.78 -4.13
CA MET A 1 0.61 11.97 -3.17
C MET A 1 0.32 13.45 -2.95
N GLU A 2 -0.91 13.74 -2.52
CA GLU A 2 -1.33 15.12 -2.27
C GLU A 2 -1.55 15.37 -0.79
N TYR A 3 -1.26 16.60 -0.35
CA TYR A 3 -1.44 16.98 1.05
C TYR A 3 -2.50 18.07 1.19
N GLU A 4 -3.15 18.13 2.34
CA GLU A 4 -4.18 19.14 2.57
C GLU A 4 -4.40 19.39 4.06
N GLU A 5 -4.81 20.61 4.39
CA GLU A 5 -5.08 21.00 5.76
C GLU A 5 -6.29 21.91 5.82
N ILE A 6 -7.40 21.41 6.36
CA ILE A 6 -8.62 22.18 6.43
C ILE A 6 -9.20 22.18 7.85
N THR A 7 -10.44 22.64 7.97
CA THR A 7 -11.13 22.71 9.26
C THR A 7 -12.60 22.40 9.09
N LEU A 8 -13.13 21.59 10.00
CA LEU A 8 -14.52 21.22 9.94
C LEU A 8 -15.29 21.79 11.12
N GLU A 9 -15.78 23.00 10.91
CA GLU A 9 -16.55 23.69 11.94
C GLU A 9 -18.02 23.27 11.87
N ARG A 10 -18.54 22.77 12.99
CA ARG A 10 -19.94 22.32 13.08
C ARG A 10 -20.87 23.23 12.30
N GLY A 11 -21.19 22.85 11.06
CA GLY A 11 -22.08 23.65 10.24
C GLY A 11 -23.39 23.90 10.95
N ASN A 12 -23.73 23.02 11.88
CA ASN A 12 -24.95 23.14 12.65
C ASN A 12 -25.02 22.04 13.71
N SER A 13 -25.50 20.87 13.31
CA SER A 13 -25.62 19.73 14.23
C SER A 13 -24.61 18.63 13.91
N GLY A 14 -23.45 18.99 13.38
CA GLY A 14 -22.47 17.98 13.06
C GLY A 14 -21.64 18.34 11.85
N LEU A 15 -20.72 17.46 11.51
CA LEU A 15 -19.83 17.64 10.37
C LEU A 15 -20.48 17.20 9.07
N GLY A 16 -21.02 15.99 9.07
CA GLY A 16 -21.70 15.48 7.89
C GLY A 16 -20.81 14.62 7.01
N PHE A 17 -20.35 13.49 7.52
CA PHE A 17 -19.51 12.58 6.75
C PHE A 17 -19.43 11.21 7.40
N SER A 18 -18.88 10.24 6.68
CA SER A 18 -18.75 8.88 7.20
C SER A 18 -17.33 8.36 7.04
N ILE A 19 -16.77 7.82 8.12
CA ILE A 19 -15.43 7.28 8.10
C ILE A 19 -15.43 5.81 8.49
N ALA A 20 -14.35 5.10 8.16
CA ALA A 20 -14.26 3.68 8.48
C ALA A 20 -12.82 3.19 8.36
N GLY A 21 -12.48 2.16 9.14
CA GLY A 21 -11.14 1.61 9.11
C GLY A 21 -10.57 1.38 10.49
N GLY A 22 -9.44 2.02 10.77
CA GLY A 22 -8.81 1.86 12.07
C GLY A 22 -7.45 1.19 11.99
N THR A 23 -6.48 1.73 12.73
CA THR A 23 -5.13 1.19 12.73
C THR A 23 -5.13 -0.30 13.08
N ASP A 24 -6.19 -0.77 13.72
CA ASP A 24 -6.29 -2.18 14.10
C ASP A 24 -7.00 -3.00 13.03
N ASN A 25 -8.18 -2.53 12.63
CA ASN A 25 -8.96 -3.22 11.62
C ASN A 25 -9.17 -2.34 10.38
N PRO A 26 -8.14 -2.24 9.52
CA PRO A 26 -8.22 -1.44 8.29
C PRO A 26 -9.52 -1.64 7.53
N HIS A 27 -10.03 -0.56 6.95
CA HIS A 27 -11.28 -0.62 6.19
C HIS A 27 -11.06 -1.28 4.83
N ILE A 28 -9.81 -1.36 4.39
CA ILE A 28 -9.48 -1.97 3.10
C ILE A 28 -8.71 -3.28 3.30
N GLY A 29 -7.95 -3.35 4.39
CA GLY A 29 -7.18 -4.55 4.67
C GLY A 29 -5.72 -4.42 4.26
N ASP A 30 -5.23 -3.19 4.27
CA ASP A 30 -3.84 -2.92 3.90
C ASP A 30 -3.51 -1.45 4.08
N ASP A 31 -4.06 -0.84 5.13
CA ASP A 31 -3.82 0.56 5.41
C ASP A 31 -4.31 0.92 6.82
N PRO A 32 -3.41 0.91 7.82
CA PRO A 32 -3.76 1.23 9.19
C PRO A 32 -4.44 2.59 9.31
N SER A 33 -4.11 3.48 8.39
CA SER A 33 -4.71 4.82 8.37
C SER A 33 -6.21 4.73 8.10
N ILE A 34 -6.90 5.84 8.27
CA ILE A 34 -8.34 5.88 8.04
C ILE A 34 -8.69 6.86 6.92
N PHE A 35 -9.80 6.58 6.24
CA PHE A 35 -10.26 7.42 5.14
C PHE A 35 -11.78 7.53 5.14
N ILE A 36 -12.29 8.71 4.77
CA ILE A 36 -13.73 8.92 4.73
C ILE A 36 -14.35 8.15 3.57
N THR A 37 -15.61 7.79 3.71
CA THR A 37 -16.31 7.04 2.67
C THR A 37 -17.19 7.94 1.82
N LYS A 38 -17.93 8.84 2.48
CA LYS A 38 -18.81 9.75 1.77
C LYS A 38 -19.28 10.90 2.67
N ILE A 39 -19.53 12.05 2.06
CA ILE A 39 -19.99 13.24 2.78
C ILE A 39 -21.46 13.50 2.50
N ILE A 40 -22.18 13.93 3.54
CA ILE A 40 -23.61 14.23 3.41
C ILE A 40 -23.81 15.65 2.89
N PRO A 41 -24.47 15.80 1.73
CA PRO A 41 -24.73 17.12 1.14
C PRO A 41 -25.50 18.04 2.09
N GLY A 42 -24.77 18.70 2.99
CA GLY A 42 -25.38 19.60 3.94
C GLY A 42 -24.47 19.92 5.10
N GLY A 43 -23.73 18.93 5.58
CA GLY A 43 -22.83 19.15 6.69
C GLY A 43 -21.80 20.21 6.40
N ALA A 44 -20.98 20.53 7.39
CA ALA A 44 -19.95 21.55 7.25
C ALA A 44 -18.76 21.02 6.45
N ALA A 45 -18.61 19.70 6.37
CA ALA A 45 -17.50 19.11 5.63
C ALA A 45 -17.39 19.69 4.23
N ALA A 46 -18.47 19.56 3.46
CA ALA A 46 -18.51 20.07 2.10
C ALA A 46 -18.40 21.60 2.08
N GLN A 47 -18.86 22.22 3.16
CA GLN A 47 -18.81 23.66 3.29
C GLN A 47 -17.37 24.11 3.52
N ASP A 48 -16.62 23.28 4.23
CA ASP A 48 -15.24 23.58 4.52
C ASP A 48 -14.34 23.02 3.42
N GLY A 49 -14.85 22.03 2.69
CA GLY A 49 -14.07 21.43 1.62
C GLY A 49 -13.03 20.46 2.15
N ARG A 50 -13.47 19.25 2.48
CA ARG A 50 -12.57 18.23 2.98
C ARG A 50 -12.14 17.31 1.85
N LEU A 51 -12.04 17.88 0.64
CA LEU A 51 -11.64 17.15 -0.56
C LEU A 51 -12.22 15.73 -0.59
N ARG A 52 -11.57 14.83 -1.34
CA ARG A 52 -12.04 13.46 -1.46
C ARG A 52 -12.12 12.77 -0.11
N VAL A 53 -13.16 11.96 0.06
CA VAL A 53 -13.37 11.25 1.31
C VAL A 53 -12.32 10.16 1.49
N ASN A 54 -12.01 9.47 0.41
CA ASN A 54 -11.01 8.40 0.43
C ASN A 54 -9.69 8.86 1.03
N ASP A 55 -9.49 10.18 1.13
CA ASP A 55 -8.25 10.70 1.70
C ASP A 55 -8.08 10.20 3.13
N SER A 56 -6.93 10.46 3.73
CA SER A 56 -6.67 10.01 5.10
C SER A 56 -6.14 11.14 5.96
N ILE A 57 -6.84 11.42 7.05
CA ILE A 57 -6.43 12.49 7.96
C ILE A 57 -5.07 12.16 8.59
N LEU A 58 -4.01 12.68 7.98
CA LEU A 58 -2.67 12.44 8.47
C LEU A 58 -2.50 13.01 9.88
N PHE A 59 -3.32 14.00 10.23
CA PHE A 59 -3.22 14.60 11.56
C PHE A 59 -4.46 15.43 11.89
N VAL A 60 -4.91 15.34 13.14
CA VAL A 60 -6.06 16.08 13.61
C VAL A 60 -5.61 17.30 14.41
N ASN A 61 -6.57 18.04 14.95
CA ASN A 61 -6.30 19.23 15.75
C ASN A 61 -4.88 19.22 16.33
N GLU A 62 -4.53 18.12 16.98
CA GLU A 62 -3.20 17.98 17.57
C GLU A 62 -2.88 16.51 17.86
N VAL A 63 -3.53 15.61 17.13
CA VAL A 63 -3.33 14.17 17.31
C VAL A 63 -2.85 13.50 16.03
N ASP A 64 -1.95 12.54 16.18
CA ASP A 64 -1.42 11.80 15.04
C ASP A 64 -2.41 10.72 14.61
N VAL A 65 -3.40 11.10 13.80
CA VAL A 65 -4.41 10.17 13.34
C VAL A 65 -4.06 9.58 11.98
N ARG A 66 -2.77 9.45 11.71
CA ARG A 66 -2.30 8.89 10.44
C ARG A 66 -2.17 7.36 10.54
N GLU A 67 -2.63 6.80 11.65
CA GLU A 67 -2.56 5.36 11.87
C GLU A 67 -3.13 5.01 13.23
N VAL A 68 -4.33 5.52 13.50
CA VAL A 68 -4.98 5.28 14.78
C VAL A 68 -6.23 4.40 14.65
N THR A 69 -6.39 3.50 15.60
CA THR A 69 -7.52 2.57 15.63
C THR A 69 -8.85 3.30 15.46
N HIS A 70 -9.90 2.52 15.18
CA HIS A 70 -11.24 3.07 14.98
C HIS A 70 -11.69 3.88 16.20
N SER A 71 -11.52 3.30 17.37
CA SER A 71 -11.93 3.95 18.61
C SER A 71 -11.26 5.31 18.73
N ALA A 72 -9.98 5.39 18.38
CA ALA A 72 -9.23 6.63 18.44
C ALA A 72 -9.86 7.67 17.51
N ALA A 73 -10.39 7.20 16.39
CA ALA A 73 -11.03 8.07 15.43
C ALA A 73 -12.35 8.55 15.99
N VAL A 74 -13.06 7.65 16.65
CA VAL A 74 -14.34 7.97 17.25
C VAL A 74 -14.12 8.98 18.38
N GLU A 75 -13.00 8.82 19.07
CA GLU A 75 -12.64 9.71 20.16
C GLU A 75 -12.28 11.10 19.64
N ALA A 76 -11.70 11.13 18.45
CA ALA A 76 -11.30 12.39 17.82
C ALA A 76 -12.53 13.18 17.40
N LEU A 77 -13.49 12.48 16.83
CA LEU A 77 -14.74 13.07 16.39
C LEU A 77 -15.62 13.32 17.60
N LYS A 78 -15.42 12.52 18.63
CA LYS A 78 -16.17 12.64 19.87
C LYS A 78 -15.70 13.88 20.60
N GLU A 79 -14.38 14.04 20.65
CA GLU A 79 -13.79 15.19 21.31
C GLU A 79 -13.36 16.23 20.29
N ALA A 80 -14.07 16.25 19.17
CA ALA A 80 -13.79 17.20 18.10
C ALA A 80 -14.39 18.56 18.38
N GLY A 81 -15.47 18.58 19.15
CA GLY A 81 -16.12 19.84 19.47
C GLY A 81 -16.99 20.35 18.34
N SER A 82 -16.71 21.57 17.89
CA SER A 82 -17.46 22.18 16.80
C SER A 82 -16.55 22.85 15.78
N ILE A 83 -15.24 22.65 15.92
CA ILE A 83 -14.26 23.23 15.01
C ILE A 83 -12.98 22.42 15.04
N VAL A 84 -12.85 21.47 14.12
CA VAL A 84 -11.67 20.62 14.09
C VAL A 84 -10.79 20.88 12.88
N ARG A 85 -9.55 21.30 13.13
CA ARG A 85 -8.60 21.55 12.06
C ARG A 85 -7.86 20.26 11.72
N LEU A 86 -8.26 19.62 10.63
CA LEU A 86 -7.67 18.36 10.23
C LEU A 86 -6.68 18.51 9.07
N TYR A 87 -5.59 17.77 9.18
CA TYR A 87 -4.56 17.75 8.14
C TYR A 87 -4.65 16.40 7.44
N VAL A 88 -5.01 16.42 6.16
CA VAL A 88 -5.17 15.17 5.43
C VAL A 88 -4.17 15.05 4.29
N MET A 89 -4.10 13.84 3.72
CA MET A 89 -3.21 13.56 2.62
C MET A 89 -3.89 12.59 1.66
N ARG A 90 -4.27 13.10 0.49
CA ARG A 90 -4.95 12.27 -0.49
C ARG A 90 -4.03 11.97 -1.67
N ARG A 91 -4.08 10.73 -2.16
CA ARG A 91 -3.26 10.31 -3.27
C ARG A 91 -3.81 10.82 -4.59
N LYS A 92 -2.92 11.23 -5.48
CA LYS A 92 -3.32 11.74 -6.79
C LYS A 92 -3.21 10.66 -7.88
N PRO A 93 -2.03 10.02 -8.02
CA PRO A 93 -1.79 9.00 -9.03
C PRO A 93 -1.81 7.57 -8.48
N PRO A 94 -2.93 7.11 -7.90
CA PRO A 94 -3.03 5.75 -7.36
C PRO A 94 -3.31 4.73 -8.44
N ALA A 95 -3.86 3.58 -8.05
CA ALA A 95 -4.19 2.51 -8.98
C ALA A 95 -2.94 1.73 -9.38
N GLU A 96 -2.11 1.44 -8.38
CA GLU A 96 -0.87 0.70 -8.61
C GLU A 96 0.17 1.56 -9.30
N LYS A 97 1.39 1.53 -8.80
CA LYS A 97 2.48 2.30 -9.37
C LYS A 97 3.66 1.41 -9.74
N VAL A 98 4.22 1.63 -10.94
CA VAL A 98 5.36 0.84 -11.41
C VAL A 98 6.67 1.42 -10.89
N MET A 99 7.32 0.65 -10.02
CA MET A 99 8.60 1.08 -9.44
C MET A 99 9.78 0.67 -10.32
N GLU A 100 10.94 1.24 -10.04
CA GLU A 100 12.16 0.93 -10.78
C GLU A 100 13.30 0.70 -9.79
N ILE A 101 13.68 -0.54 -9.65
CA ILE A 101 14.71 -0.92 -8.70
C ILE A 101 15.94 -1.51 -9.37
N LYS A 102 17.07 -1.40 -8.68
CA LYS A 102 18.34 -1.92 -9.16
C LYS A 102 18.72 -3.18 -8.40
N LEU A 103 18.94 -4.27 -9.14
CA LEU A 103 19.31 -5.54 -8.52
C LEU A 103 20.63 -6.03 -9.09
N ILE A 104 21.62 -6.18 -8.22
CA ILE A 104 22.93 -6.64 -8.64
C ILE A 104 23.12 -8.13 -8.33
N LYS A 105 23.83 -8.81 -9.21
CA LYS A 105 24.09 -10.24 -9.04
C LYS A 105 25.09 -10.48 -7.92
N GLY A 106 25.13 -11.71 -7.42
CA GLY A 106 26.05 -12.05 -6.36
C GLY A 106 26.69 -13.40 -6.58
N PRO A 107 27.82 -13.69 -5.90
CA PRO A 107 28.50 -14.97 -6.05
C PRO A 107 27.58 -16.15 -5.77
N LYS A 108 26.73 -16.01 -4.77
CA LYS A 108 25.79 -17.05 -4.43
C LYS A 108 24.44 -16.78 -5.11
N GLY A 109 24.49 -15.99 -6.18
CA GLY A 109 23.27 -15.66 -6.88
C GLY A 109 22.84 -14.24 -6.61
N LEU A 110 21.55 -13.97 -6.76
CA LEU A 110 21.04 -12.63 -6.51
C LEU A 110 20.69 -12.44 -5.04
N GLY A 111 20.64 -13.54 -4.29
CA GLY A 111 20.32 -13.46 -2.88
C GLY A 111 18.84 -13.21 -2.63
N PHE A 112 17.99 -14.02 -3.25
CA PHE A 112 16.55 -13.89 -3.09
C PHE A 112 15.82 -15.00 -3.83
N SER A 113 14.61 -15.31 -3.37
CA SER A 113 13.80 -16.34 -3.99
C SER A 113 12.53 -15.75 -4.58
N ILE A 114 12.37 -15.89 -5.90
CA ILE A 114 11.20 -15.37 -6.58
C ILE A 114 10.49 -16.45 -7.38
N ALA A 115 9.20 -16.24 -7.63
CA ALA A 115 8.43 -17.21 -8.38
C ALA A 115 7.24 -16.55 -9.07
N GLY A 116 7.14 -16.74 -10.38
CA GLY A 116 6.05 -16.17 -11.14
C GLY A 116 5.74 -16.95 -12.40
N GLY A 117 4.59 -16.67 -13.00
CA GLY A 117 4.20 -17.36 -14.22
C GLY A 117 3.77 -18.78 -14.00
N VAL A 118 4.31 -19.69 -14.81
CA VAL A 118 3.97 -21.10 -14.70
C VAL A 118 5.08 -21.91 -14.05
N GLY A 119 4.70 -23.04 -13.45
CA GLY A 119 5.68 -23.89 -12.78
C GLY A 119 5.46 -23.96 -11.29
N ASN A 120 5.08 -22.82 -10.70
CA ASN A 120 4.84 -22.73 -9.27
C ASN A 120 4.81 -21.27 -8.82
N GLN A 121 3.67 -20.62 -9.00
CA GLN A 121 3.53 -19.22 -8.63
C GLN A 121 2.79 -19.08 -7.31
N HIS A 122 3.52 -18.65 -6.28
CA HIS A 122 2.94 -18.44 -4.95
C HIS A 122 1.77 -17.47 -4.99
N ILE A 123 1.68 -16.73 -6.08
CA ILE A 123 0.61 -15.76 -6.26
C ILE A 123 -0.61 -16.41 -6.89
N PRO A 124 -1.66 -16.66 -6.08
CA PRO A 124 -2.89 -17.30 -6.57
C PRO A 124 -3.53 -16.53 -7.72
N GLY A 125 -3.21 -16.94 -8.95
CA GLY A 125 -3.76 -16.28 -10.11
C GLY A 125 -3.04 -15.01 -10.47
N ASP A 126 -1.71 -15.03 -10.43
CA ASP A 126 -0.91 -13.87 -10.77
C ASP A 126 0.34 -14.26 -11.54
N ASN A 127 0.19 -14.38 -12.85
CA ASN A 127 1.31 -14.75 -13.72
C ASN A 127 2.54 -13.91 -13.41
N SER A 128 2.33 -12.72 -12.87
CA SER A 128 3.43 -11.82 -12.53
C SER A 128 4.41 -12.51 -11.58
N ILE A 129 5.61 -11.97 -11.46
CA ILE A 129 6.62 -12.57 -10.58
C ILE A 129 6.64 -11.87 -9.23
N TYR A 130 6.50 -12.68 -8.18
CA TYR A 130 6.50 -12.18 -6.81
C TYR A 130 7.69 -12.74 -6.05
N VAL A 131 8.04 -12.09 -4.94
CA VAL A 131 9.16 -12.55 -4.13
C VAL A 131 8.65 -13.47 -3.03
N THR A 132 9.43 -14.49 -2.69
CA THR A 132 9.03 -15.44 -1.66
C THR A 132 9.94 -15.39 -0.44
N LYS A 133 11.23 -15.43 -0.67
CA LYS A 133 12.19 -15.39 0.44
C LYS A 133 13.46 -14.63 0.05
N ILE A 134 14.02 -13.91 1.02
CA ILE A 134 15.23 -13.14 0.79
C ILE A 134 16.20 -13.29 1.95
N ILE A 135 17.49 -13.41 1.63
CA ILE A 135 18.52 -13.57 2.65
C ILE A 135 18.92 -12.20 3.23
N GLU A 136 19.75 -12.24 4.27
CA GLU A 136 20.20 -11.01 4.91
C GLU A 136 21.52 -10.53 4.29
N GLY A 137 21.69 -9.21 4.25
CA GLY A 137 22.90 -8.65 3.69
C GLY A 137 23.14 -9.08 2.26
N GLY A 138 22.05 -9.37 1.55
CA GLY A 138 22.16 -9.81 0.17
C GLY A 138 22.29 -8.64 -0.79
N ALA A 139 22.42 -8.95 -2.08
CA ALA A 139 22.56 -7.92 -3.10
C ALA A 139 21.28 -7.11 -3.26
N ALA A 140 20.20 -7.80 -3.61
CA ALA A 140 18.90 -7.15 -3.80
C ALA A 140 18.32 -6.67 -2.48
N HIS A 141 18.59 -7.40 -1.41
CA HIS A 141 18.09 -7.03 -0.10
C HIS A 141 18.57 -5.63 0.27
N LYS A 142 19.88 -5.47 0.33
CA LYS A 142 20.50 -4.19 0.67
C LYS A 142 20.38 -3.18 -0.47
N ASP A 143 20.58 -3.64 -1.70
CA ASP A 143 20.53 -2.75 -2.86
C ASP A 143 19.10 -2.49 -3.31
N GLY A 144 18.39 -3.56 -3.67
CA GLY A 144 17.03 -3.43 -4.12
C GLY A 144 16.06 -3.03 -3.03
N ARG A 145 16.35 -3.44 -1.80
CA ARG A 145 15.48 -3.13 -0.67
C ARG A 145 14.08 -3.70 -0.89
N LEU A 146 13.99 -4.70 -1.77
CA LEU A 146 12.71 -5.33 -2.07
C LEU A 146 12.48 -6.56 -1.20
N GLN A 147 12.01 -6.33 0.03
CA GLN A 147 11.75 -7.42 0.96
C GLN A 147 10.61 -8.29 0.46
N ILE A 148 10.38 -9.40 1.15
CA ILE A 148 9.31 -10.32 0.78
C ILE A 148 8.01 -9.58 0.51
N GLY A 149 7.49 -9.76 -0.69
CA GLY A 149 6.25 -9.10 -1.07
C GLY A 149 6.40 -8.30 -2.35
N ASP A 150 7.64 -7.92 -2.68
CA ASP A 150 7.89 -7.16 -3.89
C ASP A 150 7.56 -7.97 -5.12
N LYS A 151 6.86 -7.35 -6.08
CA LYS A 151 6.47 -8.03 -7.30
C LYS A 151 7.06 -7.33 -8.53
N ILE A 152 7.78 -8.09 -9.34
CA ILE A 152 8.40 -7.55 -10.54
C ILE A 152 7.62 -7.98 -11.78
N LEU A 153 7.29 -7.01 -12.61
CA LEU A 153 6.55 -7.28 -13.84
C LEU A 153 7.49 -7.35 -15.04
N ALA A 154 8.77 -7.17 -14.80
CA ALA A 154 9.77 -7.21 -15.87
C ALA A 154 11.18 -6.98 -15.33
N VAL A 155 12.18 -7.22 -16.17
CA VAL A 155 13.56 -7.03 -15.78
C VAL A 155 14.28 -6.13 -16.77
N ASN A 156 14.44 -4.86 -16.40
CA ASN A 156 15.09 -3.88 -17.27
C ASN A 156 14.20 -3.58 -18.47
N SER A 157 13.86 -4.62 -19.21
CA SER A 157 13.02 -4.50 -20.39
C SER A 157 12.56 -5.87 -20.87
N VAL A 158 12.49 -6.84 -19.95
CA VAL A 158 12.08 -8.19 -20.30
C VAL A 158 10.78 -8.58 -19.59
N GLY A 159 10.04 -9.51 -20.19
CA GLY A 159 8.80 -9.97 -19.62
C GLY A 159 8.90 -11.41 -19.19
N LEU A 160 9.53 -11.61 -18.05
CA LEU A 160 9.73 -12.96 -17.49
C LEU A 160 8.47 -13.50 -16.83
N GLU A 161 7.32 -13.00 -17.25
CA GLU A 161 6.05 -13.45 -16.70
C GLU A 161 5.10 -13.85 -17.80
N ASP A 162 5.64 -14.55 -18.79
CA ASP A 162 4.86 -15.03 -19.90
C ASP A 162 5.55 -16.23 -20.54
N VAL A 163 6.31 -16.96 -19.73
CA VAL A 163 7.04 -18.13 -20.22
C VAL A 163 6.90 -19.31 -19.26
N MET A 164 7.66 -19.29 -18.18
CA MET A 164 7.64 -20.34 -17.19
C MET A 164 8.74 -20.10 -16.16
N HIS A 165 8.68 -20.81 -15.05
CA HIS A 165 9.69 -20.66 -14.01
C HIS A 165 11.09 -20.84 -14.58
N GLU A 166 11.19 -21.65 -15.63
CA GLU A 166 12.48 -21.92 -16.27
C GLU A 166 12.98 -20.75 -17.09
N ASP A 167 12.11 -20.19 -17.93
CA ASP A 167 12.50 -19.06 -18.77
C ASP A 167 12.76 -17.82 -17.93
N ALA A 168 11.95 -17.64 -16.90
CA ALA A 168 12.10 -16.50 -16.00
C ALA A 168 13.35 -16.66 -15.17
N VAL A 169 13.61 -17.89 -14.74
CA VAL A 169 14.78 -18.17 -13.94
C VAL A 169 16.05 -17.98 -14.76
N ALA A 170 16.05 -18.51 -15.98
CA ALA A 170 17.19 -18.37 -16.87
C ALA A 170 17.36 -16.92 -17.30
N ALA A 171 16.27 -16.19 -17.32
CA ALA A 171 16.28 -14.78 -17.71
C ALA A 171 16.81 -13.89 -16.59
N LEU A 172 16.67 -14.36 -15.35
CA LEU A 172 17.14 -13.61 -14.19
C LEU A 172 18.64 -13.79 -14.03
N LYS A 173 19.10 -15.01 -14.27
CA LYS A 173 20.52 -15.32 -14.18
C LYS A 173 21.25 -14.78 -15.41
N ASN A 174 20.51 -14.67 -16.52
CA ASN A 174 21.08 -14.18 -17.77
C ASN A 174 21.47 -12.70 -17.69
N THR A 175 20.70 -11.92 -16.93
CA THR A 175 20.97 -10.49 -16.81
C THR A 175 22.42 -10.23 -16.39
N TYR A 176 22.75 -8.96 -16.19
CA TYR A 176 24.10 -8.57 -15.81
C TYR A 176 24.22 -8.42 -14.29
N ASP A 177 25.46 -8.29 -13.81
CA ASP A 177 25.74 -8.15 -12.40
C ASP A 177 25.01 -6.95 -11.77
N VAL A 178 24.53 -6.02 -12.59
CA VAL A 178 23.83 -4.86 -12.08
C VAL A 178 22.74 -4.41 -13.07
N VAL A 179 21.54 -4.93 -12.89
CA VAL A 179 20.43 -4.59 -13.77
C VAL A 179 19.24 -4.06 -12.97
N TYR A 180 18.49 -3.15 -13.57
CA TYR A 180 17.32 -2.59 -12.91
C TYR A 180 16.05 -3.35 -13.31
N LEU A 181 15.27 -3.74 -12.31
CA LEU A 181 14.03 -4.47 -12.56
C LEU A 181 12.81 -3.60 -12.30
N LYS A 182 11.70 -3.94 -12.94
CA LYS A 182 10.47 -3.18 -12.77
C LYS A 182 9.56 -3.83 -11.72
N VAL A 183 9.35 -3.13 -10.62
CA VAL A 183 8.51 -3.63 -9.55
C VAL A 183 7.13 -2.97 -9.59
N ALA A 184 6.16 -3.59 -8.92
CA ALA A 184 4.80 -3.06 -8.90
C ALA A 184 4.35 -2.75 -7.47
N LYS A 185 3.72 -1.59 -7.30
CA LYS A 185 3.24 -1.18 -5.99
C LYS A 185 1.82 -1.70 -5.74
N PRO A 186 1.54 -2.18 -4.51
CA PRO A 186 0.22 -2.71 -4.16
C PRO A 186 -0.88 -1.66 -4.27
N SER A 187 -1.33 -1.40 -5.50
CA SER A 187 -2.39 -0.42 -5.73
C SER A 187 -2.03 0.93 -5.14
N ASN A 188 -3.03 1.66 -4.64
CA ASN A 188 -2.81 2.97 -4.04
C ASN A 188 -1.97 2.87 -2.77
N ALA A 189 -0.70 2.50 -2.93
CA ALA A 189 0.20 2.37 -1.80
C ALA A 189 -0.35 1.40 -0.75
N GLN B 1 -23.36 -3.49 17.88
CA GLN B 1 -21.91 -3.18 18.04
C GLN B 1 -21.17 -3.31 16.70
N VAL B 2 -21.68 -4.16 15.83
CA VAL B 2 -21.07 -4.37 14.52
C VAL B 2 -22.09 -4.25 13.40
N VAL B 3 -23.08 -3.38 13.60
CA VAL B 3 -24.14 -3.18 12.61
C VAL B 3 -23.73 -2.11 11.59
N PRO B 4 -23.26 -0.94 12.06
CA PRO B 4 -22.84 0.15 11.17
C PRO B 4 -21.52 -0.13 10.48
N PHE B 5 -20.50 -0.44 11.28
CA PHE B 5 -19.17 -0.74 10.75
C PHE B 5 -18.60 0.46 9.99
N SER B 6 -19.13 1.64 10.29
CA SER B 6 -18.67 2.87 9.65
C SER B 6 -19.16 4.09 10.41
N SER B 7 -18.23 4.83 11.01
CA SER B 7 -18.57 6.03 11.76
C SER B 7 -19.26 7.06 10.87
N SER B 8 -20.23 7.77 11.43
CA SER B 8 -20.97 8.78 10.69
C SER B 8 -21.44 9.91 11.61
N VAL B 9 -20.87 11.10 11.42
CA VAL B 9 -21.24 12.25 12.23
C VAL B 9 -20.93 13.56 11.49
N GLN C 1 7.07 -32.36 2.17
CA GLN C 1 8.32 -33.11 1.88
C GLN C 1 9.18 -32.38 0.84
N VAL C 2 10.48 -32.67 0.87
CA VAL C 2 11.43 -32.05 -0.07
C VAL C 2 11.32 -30.53 -0.09
N VAL C 3 12.35 -29.86 -0.58
CA VAL C 3 12.37 -28.40 -0.65
C VAL C 3 11.19 -27.88 -1.46
N PRO C 4 10.75 -26.63 -1.18
CA PRO C 4 9.64 -26.00 -1.89
C PRO C 4 9.97 -25.68 -3.34
N PHE C 5 8.97 -25.25 -4.09
CA PHE C 5 9.15 -24.90 -5.50
C PHE C 5 9.26 -23.39 -5.68
N SER C 6 10.46 -22.93 -6.03
CA SER C 6 10.69 -21.50 -6.23
C SER C 6 12.12 -21.25 -6.68
N SER C 7 12.34 -20.12 -7.33
CA SER C 7 13.67 -19.76 -7.81
C SER C 7 14.49 -19.10 -6.71
N SER C 8 15.02 -19.92 -5.81
CA SER C 8 15.82 -19.41 -4.70
C SER C 8 17.28 -19.25 -5.11
N VAL C 9 17.60 -18.10 -5.70
CA VAL C 9 18.96 -17.83 -6.15
C VAL C 9 19.30 -16.35 -5.99
N MET A 1 -12.97 3.00 -3.89
CA MET A 1 -13.68 3.74 -2.81
C MET A 1 -14.11 2.79 -1.68
N GLU A 2 -13.60 3.05 -0.47
CA GLU A 2 -13.93 2.23 0.68
C GLU A 2 -14.39 3.08 1.86
N TYR A 3 -14.90 2.40 2.89
CA TYR A 3 -15.39 3.09 4.08
C TYR A 3 -14.78 2.48 5.34
N GLU A 4 -15.01 3.11 6.48
CA GLU A 4 -14.47 2.62 7.75
C GLU A 4 -15.12 3.32 8.94
N GLU A 5 -15.46 2.55 9.97
CA GLU A 5 -16.07 3.09 11.18
C GLU A 5 -15.34 2.58 12.42
N ILE A 6 -14.62 3.49 13.08
CA ILE A 6 -13.85 3.12 14.26
C ILE A 6 -14.16 4.05 15.44
N THR A 7 -13.37 3.91 16.50
CA THR A 7 -13.53 4.70 17.71
C THR A 7 -12.24 5.44 18.03
N LEU A 8 -12.35 6.75 18.23
CA LEU A 8 -11.20 7.56 18.55
C LEU A 8 -11.45 8.34 19.83
N GLU A 9 -11.04 7.73 20.93
CA GLU A 9 -11.21 8.33 22.24
C GLU A 9 -10.28 9.53 22.42
N ARG A 10 -10.55 10.32 23.44
CA ARG A 10 -9.75 11.51 23.72
C ARG A 10 -8.50 11.14 24.52
N GLY A 11 -7.37 11.01 23.83
CA GLY A 11 -6.14 10.67 24.51
C GLY A 11 -5.89 11.56 25.70
N ASN A 12 -6.45 12.77 25.64
CA ASN A 12 -6.31 13.74 26.71
C ASN A 12 -7.28 14.91 26.49
N SER A 13 -6.84 15.91 25.73
CA SER A 13 -7.66 17.07 25.45
C SER A 13 -8.13 17.09 23.99
N GLY A 14 -8.32 15.93 23.39
CA GLY A 14 -8.76 15.89 22.01
C GLY A 14 -8.17 14.73 21.26
N LEU A 15 -8.56 14.59 20.00
CA LEU A 15 -8.09 13.51 19.16
C LEU A 15 -6.76 13.87 18.50
N GLY A 16 -6.66 15.09 18.02
CA GLY A 16 -5.43 15.55 17.40
C GLY A 16 -5.37 15.31 15.90
N PHE A 17 -6.08 16.15 15.13
CA PHE A 17 -6.07 16.03 13.68
C PHE A 17 -6.64 17.28 13.03
N SER A 18 -6.13 17.61 11.85
CA SER A 18 -6.59 18.79 11.12
C SER A 18 -7.65 18.41 10.11
N ILE A 19 -8.79 19.10 10.16
CA ILE A 19 -9.89 18.81 9.25
C ILE A 19 -10.19 19.98 8.32
N ALA A 20 -10.77 19.67 7.16
CA ALA A 20 -11.11 20.67 6.17
C ALA A 20 -11.92 20.04 5.02
N GLY A 21 -13.15 20.51 4.84
CA GLY A 21 -14.00 19.99 3.78
C GLY A 21 -15.49 20.09 4.10
N GLY A 22 -15.84 21.10 4.87
CA GLY A 22 -17.23 21.32 5.25
C GLY A 22 -18.16 21.48 4.06
N THR A 23 -19.46 21.41 4.34
CA THR A 23 -20.49 21.55 3.31
C THR A 23 -20.62 22.99 2.83
N ASP A 24 -20.37 23.94 3.74
CA ASP A 24 -20.47 25.35 3.40
C ASP A 24 -19.20 25.87 2.75
N ASN A 25 -18.07 25.63 3.38
CA ASN A 25 -16.79 26.08 2.87
C ASN A 25 -15.85 24.90 2.59
N PRO A 26 -16.05 24.20 1.46
CA PRO A 26 -15.21 23.06 1.08
C PRO A 26 -13.72 23.40 1.16
N HIS A 27 -12.90 22.36 1.32
CA HIS A 27 -11.45 22.54 1.39
C HIS A 27 -10.80 22.20 0.05
N ILE A 28 -11.53 21.44 -0.78
CA ILE A 28 -11.04 21.05 -2.09
C ILE A 28 -11.78 21.79 -3.18
N GLY A 29 -13.02 22.19 -2.88
CA GLY A 29 -13.83 22.90 -3.85
C GLY A 29 -14.69 21.97 -4.67
N ASP A 30 -15.13 20.87 -4.04
CA ASP A 30 -15.97 19.88 -4.73
C ASP A 30 -16.27 18.70 -3.82
N ASP A 31 -16.51 18.98 -2.55
CA ASP A 31 -16.82 17.93 -1.58
C ASP A 31 -17.37 18.52 -0.29
N PRO A 32 -18.68 18.36 -0.05
CA PRO A 32 -19.33 18.87 1.15
C PRO A 32 -18.88 18.14 2.42
N SER A 33 -18.43 16.91 2.24
CA SER A 33 -17.96 16.10 3.36
C SER A 33 -16.60 16.56 3.85
N ILE A 34 -16.50 16.85 5.14
CA ILE A 34 -15.24 17.30 5.73
C ILE A 34 -14.24 16.15 5.76
N PHE A 35 -12.96 16.48 5.64
CA PHE A 35 -11.90 15.47 5.66
C PHE A 35 -10.70 15.98 6.45
N ILE A 36 -9.74 15.11 6.69
CA ILE A 36 -8.55 15.48 7.45
C ILE A 36 -7.39 15.77 6.51
N THR A 37 -6.49 16.65 6.93
CA THR A 37 -5.33 17.01 6.12
C THR A 37 -4.05 16.43 6.71
N LYS A 38 -4.01 16.28 8.02
CA LYS A 38 -2.83 15.73 8.68
C LYS A 38 -3.05 15.56 10.18
N ILE A 39 -2.41 14.55 10.75
CA ILE A 39 -2.52 14.25 12.17
C ILE A 39 -1.23 14.60 12.90
N ILE A 40 -1.38 15.14 14.11
CA ILE A 40 -0.25 15.53 14.93
C ILE A 40 0.21 14.37 15.81
N PRO A 41 1.53 14.28 16.08
CA PRO A 41 2.10 13.22 16.91
C PRO A 41 1.89 13.49 18.40
N GLY A 42 0.62 13.61 18.81
CA GLY A 42 0.31 13.87 20.20
C GLY A 42 -1.08 13.37 20.58
N GLY A 43 -2.09 13.85 19.88
CA GLY A 43 -3.45 13.45 20.16
C GLY A 43 -3.65 11.94 20.04
N ALA A 44 -4.85 11.48 20.36
CA ALA A 44 -5.16 10.05 20.30
C ALA A 44 -5.31 9.57 18.85
N ALA A 45 -5.67 10.49 17.95
CA ALA A 45 -5.85 10.16 16.55
C ALA A 45 -4.63 9.44 15.98
N ALA A 46 -3.47 10.09 16.08
CA ALA A 46 -2.23 9.52 15.59
C ALA A 46 -1.87 8.25 16.35
N GLN A 47 -2.31 8.17 17.60
CA GLN A 47 -2.05 7.02 18.44
C GLN A 47 -2.88 5.85 17.96
N ASP A 48 -4.12 6.15 17.57
CA ASP A 48 -5.01 5.13 17.07
C ASP A 48 -4.69 4.82 15.61
N GLY A 49 -4.15 5.82 14.91
CA GLY A 49 -3.78 5.67 13.50
C GLY A 49 -4.59 4.59 12.79
N ARG A 50 -5.91 4.66 12.94
CA ARG A 50 -6.80 3.69 12.32
C ARG A 50 -7.49 4.26 11.09
N LEU A 51 -6.90 5.31 10.50
CA LEU A 51 -7.48 5.93 9.32
C LEU A 51 -6.54 6.97 8.72
N ARG A 52 -6.80 7.35 7.48
CA ARG A 52 -5.99 8.33 6.79
C ARG A 52 -6.64 9.71 6.89
N VAL A 53 -5.85 10.76 6.71
CA VAL A 53 -6.35 12.12 6.80
C VAL A 53 -7.24 12.48 5.61
N ASN A 54 -6.80 12.13 4.42
CA ASN A 54 -7.51 12.43 3.18
C ASN A 54 -8.94 11.86 3.13
N ASP A 55 -9.38 11.19 4.18
CA ASP A 55 -10.72 10.63 4.21
C ASP A 55 -11.70 11.66 4.78
N SER A 56 -13.00 11.43 4.56
CA SER A 56 -14.02 12.36 5.04
C SER A 56 -14.96 11.66 6.00
N ILE A 57 -15.09 12.21 7.21
CA ILE A 57 -15.96 11.64 8.21
C ILE A 57 -17.40 11.66 7.73
N LEU A 58 -17.83 10.56 7.15
CA LEU A 58 -19.19 10.44 6.63
C LEU A 58 -20.18 10.23 7.77
N PHE A 59 -19.70 9.78 8.92
CA PHE A 59 -20.58 9.55 10.07
C PHE A 59 -19.82 9.56 11.39
N VAL A 60 -20.18 10.49 12.27
CA VAL A 60 -19.55 10.60 13.58
C VAL A 60 -20.58 10.38 14.69
N ASN A 61 -20.34 9.36 15.51
CA ASN A 61 -21.25 9.04 16.61
C ASN A 61 -22.69 8.91 16.12
N GLU A 62 -22.87 8.25 14.99
CA GLU A 62 -24.20 8.05 14.41
C GLU A 62 -24.84 9.39 14.06
N VAL A 63 -24.01 10.37 13.69
CA VAL A 63 -24.50 11.68 13.33
C VAL A 63 -24.24 11.99 11.86
N ASP A 64 -25.19 12.65 11.21
CA ASP A 64 -25.06 13.00 9.80
C ASP A 64 -23.93 14.00 9.59
N VAL A 65 -22.88 13.57 8.90
CA VAL A 65 -21.73 14.44 8.63
C VAL A 65 -21.12 14.11 7.27
N ARG A 66 -21.94 13.57 6.37
CA ARG A 66 -21.46 13.22 5.03
C ARG A 66 -21.58 14.41 4.07
N GLU A 67 -21.93 15.58 4.61
CA GLU A 67 -22.08 16.78 3.80
C GLU A 67 -22.55 17.94 4.67
N VAL A 68 -21.86 18.15 5.79
CA VAL A 68 -22.22 19.22 6.71
C VAL A 68 -21.08 20.21 6.90
N THR A 69 -21.44 21.48 7.06
CA THR A 69 -20.46 22.55 7.23
C THR A 69 -19.44 22.22 8.31
N HIS A 70 -18.34 22.96 8.29
CA HIS A 70 -17.25 22.76 9.24
C HIS A 70 -17.76 22.87 10.68
N SER A 71 -18.51 23.92 10.97
CA SER A 71 -19.05 24.13 12.31
C SER A 71 -19.72 22.87 12.85
N ALA A 72 -20.46 22.19 11.98
CA ALA A 72 -21.15 20.97 12.37
C ALA A 72 -20.15 19.89 12.79
N ALA A 73 -19.00 19.90 12.13
CA ALA A 73 -17.95 18.93 12.44
C ALA A 73 -17.32 19.28 13.77
N VAL A 74 -17.12 20.58 13.98
CA VAL A 74 -16.55 21.06 15.22
C VAL A 74 -17.50 20.76 16.38
N GLU A 75 -18.79 20.88 16.09
CA GLU A 75 -19.82 20.61 17.09
C GLU A 75 -19.88 19.12 17.41
N ALA A 76 -19.56 18.30 16.43
CA ALA A 76 -19.56 16.85 16.61
C ALA A 76 -18.42 16.43 17.52
N LEU A 77 -17.30 17.11 17.38
CA LEU A 77 -16.12 16.83 18.18
C LEU A 77 -16.25 17.53 19.52
N LYS A 78 -17.02 18.61 19.55
CA LYS A 78 -17.22 19.37 20.76
C LYS A 78 -18.19 18.64 21.67
N GLU A 79 -19.14 17.92 21.07
CA GLU A 79 -20.12 17.17 21.82
C GLU A 79 -19.94 15.67 21.59
N ALA A 80 -18.70 15.28 21.33
CA ALA A 80 -18.37 13.88 21.10
C ALA A 80 -17.87 13.19 22.37
N GLY A 81 -17.43 13.99 23.33
CA GLY A 81 -16.93 13.43 24.58
C GLY A 81 -15.48 13.00 24.50
N SER A 82 -15.20 11.77 24.95
CA SER A 82 -13.83 11.25 24.92
C SER A 82 -13.78 9.91 24.18
N ILE A 83 -14.82 9.62 23.41
CA ILE A 83 -14.91 8.38 22.63
C ILE A 83 -15.80 8.62 21.42
N VAL A 84 -15.20 8.96 20.30
CA VAL A 84 -15.97 9.25 19.09
C VAL A 84 -15.96 8.09 18.11
N ARG A 85 -17.13 7.80 17.55
CA ARG A 85 -17.28 6.76 16.55
C ARG A 85 -17.10 7.40 15.19
N LEU A 86 -15.87 7.42 14.71
CA LEU A 86 -15.56 8.06 13.45
C LEU A 86 -15.76 7.14 12.26
N TYR A 87 -16.74 7.51 11.43
CA TYR A 87 -17.04 6.79 10.22
C TYR A 87 -16.61 7.66 9.05
N VAL A 88 -15.61 7.20 8.30
CA VAL A 88 -15.11 7.99 7.20
C VAL A 88 -15.17 7.25 5.87
N MET A 89 -14.94 8.00 4.80
CA MET A 89 -14.94 7.46 3.46
C MET A 89 -13.61 7.76 2.79
N ARG A 90 -12.79 6.73 2.61
CA ARG A 90 -11.49 6.89 2.00
C ARG A 90 -11.40 6.12 0.69
N ARG A 91 -10.79 6.74 -0.30
CA ARG A 91 -10.65 6.12 -1.62
C ARG A 91 -9.30 5.44 -1.78
N LYS A 92 -9.33 4.20 -2.26
CA LYS A 92 -8.10 3.43 -2.46
C LYS A 92 -7.53 3.72 -3.85
N PRO A 93 -6.32 4.31 -3.91
CA PRO A 93 -5.66 4.64 -5.19
C PRO A 93 -5.01 3.43 -5.85
N PRO A 94 -5.58 2.95 -6.98
CA PRO A 94 -5.04 1.81 -7.71
C PRO A 94 -4.10 2.24 -8.84
N ALA A 95 -3.98 1.39 -9.87
CA ALA A 95 -3.11 1.66 -11.01
C ALA A 95 -1.77 0.97 -10.87
N GLU A 96 -1.81 -0.36 -10.78
CA GLU A 96 -0.59 -1.17 -10.63
C GLU A 96 -0.04 -1.06 -9.22
N LYS A 97 0.61 -2.13 -8.77
CA LYS A 97 1.20 -2.15 -7.43
C LYS A 97 2.43 -3.08 -7.40
N VAL A 98 3.22 -2.96 -6.34
CA VAL A 98 4.41 -3.78 -6.19
C VAL A 98 4.30 -4.68 -4.98
N MET A 99 4.39 -5.99 -5.21
CA MET A 99 4.30 -6.98 -4.15
C MET A 99 5.66 -7.23 -3.52
N GLU A 100 5.65 -7.89 -2.37
CA GLU A 100 6.87 -8.22 -1.65
C GLU A 100 6.86 -9.69 -1.28
N ILE A 101 7.67 -10.46 -1.98
CA ILE A 101 7.73 -11.90 -1.78
C ILE A 101 9.10 -12.37 -1.32
N LYS A 102 9.11 -13.50 -0.64
CA LYS A 102 10.35 -14.10 -0.14
C LYS A 102 10.63 -15.42 -0.83
N LEU A 103 11.88 -15.63 -1.21
CA LEU A 103 12.28 -16.86 -1.88
C LEU A 103 13.57 -17.39 -1.28
N ILE A 104 13.53 -18.59 -0.71
CA ILE A 104 14.68 -19.19 -0.10
C ILE A 104 15.32 -20.23 -1.02
N LYS A 105 16.63 -20.30 -0.97
CA LYS A 105 17.38 -21.24 -1.80
C LYS A 105 17.28 -22.66 -1.24
N GLY A 106 17.52 -23.65 -2.09
CA GLY A 106 17.45 -25.04 -1.66
C GLY A 106 18.57 -25.87 -2.27
N PRO A 107 18.46 -27.20 -2.22
CA PRO A 107 19.48 -28.09 -2.78
C PRO A 107 19.42 -28.16 -4.29
N LYS A 108 18.21 -28.06 -4.83
CA LYS A 108 18.04 -28.09 -6.28
C LYS A 108 18.02 -26.68 -6.84
N GLY A 109 18.55 -25.73 -6.07
CA GLY A 109 18.58 -24.36 -6.50
C GLY A 109 17.54 -23.53 -5.77
N LEU A 110 16.95 -22.57 -6.47
CA LEU A 110 15.94 -21.74 -5.85
C LEU A 110 14.56 -22.38 -5.95
N GLY A 111 14.41 -23.29 -6.91
CA GLY A 111 13.13 -23.96 -7.09
C GLY A 111 12.16 -23.18 -7.95
N PHE A 112 12.65 -22.67 -9.07
CA PHE A 112 11.82 -21.89 -9.99
C PHE A 112 12.62 -21.45 -11.21
N SER A 113 11.92 -21.15 -12.30
CA SER A 113 12.58 -20.72 -13.53
C SER A 113 12.01 -19.40 -14.00
N ILE A 114 12.86 -18.38 -14.03
CA ILE A 114 12.45 -17.05 -14.46
C ILE A 114 13.33 -16.59 -15.63
N ALA A 115 12.77 -15.75 -16.48
CA ALA A 115 13.50 -15.23 -17.62
C ALA A 115 13.04 -13.84 -18.02
N GLY A 116 14.00 -12.92 -18.08
CA GLY A 116 13.69 -11.55 -18.46
C GLY A 116 14.88 -10.85 -19.07
N GLY A 117 14.72 -9.57 -19.36
CA GLY A 117 15.80 -8.79 -19.94
C GLY A 117 16.04 -9.14 -21.40
N VAL A 118 17.30 -9.11 -21.80
CA VAL A 118 17.69 -9.41 -23.18
C VAL A 118 18.30 -10.79 -23.31
N GLY A 119 18.21 -11.36 -24.50
CA GLY A 119 18.79 -12.69 -24.74
C GLY A 119 17.74 -13.78 -24.87
N ASN A 120 16.64 -13.62 -24.15
CA ASN A 120 15.56 -14.61 -24.17
C ASN A 120 14.46 -14.23 -23.19
N GLN A 121 13.63 -13.29 -23.59
CA GLN A 121 12.54 -12.81 -22.74
C GLN A 121 11.19 -13.24 -23.29
N HIS A 122 10.52 -14.12 -22.56
CA HIS A 122 9.19 -14.60 -22.97
C HIS A 122 8.23 -13.45 -23.13
N ILE A 123 8.56 -12.33 -22.51
CA ILE A 123 7.72 -11.14 -22.57
C ILE A 123 8.26 -10.11 -23.54
N PRO A 124 7.37 -9.36 -24.23
CA PRO A 124 7.76 -8.33 -25.19
C PRO A 124 8.23 -7.04 -24.52
N GLY A 125 8.93 -7.18 -23.39
CA GLY A 125 9.42 -6.01 -22.68
C GLY A 125 10.92 -6.05 -22.50
N ASP A 126 11.49 -7.26 -22.46
CA ASP A 126 12.93 -7.45 -22.30
C ASP A 126 13.49 -6.59 -21.18
N ASN A 127 12.65 -6.29 -20.20
CA ASN A 127 13.07 -5.48 -19.05
C ASN A 127 12.56 -6.10 -17.76
N SER A 128 11.27 -6.43 -17.75
CA SER A 128 10.66 -7.05 -16.59
C SER A 128 10.79 -8.57 -16.65
N ILE A 129 11.32 -9.16 -15.59
CA ILE A 129 11.51 -10.60 -15.53
C ILE A 129 10.23 -11.32 -15.10
N TYR A 130 9.82 -12.31 -15.88
CA TYR A 130 8.62 -13.07 -15.57
C TYR A 130 8.95 -14.54 -15.33
N VAL A 131 8.20 -15.18 -14.44
CA VAL A 131 8.43 -16.58 -14.14
C VAL A 131 8.05 -17.43 -15.35
N THR A 132 8.63 -18.63 -15.45
CA THR A 132 8.35 -19.50 -16.58
C THR A 132 8.01 -20.92 -16.15
N LYS A 133 8.79 -21.46 -15.22
CA LYS A 133 8.55 -22.83 -14.75
C LYS A 133 8.97 -23.01 -13.29
N ILE A 134 8.05 -23.54 -12.48
CA ILE A 134 8.32 -23.77 -11.07
C ILE A 134 8.20 -25.26 -10.73
N ILE A 135 9.07 -25.74 -9.86
CA ILE A 135 9.06 -27.14 -9.47
C ILE A 135 7.94 -27.40 -8.45
N GLU A 136 7.75 -28.66 -8.09
CA GLU A 136 6.70 -29.03 -7.14
C GLU A 136 7.26 -29.06 -5.71
N GLY A 137 6.52 -28.47 -4.79
CA GLY A 137 6.96 -28.43 -3.40
C GLY A 137 8.34 -27.82 -3.24
N GLY A 138 8.72 -26.97 -4.18
CA GLY A 138 10.02 -26.34 -4.12
C GLY A 138 10.10 -25.26 -3.04
N ALA A 139 11.19 -24.50 -3.04
CA ALA A 139 11.38 -23.44 -2.07
C ALA A 139 10.50 -22.24 -2.38
N ALA A 140 10.61 -21.75 -3.60
CA ALA A 140 9.82 -20.60 -4.03
C ALA A 140 8.34 -20.95 -4.16
N HIS A 141 8.07 -22.19 -4.53
CA HIS A 141 6.69 -22.65 -4.68
C HIS A 141 5.93 -22.44 -3.38
N LYS A 142 6.39 -23.10 -2.33
CA LYS A 142 5.77 -23.00 -1.01
C LYS A 142 6.03 -21.65 -0.35
N ASP A 143 7.27 -21.17 -0.45
CA ASP A 143 7.64 -19.89 0.18
C ASP A 143 7.21 -18.70 -0.67
N GLY A 144 7.71 -18.64 -1.89
CA GLY A 144 7.40 -17.55 -2.78
C GLY A 144 5.94 -17.50 -3.18
N ARG A 145 5.36 -18.67 -3.46
CA ARG A 145 3.96 -18.74 -3.86
C ARG A 145 3.73 -17.95 -5.16
N LEU A 146 4.80 -17.73 -5.91
CA LEU A 146 4.72 -17.00 -7.17
C LEU A 146 4.62 -17.95 -8.35
N GLN A 147 3.40 -18.38 -8.66
CA GLN A 147 3.18 -19.29 -9.77
C GLN A 147 3.52 -18.62 -11.10
N ILE A 148 3.57 -19.40 -12.17
CA ILE A 148 3.89 -18.88 -13.48
C ILE A 148 3.09 -17.62 -13.79
N GLY A 149 3.80 -16.54 -14.03
CA GLY A 149 3.17 -15.27 -14.33
C GLY A 149 3.69 -14.16 -13.45
N ASP A 150 4.25 -14.51 -12.30
CA ASP A 150 4.79 -13.52 -11.38
C ASP A 150 5.97 -12.78 -12.02
N LYS A 151 5.88 -11.46 -12.05
CA LYS A 151 6.93 -10.64 -12.62
C LYS A 151 7.68 -9.86 -11.54
N ILE A 152 8.99 -10.05 -11.47
CA ILE A 152 9.81 -9.35 -10.48
C ILE A 152 10.59 -8.23 -11.13
N LEU A 153 10.50 -7.05 -10.54
CA LEU A 153 11.18 -5.87 -11.07
C LEU A 153 12.46 -5.58 -10.29
N ALA A 154 12.74 -6.40 -9.27
CA ALA A 154 13.93 -6.20 -8.44
C ALA A 154 14.03 -7.26 -7.35
N VAL A 155 15.22 -7.36 -6.75
CA VAL A 155 15.46 -8.32 -5.69
C VAL A 155 15.78 -7.61 -4.38
N ASN A 156 14.79 -7.54 -3.49
CA ASN A 156 14.94 -6.88 -2.19
C ASN A 156 15.04 -5.38 -2.40
N SER A 157 16.04 -4.96 -3.17
CA SER A 157 16.26 -3.56 -3.46
C SER A 157 17.23 -3.39 -4.63
N VAL A 158 17.36 -4.43 -5.46
CA VAL A 158 18.27 -4.36 -6.61
C VAL A 158 17.49 -4.45 -7.92
N GLY A 159 17.97 -3.73 -8.92
CA GLY A 159 17.32 -3.73 -10.22
C GLY A 159 18.10 -4.56 -11.21
N LEU A 160 18.06 -5.87 -11.02
CA LEU A 160 18.78 -6.79 -11.90
C LEU A 160 17.91 -7.28 -13.06
N GLU A 161 16.99 -6.43 -13.48
CA GLU A 161 16.10 -6.76 -14.58
C GLU A 161 16.12 -5.67 -15.65
N ASP A 162 17.27 -5.55 -16.30
CA ASP A 162 17.45 -4.55 -17.35
C ASP A 162 18.84 -4.70 -17.96
N VAL A 163 19.36 -5.92 -17.95
CA VAL A 163 20.69 -6.20 -18.51
C VAL A 163 20.63 -7.29 -19.57
N MET A 164 20.48 -8.52 -19.12
CA MET A 164 20.41 -9.67 -20.00
C MET A 164 20.04 -10.89 -19.18
N HIS A 165 20.10 -12.07 -19.78
CA HIS A 165 19.78 -13.28 -19.06
C HIS A 165 20.89 -13.63 -18.08
N GLU A 166 22.12 -13.24 -18.43
CA GLU A 166 23.28 -13.52 -17.59
C GLU A 166 23.35 -12.62 -16.36
N ASP A 167 23.14 -11.33 -16.54
CA ASP A 167 23.20 -10.40 -15.42
C ASP A 167 22.08 -10.65 -14.43
N ALA A 168 20.89 -10.89 -14.94
CA ALA A 168 19.74 -11.16 -14.10
C ALA A 168 19.87 -12.51 -13.43
N VAL A 169 20.46 -13.46 -14.15
CA VAL A 169 20.64 -14.79 -13.61
C VAL A 169 21.77 -14.81 -12.57
N ALA A 170 22.83 -14.08 -12.86
CA ALA A 170 23.96 -14.01 -11.96
C ALA A 170 23.63 -13.19 -10.71
N ALA A 171 22.80 -12.17 -10.89
CA ALA A 171 22.41 -11.31 -9.77
C ALA A 171 21.38 -12.00 -8.88
N LEU A 172 20.57 -12.86 -9.49
CA LEU A 172 19.55 -13.58 -8.74
C LEU A 172 20.15 -14.79 -8.05
N LYS A 173 21.09 -15.44 -8.72
CA LYS A 173 21.76 -16.60 -8.17
C LYS A 173 22.76 -16.17 -7.11
N ASN A 174 23.25 -14.94 -7.24
CA ASN A 174 24.21 -14.40 -6.28
C ASN A 174 23.56 -14.09 -4.94
N THR A 175 22.23 -14.11 -4.91
CA THR A 175 21.48 -13.84 -3.70
C THR A 175 21.86 -14.80 -2.57
N TYR A 176 21.06 -14.80 -1.50
CA TYR A 176 21.30 -15.66 -0.36
C TYR A 176 20.22 -16.73 -0.23
N ASP A 177 20.44 -17.68 0.69
CA ASP A 177 19.49 -18.76 0.93
C ASP A 177 18.09 -18.25 1.28
N VAL A 178 17.98 -16.96 1.62
CA VAL A 178 16.69 -16.38 1.96
C VAL A 178 16.65 -14.91 1.55
N VAL A 179 16.15 -14.65 0.35
CA VAL A 179 16.08 -13.30 -0.18
C VAL A 179 14.67 -12.93 -0.61
N TYR A 180 14.34 -11.64 -0.47
CA TYR A 180 13.03 -11.14 -0.86
C TYR A 180 13.07 -10.52 -2.25
N LEU A 181 12.08 -10.84 -3.06
CA LEU A 181 12.01 -10.31 -4.42
C LEU A 181 10.81 -9.37 -4.56
N LYS A 182 10.94 -8.37 -5.41
CA LYS A 182 9.88 -7.41 -5.64
C LYS A 182 9.07 -7.79 -6.86
N VAL A 183 7.80 -8.14 -6.66
CA VAL A 183 6.93 -8.53 -7.75
C VAL A 183 5.99 -7.39 -8.14
N ALA A 184 5.45 -7.46 -9.35
CA ALA A 184 4.54 -6.42 -9.83
C ALA A 184 3.14 -6.98 -10.08
N LYS A 185 2.13 -6.15 -9.84
CA LYS A 185 0.75 -6.56 -10.04
C LYS A 185 0.19 -5.95 -11.33
N PRO A 186 -0.49 -6.76 -12.16
CA PRO A 186 -1.07 -6.29 -13.44
C PRO A 186 -2.12 -5.20 -13.22
N SER A 187 -1.67 -3.97 -13.04
CA SER A 187 -2.57 -2.84 -12.85
C SER A 187 -3.48 -3.06 -11.64
N ASN A 188 -4.62 -2.39 -11.63
CA ASN A 188 -5.58 -2.51 -10.53
C ASN A 188 -6.14 -3.93 -10.45
N ALA A 189 -5.31 -4.87 -10.00
CA ALA A 189 -5.72 -6.26 -9.87
C ALA A 189 -5.45 -6.78 -8.47
N GLN B 1 -15.23 29.71 17.67
CA GLN B 1 -14.55 31.02 17.44
C GLN B 1 -13.42 30.89 16.43
N VAL B 2 -13.56 29.95 15.50
CA VAL B 2 -12.55 29.72 14.48
C VAL B 2 -12.73 30.68 13.31
N VAL B 3 -11.86 31.68 13.23
CA VAL B 3 -11.92 32.67 12.16
C VAL B 3 -11.36 32.10 10.85
N PRO B 4 -10.17 31.48 10.88
CA PRO B 4 -9.54 30.91 9.69
C PRO B 4 -10.15 29.57 9.29
N PHE B 5 -9.64 28.99 8.22
CA PHE B 5 -10.14 27.70 7.73
C PHE B 5 -9.37 26.54 8.36
N SER B 6 -9.89 25.33 8.19
CA SER B 6 -9.27 24.14 8.75
C SER B 6 -9.25 24.19 10.26
N SER B 7 -9.51 23.05 10.90
CA SER B 7 -9.52 22.98 12.36
C SER B 7 -8.70 21.81 12.87
N SER B 8 -7.90 22.07 13.90
CA SER B 8 -7.06 21.04 14.50
C SER B 8 -7.45 20.78 15.94
N VAL B 9 -7.99 19.60 16.21
CA VAL B 9 -8.41 19.23 17.55
C VAL B 9 -8.69 17.73 17.66
N GLN C 1 31.08 -23.92 -14.51
CA GLN C 1 30.09 -24.77 -15.22
C GLN C 1 29.44 -23.99 -16.37
N VAL C 2 28.47 -24.62 -17.03
CA VAL C 2 27.77 -24.00 -18.15
C VAL C 2 26.26 -24.04 -17.93
N VAL C 3 25.74 -23.01 -17.26
CA VAL C 3 24.30 -22.93 -16.99
C VAL C 3 23.54 -22.45 -18.22
N PRO C 4 22.32 -22.96 -18.44
CA PRO C 4 21.49 -22.59 -19.58
C PRO C 4 21.30 -21.08 -19.69
N PHE C 5 20.60 -20.64 -20.73
CA PHE C 5 20.35 -19.22 -20.94
C PHE C 5 19.36 -18.68 -19.92
N SER C 6 18.18 -19.29 -19.85
CA SER C 6 17.16 -18.88 -18.90
C SER C 6 17.66 -19.01 -17.47
N SER C 7 16.81 -18.65 -16.52
CA SER C 7 17.18 -18.74 -15.11
C SER C 7 16.47 -19.91 -14.42
N SER C 8 16.82 -21.11 -14.83
CA SER C 8 16.22 -22.32 -14.26
C SER C 8 17.02 -22.78 -13.05
N VAL C 9 16.67 -22.25 -11.87
CA VAL C 9 17.36 -22.60 -10.64
C VAL C 9 16.37 -23.04 -9.57
N MET A 1 -13.98 -2.00 0.02
CA MET A 1 -14.11 -0.80 0.89
C MET A 1 -14.36 -1.21 2.34
N GLU A 2 -13.56 -0.67 3.25
CA GLU A 2 -13.69 -0.99 4.68
C GLU A 2 -14.34 0.18 5.44
N TYR A 3 -15.07 -0.16 6.50
CA TYR A 3 -15.74 0.86 7.32
C TYR A 3 -15.81 0.40 8.78
N GLU A 4 -16.04 1.36 9.67
CA GLU A 4 -16.12 1.06 11.10
C GLU A 4 -16.41 2.32 11.92
N GLU A 5 -17.09 2.15 13.04
CA GLU A 5 -17.43 3.26 13.92
C GLU A 5 -16.60 3.20 15.21
N ILE A 6 -15.83 4.25 15.46
CA ILE A 6 -14.99 4.30 16.65
C ILE A 6 -15.30 5.54 17.49
N THR A 7 -14.50 5.73 18.53
CA THR A 7 -14.65 6.86 19.44
C THR A 7 -13.35 7.65 19.53
N LEU A 8 -13.44 8.95 19.27
CA LEU A 8 -12.28 9.80 19.33
C LEU A 8 -12.51 10.94 20.31
N GLU A 9 -12.07 10.71 21.52
CA GLU A 9 -12.21 11.70 22.59
C GLU A 9 -11.33 12.91 22.31
N ARG A 10 -11.64 14.01 22.98
CA ARG A 10 -10.88 15.25 22.82
C ARG A 10 -9.60 15.21 23.64
N GLY A 11 -8.46 15.07 22.96
CA GLY A 11 -7.19 15.05 23.64
C GLY A 11 -6.89 16.38 24.30
N ASN A 12 -7.67 16.72 25.32
CA ASN A 12 -7.52 17.97 26.04
C ASN A 12 -8.15 19.12 25.25
N SER A 13 -7.46 19.59 24.23
CA SER A 13 -7.96 20.69 23.41
C SER A 13 -8.38 20.26 22.00
N GLY A 14 -8.84 19.02 21.84
CA GLY A 14 -9.25 18.57 20.53
C GLY A 14 -8.71 17.20 20.20
N LEU A 15 -9.07 16.72 19.02
CA LEU A 15 -8.64 15.40 18.57
C LEU A 15 -7.27 15.47 17.91
N GLY A 16 -7.10 16.43 17.01
CA GLY A 16 -5.83 16.60 16.34
C GLY A 16 -5.76 15.94 14.98
N PHE A 17 -6.38 16.55 13.99
CA PHE A 17 -6.36 16.02 12.62
C PHE A 17 -6.71 17.12 11.62
N SER A 18 -6.21 16.99 10.40
CA SER A 18 -6.48 17.98 9.36
C SER A 18 -7.67 17.56 8.49
N ILE A 19 -8.63 18.46 8.36
CA ILE A 19 -9.82 18.18 7.55
C ILE A 19 -10.14 19.36 6.63
N ALA A 20 -10.91 19.10 5.59
CA ALA A 20 -11.29 20.14 4.64
C ALA A 20 -12.36 19.66 3.68
N GLY A 21 -12.86 20.57 2.85
CA GLY A 21 -13.88 20.20 1.88
C GLY A 21 -15.27 20.65 2.31
N GLY A 22 -16.21 19.71 2.30
CA GLY A 22 -17.57 20.02 2.69
C GLY A 22 -18.55 19.91 1.54
N THR A 23 -19.79 19.58 1.84
CA THR A 23 -20.82 19.43 0.83
C THR A 23 -20.96 20.71 0.00
N ASP A 24 -20.54 21.84 0.56
CA ASP A 24 -20.62 23.11 -0.14
C ASP A 24 -19.34 23.41 -0.91
N ASN A 25 -18.20 23.18 -0.26
CA ASN A 25 -16.90 23.41 -0.88
C ASN A 25 -16.04 22.15 -0.87
N PRO A 26 -16.32 21.20 -1.78
CA PRO A 26 -15.56 19.95 -1.87
C PRO A 26 -14.05 20.18 -1.91
N HIS A 27 -13.34 19.49 -1.04
CA HIS A 27 -11.89 19.61 -0.97
C HIS A 27 -11.23 19.07 -2.23
N ILE A 28 -11.95 18.22 -2.96
CA ILE A 28 -11.44 17.63 -4.20
C ILE A 28 -12.19 18.13 -5.41
N GLY A 29 -13.47 18.48 -5.21
CA GLY A 29 -14.28 18.97 -6.31
C GLY A 29 -15.05 17.87 -7.01
N ASP A 30 -15.34 16.81 -6.27
CA ASP A 30 -16.08 15.67 -6.83
C ASP A 30 -16.55 14.72 -5.73
N ASP A 31 -16.84 15.27 -4.56
CA ASP A 31 -17.29 14.48 -3.43
C ASP A 31 -17.78 15.38 -2.29
N PRO A 32 -19.09 15.34 -2.00
CA PRO A 32 -19.69 16.16 -0.94
C PRO A 32 -19.20 15.75 0.45
N SER A 33 -18.84 14.48 0.58
CA SER A 33 -18.35 13.95 1.86
C SER A 33 -17.00 14.56 2.22
N ILE A 34 -16.82 14.83 3.51
CA ILE A 34 -15.57 15.42 3.99
C ILE A 34 -14.57 14.33 4.37
N PHE A 35 -13.29 14.64 4.26
CA PHE A 35 -12.24 13.68 4.59
C PHE A 35 -11.06 14.37 5.26
N ILE A 36 -10.24 13.58 5.94
CA ILE A 36 -9.07 14.10 6.64
C ILE A 36 -7.84 14.02 5.75
N THR A 37 -6.93 14.97 5.91
CA THR A 37 -5.72 15.01 5.09
C THR A 37 -4.53 14.40 5.83
N LYS A 38 -4.41 14.72 7.11
CA LYS A 38 -3.31 14.20 7.92
C LYS A 38 -3.54 14.47 9.40
N ILE A 39 -2.97 13.60 10.24
CA ILE A 39 -3.11 13.73 11.69
C ILE A 39 -1.83 14.29 12.31
N ILE A 40 -2.01 15.15 13.30
CA ILE A 40 -0.88 15.75 13.99
C ILE A 40 -0.39 14.87 15.13
N PRO A 41 0.89 14.45 15.10
CA PRO A 41 1.47 13.61 16.15
C PRO A 41 1.38 14.24 17.53
N GLY A 42 0.23 14.10 18.18
CA GLY A 42 0.03 14.67 19.49
C GLY A 42 -1.39 14.56 19.97
N GLY A 43 -2.33 15.05 19.17
CA GLY A 43 -3.74 15.00 19.54
C GLY A 43 -4.21 13.58 19.77
N ALA A 44 -5.41 13.44 20.30
CA ALA A 44 -5.99 12.13 20.58
C ALA A 44 -6.31 11.38 19.29
N ALA A 45 -6.39 12.11 18.18
CA ALA A 45 -6.70 11.51 16.88
C ALA A 45 -5.62 10.50 16.49
N ALA A 46 -4.38 10.95 16.41
CA ALA A 46 -3.27 10.09 16.05
C ALA A 46 -3.03 9.04 17.12
N GLN A 47 -3.36 9.40 18.36
CA GLN A 47 -3.20 8.49 19.49
C GLN A 47 -4.25 7.40 19.40
N ASP A 48 -5.44 7.80 18.98
CA ASP A 48 -6.54 6.88 18.82
C ASP A 48 -6.39 6.09 17.53
N GLY A 49 -5.76 6.75 16.54
CA GLY A 49 -5.52 6.14 15.24
C GLY A 49 -6.45 5.00 14.89
N ARG A 50 -7.76 5.21 15.06
CA ARG A 50 -8.75 4.19 14.75
C ARG A 50 -9.27 4.34 13.33
N LEU A 51 -8.53 5.06 12.48
CA LEU A 51 -8.96 5.26 11.10
C LEU A 51 -7.91 6.04 10.30
N ARG A 52 -8.09 6.06 8.99
CA ARG A 52 -7.18 6.76 8.10
C ARG A 52 -7.72 8.16 7.81
N VAL A 53 -6.83 9.09 7.50
CA VAL A 53 -7.23 10.46 7.23
C VAL A 53 -7.96 10.60 5.91
N ASN A 54 -7.43 9.99 4.86
CA ASN A 54 -8.01 10.05 3.53
C ASN A 54 -9.29 9.22 3.41
N ASP A 55 -9.87 8.82 4.53
CA ASP A 55 -11.09 8.02 4.51
C ASP A 55 -12.30 8.92 4.30
N SER A 56 -13.49 8.38 4.51
CA SER A 56 -14.72 9.15 4.34
C SER A 56 -15.68 8.91 5.50
N ILE A 57 -15.77 9.89 6.39
CA ILE A 57 -16.63 9.79 7.54
C ILE A 57 -18.09 9.57 7.13
N LEU A 58 -18.50 8.32 7.08
CA LEU A 58 -19.87 7.99 6.71
C LEU A 58 -20.85 8.59 7.70
N PHE A 59 -20.42 8.70 8.96
CA PHE A 59 -21.27 9.28 9.99
C PHE A 59 -20.46 9.72 11.20
N VAL A 60 -21.04 10.59 12.01
CA VAL A 60 -20.36 11.09 13.20
C VAL A 60 -21.38 11.50 14.27
N ASN A 61 -21.14 11.07 15.50
CA ASN A 61 -22.03 11.39 16.61
C ASN A 61 -23.48 11.11 16.24
N GLU A 62 -23.69 10.05 15.47
CA GLU A 62 -25.04 9.67 15.04
C GLU A 62 -25.63 10.74 14.12
N VAL A 63 -24.77 11.45 13.40
CA VAL A 63 -25.20 12.49 12.49
C VAL A 63 -24.76 12.19 11.05
N ASP A 64 -25.63 12.51 10.09
CA ASP A 64 -25.32 12.27 8.69
C ASP A 64 -24.31 13.29 8.17
N VAL A 65 -23.03 12.93 8.26
CA VAL A 65 -21.96 13.81 7.81
C VAL A 65 -21.22 13.22 6.61
N ARG A 66 -21.96 12.51 5.77
CA ARG A 66 -21.37 11.90 4.58
C ARG A 66 -21.64 12.73 3.33
N GLU A 67 -22.13 13.95 3.54
CA GLU A 67 -22.43 14.85 2.43
C GLU A 67 -22.90 16.20 2.96
N VAL A 68 -22.25 16.67 4.03
CA VAL A 68 -22.61 17.95 4.64
C VAL A 68 -21.43 18.91 4.60
N THR A 69 -21.74 20.20 4.50
CA THR A 69 -20.73 21.25 4.44
C THR A 69 -19.70 21.09 5.56
N HIS A 70 -18.51 21.65 5.33
CA HIS A 70 -17.43 21.57 6.31
C HIS A 70 -17.86 22.09 7.67
N SER A 71 -18.48 23.25 7.70
CA SER A 71 -18.94 23.85 8.94
C SER A 71 -19.89 22.92 9.69
N ALA A 72 -20.69 22.16 8.94
CA ALA A 72 -21.64 21.24 9.53
C ALA A 72 -20.93 20.09 10.23
N ALA A 73 -19.83 19.64 9.63
CA ALA A 73 -19.05 18.54 10.19
C ALA A 73 -18.31 19.03 11.42
N VAL A 74 -17.75 20.23 11.32
CA VAL A 74 -17.02 20.83 12.42
C VAL A 74 -17.98 21.11 13.57
N GLU A 75 -19.19 21.50 13.22
CA GLU A 75 -20.23 21.80 14.20
C GLU A 75 -20.68 20.52 14.91
N ALA A 76 -20.66 19.41 14.18
CA ALA A 76 -21.06 18.13 14.74
C ALA A 76 -20.05 17.66 15.76
N LEU A 77 -18.78 17.83 15.43
CA LEU A 77 -17.69 17.45 16.30
C LEU A 77 -17.51 18.50 17.37
N LYS A 78 -17.92 19.72 17.05
CA LYS A 78 -17.82 20.83 17.98
C LYS A 78 -18.89 20.67 19.05
N GLU A 79 -20.06 20.19 18.64
CA GLU A 79 -21.16 19.97 19.56
C GLU A 79 -21.30 18.49 19.88
N ALA A 80 -20.19 17.77 19.78
CA ALA A 80 -20.18 16.34 20.06
C ALA A 80 -19.55 16.04 21.43
N GLY A 81 -18.88 17.04 21.99
CA GLY A 81 -18.23 16.85 23.29
C GLY A 81 -16.79 16.42 23.17
N SER A 82 -16.27 15.79 24.22
CA SER A 82 -14.89 15.32 24.22
C SER A 82 -14.81 13.83 23.92
N ILE A 83 -15.85 13.30 23.29
CA ILE A 83 -15.93 11.88 22.92
C ILE A 83 -16.87 11.72 21.75
N VAL A 84 -16.33 11.68 20.54
CA VAL A 84 -17.16 11.57 19.35
C VAL A 84 -17.11 10.17 18.75
N ARG A 85 -18.27 9.71 18.30
CA ARG A 85 -18.38 8.41 17.66
C ARG A 85 -18.34 8.59 16.15
N LEU A 86 -17.14 8.45 15.57
CA LEU A 86 -16.97 8.65 14.15
C LEU A 86 -17.09 7.36 13.35
N TYR A 87 -18.00 7.38 12.39
CA TYR A 87 -18.20 6.24 11.50
C TYR A 87 -17.58 6.60 10.16
N VAL A 88 -16.53 5.88 9.79
CA VAL A 88 -15.84 6.17 8.55
C VAL A 88 -15.73 4.96 7.64
N MET A 89 -15.32 5.22 6.40
CA MET A 89 -15.15 4.17 5.41
C MET A 89 -13.92 4.49 4.56
N ARG A 90 -12.87 3.71 4.75
CA ARG A 90 -11.64 3.92 4.00
C ARG A 90 -11.45 2.81 2.96
N ARG A 91 -11.65 3.18 1.71
CA ARG A 91 -11.51 2.23 0.60
C ARG A 91 -10.04 1.96 0.29
N LYS A 92 -9.66 0.69 0.32
CA LYS A 92 -8.29 0.30 0.03
C LYS A 92 -8.23 -0.70 -1.14
N PRO A 93 -8.91 -0.38 -2.25
CA PRO A 93 -8.95 -1.25 -3.43
C PRO A 93 -7.59 -1.88 -3.75
N PRO A 94 -6.50 -1.10 -3.68
CA PRO A 94 -5.15 -1.60 -3.98
C PRO A 94 -4.60 -2.48 -2.86
N ALA A 95 -3.32 -2.82 -2.98
CA ALA A 95 -2.65 -3.65 -1.99
C ALA A 95 -1.21 -3.96 -2.40
N GLU A 96 -0.57 -2.99 -3.04
CA GLU A 96 0.82 -3.15 -3.48
C GLU A 96 1.79 -2.92 -2.32
N LYS A 97 3.03 -3.38 -2.50
CA LYS A 97 4.04 -3.21 -1.47
C LYS A 97 5.39 -3.77 -1.93
N VAL A 98 6.41 -3.60 -1.10
CA VAL A 98 7.76 -4.08 -1.43
C VAL A 98 8.22 -5.12 -0.41
N MET A 99 9.11 -6.01 -0.84
CA MET A 99 9.63 -7.05 0.02
C MET A 99 11.15 -7.20 -0.12
N GLU A 100 11.75 -7.92 0.80
CA GLU A 100 13.19 -8.18 0.79
C GLU A 100 13.43 -9.65 1.11
N ILE A 101 13.79 -10.40 0.08
CA ILE A 101 13.99 -11.83 0.24
C ILE A 101 15.44 -12.25 0.06
N LYS A 102 15.77 -13.38 0.66
CA LYS A 102 17.12 -13.93 0.58
C LYS A 102 17.08 -15.35 0.03
N LEU A 103 17.83 -15.58 -1.05
CA LEU A 103 17.89 -16.89 -1.68
C LEU A 103 19.32 -17.39 -1.80
N ILE A 104 19.60 -18.51 -1.16
CA ILE A 104 20.93 -19.08 -1.19
C ILE A 104 21.04 -20.14 -2.28
N LYS A 105 22.21 -20.22 -2.90
CA LYS A 105 22.46 -21.19 -3.97
C LYS A 105 22.33 -22.62 -3.45
N GLY A 106 22.12 -23.55 -4.37
CA GLY A 106 21.99 -24.95 -4.00
C GLY A 106 22.69 -25.87 -4.98
N PRO A 107 22.30 -27.15 -5.03
CA PRO A 107 22.92 -28.12 -5.94
C PRO A 107 22.41 -27.97 -7.36
N LYS A 108 21.12 -27.76 -7.51
CA LYS A 108 20.53 -27.59 -8.82
C LYS A 108 20.50 -26.13 -9.22
N GLY A 109 21.36 -25.34 -8.58
CA GLY A 109 21.41 -23.92 -8.86
C GLY A 109 20.75 -23.14 -7.76
N LEU A 110 19.91 -22.19 -8.12
CA LEU A 110 19.21 -21.39 -7.12
C LEU A 110 17.94 -22.08 -6.67
N GLY A 111 17.36 -22.91 -7.54
CA GLY A 111 16.14 -23.61 -7.21
C GLY A 111 14.89 -22.83 -7.55
N PHE A 112 14.86 -22.23 -8.74
CA PHE A 112 13.72 -21.45 -9.18
C PHE A 112 13.90 -20.95 -10.61
N SER A 113 12.80 -20.85 -11.34
CA SER A 113 12.84 -20.38 -12.72
C SER A 113 12.27 -18.97 -12.81
N ILE A 114 13.10 -18.03 -13.23
CA ILE A 114 12.68 -16.64 -13.36
C ILE A 114 13.07 -16.08 -14.72
N ALA A 115 12.47 -14.96 -15.09
CA ALA A 115 12.77 -14.34 -16.37
C ALA A 115 12.33 -12.88 -16.41
N GLY A 116 13.27 -11.99 -16.73
CA GLY A 116 12.97 -10.58 -16.81
C GLY A 116 13.93 -9.86 -17.73
N GLY A 117 13.66 -8.58 -17.98
CA GLY A 117 14.54 -7.80 -18.83
C GLY A 117 13.83 -7.18 -20.01
N VAL A 118 14.55 -6.29 -20.70
CA VAL A 118 14.01 -5.60 -21.87
C VAL A 118 14.32 -6.37 -23.16
N GLY A 119 13.49 -6.16 -24.18
CA GLY A 119 13.70 -6.84 -25.45
C GLY A 119 13.29 -8.30 -25.40
N ASN A 120 12.69 -8.71 -24.29
CA ASN A 120 12.24 -10.09 -24.10
C ASN A 120 11.79 -10.31 -22.67
N GLN A 121 10.58 -9.85 -22.37
CA GLN A 121 10.03 -9.98 -21.03
C GLN A 121 9.19 -11.24 -20.90
N HIS A 122 9.55 -12.09 -19.95
CA HIS A 122 8.84 -13.33 -19.69
C HIS A 122 7.34 -13.08 -19.62
N ILE A 123 7.00 -11.89 -19.19
CA ILE A 123 5.62 -11.46 -19.04
C ILE A 123 5.17 -10.66 -20.27
N PRO A 124 3.88 -10.77 -20.64
CA PRO A 124 3.33 -10.06 -21.81
C PRO A 124 3.38 -8.53 -21.65
N GLY A 125 4.58 -7.97 -21.74
CA GLY A 125 4.74 -6.53 -21.62
C GLY A 125 5.11 -6.09 -20.21
N ASP A 126 6.26 -6.54 -19.73
CA ASP A 126 6.73 -6.17 -18.41
C ASP A 126 8.16 -6.68 -18.17
N ASN A 127 9.14 -5.85 -18.51
CA ASN A 127 10.54 -6.22 -18.34
C ASN A 127 10.85 -6.61 -16.90
N SER A 128 10.03 -6.14 -15.97
CA SER A 128 10.22 -6.44 -14.55
C SER A 128 10.46 -7.93 -14.33
N ILE A 129 11.60 -8.26 -13.71
CA ILE A 129 11.93 -9.65 -13.46
C ILE A 129 10.88 -10.34 -12.61
N TYR A 130 10.33 -11.43 -13.14
CA TYR A 130 9.29 -12.19 -12.47
C TYR A 130 9.73 -13.64 -12.25
N VAL A 131 8.93 -14.40 -11.53
CA VAL A 131 9.22 -15.80 -11.27
C VAL A 131 8.23 -16.69 -12.00
N THR A 132 8.72 -17.80 -12.53
CA THR A 132 7.86 -18.72 -13.29
C THR A 132 7.49 -19.95 -12.45
N LYS A 133 8.50 -20.71 -12.05
CA LYS A 133 8.26 -21.92 -11.26
C LYS A 133 9.45 -22.21 -10.33
N ILE A 134 9.14 -22.78 -9.17
CA ILE A 134 10.17 -23.13 -8.19
C ILE A 134 10.21 -24.63 -7.95
N ILE A 135 11.42 -25.16 -7.80
CA ILE A 135 11.59 -26.59 -7.55
C ILE A 135 11.39 -26.92 -6.08
N GLU A 136 11.39 -28.20 -5.74
CA GLU A 136 11.20 -28.64 -4.36
C GLU A 136 12.48 -29.27 -3.82
N GLY A 137 13.62 -28.74 -4.22
CA GLY A 137 14.89 -29.27 -3.77
C GLY A 137 15.25 -28.79 -2.37
N GLY A 138 14.77 -27.61 -2.01
CA GLY A 138 15.05 -27.07 -0.70
C GLY A 138 15.98 -25.87 -0.75
N ALA A 139 15.63 -24.89 -1.57
CA ALA A 139 16.43 -23.68 -1.71
C ALA A 139 15.56 -22.44 -1.66
N ALA A 140 15.00 -22.07 -2.81
CA ALA A 140 14.15 -20.88 -2.89
C ALA A 140 12.82 -21.11 -2.18
N HIS A 141 12.35 -22.35 -2.18
CA HIS A 141 11.10 -22.69 -1.53
C HIS A 141 11.12 -22.22 -0.07
N LYS A 142 12.12 -22.70 0.66
CA LYS A 142 12.28 -22.36 2.07
C LYS A 142 12.76 -20.92 2.27
N ASP A 143 13.83 -20.56 1.56
CA ASP A 143 14.39 -19.22 1.69
C ASP A 143 13.61 -18.19 0.87
N GLY A 144 13.54 -18.42 -0.42
CA GLY A 144 12.83 -17.52 -1.31
C GLY A 144 11.39 -17.28 -0.89
N ARG A 145 10.63 -18.37 -0.77
CA ARG A 145 9.22 -18.26 -0.39
C ARG A 145 8.46 -17.41 -1.40
N LEU A 146 9.01 -17.31 -2.61
CA LEU A 146 8.39 -16.54 -3.67
C LEU A 146 7.71 -17.46 -4.69
N GLN A 147 6.49 -17.87 -4.39
CA GLN A 147 5.74 -18.74 -5.27
C GLN A 147 5.53 -18.08 -6.63
N ILE A 148 5.10 -18.87 -7.62
CA ILE A 148 4.87 -18.36 -8.96
C ILE A 148 4.05 -17.08 -8.92
N GLY A 149 4.63 -16.03 -9.47
CA GLY A 149 3.95 -14.74 -9.50
C GLY A 149 4.77 -13.65 -8.84
N ASP A 150 5.72 -14.04 -8.00
CA ASP A 150 6.58 -13.09 -7.31
C ASP A 150 7.43 -12.31 -8.31
N LYS A 151 7.35 -10.98 -8.23
CA LYS A 151 8.10 -10.12 -9.13
C LYS A 151 9.26 -9.45 -8.41
N ILE A 152 10.46 -9.65 -8.92
CA ILE A 152 11.66 -9.04 -8.33
C ILE A 152 12.04 -7.78 -9.08
N LEU A 153 12.31 -6.72 -8.31
CA LEU A 153 12.70 -5.45 -8.90
C LEU A 153 14.21 -5.35 -9.02
N ALA A 154 14.92 -6.39 -8.56
CA ALA A 154 16.39 -6.42 -8.61
C ALA A 154 16.93 -7.34 -7.53
N VAL A 155 18.11 -7.90 -7.77
CA VAL A 155 18.75 -8.76 -6.78
C VAL A 155 19.86 -8.00 -6.09
N ASN A 156 19.57 -7.49 -4.90
CA ASN A 156 20.54 -6.68 -4.14
C ASN A 156 20.76 -5.36 -4.88
N SER A 157 21.22 -5.49 -6.12
CA SER A 157 21.46 -4.35 -6.98
C SER A 157 21.78 -4.85 -8.39
N VAL A 158 21.17 -5.97 -8.76
CA VAL A 158 21.40 -6.57 -10.07
C VAL A 158 20.10 -7.02 -10.74
N GLY A 159 20.10 -6.95 -12.06
CA GLY A 159 18.94 -7.32 -12.85
C GLY A 159 18.08 -6.11 -13.10
N LEU A 160 17.34 -5.74 -12.06
CA LEU A 160 16.46 -4.57 -12.07
C LEU A 160 15.87 -4.31 -13.45
N GLU A 161 15.60 -5.38 -14.18
CA GLU A 161 15.02 -5.30 -15.52
C GLU A 161 15.50 -4.05 -16.28
N ASP A 162 16.76 -3.71 -16.08
CA ASP A 162 17.34 -2.54 -16.73
C ASP A 162 18.46 -2.92 -17.68
N VAL A 163 18.31 -4.06 -18.36
CA VAL A 163 19.32 -4.52 -19.31
C VAL A 163 18.67 -5.33 -20.42
N MET A 164 18.42 -6.60 -20.16
CA MET A 164 17.81 -7.51 -21.12
C MET A 164 17.68 -8.88 -20.51
N HIS A 165 16.90 -9.74 -21.14
CA HIS A 165 16.71 -11.09 -20.63
C HIS A 165 18.05 -11.79 -20.41
N GLU A 166 18.99 -11.53 -21.31
CA GLU A 166 20.31 -12.13 -21.21
C GLU A 166 21.18 -11.54 -20.11
N ASP A 167 21.13 -10.22 -19.94
CA ASP A 167 21.94 -9.58 -18.91
C ASP A 167 21.35 -9.81 -17.53
N ALA A 168 20.02 -9.79 -17.45
CA ALA A 168 19.34 -10.00 -16.19
C ALA A 168 19.49 -11.46 -15.76
N VAL A 169 19.49 -12.36 -16.75
CA VAL A 169 19.62 -13.77 -16.47
C VAL A 169 21.05 -14.11 -16.08
N ALA A 170 22.01 -13.54 -16.81
CA ALA A 170 23.41 -13.78 -16.54
C ALA A 170 23.84 -13.08 -15.26
N ALA A 171 23.29 -11.89 -15.02
CA ALA A 171 23.64 -11.12 -13.84
C ALA A 171 22.98 -11.69 -12.58
N LEU A 172 21.85 -12.35 -12.76
CA LEU A 172 21.14 -12.96 -11.63
C LEU A 172 21.79 -14.29 -11.29
N LYS A 173 22.22 -15.01 -12.33
CA LYS A 173 22.88 -16.28 -12.14
C LYS A 173 24.28 -16.06 -11.58
N ASN A 174 24.83 -14.88 -11.87
CA ASN A 174 26.16 -14.52 -11.40
C ASN A 174 26.18 -14.27 -9.88
N THR A 175 24.98 -14.22 -9.29
CA THR A 175 24.84 -13.98 -7.86
C THR A 175 25.75 -14.90 -7.03
N TYR A 176 25.66 -14.75 -5.70
CA TYR A 176 26.48 -15.55 -4.79
C TYR A 176 25.64 -16.61 -4.08
N ASP A 177 26.32 -17.50 -3.37
CA ASP A 177 25.66 -18.58 -2.64
C ASP A 177 24.57 -18.08 -1.70
N VAL A 178 24.58 -16.79 -1.37
CA VAL A 178 23.59 -16.19 -0.48
C VAL A 178 23.32 -14.75 -0.87
N VAL A 179 22.32 -14.56 -1.73
CA VAL A 179 21.96 -13.22 -2.20
C VAL A 179 20.55 -12.82 -1.78
N TYR A 180 20.36 -11.53 -1.54
CA TYR A 180 19.06 -11.00 -1.15
C TYR A 180 18.48 -10.14 -2.26
N LEU A 181 17.27 -10.46 -2.68
CA LEU A 181 16.61 -9.72 -3.76
C LEU A 181 15.41 -8.93 -3.25
N LYS A 182 15.02 -7.90 -3.99
CA LYS A 182 13.89 -7.08 -3.62
C LYS A 182 12.65 -7.48 -4.41
N VAL A 183 11.61 -7.91 -3.72
CA VAL A 183 10.38 -8.33 -4.38
C VAL A 183 9.30 -7.25 -4.32
N ALA A 184 8.32 -7.35 -5.20
CA ALA A 184 7.23 -6.39 -5.25
C ALA A 184 5.88 -7.09 -5.17
N LYS A 185 4.99 -6.58 -4.32
CA LYS A 185 3.67 -7.16 -4.16
C LYS A 185 2.72 -6.62 -5.23
N PRO A 186 1.99 -7.52 -5.91
CA PRO A 186 1.05 -7.12 -6.97
C PRO A 186 -0.03 -6.18 -6.44
N SER A 187 -0.17 -5.03 -7.10
CA SER A 187 -1.16 -4.03 -6.70
C SER A 187 -2.55 -4.65 -6.61
N ASN A 188 -3.40 -4.04 -5.80
CA ASN A 188 -4.77 -4.50 -5.60
C ASN A 188 -4.83 -6.03 -5.49
N ALA A 189 -3.77 -6.62 -4.96
CA ALA A 189 -3.70 -8.06 -4.80
C ALA A 189 -3.79 -8.46 -3.33
N GLN B 1 -22.36 33.37 15.19
CA GLN B 1 -21.83 33.14 16.56
C GLN B 1 -20.73 32.09 16.56
N VAL B 2 -19.66 32.37 17.28
CA VAL B 2 -18.52 31.44 17.36
C VAL B 2 -17.86 31.27 16.01
N VAL B 3 -16.54 31.41 15.96
CA VAL B 3 -15.80 31.27 14.73
C VAL B 3 -15.65 29.80 14.33
N PRO B 4 -15.86 29.47 13.05
CA PRO B 4 -15.75 28.09 12.56
C PRO B 4 -14.31 27.60 12.53
N PHE B 5 -14.14 26.28 12.54
CA PHE B 5 -12.81 25.68 12.51
C PHE B 5 -12.58 24.95 11.19
N SER B 6 -11.31 24.77 10.84
CA SER B 6 -10.95 24.08 9.61
C SER B 6 -9.55 23.49 9.72
N SER B 7 -9.26 22.47 8.90
CA SER B 7 -7.96 21.81 8.91
C SER B 7 -7.71 21.14 10.26
N SER B 8 -6.76 21.67 11.04
CA SER B 8 -6.45 21.09 12.34
C SER B 8 -7.63 21.18 13.29
N VAL B 9 -8.03 20.04 13.85
CA VAL B 9 -9.16 19.99 14.78
C VAL B 9 -9.17 18.67 15.54
N GLN C 1 7.56 -24.76 -32.42
CA GLN C 1 6.98 -23.60 -33.17
C GLN C 1 6.91 -22.37 -32.27
N VAL C 2 7.91 -21.50 -32.39
CA VAL C 2 7.98 -20.26 -31.60
C VAL C 2 7.63 -20.53 -30.14
N VAL C 3 8.35 -21.45 -29.52
CA VAL C 3 8.11 -21.80 -28.12
C VAL C 3 9.25 -21.26 -27.23
N PRO C 4 9.06 -20.08 -26.63
CA PRO C 4 10.08 -19.46 -25.77
C PRO C 4 10.24 -20.22 -24.45
N PHE C 5 11.26 -19.87 -23.69
CA PHE C 5 11.53 -20.51 -22.41
C PHE C 5 12.17 -19.53 -21.43
N SER C 6 11.87 -19.71 -20.14
CA SER C 6 12.42 -18.85 -19.11
C SER C 6 13.82 -19.30 -18.71
N SER C 7 14.35 -18.75 -17.62
CA SER C 7 15.67 -19.11 -17.13
C SER C 7 15.58 -19.96 -15.88
N SER C 8 15.84 -21.26 -16.03
CA SER C 8 15.79 -22.18 -14.90
C SER C 8 17.08 -22.11 -14.09
N VAL C 9 17.07 -21.30 -13.04
CA VAL C 9 18.24 -21.15 -12.19
C VAL C 9 18.23 -22.17 -11.05
N MET A 1 -13.70 -3.94 2.55
CA MET A 1 -13.62 -2.90 3.61
C MET A 1 -14.55 -3.22 4.77
N GLU A 2 -14.04 -3.05 5.99
CA GLU A 2 -14.84 -3.32 7.19
C GLU A 2 -15.66 -2.10 7.60
N TYR A 3 -16.82 -2.34 8.17
CA TYR A 3 -17.71 -1.27 8.62
C TYR A 3 -17.94 -1.35 10.12
N GLU A 4 -18.22 -0.21 10.75
CA GLU A 4 -18.47 -0.18 12.18
C GLU A 4 -19.00 1.18 12.64
N GLU A 5 -19.64 1.20 13.80
CA GLU A 5 -20.20 2.44 14.36
C GLU A 5 -19.41 2.87 15.58
N ILE A 6 -19.13 4.16 15.69
CA ILE A 6 -18.38 4.69 16.82
C ILE A 6 -18.80 6.13 17.15
N THR A 7 -18.43 6.57 18.35
CA THR A 7 -18.76 7.91 18.83
C THR A 7 -17.51 8.68 19.19
N LEU A 8 -17.47 9.94 18.78
CA LEU A 8 -16.33 10.79 19.08
C LEU A 8 -16.79 12.08 19.74
N GLU A 9 -16.87 12.02 21.05
CA GLU A 9 -17.29 13.17 21.85
C GLU A 9 -16.17 14.20 21.93
N ARG A 10 -16.51 15.46 21.75
CA ARG A 10 -15.53 16.54 21.80
C ARG A 10 -14.81 16.55 23.14
N GLY A 11 -13.57 16.08 23.15
CA GLY A 11 -12.80 16.06 24.39
C GLY A 11 -12.87 17.39 25.11
N ASN A 12 -13.07 18.45 24.33
CA ASN A 12 -13.17 19.80 24.87
C ASN A 12 -13.52 20.77 23.76
N SER A 13 -12.52 21.14 22.94
CA SER A 13 -12.74 22.06 21.84
C SER A 13 -12.66 21.36 20.49
N GLY A 14 -13.04 20.09 20.44
CA GLY A 14 -12.98 19.37 19.18
C GLY A 14 -12.59 17.92 19.36
N LEU A 15 -12.56 17.20 18.26
CA LEU A 15 -12.22 15.78 18.27
C LEU A 15 -10.71 15.58 18.24
N GLY A 16 -10.05 16.24 17.29
CA GLY A 16 -8.60 16.14 17.19
C GLY A 16 -8.14 15.19 16.09
N PHE A 17 -8.33 15.60 14.84
CA PHE A 17 -7.90 14.79 13.70
C PHE A 17 -7.88 15.61 12.43
N SER A 18 -7.11 15.17 11.45
CA SER A 18 -7.00 15.87 10.17
C SER A 18 -7.60 15.04 9.05
N ILE A 19 -8.48 15.66 8.27
CA ILE A 19 -9.14 14.99 7.16
C ILE A 19 -8.77 15.62 5.82
N ALA A 20 -8.97 14.87 4.74
CA ALA A 20 -8.67 15.36 3.40
C ALA A 20 -9.40 14.55 2.34
N GLY A 21 -9.27 14.96 1.08
CA GLY A 21 -9.93 14.26 0.01
C GLY A 21 -11.24 14.90 -0.39
N GLY A 22 -12.30 14.09 -0.46
CA GLY A 22 -13.61 14.61 -0.82
C GLY A 22 -14.09 14.07 -2.16
N THR A 23 -15.40 13.90 -2.29
CA THR A 23 -15.99 13.39 -3.52
C THR A 23 -15.52 14.18 -4.74
N ASP A 24 -15.12 15.43 -4.52
CA ASP A 24 -14.65 16.28 -5.60
C ASP A 24 -13.16 16.15 -5.82
N ASN A 25 -12.40 16.18 -4.73
CA ASN A 25 -10.95 16.07 -4.80
C ASN A 25 -10.43 14.92 -3.95
N PRO A 26 -10.55 13.67 -4.46
CA PRO A 26 -10.07 12.49 -3.73
C PRO A 26 -8.65 12.65 -3.22
N HIS A 27 -8.43 12.26 -1.96
CA HIS A 27 -7.12 12.37 -1.34
C HIS A 27 -6.14 11.35 -1.92
N ILE A 28 -6.68 10.24 -2.44
CA ILE A 28 -5.85 9.19 -3.03
C ILE A 28 -6.03 9.14 -4.54
N GLY A 29 -7.20 9.55 -5.01
CA GLY A 29 -7.47 9.54 -6.44
C GLY A 29 -8.19 8.28 -6.89
N ASP A 30 -8.93 7.67 -5.97
CA ASP A 30 -9.67 6.45 -6.29
C ASP A 30 -10.67 6.13 -5.18
N ASP A 31 -11.19 7.17 -4.53
CA ASP A 31 -12.15 7.00 -3.46
C ASP A 31 -12.86 8.32 -3.15
N PRO A 32 -14.05 8.54 -3.73
CA PRO A 32 -14.82 9.77 -3.49
C PRO A 32 -15.06 10.02 -2.01
N SER A 33 -15.00 8.96 -1.22
CA SER A 33 -15.21 9.06 0.22
C SER A 33 -14.09 9.85 0.88
N ILE A 34 -14.32 10.27 2.12
CA ILE A 34 -13.33 11.03 2.86
C ILE A 34 -12.70 10.17 3.95
N PHE A 35 -11.41 10.39 4.22
CA PHE A 35 -10.69 9.64 5.23
C PHE A 35 -9.71 10.55 5.98
N ILE A 36 -9.46 10.22 7.23
CA ILE A 36 -8.54 11.01 8.05
C ILE A 36 -7.11 10.77 7.61
N THR A 37 -6.25 11.77 7.83
CA THR A 37 -4.85 11.65 7.45
C THR A 37 -3.96 11.39 8.66
N LYS A 38 -4.33 11.99 9.79
CA LYS A 38 -3.57 11.82 11.02
C LYS A 38 -4.30 12.38 12.23
N ILE A 39 -4.03 11.81 13.40
CA ILE A 39 -4.66 12.22 14.64
C ILE A 39 -3.63 12.75 15.63
N ILE A 40 -4.00 13.80 16.34
CA ILE A 40 -3.12 14.40 17.33
C ILE A 40 -3.25 13.70 18.68
N PRO A 41 -2.12 13.53 19.40
CA PRO A 41 -2.12 12.87 20.71
C PRO A 41 -2.70 13.75 21.80
N GLY A 42 -4.02 13.90 21.79
CA GLY A 42 -4.69 14.72 22.80
C GLY A 42 -6.18 14.77 22.60
N GLY A 43 -6.61 14.88 21.35
CA GLY A 43 -8.03 14.95 21.04
C GLY A 43 -8.79 13.73 21.55
N ALA A 44 -10.10 13.75 21.38
CA ALA A 44 -10.94 12.65 21.82
C ALA A 44 -10.84 11.45 20.89
N ALA A 45 -10.52 11.71 19.62
CA ALA A 45 -10.40 10.64 18.63
C ALA A 45 -9.55 9.48 19.16
N ALA A 46 -8.32 9.79 19.54
CA ALA A 46 -7.40 8.80 20.07
C ALA A 46 -7.93 8.18 21.36
N GLN A 47 -8.73 8.96 22.09
CA GLN A 47 -9.32 8.50 23.34
C GLN A 47 -10.40 7.49 23.05
N ASP A 48 -11.14 7.74 21.96
CA ASP A 48 -12.20 6.87 21.55
C ASP A 48 -11.63 5.69 20.75
N GLY A 49 -10.48 5.92 20.13
CA GLY A 49 -9.83 4.88 19.36
C GLY A 49 -10.43 4.75 17.97
N ARG A 50 -10.53 5.87 17.26
CA ARG A 50 -11.09 5.88 15.91
C ARG A 50 -10.18 5.16 14.91
N LEU A 51 -9.64 4.01 15.31
CA LEU A 51 -8.77 3.20 14.46
C LEU A 51 -7.90 4.04 13.53
N ARG A 52 -7.50 3.47 12.39
CA ARG A 52 -6.66 4.16 11.43
C ARG A 52 -7.37 5.38 10.85
N VAL A 53 -6.58 6.38 10.48
CA VAL A 53 -7.11 7.61 9.92
C VAL A 53 -7.64 7.39 8.50
N ASN A 54 -6.91 6.58 7.74
CA ASN A 54 -7.27 6.27 6.35
C ASN A 54 -8.72 5.79 6.23
N ASP A 55 -9.35 5.43 7.34
CA ASP A 55 -10.73 4.96 7.30
C ASP A 55 -11.64 6.07 6.79
N SER A 56 -12.79 5.71 6.25
CA SER A 56 -13.72 6.70 5.71
C SER A 56 -15.08 6.60 6.38
N ILE A 57 -15.54 7.72 6.94
CA ILE A 57 -16.82 7.76 7.61
C ILE A 57 -17.95 7.47 6.61
N LEU A 58 -18.36 6.20 6.55
CA LEU A 58 -19.42 5.81 5.64
C LEU A 58 -20.72 6.54 5.97
N PHE A 59 -20.83 6.99 7.23
CA PHE A 59 -22.01 7.72 7.68
C PHE A 59 -21.71 8.56 8.91
N VAL A 60 -22.02 9.84 8.84
CA VAL A 60 -21.78 10.75 9.97
C VAL A 60 -23.06 11.43 10.40
N ASN A 61 -23.30 11.45 11.72
CA ASN A 61 -24.49 12.08 12.29
C ASN A 61 -25.75 11.69 11.50
N GLU A 62 -25.76 10.46 10.99
CA GLU A 62 -26.90 9.97 10.21
C GLU A 62 -27.02 10.72 8.89
N VAL A 63 -25.88 11.13 8.34
CA VAL A 63 -25.85 11.86 7.08
C VAL A 63 -25.03 11.12 6.04
N ASP A 64 -25.49 11.15 4.78
CA ASP A 64 -24.80 10.49 3.69
C ASP A 64 -23.47 11.18 3.39
N VAL A 65 -22.39 10.62 3.91
CA VAL A 65 -21.06 11.18 3.70
C VAL A 65 -20.07 10.11 3.24
N ARG A 66 -20.55 9.21 2.39
CA ARG A 66 -19.71 8.14 1.86
C ARG A 66 -19.29 8.43 0.43
N GLU A 67 -19.50 9.67 -0.02
CA GLU A 67 -19.15 10.08 -1.37
C GLU A 67 -19.44 11.56 -1.56
N VAL A 68 -19.16 12.35 -0.54
CA VAL A 68 -19.39 13.79 -0.59
C VAL A 68 -18.08 14.56 -0.48
N THR A 69 -18.02 15.69 -1.17
CA THR A 69 -16.82 16.54 -1.18
C THR A 69 -16.33 16.83 0.24
N HIS A 70 -15.07 17.25 0.32
CA HIS A 70 -14.45 17.56 1.60
C HIS A 70 -15.25 18.59 2.39
N SER A 71 -15.63 19.67 1.73
CA SER A 71 -16.39 20.74 2.37
C SER A 71 -17.59 20.18 3.14
N ALA A 72 -18.28 19.22 2.52
CA ALA A 72 -19.45 18.60 3.14
C ALA A 72 -19.06 17.89 4.43
N ALA A 73 -17.85 17.33 4.44
CA ALA A 73 -17.35 16.63 5.62
C ALA A 73 -17.02 17.64 6.69
N VAL A 74 -16.43 18.75 6.27
CA VAL A 74 -16.07 19.81 7.20
C VAL A 74 -17.33 20.40 7.82
N GLU A 75 -18.38 20.45 7.02
CA GLU A 75 -19.66 20.98 7.47
C GLU A 75 -20.31 20.03 8.48
N ALA A 76 -20.10 18.74 8.29
CA ALA A 76 -20.65 17.72 9.18
C ALA A 76 -19.98 17.78 10.53
N LEU A 77 -18.67 17.93 10.50
CA LEU A 77 -17.87 18.02 11.72
C LEU A 77 -18.02 19.40 12.32
N LYS A 78 -18.33 20.37 11.45
CA LYS A 78 -18.53 21.74 11.87
C LYS A 78 -19.83 21.84 12.63
N GLU A 79 -20.86 21.18 12.11
CA GLU A 79 -22.16 21.17 12.75
C GLU A 79 -22.40 19.84 13.44
N ALA A 80 -21.32 19.23 13.90
CA ALA A 80 -21.39 17.94 14.58
C ALA A 80 -21.71 18.09 16.06
N GLY A 81 -21.34 19.23 16.63
CA GLY A 81 -21.59 19.47 18.04
C GLY A 81 -20.44 19.05 18.93
N SER A 82 -20.71 18.13 19.86
CA SER A 82 -19.68 17.64 20.78
C SER A 82 -19.78 16.13 20.97
N ILE A 83 -20.61 15.47 20.17
CA ILE A 83 -20.80 14.03 20.25
C ILE A 83 -21.20 13.49 18.88
N VAL A 84 -20.21 13.04 18.12
CA VAL A 84 -20.47 12.53 16.77
C VAL A 84 -20.64 11.02 16.74
N ARG A 85 -21.84 10.59 16.35
CA ARG A 85 -22.15 9.16 16.23
C ARG A 85 -22.11 8.80 14.74
N LEU A 86 -20.94 8.38 14.28
CA LEU A 86 -20.76 8.06 12.87
C LEU A 86 -20.31 6.63 12.63
N TYR A 87 -20.63 6.12 11.46
CA TYR A 87 -20.25 4.78 11.06
C TYR A 87 -19.11 4.90 10.04
N VAL A 88 -17.96 4.33 10.36
CA VAL A 88 -16.81 4.43 9.46
C VAL A 88 -16.56 3.14 8.71
N MET A 89 -15.70 3.22 7.70
CA MET A 89 -15.34 2.07 6.88
C MET A 89 -13.83 1.96 6.77
N ARG A 90 -13.27 0.94 7.42
CA ARG A 90 -11.84 0.72 7.40
C ARG A 90 -11.51 -0.66 6.83
N ARG A 91 -10.46 -0.73 6.03
CA ARG A 91 -10.05 -1.98 5.42
C ARG A 91 -9.58 -2.98 6.47
N LYS A 92 -10.20 -4.16 6.48
CA LYS A 92 -9.84 -5.21 7.43
C LYS A 92 -8.47 -5.80 7.10
N PRO A 93 -7.99 -6.75 7.90
CA PRO A 93 -6.69 -7.39 7.68
C PRO A 93 -6.53 -7.87 6.23
N PRO A 94 -5.74 -7.14 5.42
CA PRO A 94 -5.51 -7.49 4.01
C PRO A 94 -4.87 -8.86 3.86
N ALA A 95 -4.19 -9.08 2.74
CA ALA A 95 -3.55 -10.35 2.47
C ALA A 95 -2.13 -10.16 1.96
N GLU A 96 -1.50 -9.06 2.37
CA GLU A 96 -0.13 -8.77 1.97
C GLU A 96 0.87 -9.54 2.83
N LYS A 97 1.22 -10.73 2.38
CA LYS A 97 2.16 -11.58 3.11
C LYS A 97 3.55 -11.53 2.48
N VAL A 98 4.46 -12.33 3.02
CA VAL A 98 5.83 -12.38 2.51
C VAL A 98 6.29 -13.81 2.30
N MET A 99 6.50 -14.19 1.04
CA MET A 99 6.94 -15.53 0.69
C MET A 99 8.46 -15.65 0.74
N GLU A 100 8.93 -16.89 0.72
CA GLU A 100 10.37 -17.18 0.75
C GLU A 100 10.68 -18.23 -0.30
N ILE A 101 11.31 -17.80 -1.37
CA ILE A 101 11.62 -18.68 -2.48
C ILE A 101 13.12 -18.89 -2.67
N LYS A 102 13.45 -20.02 -3.28
CA LYS A 102 14.83 -20.39 -3.55
C LYS A 102 14.95 -20.91 -4.97
N LEU A 103 15.82 -20.28 -5.75
CA LEU A 103 16.02 -20.68 -7.14
C LEU A 103 17.47 -21.01 -7.40
N ILE A 104 17.72 -22.26 -7.78
CA ILE A 104 19.07 -22.70 -8.05
C ILE A 104 19.37 -22.58 -9.54
N LYS A 105 20.61 -22.23 -9.85
CA LYS A 105 21.03 -22.07 -11.25
C LYS A 105 20.79 -23.35 -12.05
N GLY A 106 20.37 -23.19 -13.29
CA GLY A 106 20.11 -24.33 -14.14
C GLY A 106 20.90 -24.25 -15.44
N PRO A 107 20.53 -25.06 -16.44
CA PRO A 107 21.23 -25.06 -17.73
C PRO A 107 20.89 -23.84 -18.57
N LYS A 108 19.61 -23.49 -18.61
CA LYS A 108 19.19 -22.32 -19.36
C LYS A 108 19.15 -21.10 -18.45
N GLY A 109 19.89 -21.19 -17.35
CA GLY A 109 19.93 -20.09 -16.41
C GLY A 109 19.08 -20.39 -15.20
N LEU A 110 18.41 -19.37 -14.68
CA LEU A 110 17.56 -19.57 -13.53
C LEU A 110 16.16 -20.01 -13.95
N GLY A 111 15.80 -19.73 -15.19
CA GLY A 111 14.50 -20.12 -15.71
C GLY A 111 13.38 -19.17 -15.31
N PHE A 112 13.61 -17.87 -15.48
CA PHE A 112 12.61 -16.86 -15.15
C PHE A 112 13.10 -15.46 -15.48
N SER A 113 12.18 -14.55 -15.75
CA SER A 113 12.53 -13.17 -16.08
C SER A 113 11.99 -12.19 -15.05
N ILE A 114 12.88 -11.39 -14.48
CA ILE A 114 12.51 -10.41 -13.48
C ILE A 114 13.30 -9.12 -13.67
N ALA A 115 12.76 -8.02 -13.14
CA ALA A 115 13.44 -6.73 -13.27
C ALA A 115 12.95 -5.73 -12.22
N GLY A 116 13.90 -5.17 -11.46
CA GLY A 116 13.56 -4.20 -10.44
C GLY A 116 14.70 -3.25 -10.14
N GLY A 117 14.51 -2.39 -9.14
CA GLY A 117 15.56 -1.46 -8.75
C GLY A 117 15.72 -0.31 -9.73
N VAL A 118 16.67 0.57 -9.43
CA VAL A 118 16.94 1.73 -10.27
C VAL A 118 17.60 1.31 -11.58
N GLY A 119 17.35 2.10 -12.63
CA GLY A 119 17.91 1.78 -13.94
C GLY A 119 17.01 0.88 -14.75
N ASN A 120 16.09 0.20 -14.08
CA ASN A 120 15.15 -0.71 -14.73
C ASN A 120 14.22 -1.32 -13.69
N GLN A 121 13.32 -0.50 -13.16
CA GLN A 121 12.37 -0.96 -12.15
C GLN A 121 11.31 -1.87 -12.76
N HIS A 122 11.31 -1.99 -14.08
CA HIS A 122 10.33 -2.83 -14.78
C HIS A 122 8.95 -2.21 -14.74
N ILE A 123 8.48 -1.96 -13.54
CA ILE A 123 7.17 -1.37 -13.30
C ILE A 123 7.26 0.15 -13.35
N PRO A 124 6.32 0.81 -14.04
CA PRO A 124 6.30 2.27 -14.16
C PRO A 124 5.85 2.96 -12.86
N GLY A 125 6.75 3.03 -11.90
CA GLY A 125 6.43 3.66 -10.64
C GLY A 125 6.46 2.69 -9.46
N ASP A 126 7.51 1.89 -9.38
CA ASP A 126 7.64 0.92 -8.30
C ASP A 126 9.00 0.25 -8.34
N ASN A 127 9.94 0.76 -7.54
CA ASN A 127 11.29 0.21 -7.49
C ASN A 127 11.27 -1.27 -7.10
N SER A 128 10.19 -1.71 -6.46
CA SER A 128 10.07 -3.10 -6.04
C SER A 128 10.26 -4.05 -7.22
N ILE A 129 11.13 -5.04 -7.05
CA ILE A 129 11.39 -6.00 -8.11
C ILE A 129 10.17 -6.86 -8.41
N TYR A 130 9.83 -6.97 -9.69
CA TYR A 130 8.68 -7.75 -10.13
C TYR A 130 9.12 -8.80 -11.15
N VAL A 131 8.25 -9.77 -11.43
CA VAL A 131 8.56 -10.80 -12.40
C VAL A 131 7.87 -10.51 -13.73
N THR A 132 8.42 -11.04 -14.81
CA THR A 132 7.85 -10.81 -16.14
C THR A 132 7.34 -12.12 -16.74
N LYS A 133 8.22 -13.09 -16.91
CA LYS A 133 7.85 -14.36 -17.49
C LYS A 133 8.69 -15.50 -16.92
N ILE A 134 8.10 -16.68 -16.83
CA ILE A 134 8.79 -17.85 -16.30
C ILE A 134 8.61 -19.06 -17.22
N ILE A 135 9.68 -19.85 -17.37
CA ILE A 135 9.62 -21.04 -18.22
C ILE A 135 8.95 -22.19 -17.49
N GLU A 136 8.74 -23.29 -18.20
CA GLU A 136 8.10 -24.46 -17.62
C GLU A 136 9.14 -25.44 -17.09
N GLY A 137 8.75 -26.20 -16.06
CA GLY A 137 9.66 -27.17 -15.46
C GLY A 137 10.95 -26.53 -14.98
N GLY A 138 10.88 -25.25 -14.66
CA GLY A 138 12.06 -24.54 -14.18
C GLY A 138 12.38 -24.86 -12.73
N ALA A 139 13.28 -24.09 -12.14
CA ALA A 139 13.67 -24.30 -10.75
C ALA A 139 12.71 -23.59 -9.79
N ALA A 140 12.66 -22.28 -9.91
CA ALA A 140 11.78 -21.47 -9.06
C ALA A 140 10.32 -21.69 -9.41
N HIS A 141 10.05 -21.95 -10.69
CA HIS A 141 8.68 -22.18 -11.15
C HIS A 141 8.05 -23.35 -10.40
N LYS A 142 8.79 -24.46 -10.34
CA LYS A 142 8.30 -25.66 -9.68
C LYS A 142 8.31 -25.51 -8.16
N ASP A 143 9.42 -25.04 -7.61
CA ASP A 143 9.56 -24.88 -6.17
C ASP A 143 8.90 -23.59 -5.69
N GLY A 144 9.37 -22.47 -6.20
CA GLY A 144 8.82 -21.18 -5.82
C GLY A 144 7.36 -21.02 -6.18
N ARG A 145 6.95 -21.61 -7.29
CA ARG A 145 5.57 -21.54 -7.75
C ARG A 145 5.20 -20.11 -8.16
N LEU A 146 6.21 -19.26 -8.34
CA LEU A 146 5.99 -17.88 -8.74
C LEU A 146 5.58 -17.80 -10.20
N GLN A 147 4.71 -16.86 -10.51
CA GLN A 147 4.23 -16.66 -11.87
C GLN A 147 4.20 -15.18 -12.21
N ILE A 148 3.94 -14.86 -13.47
CA ILE A 148 3.88 -13.46 -13.89
C ILE A 148 3.00 -12.66 -12.96
N GLY A 149 3.66 -11.98 -12.05
CA GLY A 149 2.97 -11.18 -11.06
C GLY A 149 3.66 -11.25 -9.71
N ASP A 150 4.49 -12.28 -9.54
CA ASP A 150 5.22 -12.46 -8.28
C ASP A 150 6.23 -11.32 -8.11
N LYS A 151 6.08 -10.56 -7.03
CA LYS A 151 6.97 -9.43 -6.78
C LYS A 151 7.97 -9.75 -5.67
N ILE A 152 9.25 -9.69 -6.01
CA ILE A 152 10.29 -9.96 -5.04
C ILE A 152 10.76 -8.67 -4.39
N LEU A 153 10.80 -8.68 -3.07
CA LEU A 153 11.23 -7.50 -2.32
C LEU A 153 12.75 -7.49 -2.15
N ALA A 154 13.43 -8.52 -2.67
CA ALA A 154 14.89 -8.62 -2.56
C ALA A 154 15.36 -10.02 -2.94
N VAL A 155 16.59 -10.14 -3.40
CA VAL A 155 17.16 -11.44 -3.71
C VAL A 155 18.20 -11.77 -2.66
N ASN A 156 17.80 -12.60 -1.71
CA ASN A 156 18.67 -12.96 -0.59
C ASN A 156 18.77 -11.76 0.34
N SER A 157 19.26 -10.66 -0.21
CA SER A 157 19.39 -9.40 0.51
C SER A 157 19.76 -8.26 -0.45
N VAL A 158 19.43 -8.44 -1.73
CA VAL A 158 19.73 -7.45 -2.77
C VAL A 158 18.54 -7.23 -3.70
N GLY A 159 18.47 -6.05 -4.32
CA GLY A 159 17.37 -5.77 -5.23
C GLY A 159 16.20 -5.15 -4.50
N LEU A 160 16.31 -5.10 -3.19
CA LEU A 160 15.30 -4.53 -2.30
C LEU A 160 15.21 -3.02 -2.46
N GLU A 161 15.63 -2.53 -3.62
CA GLU A 161 15.59 -1.10 -3.91
C GLU A 161 16.64 -0.35 -3.10
N ASP A 162 17.89 -0.80 -3.21
CA ASP A 162 18.98 -0.15 -2.49
C ASP A 162 20.29 -0.31 -3.26
N VAL A 163 20.18 -0.45 -4.58
CA VAL A 163 21.36 -0.60 -5.43
C VAL A 163 21.06 -0.18 -6.87
N MET A 164 20.48 -1.11 -7.63
CA MET A 164 20.13 -0.87 -9.02
C MET A 164 19.80 -2.20 -9.70
N HIS A 165 19.13 -2.14 -10.83
CA HIS A 165 18.77 -3.36 -11.55
C HIS A 165 20.01 -4.20 -11.80
N GLU A 166 21.16 -3.54 -11.94
CA GLU A 166 22.42 -4.21 -12.19
C GLU A 166 22.95 -4.91 -10.94
N ASP A 167 22.83 -4.27 -9.78
CA ASP A 167 23.31 -4.86 -8.54
C ASP A 167 22.35 -5.93 -8.06
N ALA A 168 21.06 -5.71 -8.31
CA ALA A 168 20.04 -6.67 -7.93
C ALA A 168 20.16 -7.91 -8.81
N VAL A 169 20.47 -7.68 -10.07
CA VAL A 169 20.65 -8.76 -11.03
C VAL A 169 21.96 -9.49 -10.78
N ALA A 170 23.01 -8.72 -10.52
CA ALA A 170 24.32 -9.29 -10.25
C ALA A 170 24.33 -9.96 -8.88
N ALA A 171 23.46 -9.48 -8.00
CA ALA A 171 23.35 -10.03 -6.66
C ALA A 171 22.71 -11.41 -6.67
N LEU A 172 21.64 -11.54 -7.45
CA LEU A 172 20.95 -12.80 -7.58
C LEU A 172 21.87 -13.78 -8.29
N LYS A 173 22.62 -13.25 -9.24
CA LYS A 173 23.58 -14.04 -9.99
C LYS A 173 24.80 -14.31 -9.11
N ASN A 174 25.03 -13.41 -8.16
CA ASN A 174 26.18 -13.54 -7.25
C ASN A 174 26.16 -14.88 -6.52
N THR A 175 25.01 -15.23 -5.95
CA THR A 175 24.86 -16.48 -5.22
C THR A 175 25.48 -17.64 -6.01
N TYR A 176 25.07 -17.76 -7.26
CA TYR A 176 25.59 -18.79 -8.15
C TYR A 176 25.18 -20.20 -7.73
N ASP A 177 24.26 -20.79 -8.49
CA ASP A 177 23.80 -22.16 -8.26
C ASP A 177 22.73 -22.25 -7.17
N VAL A 178 22.69 -21.28 -6.28
CA VAL A 178 21.71 -21.30 -5.20
C VAL A 178 21.32 -19.88 -4.78
N VAL A 179 20.24 -19.37 -5.36
CA VAL A 179 19.76 -18.05 -5.03
C VAL A 179 18.48 -18.12 -4.21
N TYR A 180 18.30 -17.13 -3.35
CA TYR A 180 17.13 -17.05 -2.51
C TYR A 180 16.46 -15.71 -2.74
N LEU A 181 15.14 -15.71 -2.87
CA LEU A 181 14.41 -14.46 -3.11
C LEU A 181 13.21 -14.35 -2.19
N LYS A 182 13.02 -13.15 -1.64
CA LYS A 182 11.88 -12.90 -0.76
C LYS A 182 10.75 -12.27 -1.56
N VAL A 183 9.65 -13.00 -1.70
CA VAL A 183 8.51 -12.51 -2.47
C VAL A 183 7.41 -11.99 -1.56
N ALA A 184 6.50 -11.22 -2.15
CA ALA A 184 5.39 -10.64 -1.40
C ALA A 184 4.09 -10.71 -2.19
N LYS A 185 3.02 -11.14 -1.53
CA LYS A 185 1.73 -11.26 -2.18
C LYS A 185 1.00 -9.91 -2.18
N PRO A 186 0.38 -9.54 -3.32
CA PRO A 186 -0.34 -8.27 -3.44
C PRO A 186 -1.33 -8.05 -2.30
N SER A 187 -1.19 -6.92 -1.62
CA SER A 187 -2.07 -6.58 -0.50
C SER A 187 -3.53 -6.68 -0.92
N ASN A 188 -4.41 -6.83 0.07
CA ASN A 188 -5.84 -6.93 -0.17
C ASN A 188 -6.14 -7.95 -1.27
N ALA A 189 -5.29 -8.97 -1.37
CA ALA A 189 -5.46 -10.01 -2.37
C ALA A 189 -5.44 -9.43 -3.77
N GLN B 1 2.18 32.20 7.21
CA GLN B 1 3.03 31.14 6.61
C GLN B 1 2.22 29.88 6.33
N VAL B 2 2.64 29.13 5.33
CA VAL B 2 1.95 27.89 4.96
C VAL B 2 2.45 26.72 5.80
N VAL B 3 1.51 25.92 6.30
CA VAL B 3 1.85 24.76 7.11
C VAL B 3 0.73 23.71 7.08
N PRO B 4 -0.48 24.05 7.57
CA PRO B 4 -1.61 23.11 7.57
C PRO B 4 -2.06 22.75 6.17
N PHE B 5 -2.02 21.45 5.85
CA PHE B 5 -2.43 20.97 4.54
C PHE B 5 -3.58 19.97 4.65
N SER B 6 -4.42 20.17 5.67
CA SER B 6 -5.57 19.29 5.90
C SER B 6 -6.58 19.95 6.81
N SER B 7 -7.69 19.27 7.06
CA SER B 7 -8.74 19.79 7.93
C SER B 7 -8.58 19.27 9.35
N SER B 8 -7.79 19.98 10.15
CA SER B 8 -7.55 19.59 11.54
C SER B 8 -8.64 20.15 12.45
N VAL B 9 -9.38 19.24 13.11
CA VAL B 9 -10.45 19.64 14.00
C VAL B 9 -10.92 18.45 14.85
N GLN C 1 16.69 0.47 -31.80
CA GLN C 1 16.35 -0.97 -31.71
C GLN C 1 15.50 -1.25 -30.47
N VAL C 2 14.78 -2.37 -30.49
CA VAL C 2 13.94 -2.76 -29.38
C VAL C 2 14.76 -3.36 -28.24
N VAL C 3 14.88 -2.62 -27.15
CA VAL C 3 15.63 -3.09 -25.99
C VAL C 3 14.75 -3.88 -25.04
N PRO C 4 15.34 -4.86 -24.32
CA PRO C 4 14.60 -5.69 -23.36
C PRO C 4 14.17 -4.90 -22.12
N PHE C 5 12.93 -5.11 -21.70
CA PHE C 5 12.39 -4.43 -20.53
C PHE C 5 12.36 -5.36 -19.32
N SER C 6 13.32 -6.27 -19.26
CA SER C 6 13.40 -7.23 -18.15
C SER C 6 14.66 -8.08 -18.25
N SER C 7 15.01 -8.74 -17.15
CA SER C 7 16.20 -9.57 -17.12
C SER C 7 15.83 -11.05 -17.29
N SER C 8 16.09 -11.59 -18.48
CA SER C 8 15.78 -12.99 -18.75
C SER C 8 16.93 -13.90 -18.33
N VAL C 9 16.75 -14.58 -17.20
CA VAL C 9 17.77 -15.47 -16.68
C VAL C 9 17.22 -16.89 -16.53
N MET A 1 -2.91 12.78 -2.65
CA MET A 1 -4.14 12.65 -1.83
C MET A 1 -5.39 12.82 -2.69
N GLU A 2 -6.48 12.18 -2.27
CA GLU A 2 -7.74 12.26 -3.01
C GLU A 2 -8.79 13.06 -2.22
N TYR A 3 -9.68 13.72 -2.96
CA TYR A 3 -10.74 14.52 -2.33
C TYR A 3 -12.07 13.79 -2.41
N GLU A 4 -13.11 14.41 -1.85
CA GLU A 4 -14.44 13.81 -1.87
C GLU A 4 -15.50 14.79 -1.36
N GLU A 5 -16.74 14.58 -1.79
CA GLU A 5 -17.86 15.44 -1.39
C GLU A 5 -19.16 14.64 -1.41
N ILE A 6 -19.61 14.20 -0.23
CA ILE A 6 -20.81 13.40 -0.13
C ILE A 6 -21.82 14.02 0.85
N THR A 7 -22.87 13.26 1.13
CA THR A 7 -23.93 13.68 2.05
C THR A 7 -24.25 12.54 3.00
N LEU A 8 -24.18 12.83 4.29
CA LEU A 8 -24.46 11.82 5.30
C LEU A 8 -25.67 12.20 6.12
N GLU A 9 -26.81 11.68 5.70
CA GLU A 9 -28.08 11.92 6.37
C GLU A 9 -28.11 11.21 7.73
N ARG A 10 -28.70 11.87 8.72
CA ARG A 10 -28.79 11.30 10.06
C ARG A 10 -29.62 10.02 10.06
N GLY A 11 -28.95 8.87 10.08
CA GLY A 11 -29.66 7.60 10.09
C GLY A 11 -30.73 7.57 11.15
N ASN A 12 -30.52 8.38 12.20
CA ASN A 12 -31.46 8.47 13.30
C ASN A 12 -31.05 9.60 14.24
N SER A 13 -30.15 9.30 15.17
CA SER A 13 -29.67 10.28 16.13
C SER A 13 -28.23 10.69 15.85
N GLY A 14 -27.82 10.66 14.58
CA GLY A 14 -26.46 11.03 14.25
C GLY A 14 -25.89 10.19 13.13
N LEU A 15 -24.65 10.46 12.77
CA LEU A 15 -23.99 9.76 11.70
C LEU A 15 -23.37 8.45 12.18
N GLY A 16 -22.61 8.52 13.27
CA GLY A 16 -22.00 7.33 13.83
C GLY A 16 -20.50 7.23 13.62
N PHE A 17 -19.82 8.37 13.56
CA PHE A 17 -18.37 8.37 13.38
C PHE A 17 -17.69 9.13 14.51
N SER A 18 -16.49 8.70 14.86
CA SER A 18 -15.73 9.33 15.95
C SER A 18 -14.55 10.14 15.40
N ILE A 19 -14.48 11.40 15.80
CA ILE A 19 -13.41 12.28 15.37
C ILE A 19 -12.43 12.54 16.51
N ALA A 20 -11.32 13.20 16.19
CA ALA A 20 -10.31 13.50 17.20
C ALA A 20 -9.27 14.48 16.65
N GLY A 21 -8.86 15.43 17.50
CA GLY A 21 -7.88 16.41 17.08
C GLY A 21 -8.27 17.82 17.48
N GLY A 22 -8.37 18.70 16.49
CA GLY A 22 -8.73 20.08 16.77
C GLY A 22 -7.60 21.04 16.44
N THR A 23 -7.96 22.18 15.86
CA THR A 23 -6.97 23.19 15.49
C THR A 23 -6.09 23.58 16.69
N ASP A 24 -6.59 23.34 17.90
CA ASP A 24 -5.84 23.67 19.11
C ASP A 24 -4.83 22.58 19.44
N ASN A 25 -5.32 21.36 19.60
CA ASN A 25 -4.46 20.23 19.93
C ASN A 25 -4.60 19.11 18.90
N PRO A 26 -3.83 19.18 17.80
CA PRO A 26 -3.86 18.15 16.75
C PRO A 26 -3.79 16.74 17.30
N HIS A 27 -4.72 15.88 16.85
CA HIS A 27 -4.75 14.49 17.30
C HIS A 27 -3.48 13.75 16.93
N ILE A 28 -2.75 14.28 15.95
CA ILE A 28 -1.50 13.66 15.50
C ILE A 28 -0.30 14.45 15.99
N GLY A 29 -0.41 15.78 15.90
CA GLY A 29 0.67 16.64 16.34
C GLY A 29 1.35 17.35 15.19
N ASP A 30 0.62 17.51 14.09
CA ASP A 30 1.16 18.18 12.91
C ASP A 30 0.09 18.30 11.82
N ASP A 31 -1.14 18.56 12.23
CA ASP A 31 -2.24 18.69 11.29
C ASP A 31 -3.39 19.49 11.91
N PRO A 32 -3.48 20.80 11.61
CA PRO A 32 -4.53 21.65 12.15
C PRO A 32 -5.92 21.12 11.83
N SER A 33 -6.04 20.43 10.70
CA SER A 33 -7.31 19.87 10.28
C SER A 33 -7.70 18.69 11.16
N ILE A 34 -8.97 18.29 11.09
CA ILE A 34 -9.46 17.18 11.90
C ILE A 34 -9.75 15.96 11.03
N PHE A 35 -9.71 14.78 11.65
CA PHE A 35 -9.96 13.53 10.93
C PHE A 35 -10.75 12.57 11.81
N ILE A 36 -11.28 11.51 11.20
CA ILE A 36 -12.05 10.51 11.92
C ILE A 36 -11.17 9.33 12.30
N THR A 37 -11.55 8.62 13.37
CA THR A 37 -10.77 7.48 13.82
C THR A 37 -11.47 6.16 13.53
N LYS A 38 -12.78 6.12 13.78
CA LYS A 38 -13.56 4.91 13.54
C LYS A 38 -15.05 5.19 13.53
N ILE A 39 -15.79 4.38 12.78
CA ILE A 39 -17.24 4.52 12.67
C ILE A 39 -17.95 3.38 13.39
N ILE A 40 -19.05 3.70 14.04
CA ILE A 40 -19.83 2.71 14.77
C ILE A 40 -20.79 1.96 13.85
N PRO A 41 -20.77 0.62 13.86
CA PRO A 41 -21.65 -0.19 13.01
C PRO A 41 -23.12 -0.03 13.39
N GLY A 42 -23.65 1.17 13.16
CA GLY A 42 -25.04 1.43 13.49
C GLY A 42 -25.55 2.71 12.87
N GLY A 43 -24.82 3.80 13.10
CA GLY A 43 -25.21 5.09 12.54
C GLY A 43 -25.26 5.07 11.02
N ALA A 44 -25.58 6.22 10.43
CA ALA A 44 -25.67 6.33 8.98
C ALA A 44 -24.27 6.39 8.34
N ALA A 45 -23.27 6.76 9.13
CA ALA A 45 -21.90 6.84 8.63
C ALA A 45 -21.42 5.50 8.10
N ALA A 46 -21.45 4.50 8.96
CA ALA A 46 -21.03 3.15 8.58
C ALA A 46 -21.92 2.59 7.49
N GLN A 47 -23.17 3.05 7.46
CA GLN A 47 -24.13 2.61 6.47
C GLN A 47 -23.78 3.21 5.13
N ASP A 48 -23.43 4.49 5.14
CA ASP A 48 -23.05 5.17 3.93
C ASP A 48 -21.66 4.73 3.50
N GLY A 49 -20.82 4.39 4.50
CA GLY A 49 -19.46 3.94 4.24
C GLY A 49 -18.91 4.42 2.90
N ARG A 50 -19.05 5.71 2.63
CA ARG A 50 -18.59 6.28 1.38
C ARG A 50 -17.20 6.91 1.53
N LEU A 51 -16.48 6.52 2.58
CA LEU A 51 -15.14 7.05 2.81
C LEU A 51 -14.45 6.38 4.00
N ARG A 52 -13.22 6.82 4.26
CA ARG A 52 -12.45 6.29 5.38
C ARG A 52 -12.40 7.29 6.52
N VAL A 53 -12.23 6.79 7.75
CA VAL A 53 -12.19 7.64 8.92
C VAL A 53 -10.90 8.46 8.99
N ASN A 54 -9.80 7.85 8.60
CA ASN A 54 -8.49 8.49 8.63
C ASN A 54 -8.34 9.56 7.54
N ASP A 55 -9.44 9.98 6.95
CA ASP A 55 -9.41 11.00 5.90
C ASP A 55 -9.29 12.39 6.53
N SER A 56 -9.67 13.43 5.79
CA SER A 56 -9.59 14.79 6.31
C SER A 56 -10.73 15.64 5.76
N ILE A 57 -11.77 15.84 6.58
CA ILE A 57 -12.91 16.65 6.17
C ILE A 57 -12.48 18.08 5.88
N LEU A 58 -12.22 18.36 4.62
CA LEU A 58 -11.81 19.69 4.21
C LEU A 58 -12.96 20.67 4.32
N PHE A 59 -14.20 20.17 4.30
CA PHE A 59 -15.36 21.04 4.39
C PHE A 59 -16.62 20.30 4.84
N VAL A 60 -17.31 20.86 5.84
CA VAL A 60 -18.54 20.28 6.35
C VAL A 60 -19.72 21.19 6.04
N ASN A 61 -20.66 20.69 5.25
CA ASN A 61 -21.84 21.48 4.88
C ASN A 61 -21.45 22.88 4.44
N GLU A 62 -20.33 22.99 3.74
CA GLU A 62 -19.84 24.28 3.26
C GLU A 62 -19.33 25.13 4.42
N VAL A 63 -18.83 24.48 5.46
CA VAL A 63 -18.33 25.17 6.64
C VAL A 63 -16.86 24.84 6.88
N ASP A 64 -16.03 25.88 6.98
CA ASP A 64 -14.59 25.71 7.21
C ASP A 64 -14.32 24.69 8.31
N VAL A 65 -13.52 23.68 8.00
CA VAL A 65 -13.19 22.64 8.96
C VAL A 65 -11.82 22.01 8.66
N ARG A 66 -10.98 22.76 7.95
CA ARG A 66 -9.65 22.27 7.60
C ARG A 66 -8.60 22.74 8.61
N GLU A 67 -9.06 23.27 9.73
CA GLU A 67 -8.16 23.75 10.78
C GLU A 67 -8.96 24.42 11.88
N VAL A 68 -10.03 23.77 12.32
CA VAL A 68 -10.88 24.31 13.37
C VAL A 68 -10.78 23.50 14.65
N THR A 69 -10.72 24.21 15.77
CA THR A 69 -10.62 23.61 17.09
C THR A 69 -11.68 22.52 17.30
N HIS A 70 -11.49 21.73 18.34
CA HIS A 70 -12.41 20.65 18.67
C HIS A 70 -13.84 21.19 18.85
N SER A 71 -13.97 22.25 19.62
CA SER A 71 -15.28 22.85 19.88
C SER A 71 -15.96 23.23 18.57
N ALA A 72 -15.18 23.81 17.66
CA ALA A 72 -15.71 24.22 16.36
C ALA A 72 -16.23 23.02 15.59
N ALA A 73 -15.56 21.88 15.78
CA ALA A 73 -15.96 20.65 15.11
C ALA A 73 -17.24 20.13 15.74
N VAL A 74 -17.30 20.23 17.06
CA VAL A 74 -18.47 19.81 17.79
C VAL A 74 -19.67 20.67 17.40
N GLU A 75 -19.39 21.95 17.15
CA GLU A 75 -20.42 22.90 16.75
C GLU A 75 -20.92 22.60 15.34
N ALA A 76 -20.01 22.11 14.50
CA ALA A 76 -20.34 21.77 13.13
C ALA A 76 -21.27 20.56 13.09
N LEU A 77 -20.92 19.57 13.90
CA LEU A 77 -21.72 18.35 14.00
C LEU A 77 -22.98 18.64 14.80
N LYS A 78 -22.88 19.63 15.68
CA LYS A 78 -24.00 20.01 16.50
C LYS A 78 -25.04 20.73 15.65
N GLU A 79 -24.56 21.60 14.78
CA GLU A 79 -25.42 22.33 13.87
C GLU A 79 -25.31 21.76 12.46
N ALA A 80 -25.04 20.48 12.38
CA ALA A 80 -24.90 19.79 11.09
C ALA A 80 -26.26 19.46 10.48
N GLY A 81 -27.25 19.27 11.33
CA GLY A 81 -28.59 18.94 10.85
C GLY A 81 -28.82 17.44 10.75
N SER A 82 -28.79 16.92 9.53
CA SER A 82 -29.00 15.49 9.31
C SER A 82 -28.26 15.02 8.05
N ILE A 83 -28.50 15.71 6.95
CA ILE A 83 -27.86 15.41 5.69
C ILE A 83 -26.73 16.38 5.47
N VAL A 84 -25.60 16.03 6.04
CA VAL A 84 -24.42 16.88 5.99
C VAL A 84 -23.60 16.66 4.72
N ARG A 85 -23.50 17.71 3.91
CA ARG A 85 -22.70 17.65 2.70
C ARG A 85 -21.24 17.74 3.08
N LEU A 86 -20.66 16.59 3.42
CA LEU A 86 -19.27 16.54 3.86
C LEU A 86 -18.30 16.45 2.69
N TYR A 87 -17.21 17.18 2.82
CA TYR A 87 -16.15 17.20 1.83
C TYR A 87 -14.85 16.82 2.53
N VAL A 88 -14.30 15.68 2.16
CA VAL A 88 -13.08 15.21 2.81
C VAL A 88 -11.96 14.92 1.81
N MET A 89 -10.77 14.72 2.35
CA MET A 89 -9.61 14.40 1.55
C MET A 89 -8.94 13.16 2.11
N ARG A 90 -9.04 12.06 1.38
CA ARG A 90 -8.47 10.80 1.82
C ARG A 90 -7.39 10.33 0.85
N ARG A 91 -6.21 10.04 1.39
CA ARG A 91 -5.09 9.59 0.59
C ARG A 91 -5.38 8.23 -0.03
N LYS A 92 -5.35 8.17 -1.36
CA LYS A 92 -5.61 6.92 -2.08
C LYS A 92 -4.45 5.95 -1.93
N PRO A 93 -4.74 4.68 -1.57
CA PRO A 93 -3.70 3.66 -1.39
C PRO A 93 -3.06 3.25 -2.71
N PRO A 94 -1.89 2.61 -2.66
CA PRO A 94 -1.17 2.17 -3.86
C PRO A 94 -1.94 1.11 -4.64
N ALA A 95 -1.22 0.36 -5.48
CA ALA A 95 -1.81 -0.70 -6.30
C ALA A 95 -0.88 -1.05 -7.45
N GLU A 96 0.06 -1.94 -7.19
CA GLU A 96 1.03 -2.35 -8.21
C GLU A 96 0.72 -3.76 -8.72
N LYS A 97 1.59 -4.27 -9.59
CA LYS A 97 1.40 -5.60 -10.17
C LYS A 97 2.69 -6.09 -10.82
N VAL A 98 3.05 -5.48 -11.94
CA VAL A 98 4.25 -5.86 -12.68
C VAL A 98 5.19 -4.67 -12.84
N MET A 99 6.49 -4.97 -13.00
CA MET A 99 7.50 -3.93 -13.17
C MET A 99 8.45 -4.29 -14.31
N GLU A 100 9.20 -3.29 -14.76
CA GLU A 100 10.16 -3.47 -15.84
C GLU A 100 11.56 -3.15 -15.32
N ILE A 101 12.35 -4.18 -15.12
CA ILE A 101 13.69 -4.02 -14.58
C ILE A 101 14.77 -4.53 -15.50
N LYS A 102 15.97 -3.98 -15.33
CA LYS A 102 17.12 -4.36 -16.14
C LYS A 102 18.19 -5.01 -15.27
N LEU A 103 18.56 -6.24 -15.63
CA LEU A 103 19.57 -6.96 -14.86
C LEU A 103 20.73 -7.36 -15.78
N ILE A 104 21.92 -6.86 -15.46
CA ILE A 104 23.09 -7.15 -16.25
C ILE A 104 23.88 -8.32 -15.64
N LYS A 105 24.47 -9.13 -16.51
CA LYS A 105 25.24 -10.28 -16.08
C LYS A 105 26.66 -9.87 -15.68
N GLY A 106 27.27 -10.65 -14.79
CA GLY A 106 28.61 -10.34 -14.34
C GLY A 106 29.48 -11.59 -14.31
N PRO A 107 30.74 -11.46 -13.88
CA PRO A 107 31.66 -12.60 -13.82
C PRO A 107 31.26 -13.60 -12.75
N LYS A 108 30.67 -13.10 -11.68
CA LYS A 108 30.23 -13.96 -10.60
C LYS A 108 28.75 -14.28 -10.74
N GLY A 109 28.24 -14.10 -11.95
CA GLY A 109 26.84 -14.36 -12.22
C GLY A 109 26.06 -13.09 -12.36
N LEU A 110 24.78 -13.14 -12.06
CA LEU A 110 23.93 -11.95 -12.15
C LEU A 110 23.99 -11.12 -10.87
N GLY A 111 24.51 -11.73 -9.80
CA GLY A 111 24.62 -11.02 -8.53
C GLY A 111 23.33 -11.07 -7.72
N PHE A 112 22.78 -12.27 -7.55
CA PHE A 112 21.54 -12.43 -6.79
C PHE A 112 21.13 -13.90 -6.70
N SER A 113 20.38 -14.25 -5.67
CA SER A 113 19.92 -15.62 -5.49
C SER A 113 18.41 -15.71 -5.63
N ILE A 114 17.95 -16.45 -6.63
CA ILE A 114 16.52 -16.60 -6.88
C ILE A 114 16.17 -18.06 -7.10
N ALA A 115 14.91 -18.42 -6.83
CA ALA A 115 14.47 -19.79 -7.02
C ALA A 115 12.96 -19.88 -7.26
N GLY A 116 12.59 -20.51 -8.38
CA GLY A 116 11.19 -20.68 -8.71
C GLY A 116 10.95 -21.88 -9.60
N GLY A 117 9.72 -22.05 -10.05
CA GLY A 117 9.39 -23.16 -10.93
C GLY A 117 9.04 -24.43 -10.17
N VAL A 118 8.96 -25.54 -10.91
CA VAL A 118 8.63 -26.83 -10.31
C VAL A 118 9.87 -27.51 -9.76
N GLY A 119 9.71 -28.23 -8.65
CA GLY A 119 10.83 -28.90 -8.03
C GLY A 119 11.51 -28.04 -6.98
N ASN A 120 11.37 -26.73 -7.13
CA ASN A 120 11.96 -25.77 -6.20
C ASN A 120 11.32 -24.39 -6.40
N GLN A 121 10.05 -24.28 -6.02
CA GLN A 121 9.31 -23.04 -6.16
C GLN A 121 9.78 -21.99 -5.16
N HIS A 122 10.68 -22.38 -4.25
CA HIS A 122 11.20 -21.46 -3.23
C HIS A 122 10.13 -21.15 -2.20
N ILE A 123 9.03 -20.62 -2.68
CA ILE A 123 7.90 -20.27 -1.82
C ILE A 123 7.01 -21.49 -1.58
N PRO A 124 6.43 -21.61 -0.36
CA PRO A 124 5.56 -22.74 -0.01
C PRO A 124 4.25 -22.71 -0.80
N GLY A 125 4.34 -22.85 -2.12
CA GLY A 125 3.15 -22.84 -2.95
C GLY A 125 3.09 -21.65 -3.89
N ASP A 126 4.07 -21.55 -4.78
CA ASP A 126 4.12 -20.45 -5.74
C ASP A 126 5.17 -20.71 -6.81
N ASN A 127 4.75 -21.23 -7.96
CA ASN A 127 5.66 -21.53 -9.06
C ASN A 127 6.46 -20.29 -9.46
N SER A 128 5.92 -19.11 -9.14
CA SER A 128 6.59 -17.85 -9.47
C SER A 128 7.99 -17.81 -8.89
N ILE A 129 8.92 -17.21 -9.62
CA ILE A 129 10.31 -17.11 -9.16
C ILE A 129 10.50 -15.91 -8.24
N TYR A 130 10.92 -16.18 -7.01
CA TYR A 130 11.16 -15.13 -6.03
C TYR A 130 12.64 -15.07 -5.68
N VAL A 131 13.10 -13.91 -5.23
CA VAL A 131 14.49 -13.75 -4.86
C VAL A 131 14.72 -14.17 -3.41
N THR A 132 15.95 -14.54 -3.09
CA THR A 132 16.30 -14.98 -1.75
C THR A 132 17.31 -14.04 -1.10
N LYS A 133 18.45 -13.86 -1.75
CA LYS A 133 19.49 -12.99 -1.23
C LYS A 133 20.35 -12.41 -2.35
N ILE A 134 20.88 -11.21 -2.12
CA ILE A 134 21.71 -10.54 -3.11
C ILE A 134 23.02 -10.06 -2.48
N ILE A 135 24.11 -10.16 -3.22
CA ILE A 135 25.41 -9.72 -2.73
C ILE A 135 25.51 -8.20 -2.79
N GLU A 136 26.60 -7.65 -2.25
CA GLU A 136 26.80 -6.22 -2.24
C GLU A 136 27.69 -5.78 -3.41
N GLY A 137 27.32 -4.67 -4.05
CA GLY A 137 28.09 -4.16 -5.16
C GLY A 137 27.98 -5.05 -6.39
N GLY A 138 26.86 -5.76 -6.50
CA GLY A 138 26.66 -6.64 -7.64
C GLY A 138 26.02 -5.93 -8.82
N ALA A 139 25.68 -6.69 -9.85
CA ALA A 139 25.05 -6.13 -11.05
C ALA A 139 23.56 -5.89 -10.82
N ALA A 140 22.85 -6.94 -10.49
CA ALA A 140 21.41 -6.86 -10.25
C ALA A 140 21.10 -5.97 -9.05
N HIS A 141 22.00 -5.96 -8.09
CA HIS A 141 21.81 -5.14 -6.88
C HIS A 141 21.64 -3.68 -7.27
N LYS A 142 22.68 -3.12 -7.89
CA LYS A 142 22.67 -1.73 -8.31
C LYS A 142 21.76 -1.50 -9.52
N ASP A 143 21.77 -2.46 -10.46
CA ASP A 143 20.97 -2.34 -11.67
C ASP A 143 19.52 -2.72 -11.42
N GLY A 144 19.31 -3.96 -11.00
CA GLY A 144 17.97 -4.44 -10.75
C GLY A 144 17.33 -3.83 -9.51
N ARG A 145 18.11 -3.74 -8.43
CA ARG A 145 17.61 -3.19 -7.18
C ARG A 145 16.48 -4.04 -6.61
N LEU A 146 16.39 -5.29 -7.07
CA LEU A 146 15.36 -6.21 -6.62
C LEU A 146 15.81 -6.93 -5.34
N GLN A 147 15.70 -6.23 -4.21
CA GLN A 147 16.09 -6.80 -2.94
C GLN A 147 15.29 -8.05 -2.62
N ILE A 148 15.67 -8.75 -1.56
CA ILE A 148 14.98 -9.97 -1.15
C ILE A 148 13.47 -9.75 -1.12
N GLY A 149 12.76 -10.63 -1.80
CA GLY A 149 11.32 -10.53 -1.85
C GLY A 149 10.80 -10.33 -3.27
N ASP A 150 11.63 -9.75 -4.12
CA ASP A 150 11.25 -9.50 -5.50
C ASP A 150 10.86 -10.81 -6.20
N LYS A 151 9.97 -10.72 -7.18
CA LYS A 151 9.52 -11.90 -7.91
C LYS A 151 9.42 -11.60 -9.40
N ILE A 152 10.10 -12.41 -10.21
CA ILE A 152 10.08 -12.24 -11.66
C ILE A 152 9.17 -13.26 -12.31
N LEU A 153 8.29 -12.78 -13.16
CA LEU A 153 7.34 -13.65 -13.85
C LEU A 153 7.80 -13.95 -15.27
N ALA A 154 8.94 -13.39 -15.67
CA ALA A 154 9.47 -13.60 -17.01
C ALA A 154 10.67 -12.69 -17.29
N VAL A 155 11.51 -13.11 -18.22
CA VAL A 155 12.68 -12.32 -18.61
C VAL A 155 12.51 -11.79 -20.02
N ASN A 156 12.11 -10.52 -20.12
CA ASN A 156 11.88 -9.88 -21.41
C ASN A 156 10.65 -10.48 -22.07
N SER A 157 10.71 -11.79 -22.29
CA SER A 157 9.61 -12.53 -22.90
C SER A 157 9.80 -14.03 -22.66
N VAL A 158 10.48 -14.37 -21.56
CA VAL A 158 10.73 -15.77 -21.21
C VAL A 158 9.78 -16.25 -20.13
N GLY A 159 9.57 -17.56 -20.11
CA GLY A 159 8.68 -18.16 -19.13
C GLY A 159 9.44 -19.10 -18.22
N LEU A 160 10.16 -18.52 -17.27
CA LEU A 160 10.95 -19.29 -16.32
C LEU A 160 10.10 -19.85 -15.17
N GLU A 161 8.82 -20.00 -15.42
CA GLU A 161 7.90 -20.53 -14.42
C GLU A 161 6.95 -21.55 -15.04
N ASP A 162 7.44 -22.25 -16.06
CA ASP A 162 6.65 -23.26 -16.74
C ASP A 162 7.55 -24.41 -17.17
N VAL A 163 8.63 -24.60 -16.44
CA VAL A 163 9.58 -25.66 -16.76
C VAL A 163 10.05 -26.38 -15.49
N MET A 164 10.95 -25.74 -14.76
CA MET A 164 11.50 -26.29 -13.53
C MET A 164 12.62 -25.40 -13.03
N HIS A 165 13.02 -25.60 -11.79
CA HIS A 165 14.11 -24.80 -11.22
C HIS A 165 15.34 -24.87 -12.10
N GLU A 166 15.50 -25.99 -12.80
CA GLU A 166 16.65 -26.20 -13.67
C GLU A 166 16.56 -25.38 -14.96
N ASP A 167 15.40 -25.38 -15.60
CA ASP A 167 15.22 -24.64 -16.83
C ASP A 167 15.19 -23.14 -16.56
N ALA A 168 14.59 -22.76 -15.44
CA ALA A 168 14.52 -21.36 -15.05
C ALA A 168 15.90 -20.87 -14.64
N VAL A 169 16.63 -21.74 -13.95
CA VAL A 169 17.97 -21.39 -13.50
C VAL A 169 18.93 -21.31 -14.69
N ALA A 170 18.80 -22.26 -15.60
CA ALA A 170 19.64 -22.29 -16.80
C ALA A 170 19.26 -21.17 -17.76
N ALA A 171 18.00 -20.80 -17.76
CA ALA A 171 17.51 -19.75 -18.64
C ALA A 171 17.89 -18.36 -18.14
N LEU A 172 18.08 -18.24 -16.82
CA LEU A 172 18.45 -16.96 -16.23
C LEU A 172 19.95 -16.75 -16.36
N LYS A 173 20.70 -17.82 -16.21
CA LYS A 173 22.15 -17.75 -16.33
C LYS A 173 22.54 -17.63 -17.79
N ASN A 174 21.68 -18.15 -18.67
CA ASN A 174 21.92 -18.09 -20.11
C ASN A 174 21.60 -16.71 -20.67
N THR A 175 20.99 -15.86 -19.85
CA THR A 175 20.62 -14.51 -20.27
C THR A 175 21.82 -13.77 -20.86
N TYR A 176 21.60 -12.51 -21.24
CA TYR A 176 22.65 -11.69 -21.83
C TYR A 176 23.23 -10.72 -20.80
N ASP A 177 24.37 -10.12 -21.15
CA ASP A 177 25.05 -9.17 -20.27
C ASP A 177 24.11 -8.09 -19.73
N VAL A 178 23.03 -7.81 -20.47
CA VAL A 178 22.06 -6.81 -20.06
C VAL A 178 20.66 -7.20 -20.52
N VAL A 179 19.93 -7.89 -19.67
CA VAL A 179 18.58 -8.36 -20.01
C VAL A 179 17.51 -7.68 -19.17
N TYR A 180 16.33 -7.50 -19.77
CA TYR A 180 15.19 -6.89 -19.11
C TYR A 180 14.32 -7.98 -18.48
N LEU A 181 14.04 -7.86 -17.19
CA LEU A 181 13.23 -8.86 -16.50
C LEU A 181 11.91 -8.25 -16.02
N LYS A 182 10.85 -9.05 -16.05
CA LYS A 182 9.54 -8.60 -15.60
C LYS A 182 9.31 -9.04 -14.16
N VAL A 183 9.25 -8.07 -13.26
CA VAL A 183 9.06 -8.35 -11.85
C VAL A 183 7.62 -8.06 -11.42
N ALA A 184 7.22 -8.59 -10.28
CA ALA A 184 5.86 -8.37 -9.78
C ALA A 184 5.90 -7.70 -8.41
N LYS A 185 5.09 -6.68 -8.26
CA LYS A 185 5.02 -5.94 -7.01
C LYS A 185 3.86 -6.48 -6.16
N PRO A 186 4.01 -6.48 -4.83
CA PRO A 186 2.96 -6.98 -3.91
C PRO A 186 1.71 -6.10 -3.88
N SER A 187 1.19 -5.74 -5.05
CA SER A 187 -0.01 -4.92 -5.14
C SER A 187 0.04 -3.74 -4.16
N ASN A 188 -1.13 -3.18 -3.86
CA ASN A 188 -1.21 -2.05 -2.94
C ASN A 188 -0.84 -2.47 -1.53
N ALA A 189 0.43 -2.83 -1.33
CA ALA A 189 0.90 -3.25 -0.01
C ALA A 189 0.17 -4.50 0.46
N GLN B 1 -6.89 14.80 32.77
CA GLN B 1 -7.46 15.02 31.42
C GLN B 1 -6.56 15.89 30.57
N VAL B 2 -6.99 16.16 29.34
CA VAL B 2 -6.22 17.00 28.43
C VAL B 2 -7.12 18.03 27.75
N VAL B 3 -7.88 17.59 26.75
CA VAL B 3 -8.79 18.47 26.03
C VAL B 3 -9.46 17.79 24.83
N PRO B 4 -8.75 16.88 24.11
CA PRO B 4 -9.32 16.18 22.96
C PRO B 4 -10.11 14.94 23.38
N PHE B 5 -9.39 13.88 23.77
CA PHE B 5 -10.02 12.65 24.20
C PHE B 5 -11.00 12.12 23.14
N SER B 6 -10.77 12.51 21.89
CA SER B 6 -11.63 12.07 20.79
C SER B 6 -13.09 12.43 21.06
N SER B 7 -13.96 12.15 20.10
CA SER B 7 -15.37 12.44 20.23
C SER B 7 -16.20 11.60 19.25
N SER B 8 -17.46 11.38 19.58
CA SER B 8 -18.35 10.59 18.73
C SER B 8 -19.60 11.39 18.36
N VAL B 9 -20.12 11.14 17.17
CA VAL B 9 -21.31 11.83 16.69
C VAL B 9 -21.97 11.08 15.54
N GLN C 1 26.03 -32.22 0.51
CA GLN C 1 24.72 -32.62 -0.06
C GLN C 1 24.81 -32.89 -1.56
N VAL C 2 25.81 -32.29 -2.21
CA VAL C 2 26.01 -32.47 -3.64
C VAL C 2 24.70 -32.37 -4.42
N VAL C 3 23.84 -31.46 -4.00
CA VAL C 3 22.55 -31.25 -4.66
C VAL C 3 22.28 -29.76 -4.88
N PRO C 4 22.90 -29.17 -5.91
CA PRO C 4 22.72 -27.75 -6.24
C PRO C 4 21.26 -27.37 -6.35
N PHE C 5 20.89 -26.24 -5.74
CA PHE C 5 19.52 -25.76 -5.77
C PHE C 5 19.47 -24.24 -5.74
N SER C 6 18.49 -23.66 -6.43
CA SER C 6 18.33 -22.21 -6.48
C SER C 6 19.53 -21.55 -7.15
N SER C 7 19.27 -20.60 -8.03
CA SER C 7 20.33 -19.90 -8.73
C SER C 7 20.93 -18.81 -7.84
N SER C 8 21.89 -19.20 -7.01
CA SER C 8 22.55 -18.26 -6.11
C SER C 8 23.88 -17.79 -6.69
N VAL C 9 23.82 -16.77 -7.55
CA VAL C 9 25.01 -16.23 -8.17
C VAL C 9 24.76 -14.83 -8.71
N MET A 1 -7.78 13.00 -8.26
CA MET A 1 -7.59 12.35 -6.94
C MET A 1 -8.30 10.99 -6.89
N GLU A 2 -8.28 10.36 -5.72
CA GLU A 2 -8.93 9.06 -5.54
C GLU A 2 -10.16 9.19 -4.66
N TYR A 3 -11.33 8.96 -5.25
CA TYR A 3 -12.59 9.03 -4.53
C TYR A 3 -13.19 7.64 -4.35
N GLU A 4 -13.54 7.30 -3.11
CA GLU A 4 -14.13 5.99 -2.83
C GLU A 4 -14.51 5.85 -1.36
N GLU A 5 -15.20 4.76 -1.04
CA GLU A 5 -15.63 4.49 0.32
C GLU A 5 -14.57 3.68 1.07
N ILE A 6 -14.51 3.87 2.39
CA ILE A 6 -13.54 3.17 3.21
C ILE A 6 -14.13 2.81 4.58
N THR A 7 -13.60 1.75 5.17
CA THR A 7 -14.04 1.29 6.47
C THR A 7 -12.93 1.38 7.50
N LEU A 8 -13.21 2.08 8.60
CA LEU A 8 -12.24 2.23 9.66
C LEU A 8 -12.83 1.80 10.99
N GLU A 9 -12.65 0.53 11.30
CA GLU A 9 -13.15 -0.03 12.54
C GLU A 9 -12.27 0.37 13.73
N ARG A 10 -12.81 0.22 14.94
CA ARG A 10 -12.07 0.56 16.15
C ARG A 10 -10.93 -0.40 16.38
N GLY A 11 -9.73 0.00 15.96
CA GLY A 11 -8.56 -0.85 16.16
C GLY A 11 -8.37 -1.21 17.62
N ASN A 12 -8.93 -0.38 18.49
CA ASN A 12 -8.84 -0.61 19.92
C ASN A 12 -9.66 0.44 20.67
N SER A 13 -9.05 1.60 20.93
CA SER A 13 -9.73 2.68 21.63
C SER A 13 -10.05 3.85 20.70
N GLY A 14 -10.28 3.57 19.42
CA GLY A 14 -10.57 4.63 18.48
C GLY A 14 -9.82 4.47 17.18
N LEU A 15 -10.08 5.38 16.25
CA LEU A 15 -9.44 5.34 14.94
C LEU A 15 -8.08 6.01 14.97
N GLY A 16 -8.01 7.17 15.62
CA GLY A 16 -6.75 7.89 15.74
C GLY A 16 -6.50 8.87 14.61
N PHE A 17 -7.17 10.02 14.65
CA PHE A 17 -6.98 11.06 13.64
C PHE A 17 -7.52 12.40 14.13
N SER A 18 -6.99 13.48 13.58
CA SER A 18 -7.42 14.82 13.96
C SER A 18 -8.17 15.52 12.84
N ILE A 19 -9.37 16.01 13.16
CA ILE A 19 -10.20 16.71 12.19
C ILE A 19 -10.50 18.13 12.65
N ALA A 20 -10.95 18.97 11.72
CA ALA A 20 -11.27 20.35 12.05
C ALA A 20 -11.99 21.04 10.90
N GLY A 21 -12.74 22.09 11.22
CA GLY A 21 -13.46 22.82 10.19
C GLY A 21 -14.94 22.95 10.52
N GLY A 22 -15.79 22.53 9.58
CA GLY A 22 -17.21 22.62 9.79
C GLY A 22 -17.89 23.58 8.82
N THR A 23 -18.98 23.12 8.22
CA THR A 23 -19.73 23.94 7.26
C THR A 23 -19.99 25.34 7.80
N ASP A 24 -20.05 25.46 9.13
CA ASP A 24 -20.29 26.74 9.77
C ASP A 24 -18.99 27.49 10.00
N ASN A 25 -17.97 26.79 10.47
CA ASN A 25 -16.67 27.38 10.73
C ASN A 25 -15.57 26.64 9.97
N PRO A 26 -15.43 26.91 8.66
CA PRO A 26 -14.42 26.28 7.83
C PRO A 26 -13.01 26.36 8.44
N HIS A 27 -12.31 25.23 8.43
CA HIS A 27 -10.95 25.16 8.97
C HIS A 27 -9.98 25.96 8.10
N ILE A 28 -10.34 26.16 6.84
CA ILE A 28 -9.49 26.90 5.91
C ILE A 28 -10.11 28.25 5.58
N GLY A 29 -11.44 28.31 5.59
CA GLY A 29 -12.14 29.55 5.29
C GLY A 29 -12.57 29.65 3.84
N ASP A 30 -12.80 28.49 3.22
CA ASP A 30 -13.22 28.46 1.82
C ASP A 30 -13.60 27.05 1.39
N ASP A 31 -14.16 26.28 2.33
CA ASP A 31 -14.55 24.91 2.05
C ASP A 31 -15.39 24.33 3.19
N PRO A 32 -16.68 24.10 2.96
CA PRO A 32 -17.59 23.55 3.98
C PRO A 32 -17.24 22.11 4.33
N SER A 33 -16.70 21.39 3.36
CA SER A 33 -16.32 20.00 3.56
C SER A 33 -15.20 19.89 4.59
N ILE A 34 -15.39 19.02 5.58
CA ILE A 34 -14.40 18.82 6.64
C ILE A 34 -13.27 17.92 6.15
N PHE A 35 -12.09 18.11 6.73
CA PHE A 35 -10.92 17.32 6.37
C PHE A 35 -10.07 17.02 7.60
N ILE A 36 -9.16 16.06 7.46
CA ILE A 36 -8.29 15.67 8.57
C ILE A 36 -6.97 16.43 8.49
N THR A 37 -6.32 16.60 9.64
CA THR A 37 -5.05 17.33 9.69
C THR A 37 -3.87 16.38 9.91
N LYS A 38 -4.04 15.45 10.84
CA LYS A 38 -2.98 14.49 11.14
C LYS A 38 -3.55 13.22 11.77
N ILE A 39 -2.84 12.11 11.57
CA ILE A 39 -3.25 10.82 12.11
C ILE A 39 -2.30 10.37 13.20
N ILE A 40 -2.86 9.76 14.24
CA ILE A 40 -2.07 9.28 15.36
C ILE A 40 -1.54 7.87 15.10
N PRO A 41 -0.26 7.62 15.43
CA PRO A 41 0.35 6.31 15.21
C PRO A 41 -0.05 5.30 16.29
N GLY A 42 -1.36 5.09 16.44
CA GLY A 42 -1.85 4.15 17.43
C GLY A 42 -3.21 3.58 17.07
N GLY A 43 -4.17 4.47 16.80
CA GLY A 43 -5.50 4.04 16.45
C GLY A 43 -5.52 3.17 15.20
N ALA A 44 -6.71 2.82 14.75
CA ALA A 44 -6.87 1.97 13.57
C ALA A 44 -6.61 2.76 12.29
N ALA A 45 -6.91 4.05 12.32
CA ALA A 45 -6.72 4.92 11.15
C ALA A 45 -5.36 4.70 10.51
N ALA A 46 -4.31 4.77 11.33
CA ALA A 46 -2.95 4.58 10.85
C ALA A 46 -2.71 3.14 10.40
N GLN A 47 -3.46 2.22 11.00
CA GLN A 47 -3.36 0.81 10.67
C GLN A 47 -3.97 0.55 9.31
N ASP A 48 -5.08 1.24 9.05
CA ASP A 48 -5.77 1.10 7.79
C ASP A 48 -5.08 1.98 6.73
N GLY A 49 -4.51 3.09 7.20
CA GLY A 49 -3.81 4.04 6.34
C GLY A 49 -4.20 3.96 4.87
N ARG A 50 -5.50 3.95 4.60
CA ARG A 50 -5.98 3.88 3.23
C ARG A 50 -6.40 5.27 2.73
N LEU A 51 -5.83 6.30 3.36
CA LEU A 51 -6.14 7.68 2.97
C LEU A 51 -5.19 8.65 3.66
N ARG A 52 -5.39 9.94 3.41
CA ARG A 52 -4.55 10.98 4.00
C ARG A 52 -5.39 11.93 4.84
N VAL A 53 -4.72 12.81 5.57
CA VAL A 53 -5.40 13.76 6.43
C VAL A 53 -6.11 14.85 5.64
N ASN A 54 -5.41 15.41 4.67
CA ASN A 54 -5.96 16.48 3.84
C ASN A 54 -7.08 16.01 2.90
N ASP A 55 -7.58 14.79 3.10
CA ASP A 55 -8.64 14.26 2.27
C ASP A 55 -9.93 15.03 2.53
N SER A 56 -11.00 14.66 1.84
CA SER A 56 -12.28 15.32 2.01
C SER A 56 -13.42 14.31 2.10
N ILE A 57 -13.86 14.04 3.31
CA ILE A 57 -14.93 13.09 3.52
C ILE A 57 -16.20 13.53 2.82
N LEU A 58 -16.40 13.03 1.61
CA LEU A 58 -17.59 13.38 0.83
C LEU A 58 -18.85 12.82 1.49
N PHE A 59 -18.67 11.76 2.27
CA PHE A 59 -19.79 11.12 2.95
C PHE A 59 -19.33 10.27 4.12
N VAL A 60 -20.22 10.06 5.09
CA VAL A 60 -19.91 9.25 6.26
C VAL A 60 -21.00 8.21 6.48
N ASN A 61 -20.87 7.47 7.56
CA ASN A 61 -21.83 6.42 7.91
C ASN A 61 -23.29 6.87 7.69
N GLU A 62 -23.71 6.84 6.42
CA GLU A 62 -25.07 7.24 6.05
C GLU A 62 -25.34 8.71 6.34
N VAL A 63 -24.29 9.53 6.44
CA VAL A 63 -24.46 10.95 6.71
C VAL A 63 -23.85 11.81 5.60
N ASP A 64 -24.53 12.91 5.28
CA ASP A 64 -24.04 13.82 4.26
C ASP A 64 -23.00 14.78 4.85
N VAL A 65 -21.76 14.32 4.93
CA VAL A 65 -20.68 15.13 5.49
C VAL A 65 -19.91 15.86 4.39
N ARG A 66 -20.60 16.20 3.31
CA ARG A 66 -19.98 16.91 2.20
C ARG A 66 -19.96 18.41 2.44
N GLU A 67 -20.57 18.85 3.54
CA GLU A 67 -20.62 20.27 3.88
C GLU A 67 -21.45 20.49 5.14
N VAL A 68 -21.06 19.81 6.21
CA VAL A 68 -21.77 19.90 7.47
C VAL A 68 -20.88 20.46 8.58
N THR A 69 -21.48 21.28 9.44
CA THR A 69 -20.76 21.90 10.55
C THR A 69 -19.96 20.88 11.35
N HIS A 70 -18.99 21.38 12.12
CA HIS A 70 -18.13 20.52 12.93
C HIS A 70 -18.95 19.62 13.85
N SER A 71 -19.91 20.21 14.54
CA SER A 71 -20.76 19.44 15.46
C SER A 71 -21.32 18.19 14.79
N ALA A 72 -21.78 18.35 13.56
CA ALA A 72 -22.34 17.23 12.80
C ALA A 72 -21.29 16.15 12.59
N ALA A 73 -20.04 16.59 12.44
CA ALA A 73 -18.93 15.67 12.24
C ALA A 73 -18.65 14.93 13.54
N VAL A 74 -18.71 15.67 14.63
CA VAL A 74 -18.49 15.10 15.95
C VAL A 74 -19.57 14.07 16.26
N GLU A 75 -20.79 14.37 15.80
CA GLU A 75 -21.92 13.49 15.99
C GLU A 75 -21.77 12.22 15.17
N ALA A 76 -21.16 12.36 14.00
CA ALA A 76 -20.95 11.21 13.10
C ALA A 76 -19.92 10.26 13.69
N LEU A 77 -18.86 10.84 14.23
CA LEU A 77 -17.80 10.07 14.86
C LEU A 77 -18.25 9.59 16.22
N LYS A 78 -19.18 10.35 16.80
CA LYS A 78 -19.72 10.02 18.10
C LYS A 78 -20.61 8.79 17.97
N GLU A 79 -21.41 8.79 16.91
CA GLU A 79 -22.31 7.68 16.66
C GLU A 79 -21.77 6.81 15.54
N ALA A 80 -20.45 6.77 15.42
CA ALA A 80 -19.78 5.98 14.39
C ALA A 80 -19.59 4.53 14.84
N GLY A 81 -19.52 4.33 16.15
CA GLY A 81 -19.34 2.99 16.67
C GLY A 81 -17.90 2.51 16.55
N SER A 82 -17.72 1.26 16.16
CA SER A 82 -16.38 0.69 16.01
C SER A 82 -16.14 0.20 14.59
N ILE A 83 -16.99 0.64 13.66
CA ILE A 83 -16.88 0.26 12.25
C ILE A 83 -17.45 1.36 11.38
N VAL A 84 -16.59 2.28 10.94
CA VAL A 84 -17.04 3.38 10.12
C VAL A 84 -17.04 3.04 8.64
N ARG A 85 -17.95 3.64 7.91
CA ARG A 85 -18.08 3.44 6.47
C ARG A 85 -18.34 4.79 5.80
N LEU A 86 -17.26 5.50 5.52
CA LEU A 86 -17.36 6.83 4.92
C LEU A 86 -16.75 6.91 3.53
N TYR A 87 -17.25 7.85 2.74
CA TYR A 87 -16.75 8.08 1.39
C TYR A 87 -15.92 9.35 1.40
N VAL A 88 -14.62 9.22 1.13
CA VAL A 88 -13.75 10.38 1.15
C VAL A 88 -13.03 10.60 -0.18
N MET A 89 -12.42 11.78 -0.30
CA MET A 89 -11.67 12.15 -1.49
C MET A 89 -10.22 12.45 -1.14
N ARG A 90 -9.32 11.57 -1.55
CA ARG A 90 -7.90 11.74 -1.27
C ARG A 90 -7.06 11.54 -2.53
N ARG A 91 -6.00 12.32 -2.65
CA ARG A 91 -5.11 12.22 -3.80
C ARG A 91 -4.17 11.03 -3.67
N LYS A 92 -4.01 10.28 -4.74
CA LYS A 92 -3.15 9.11 -4.74
C LYS A 92 -2.01 9.26 -5.74
N PRO A 93 -0.91 9.93 -5.33
CA PRO A 93 0.26 10.14 -6.20
C PRO A 93 0.91 8.83 -6.62
N PRO A 94 0.97 8.55 -7.94
CA PRO A 94 1.58 7.33 -8.45
C PRO A 94 3.09 7.44 -8.58
N ALA A 95 3.80 7.03 -7.52
CA ALA A 95 5.25 7.08 -7.51
C ALA A 95 5.87 5.81 -8.07
N GLU A 96 5.33 5.33 -9.18
CA GLU A 96 5.84 4.12 -9.81
C GLU A 96 7.17 4.40 -10.52
N LYS A 97 8.20 3.63 -10.18
CA LYS A 97 9.52 3.80 -10.78
C LYS A 97 10.29 2.49 -10.80
N VAL A 98 11.53 2.56 -11.27
CA VAL A 98 12.40 1.38 -11.34
C VAL A 98 13.52 1.47 -10.31
N MET A 99 14.04 0.32 -9.89
CA MET A 99 15.10 0.28 -8.90
C MET A 99 16.27 -0.59 -9.39
N GLU A 100 17.38 -0.48 -8.69
CA GLU A 100 18.59 -1.24 -9.02
C GLU A 100 19.07 -1.94 -7.77
N ILE A 101 18.85 -3.25 -7.71
CA ILE A 101 19.22 -4.02 -6.54
C ILE A 101 20.26 -5.08 -6.85
N LYS A 102 21.00 -5.47 -5.82
CA LYS A 102 22.04 -6.49 -5.94
C LYS A 102 21.63 -7.73 -5.17
N LEU A 103 21.66 -8.88 -5.84
CA LEU A 103 21.29 -10.14 -5.23
C LEU A 103 22.36 -11.20 -5.48
N ILE A 104 22.94 -11.69 -4.40
CA ILE A 104 23.97 -12.70 -4.49
C ILE A 104 23.38 -14.11 -4.31
N LYS A 105 23.94 -15.07 -5.04
CA LYS A 105 23.46 -16.45 -4.97
C LYS A 105 24.02 -17.15 -3.75
N GLY A 106 23.34 -18.20 -3.31
CA GLY A 106 23.79 -18.96 -2.15
C GLY A 106 23.76 -20.45 -2.41
N PRO A 107 24.01 -21.28 -1.38
CA PRO A 107 24.01 -22.73 -1.54
C PRO A 107 22.60 -23.27 -1.75
N LYS A 108 21.65 -22.71 -1.03
CA LYS A 108 20.27 -23.13 -1.18
C LYS A 108 19.55 -22.21 -2.16
N GLY A 109 20.32 -21.56 -3.02
CA GLY A 109 19.75 -20.67 -4.00
C GLY A 109 20.06 -19.22 -3.67
N LEU A 110 19.35 -18.31 -4.31
CA LEU A 110 19.57 -16.89 -4.07
C LEU A 110 18.84 -16.43 -2.80
N GLY A 111 17.94 -17.27 -2.29
CA GLY A 111 17.20 -16.92 -1.08
C GLY A 111 15.96 -16.09 -1.37
N PHE A 112 15.12 -16.59 -2.28
CA PHE A 112 13.89 -15.89 -2.64
C PHE A 112 13.10 -16.68 -3.67
N SER A 113 11.78 -16.55 -3.63
CA SER A 113 10.91 -17.27 -4.57
C SER A 113 10.19 -16.28 -5.49
N ILE A 114 10.46 -16.37 -6.78
CA ILE A 114 9.84 -15.50 -7.76
C ILE A 114 9.22 -16.31 -8.89
N ALA A 115 8.18 -15.77 -9.50
CA ALA A 115 7.52 -16.46 -10.60
C ALA A 115 7.06 -15.49 -11.68
N GLY A 116 7.48 -15.73 -12.91
CA GLY A 116 7.11 -14.88 -14.02
C GLY A 116 7.15 -15.63 -15.34
N GLY A 117 6.92 -14.90 -16.43
CA GLY A 117 6.96 -15.52 -17.74
C GLY A 117 5.59 -15.88 -18.27
N VAL A 118 5.35 -15.56 -19.54
CA VAL A 118 4.08 -15.85 -20.18
C VAL A 118 3.77 -17.35 -20.17
N GLY A 119 2.49 -17.68 -20.20
CA GLY A 119 2.08 -19.07 -20.20
C GLY A 119 1.73 -19.57 -18.81
N ASN A 120 2.40 -19.03 -17.80
CA ASN A 120 2.15 -19.41 -16.42
C ASN A 120 3.08 -18.66 -15.47
N GLN A 121 2.77 -17.39 -15.24
CA GLN A 121 3.58 -16.56 -14.36
C GLN A 121 2.97 -16.46 -12.97
N HIS A 122 3.71 -15.88 -12.04
CA HIS A 122 3.25 -15.70 -10.67
C HIS A 122 1.86 -15.09 -10.66
N ILE A 123 1.75 -14.01 -11.40
CA ILE A 123 0.52 -13.25 -11.51
C ILE A 123 -0.26 -13.66 -12.76
N PRO A 124 -1.56 -13.96 -12.62
CA PRO A 124 -2.39 -14.37 -13.76
C PRO A 124 -2.71 -13.21 -14.70
N GLY A 125 -1.75 -12.85 -15.54
CA GLY A 125 -1.96 -11.77 -16.47
C GLY A 125 -0.89 -10.70 -16.39
N ASP A 126 0.35 -11.10 -16.15
CA ASP A 126 1.46 -10.16 -16.04
C ASP A 126 2.80 -10.88 -16.16
N ASN A 127 3.35 -10.89 -17.37
CA ASN A 127 4.63 -11.55 -17.62
C ASN A 127 5.69 -11.05 -16.66
N SER A 128 5.51 -9.84 -16.14
CA SER A 128 6.46 -9.25 -15.20
C SER A 128 6.68 -10.19 -14.01
N ILE A 129 7.92 -10.67 -13.88
CA ILE A 129 8.26 -11.58 -12.79
C ILE A 129 8.06 -10.91 -11.43
N TYR A 130 7.20 -11.50 -10.61
CA TYR A 130 6.92 -10.99 -9.29
C TYR A 130 7.47 -11.94 -8.22
N VAL A 131 7.71 -11.41 -7.03
CA VAL A 131 8.23 -12.22 -5.94
C VAL A 131 7.08 -12.86 -5.15
N THR A 132 7.36 -13.99 -4.53
CA THR A 132 6.34 -14.70 -3.75
C THR A 132 6.71 -14.74 -2.28
N LYS A 133 7.87 -15.31 -1.97
CA LYS A 133 8.32 -15.42 -0.58
C LYS A 133 9.84 -15.53 -0.50
N ILE A 134 10.40 -14.98 0.58
CA ILE A 134 11.83 -15.01 0.79
C ILE A 134 12.17 -15.62 2.15
N ILE A 135 13.23 -16.41 2.20
CA ILE A 135 13.64 -17.05 3.45
C ILE A 135 14.28 -16.04 4.38
N GLU A 136 14.58 -16.47 5.61
CA GLU A 136 15.19 -15.60 6.60
C GLU A 136 16.71 -15.66 6.53
N GLY A 137 17.37 -14.55 6.83
CA GLY A 137 18.81 -14.51 6.78
C GLY A 137 19.38 -14.89 5.42
N GLY A 138 18.58 -14.70 4.38
CA GLY A 138 19.01 -15.03 3.05
C GLY A 138 19.86 -13.95 2.42
N ALA A 139 20.40 -14.23 1.23
CA ALA A 139 21.24 -13.27 0.53
C ALA A 139 20.42 -12.08 0.04
N ALA A 140 19.32 -12.38 -0.63
CA ALA A 140 18.45 -11.34 -1.17
C ALA A 140 17.71 -10.61 -0.05
N HIS A 141 17.42 -11.32 1.03
CA HIS A 141 16.72 -10.72 2.16
C HIS A 141 17.47 -9.49 2.65
N LYS A 142 18.75 -9.68 2.96
CA LYS A 142 19.60 -8.60 3.44
C LYS A 142 19.97 -7.62 2.34
N ASP A 143 20.48 -8.14 1.22
CA ASP A 143 20.89 -7.31 0.10
C ASP A 143 19.72 -6.88 -0.76
N GLY A 144 19.01 -7.87 -1.30
CA GLY A 144 17.87 -7.61 -2.16
C GLY A 144 16.87 -6.66 -1.52
N ARG A 145 16.44 -6.97 -0.30
CA ARG A 145 15.47 -6.15 0.40
C ARG A 145 14.16 -6.08 -0.38
N LEU A 146 13.95 -7.05 -1.27
CA LEU A 146 12.74 -7.11 -2.09
C LEU A 146 11.75 -8.09 -1.48
N GLN A 147 11.05 -7.66 -0.44
CA GLN A 147 10.06 -8.51 0.23
C GLN A 147 8.95 -8.89 -0.74
N ILE A 148 8.06 -9.77 -0.29
CA ILE A 148 6.95 -10.21 -1.12
C ILE A 148 6.24 -9.04 -1.78
N GLY A 149 6.01 -9.18 -3.08
CA GLY A 149 5.36 -8.13 -3.84
C GLY A 149 6.29 -7.49 -4.85
N ASP A 150 7.58 -7.50 -4.54
CA ASP A 150 8.57 -6.91 -5.44
C ASP A 150 8.57 -7.62 -6.79
N LYS A 151 8.81 -6.87 -7.86
CA LYS A 151 8.82 -7.43 -9.19
C LYS A 151 10.06 -6.96 -9.96
N ILE A 152 10.70 -7.88 -10.68
CA ILE A 152 11.88 -7.57 -11.47
C ILE A 152 11.55 -7.51 -12.95
N LEU A 153 12.01 -6.45 -13.60
CA LEU A 153 11.76 -6.28 -15.03
C LEU A 153 12.99 -6.65 -15.85
N ALA A 154 14.07 -7.03 -15.17
CA ALA A 154 15.31 -7.40 -15.85
C ALA A 154 16.45 -7.66 -14.85
N VAL A 155 17.49 -8.33 -15.32
CA VAL A 155 18.65 -8.63 -14.48
C VAL A 155 19.90 -7.95 -15.04
N ASN A 156 20.26 -6.82 -14.46
CA ASN A 156 21.42 -6.04 -14.90
C ASN A 156 21.13 -5.42 -16.27
N SER A 157 20.85 -6.28 -17.23
CA SER A 157 20.54 -5.86 -18.59
C SER A 157 19.91 -7.01 -19.37
N VAL A 158 19.25 -7.92 -18.65
CA VAL A 158 18.60 -9.07 -19.26
C VAL A 158 17.08 -8.94 -19.20
N GLY A 159 16.41 -9.60 -20.13
CA GLY A 159 14.97 -9.57 -20.19
C GLY A 159 14.38 -10.94 -19.94
N LEU A 160 14.37 -11.33 -18.68
CA LEU A 160 13.84 -12.64 -18.28
C LEU A 160 12.32 -12.65 -18.20
N GLU A 161 11.69 -11.73 -18.92
CA GLU A 161 10.23 -11.65 -18.93
C GLU A 161 9.72 -11.34 -20.33
N ASP A 162 10.06 -12.20 -21.27
CA ASP A 162 9.66 -12.05 -22.66
C ASP A 162 9.76 -13.38 -23.40
N VAL A 163 9.59 -14.47 -22.66
CA VAL A 163 9.67 -15.80 -23.24
C VAL A 163 8.55 -16.69 -22.71
N MET A 164 8.71 -17.14 -21.48
CA MET A 164 7.74 -18.00 -20.82
C MET A 164 8.16 -18.21 -19.37
N HIS A 165 7.49 -19.13 -18.69
CA HIS A 165 7.80 -19.41 -17.30
C HIS A 165 9.15 -20.12 -17.19
N GLU A 166 9.46 -20.94 -18.19
CA GLU A 166 10.70 -21.70 -18.22
C GLU A 166 11.92 -20.82 -18.51
N ASP A 167 11.81 -19.97 -19.54
CA ASP A 167 12.92 -19.10 -19.91
C ASP A 167 13.11 -18.01 -18.88
N ALA A 168 12.00 -17.54 -18.31
CA ALA A 168 12.05 -16.50 -17.30
C ALA A 168 12.65 -17.08 -16.03
N VAL A 169 12.27 -18.32 -15.73
CA VAL A 169 12.76 -18.99 -14.55
C VAL A 169 14.22 -19.40 -14.74
N ALA A 170 14.54 -19.88 -15.93
CA ALA A 170 15.90 -20.28 -16.25
C ALA A 170 16.82 -19.07 -16.28
N ALA A 171 16.25 -17.92 -16.68
CA ALA A 171 16.99 -16.68 -16.74
C ALA A 171 17.15 -16.06 -15.35
N LEU A 172 16.23 -16.39 -14.44
CA LEU A 172 16.28 -15.88 -13.09
C LEU A 172 17.27 -16.71 -12.26
N LYS A 173 17.23 -18.02 -12.46
CA LYS A 173 18.12 -18.92 -11.76
C LYS A 173 19.53 -18.83 -12.33
N ASN A 174 19.62 -18.45 -13.60
CA ASN A 174 20.91 -18.31 -14.27
C ASN A 174 21.78 -17.22 -13.62
N THR A 175 21.17 -16.41 -12.75
CA THR A 175 21.87 -15.33 -12.07
C THR A 175 23.22 -15.81 -11.52
N TYR A 176 24.19 -14.91 -11.50
CA TYR A 176 25.52 -15.23 -11.00
C TYR A 176 25.60 -15.05 -9.49
N ASP A 177 26.69 -15.51 -8.89
CA ASP A 177 26.90 -15.41 -7.45
C ASP A 177 26.58 -14.01 -6.92
N VAL A 178 26.79 -13.00 -7.74
CA VAL A 178 26.53 -11.62 -7.35
C VAL A 178 26.08 -10.80 -8.56
N VAL A 179 24.77 -10.73 -8.78
CA VAL A 179 24.23 -9.99 -9.91
C VAL A 179 23.22 -8.93 -9.46
N TYR A 180 23.15 -7.84 -10.20
CA TYR A 180 22.23 -6.75 -9.90
C TYR A 180 20.98 -6.86 -10.76
N LEU A 181 19.81 -6.83 -10.13
CA LEU A 181 18.55 -6.93 -10.85
C LEU A 181 17.76 -5.63 -10.80
N LYS A 182 16.94 -5.40 -11.81
CA LYS A 182 16.12 -4.20 -11.87
C LYS A 182 14.71 -4.48 -11.35
N VAL A 183 14.33 -3.78 -10.28
CA VAL A 183 13.03 -3.98 -9.68
C VAL A 183 12.07 -2.86 -10.06
N ALA A 184 10.77 -3.11 -9.91
CA ALA A 184 9.75 -2.11 -10.24
C ALA A 184 8.84 -1.87 -9.04
N LYS A 185 8.53 -0.60 -8.78
CA LYS A 185 7.66 -0.24 -7.67
C LYS A 185 6.19 -0.35 -8.08
N PRO A 186 5.33 -0.90 -7.21
CA PRO A 186 3.90 -1.06 -7.49
C PRO A 186 3.13 0.24 -7.40
N SER A 187 3.64 1.28 -8.05
CA SER A 187 2.98 2.59 -8.06
C SER A 187 2.70 3.07 -6.63
N ASN A 188 3.51 4.00 -6.16
CA ASN A 188 3.35 4.54 -4.81
C ASN A 188 3.37 3.43 -3.77
N ALA A 189 4.06 2.34 -4.10
CA ALA A 189 4.17 1.21 -3.20
C ALA A 189 5.62 0.94 -2.82
N GLN B 1 -6.11 19.52 27.61
CA GLN B 1 -6.46 20.62 28.55
C GLN B 1 -7.16 21.77 27.83
N VAL B 2 -8.40 22.03 28.22
CA VAL B 2 -9.20 23.10 27.61
C VAL B 2 -9.04 23.13 26.09
N VAL B 3 -9.93 22.45 25.39
CA VAL B 3 -9.89 22.39 23.93
C VAL B 3 -10.65 23.57 23.31
N PRO B 4 -9.93 24.54 22.72
CA PRO B 4 -10.54 25.71 22.09
C PRO B 4 -11.24 25.37 20.78
N PHE B 5 -10.66 24.44 20.04
CA PHE B 5 -11.22 24.03 18.75
C PHE B 5 -10.58 22.73 18.27
N SER B 6 -10.95 22.30 17.07
CA SER B 6 -10.41 21.06 16.49
C SER B 6 -10.83 19.86 17.33
N SER B 7 -10.79 18.68 16.71
CA SER B 7 -11.16 17.44 17.40
C SER B 7 -10.22 16.31 17.01
N SER B 8 -10.36 15.19 17.72
CA SER B 8 -9.51 14.02 17.46
C SER B 8 -10.13 12.76 18.06
N VAL B 9 -10.27 11.73 17.25
CA VAL B 9 -10.85 10.47 17.71
C VAL B 9 -9.99 9.28 17.29
N GLN C 1 -2.91 -32.01 -5.86
CA GLN C 1 -1.70 -32.16 -5.02
C GLN C 1 -0.71 -31.01 -5.27
N VAL C 2 -0.90 -29.91 -4.54
CA VAL C 2 -0.05 -28.75 -4.67
C VAL C 2 -0.17 -28.13 -6.07
N VAL C 3 -1.03 -27.13 -6.18
CA VAL C 3 -1.25 -26.46 -7.46
C VAL C 3 -0.12 -25.45 -7.76
N PRO C 4 0.22 -24.60 -6.79
CA PRO C 4 1.28 -23.60 -6.97
C PRO C 4 2.68 -24.19 -6.82
N PHE C 5 3.70 -23.34 -6.93
CA PHE C 5 5.08 -23.79 -6.80
C PHE C 5 6.04 -22.60 -6.91
N SER C 6 6.01 -21.91 -8.04
CA SER C 6 6.87 -20.76 -8.25
C SER C 6 8.35 -21.17 -8.19
N SER C 7 9.22 -20.31 -8.71
CA SER C 7 10.65 -20.59 -8.71
C SER C 7 11.26 -20.31 -7.35
N SER C 8 11.36 -21.34 -6.52
CA SER C 8 11.92 -21.21 -5.18
C SER C 8 13.42 -21.46 -5.19
N VAL C 9 14.20 -20.38 -5.19
CA VAL C 9 15.65 -20.49 -5.20
C VAL C 9 16.30 -19.25 -4.58
N MET A 1 -1.44 11.51 -2.34
CA MET A 1 -2.63 12.30 -1.94
C MET A 1 -3.78 12.10 -2.93
N GLU A 2 -4.95 11.74 -2.40
CA GLU A 2 -6.12 11.52 -3.24
C GLU A 2 -7.40 11.89 -2.50
N TYR A 3 -8.49 12.07 -3.25
CA TYR A 3 -9.78 12.43 -2.67
C TYR A 3 -10.87 11.49 -3.18
N GLU A 4 -12.01 11.48 -2.49
CA GLU A 4 -13.12 10.62 -2.88
C GLU A 4 -14.34 10.88 -2.00
N GLU A 5 -15.50 10.44 -2.48
CA GLU A 5 -16.75 10.62 -1.75
C GLU A 5 -17.09 9.36 -0.95
N ILE A 6 -17.72 9.56 0.20
CA ILE A 6 -18.09 8.45 1.07
C ILE A 6 -19.41 8.75 1.80
N THR A 7 -20.01 7.71 2.38
CA THR A 7 -21.28 7.86 3.09
C THR A 7 -21.23 7.25 4.47
N LEU A 8 -21.96 7.85 5.39
CA LEU A 8 -22.03 7.36 6.75
C LEU A 8 -23.46 7.36 7.25
N GLU A 9 -24.14 6.26 6.97
CA GLU A 9 -25.52 6.09 7.37
C GLU A 9 -25.58 5.68 8.85
N ARG A 10 -26.23 6.51 9.66
CA ARG A 10 -26.37 6.24 11.09
C ARG A 10 -26.69 4.78 11.36
N GLY A 11 -25.66 4.00 11.69
CA GLY A 11 -25.86 2.59 11.97
C GLY A 11 -26.99 2.38 12.96
N ASN A 12 -27.21 3.38 13.80
CA ASN A 12 -28.26 3.33 14.80
C ASN A 12 -28.40 4.70 15.48
N SER A 13 -27.59 4.93 16.51
CA SER A 13 -27.64 6.20 17.24
C SER A 13 -26.41 7.06 16.98
N GLY A 14 -25.83 6.95 15.79
CA GLY A 14 -24.65 7.75 15.49
C GLY A 14 -23.72 7.07 14.50
N LEU A 15 -22.66 7.77 14.16
CA LEU A 15 -21.68 7.28 13.21
C LEU A 15 -20.65 6.37 13.89
N GLY A 16 -20.12 6.83 15.02
CA GLY A 16 -19.15 6.04 15.77
C GLY A 16 -17.71 6.38 15.44
N PHE A 17 -17.31 7.63 15.71
CA PHE A 17 -15.94 8.05 15.46
C PHE A 17 -15.61 9.37 16.17
N SER A 18 -14.34 9.72 16.19
CA SER A 18 -13.91 10.96 16.83
C SER A 18 -13.23 11.89 15.81
N ILE A 19 -13.70 13.12 15.73
CA ILE A 19 -13.14 14.07 14.79
C ILE A 19 -12.49 15.26 15.50
N ALA A 20 -11.57 15.91 14.79
CA ALA A 20 -10.86 17.08 15.32
C ALA A 20 -10.01 17.72 14.23
N GLY A 21 -9.84 19.04 14.31
CA GLY A 21 -9.05 19.76 13.32
C GLY A 21 -9.81 20.91 12.70
N GLY A 22 -10.89 21.32 13.36
CA GLY A 22 -11.71 22.42 12.86
C GLY A 22 -10.89 23.63 12.44
N THR A 23 -11.58 24.62 11.86
CA THR A 23 -10.94 25.83 11.38
C THR A 23 -10.63 26.79 12.53
N ASP A 24 -11.51 26.84 13.53
CA ASP A 24 -11.32 27.73 14.67
C ASP A 24 -10.46 27.08 15.74
N ASN A 25 -10.72 25.80 16.00
CA ASN A 25 -9.96 25.07 17.02
C ASN A 25 -9.31 23.82 16.44
N PRO A 26 -8.19 23.99 15.69
CA PRO A 26 -7.47 22.86 15.09
C PRO A 26 -7.19 21.75 16.09
N HIS A 27 -6.71 20.62 15.59
CA HIS A 27 -6.38 19.48 16.42
C HIS A 27 -4.87 19.25 16.47
N ILE A 28 -4.18 19.77 15.46
CA ILE A 28 -2.74 19.65 15.37
C ILE A 28 -2.06 20.98 15.68
N GLY A 29 -2.80 22.07 15.45
CA GLY A 29 -2.26 23.39 15.72
C GLY A 29 -1.74 24.06 14.46
N ASP A 30 -2.32 23.72 13.31
CA ASP A 30 -1.90 24.29 12.04
C ASP A 30 -2.63 23.64 10.87
N ASP A 31 -3.92 23.39 11.05
CA ASP A 31 -4.73 22.77 10.00
C ASP A 31 -6.20 23.16 10.16
N PRO A 32 -6.71 24.01 9.25
CA PRO A 32 -8.10 24.45 9.28
C PRO A 32 -9.08 23.32 8.98
N SER A 33 -8.58 22.29 8.31
CA SER A 33 -9.41 21.15 7.95
C SER A 33 -9.51 20.16 9.12
N ILE A 34 -10.71 19.65 9.35
CA ILE A 34 -10.94 18.70 10.43
C ILE A 34 -10.57 17.28 9.97
N PHE A 35 -10.06 16.47 10.88
CA PHE A 35 -9.68 15.10 10.57
C PHE A 35 -10.01 14.17 11.72
N ILE A 36 -10.44 12.95 11.40
CA ILE A 36 -10.81 11.97 12.41
C ILE A 36 -9.57 11.48 13.15
N THR A 37 -9.73 11.18 14.43
CA THR A 37 -8.62 10.69 15.25
C THR A 37 -8.67 9.18 15.41
N LYS A 38 -9.88 8.63 15.48
CA LYS A 38 -10.06 7.20 15.64
C LYS A 38 -11.52 6.79 15.49
N ILE A 39 -11.75 5.63 14.89
CA ILE A 39 -13.09 5.12 14.68
C ILE A 39 -13.40 3.95 15.61
N ILE A 40 -14.62 3.91 16.11
CA ILE A 40 -15.04 2.85 17.01
C ILE A 40 -15.50 1.62 16.24
N PRO A 41 -15.07 0.41 16.65
CA PRO A 41 -15.44 -0.83 15.99
C PRO A 41 -16.90 -1.23 16.25
N GLY A 42 -17.82 -0.39 15.79
CA GLY A 42 -19.23 -0.67 15.98
C GLY A 42 -20.12 0.27 15.18
N GLY A 43 -19.78 1.55 15.20
CA GLY A 43 -20.57 2.53 14.46
C GLY A 43 -20.65 2.22 12.98
N ALA A 44 -21.38 3.06 12.25
CA ALA A 44 -21.55 2.88 10.81
C ALA A 44 -20.30 3.32 10.04
N ALA A 45 -19.46 4.13 10.68
CA ALA A 45 -18.23 4.62 10.03
C ALA A 45 -17.41 3.46 9.48
N ALA A 46 -17.03 2.54 10.36
CA ALA A 46 -16.25 1.38 9.97
C ALA A 46 -17.02 0.48 9.01
N GLN A 47 -18.34 0.51 9.15
CA GLN A 47 -19.21 -0.28 8.29
C GLN A 47 -19.23 0.30 6.90
N ASP A 48 -19.14 1.62 6.83
CA ASP A 48 -19.14 2.32 5.56
C ASP A 48 -17.72 2.46 5.04
N GLY A 49 -16.75 2.33 5.94
CA GLY A 49 -15.36 2.45 5.54
C GLY A 49 -14.89 3.88 5.47
N ARG A 50 -14.57 4.47 6.62
CA ARG A 50 -14.10 5.84 6.68
C ARG A 50 -12.60 5.95 6.51
N LEU A 51 -11.99 4.92 5.90
CA LEU A 51 -10.55 4.90 5.66
C LEU A 51 -9.77 5.54 6.82
N ARG A 52 -8.58 6.04 6.54
CA ARG A 52 -7.74 6.65 7.56
C ARG A 52 -8.47 7.80 8.26
N VAL A 53 -8.49 7.76 9.58
CA VAL A 53 -9.15 8.77 10.37
C VAL A 53 -8.58 10.16 10.07
N ASN A 54 -7.27 10.24 9.94
CA ASN A 54 -6.58 11.49 9.65
C ASN A 54 -7.20 12.21 8.45
N ASP A 55 -7.98 11.50 7.64
CA ASP A 55 -8.62 12.10 6.48
C ASP A 55 -9.48 13.29 6.89
N SER A 56 -9.62 14.27 6.01
CA SER A 56 -10.42 15.45 6.31
C SER A 56 -11.54 15.62 5.30
N ILE A 57 -12.76 15.80 5.79
CA ILE A 57 -13.91 15.98 4.92
C ILE A 57 -13.79 17.28 4.13
N LEU A 58 -13.26 17.18 2.91
CA LEU A 58 -13.11 18.33 2.05
C LEU A 58 -14.45 19.01 1.80
N PHE A 59 -15.52 18.23 1.89
CA PHE A 59 -16.86 18.76 1.66
C PHE A 59 -17.93 17.82 2.20
N VAL A 60 -19.03 18.40 2.71
CA VAL A 60 -20.12 17.61 3.24
C VAL A 60 -21.33 17.69 2.32
N ASN A 61 -22.42 17.06 2.73
CA ASN A 61 -23.66 17.03 1.96
C ASN A 61 -23.75 18.19 0.95
N GLU A 62 -23.55 19.40 1.44
CA GLU A 62 -23.57 20.58 0.59
C GLU A 62 -22.86 21.76 1.26
N VAL A 63 -21.93 21.45 2.16
CA VAL A 63 -21.18 22.47 2.88
C VAL A 63 -19.68 22.32 2.65
N ASP A 64 -18.99 23.46 2.54
CA ASP A 64 -17.55 23.45 2.33
C ASP A 64 -16.83 23.21 3.66
N VAL A 65 -16.64 21.94 4.00
CA VAL A 65 -15.98 21.58 5.25
C VAL A 65 -14.48 21.36 5.04
N ARG A 66 -13.90 22.06 4.09
CA ARG A 66 -12.48 21.94 3.80
C ARG A 66 -11.66 22.81 4.76
N GLU A 67 -12.34 23.49 5.68
CA GLU A 67 -11.69 24.35 6.66
C GLU A 67 -12.74 25.05 7.50
N VAL A 68 -13.56 24.25 8.17
CA VAL A 68 -14.63 24.77 9.01
C VAL A 68 -14.46 24.35 10.47
N THR A 69 -14.80 25.27 11.37
CA THR A 69 -14.69 25.04 12.81
C THR A 69 -15.33 23.71 13.23
N HIS A 70 -14.95 23.26 14.42
CA HIS A 70 -15.46 22.01 14.98
C HIS A 70 -16.97 22.06 15.15
N SER A 71 -17.46 23.13 15.75
CA SER A 71 -18.89 23.28 15.99
C SER A 71 -19.67 23.27 14.67
N ALA A 72 -19.09 23.90 13.64
CA ALA A 72 -19.73 23.96 12.34
C ALA A 72 -19.77 22.59 11.67
N ALA A 73 -18.70 21.81 11.88
CA ALA A 73 -18.62 20.47 11.32
C ALA A 73 -19.56 19.55 12.04
N VAL A 74 -19.59 19.67 13.36
CA VAL A 74 -20.46 18.85 14.17
C VAL A 74 -21.92 19.17 13.87
N GLU A 75 -22.16 20.45 13.59
CA GLU A 75 -23.51 20.91 13.26
C GLU A 75 -23.95 20.39 11.89
N ALA A 76 -22.98 20.26 10.99
CA ALA A 76 -23.26 19.76 9.65
C ALA A 76 -23.64 18.29 9.68
N LEU A 77 -22.89 17.55 10.48
CA LEU A 77 -23.14 16.13 10.64
C LEU A 77 -24.32 15.91 11.56
N LYS A 78 -24.55 16.89 12.42
CA LYS A 78 -25.67 16.84 13.35
C LYS A 78 -26.97 17.06 12.60
N GLU A 79 -26.92 18.01 11.67
CA GLU A 79 -28.10 18.33 10.87
C GLU A 79 -27.96 17.76 9.46
N ALA A 80 -27.22 16.66 9.35
CA ALA A 80 -27.01 16.01 8.06
C ALA A 80 -27.99 14.85 7.86
N GLY A 81 -28.56 14.36 8.96
CA GLY A 81 -29.50 13.26 8.86
C GLY A 81 -28.91 11.94 9.30
N SER A 82 -29.52 10.84 8.86
CA SER A 82 -29.05 9.49 9.21
C SER A 82 -28.22 8.89 8.09
N ILE A 83 -27.89 9.70 7.09
CA ILE A 83 -27.10 9.26 5.94
C ILE A 83 -26.34 10.44 5.36
N VAL A 84 -25.10 10.62 5.80
CA VAL A 84 -24.30 11.73 5.35
C VAL A 84 -23.48 11.40 4.12
N ARG A 85 -23.48 12.32 3.15
CA ARG A 85 -22.72 12.17 1.92
C ARG A 85 -21.67 13.27 1.83
N LEU A 86 -20.43 12.93 2.14
CA LEU A 86 -19.35 13.92 2.14
C LEU A 86 -18.15 13.47 1.32
N TYR A 87 -17.40 14.45 0.83
CA TYR A 87 -16.20 14.20 0.06
C TYR A 87 -14.99 14.46 0.94
N VAL A 88 -14.22 13.43 1.22
CA VAL A 88 -13.06 13.58 2.09
C VAL A 88 -11.75 13.57 1.32
N MET A 89 -10.68 13.95 2.01
CA MET A 89 -9.35 13.99 1.41
C MET A 89 -8.38 13.19 2.26
N ARG A 90 -7.95 12.05 1.73
CA ARG A 90 -7.03 11.17 2.42
C ARG A 90 -5.84 10.80 1.55
N ARG A 91 -4.69 10.62 2.18
CA ARG A 91 -3.47 10.26 1.46
C ARG A 91 -3.41 8.77 1.20
N LYS A 92 -3.12 8.39 -0.04
CA LYS A 92 -3.02 6.99 -0.42
C LYS A 92 -1.62 6.67 -0.92
N PRO A 93 -0.59 6.91 -0.09
CA PRO A 93 0.81 6.65 -0.45
C PRO A 93 1.10 5.16 -0.61
N PRO A 94 1.39 4.71 -1.84
CA PRO A 94 1.70 3.32 -2.14
C PRO A 94 3.19 3.07 -2.15
N ALA A 95 3.62 2.06 -1.40
CA ALA A 95 5.03 1.72 -1.31
C ALA A 95 5.44 0.73 -2.41
N GLU A 96 4.65 0.69 -3.47
CA GLU A 96 4.91 -0.19 -4.60
C GLU A 96 5.62 0.56 -5.72
N LYS A 97 6.91 0.31 -5.87
CA LYS A 97 7.70 0.99 -6.89
C LYS A 97 8.31 -0.03 -7.86
N VAL A 98 8.03 0.14 -9.15
CA VAL A 98 8.56 -0.75 -10.18
C VAL A 98 9.96 -0.32 -10.59
N MET A 99 10.95 -1.16 -10.31
CA MET A 99 12.33 -0.87 -10.65
C MET A 99 12.76 -1.55 -11.95
N GLU A 100 13.90 -1.12 -12.46
CA GLU A 100 14.47 -1.66 -13.69
C GLU A 100 15.96 -1.88 -13.48
N ILE A 101 16.33 -3.14 -13.35
CA ILE A 101 17.72 -3.50 -13.06
C ILE A 101 18.38 -4.26 -14.20
N LYS A 102 19.70 -4.15 -14.23
CA LYS A 102 20.51 -4.82 -15.24
C LYS A 102 21.39 -5.89 -14.60
N LEU A 103 21.22 -7.13 -15.03
CA LEU A 103 22.00 -8.24 -14.49
C LEU A 103 22.81 -8.91 -15.60
N ILE A 104 24.12 -8.89 -15.46
CA ILE A 104 24.99 -9.48 -16.45
C ILE A 104 25.37 -10.90 -16.08
N LYS A 105 25.50 -11.75 -17.08
CA LYS A 105 25.86 -13.15 -16.86
C LYS A 105 27.19 -13.27 -16.14
N GLY A 106 27.36 -14.36 -15.38
CA GLY A 106 28.60 -14.59 -14.66
C GLY A 106 29.12 -15.98 -14.88
N PRO A 107 30.42 -16.22 -14.63
CA PRO A 107 31.01 -17.54 -14.83
C PRO A 107 30.26 -18.63 -14.08
N LYS A 108 29.83 -18.32 -12.87
CA LYS A 108 29.08 -19.28 -12.08
C LYS A 108 27.59 -19.04 -12.26
N GLY A 109 27.25 -18.35 -13.35
CA GLY A 109 25.86 -18.05 -13.61
C GLY A 109 25.53 -16.62 -13.29
N LEU A 110 24.33 -16.37 -12.80
CA LEU A 110 23.94 -15.03 -12.44
C LEU A 110 24.36 -14.69 -11.01
N GLY A 111 24.62 -15.73 -10.21
CA GLY A 111 25.03 -15.51 -8.83
C GLY A 111 23.92 -14.99 -7.95
N PHE A 112 22.85 -15.79 -7.82
CA PHE A 112 21.71 -15.40 -6.99
C PHE A 112 20.66 -16.52 -6.96
N SER A 113 19.99 -16.67 -5.82
CA SER A 113 18.96 -17.69 -5.67
C SER A 113 17.58 -17.06 -5.60
N ILE A 114 16.73 -17.39 -6.57
CA ILE A 114 15.37 -16.85 -6.62
C ILE A 114 14.36 -17.97 -6.84
N ALA A 115 13.13 -17.74 -6.40
CA ALA A 115 12.07 -18.74 -6.57
C ALA A 115 10.71 -18.09 -6.71
N GLY A 116 10.01 -18.43 -7.80
CA GLY A 116 8.68 -17.88 -8.04
C GLY A 116 7.84 -18.79 -8.92
N GLY A 117 6.65 -18.31 -9.27
CA GLY A 117 5.77 -19.08 -10.13
C GLY A 117 5.09 -20.23 -9.41
N VAL A 118 4.54 -21.16 -10.19
CA VAL A 118 3.85 -22.32 -9.64
C VAL A 118 4.84 -23.44 -9.33
N GLY A 119 4.51 -24.25 -8.32
CA GLY A 119 5.39 -25.35 -7.94
C GLY A 119 6.35 -24.95 -6.84
N ASN A 120 6.72 -23.68 -6.83
CA ASN A 120 7.63 -23.14 -5.83
C ASN A 120 7.58 -21.62 -5.83
N GLN A 121 6.46 -21.08 -5.36
CA GLN A 121 6.26 -19.64 -5.32
C GLN A 121 7.20 -18.98 -4.33
N HIS A 122 7.88 -19.78 -3.50
CA HIS A 122 8.79 -19.25 -2.49
C HIS A 122 8.04 -18.58 -1.35
N ILE A 123 7.21 -17.64 -1.74
CA ILE A 123 6.40 -16.87 -0.79
C ILE A 123 5.03 -17.54 -0.59
N PRO A 124 4.55 -17.59 0.66
CA PRO A 124 3.25 -18.20 0.97
C PRO A 124 2.07 -17.33 0.52
N GLY A 125 1.99 -17.08 -0.78
CA GLY A 125 0.90 -16.26 -1.31
C GLY A 125 1.39 -15.16 -2.23
N ASP A 126 2.12 -15.53 -3.28
CA ASP A 126 2.63 -14.56 -4.23
C ASP A 126 3.36 -15.26 -5.38
N ASN A 127 2.64 -15.46 -6.48
CA ASN A 127 3.21 -16.11 -7.66
C ASN A 127 4.44 -15.37 -8.17
N SER A 128 4.54 -14.09 -7.83
CA SER A 128 5.67 -13.27 -8.25
C SER A 128 6.99 -13.86 -7.78
N ILE A 129 8.02 -13.78 -8.62
CA ILE A 129 9.33 -14.31 -8.28
C ILE A 129 10.04 -13.42 -7.27
N TYR A 130 10.50 -14.03 -6.18
CA TYR A 130 11.20 -13.30 -5.14
C TYR A 130 12.59 -13.90 -4.92
N VAL A 131 13.55 -13.05 -4.59
CA VAL A 131 14.92 -13.51 -4.35
C VAL A 131 15.03 -14.18 -2.98
N THR A 132 16.02 -15.06 -2.84
CA THR A 132 16.23 -15.77 -1.59
C THR A 132 17.61 -15.47 -1.01
N LYS A 133 18.65 -15.78 -1.76
CA LYS A 133 20.02 -15.56 -1.30
C LYS A 133 20.93 -15.17 -2.46
N ILE A 134 21.92 -14.33 -2.17
CA ILE A 134 22.85 -13.88 -3.20
C ILE A 134 24.29 -13.93 -2.67
N ILE A 135 25.21 -14.33 -3.55
CA ILE A 135 26.62 -14.42 -3.17
C ILE A 135 27.27 -13.04 -3.16
N GLU A 136 28.51 -12.97 -2.71
CA GLU A 136 29.24 -11.71 -2.64
C GLU A 136 30.13 -11.53 -3.86
N GLY A 137 30.40 -10.28 -4.22
CA GLY A 137 31.24 -10.00 -5.37
C GLY A 137 30.78 -10.72 -6.63
N GLY A 138 29.47 -10.92 -6.74
CA GLY A 138 28.93 -11.60 -7.90
C GLY A 138 28.51 -10.64 -9.00
N ALA A 139 27.78 -11.15 -9.98
CA ALA A 139 27.32 -10.34 -11.10
C ALA A 139 26.11 -9.50 -10.71
N ALA A 140 25.04 -10.17 -10.31
CA ALA A 140 23.82 -9.48 -9.92
C ALA A 140 24.01 -8.72 -8.61
N HIS A 141 24.87 -9.24 -7.74
CA HIS A 141 25.13 -8.59 -6.47
C HIS A 141 25.67 -7.19 -6.71
N LYS A 142 26.69 -7.10 -7.55
CA LYS A 142 27.32 -5.83 -7.88
C LYS A 142 26.43 -4.99 -8.79
N ASP A 143 25.99 -5.58 -9.90
CA ASP A 143 25.15 -4.87 -10.86
C ASP A 143 23.69 -4.83 -10.42
N GLY A 144 23.11 -6.01 -10.25
CA GLY A 144 21.73 -6.12 -9.84
C GLY A 144 21.41 -5.32 -8.59
N ARG A 145 22.18 -5.54 -7.54
CA ARG A 145 21.97 -4.83 -6.27
C ARG A 145 20.61 -5.21 -5.66
N LEU A 146 20.03 -6.30 -6.14
CA LEU A 146 18.74 -6.76 -5.63
C LEU A 146 18.95 -7.80 -4.52
N GLN A 147 19.26 -7.31 -3.33
CA GLN A 147 19.49 -8.19 -2.19
C GLN A 147 18.24 -9.00 -1.86
N ILE A 148 18.36 -9.90 -0.90
CA ILE A 148 17.24 -10.74 -0.49
C ILE A 148 15.98 -9.90 -0.28
N GLY A 149 14.90 -10.34 -0.88
CA GLY A 149 13.64 -9.63 -0.76
C GLY A 149 13.17 -9.06 -2.09
N ASP A 150 14.11 -8.78 -2.98
CA ASP A 150 13.77 -8.23 -4.29
C ASP A 150 12.95 -9.23 -5.09
N LYS A 151 11.93 -8.74 -5.78
CA LYS A 151 11.05 -9.60 -6.57
C LYS A 151 10.95 -9.09 -8.01
N ILE A 152 11.13 -9.99 -8.97
CA ILE A 152 11.05 -9.63 -10.37
C ILE A 152 9.73 -10.07 -10.98
N LEU A 153 9.11 -9.18 -11.74
CA LEU A 153 7.84 -9.47 -12.38
C LEU A 153 8.04 -9.82 -13.85
N ALA A 154 9.28 -9.77 -14.31
CA ALA A 154 9.58 -10.07 -15.71
C ALA A 154 11.07 -9.86 -16.00
N VAL A 155 11.53 -10.41 -17.12
CA VAL A 155 12.92 -10.26 -17.53
C VAL A 155 13.00 -9.58 -18.89
N ASN A 156 13.29 -8.27 -18.87
CA ASN A 156 13.36 -7.48 -20.09
C ASN A 156 11.98 -7.31 -20.69
N SER A 157 11.37 -8.44 -21.01
CA SER A 157 10.03 -8.46 -21.58
C SER A 157 9.45 -9.87 -21.50
N VAL A 158 9.90 -10.64 -20.52
CA VAL A 158 9.45 -12.01 -20.32
C VAL A 158 8.55 -12.13 -19.10
N GLY A 159 7.68 -13.13 -19.12
CA GLY A 159 6.78 -13.36 -18.00
C GLY A 159 7.05 -14.69 -17.35
N LEU A 160 8.10 -14.73 -16.55
CA LEU A 160 8.50 -15.96 -15.86
C LEU A 160 7.67 -16.19 -14.60
N GLU A 161 6.47 -15.63 -14.56
CA GLU A 161 5.59 -15.79 -13.42
C GLU A 161 4.18 -16.16 -13.87
N ASP A 162 4.12 -16.88 -14.98
CA ASP A 162 2.86 -17.32 -15.53
C ASP A 162 2.99 -18.72 -16.11
N VAL A 163 3.92 -19.48 -15.56
CA VAL A 163 4.15 -20.85 -16.02
C VAL A 163 4.40 -21.80 -14.86
N MET A 164 5.62 -21.78 -14.32
CA MET A 164 6.00 -22.62 -13.21
C MET A 164 7.44 -22.35 -12.82
N HIS A 165 7.99 -23.20 -11.96
CA HIS A 165 9.36 -23.04 -11.51
C HIS A 165 10.33 -23.36 -12.65
N GLU A 166 9.92 -24.28 -13.52
CA GLU A 166 10.76 -24.69 -14.65
C GLU A 166 10.83 -23.63 -15.74
N ASP A 167 9.67 -23.10 -16.13
CA ASP A 167 9.63 -22.09 -17.18
C ASP A 167 10.23 -20.78 -16.69
N ALA A 168 9.99 -20.46 -15.43
CA ALA A 168 10.52 -19.26 -14.84
C ALA A 168 12.03 -19.39 -14.67
N VAL A 169 12.46 -20.59 -14.29
CA VAL A 169 13.86 -20.86 -14.11
C VAL A 169 14.58 -20.92 -15.45
N ALA A 170 13.92 -21.54 -16.43
CA ALA A 170 14.48 -21.64 -17.77
C ALA A 170 14.48 -20.30 -18.48
N ALA A 171 13.52 -19.45 -18.14
CA ALA A 171 13.41 -18.14 -18.74
C ALA A 171 14.43 -17.17 -18.15
N LEU A 172 14.80 -17.39 -16.89
CA LEU A 172 15.77 -16.54 -16.23
C LEU A 172 17.18 -16.95 -16.61
N LYS A 173 17.39 -18.26 -16.73
CA LYS A 173 18.69 -18.79 -17.11
C LYS A 173 18.92 -18.57 -18.61
N ASN A 174 17.83 -18.48 -19.35
CA ASN A 174 17.91 -18.26 -20.80
C ASN A 174 18.55 -16.91 -21.10
N THR A 175 18.64 -16.04 -20.09
CA THR A 175 19.23 -14.72 -20.24
C THR A 175 20.60 -14.78 -20.91
N TYR A 176 21.24 -13.62 -21.07
CA TYR A 176 22.55 -13.55 -21.70
C TYR A 176 23.53 -12.69 -20.88
N ASP A 177 24.59 -12.24 -21.53
CA ASP A 177 25.64 -11.45 -20.90
C ASP A 177 25.13 -10.21 -20.15
N VAL A 178 24.08 -9.58 -20.65
CA VAL A 178 23.55 -8.38 -20.00
C VAL A 178 22.04 -8.25 -20.19
N VAL A 179 21.29 -8.78 -19.24
CA VAL A 179 19.84 -8.74 -19.29
C VAL A 179 19.25 -7.82 -18.23
N TYR A 180 18.34 -6.95 -18.65
CA TYR A 180 17.68 -6.04 -17.73
C TYR A 180 16.36 -6.65 -17.27
N LEU A 181 16.19 -6.77 -15.95
CA LEU A 181 14.98 -7.36 -15.39
C LEU A 181 14.12 -6.31 -14.71
N LYS A 182 12.82 -6.59 -14.65
CA LYS A 182 11.88 -5.67 -14.02
C LYS A 182 11.59 -6.10 -12.58
N VAL A 183 12.07 -5.31 -11.64
CA VAL A 183 11.85 -5.61 -10.22
C VAL A 183 10.75 -4.73 -9.66
N ALA A 184 10.17 -5.16 -8.54
CA ALA A 184 9.09 -4.40 -7.92
C ALA A 184 9.21 -4.40 -6.40
N LYS A 185 8.82 -3.29 -5.79
CA LYS A 185 8.88 -3.16 -4.34
C LYS A 185 7.51 -3.41 -3.72
N PRO A 186 7.47 -4.01 -2.52
CA PRO A 186 6.21 -4.30 -1.82
C PRO A 186 5.33 -3.06 -1.66
N SER A 187 4.10 -3.15 -2.16
CA SER A 187 3.17 -2.02 -2.07
C SER A 187 3.00 -1.56 -0.64
N ASN A 188 2.13 -0.57 -0.43
CA ASN A 188 1.89 -0.03 0.90
C ASN A 188 1.22 -1.08 1.79
N ALA A 189 1.99 -2.08 2.21
CA ALA A 189 1.48 -3.14 3.06
C ALA A 189 0.30 -3.86 2.39
N GLN B 1 -2.41 14.83 23.76
CA GLN B 1 -2.86 16.10 24.38
C GLN B 1 -4.12 16.64 23.70
N VAL B 2 -5.17 15.82 23.68
CA VAL B 2 -6.43 16.21 23.07
C VAL B 2 -7.49 15.11 23.22
N VAL B 3 -7.64 14.62 24.45
CA VAL B 3 -8.61 13.57 24.72
C VAL B 3 -10.04 14.13 24.77
N PRO B 4 -10.27 15.23 25.49
CA PRO B 4 -11.60 15.84 25.59
C PRO B 4 -11.96 16.67 24.37
N PHE B 5 -10.95 17.27 23.74
CA PHE B 5 -11.15 18.08 22.55
C PHE B 5 -11.32 17.22 21.31
N SER B 6 -12.52 16.68 21.13
CA SER B 6 -12.82 15.84 19.98
C SER B 6 -14.29 15.46 19.96
N SER B 7 -14.87 15.33 18.77
CA SER B 7 -16.28 14.98 18.64
C SER B 7 -16.45 13.48 18.45
N SER B 8 -16.70 12.78 19.56
CA SER B 8 -16.90 11.34 19.53
C SER B 8 -18.37 11.01 19.31
N VAL B 9 -18.81 11.07 18.06
CA VAL B 9 -20.20 10.79 17.73
C VAL B 9 -20.29 9.77 16.60
N GLN C 1 20.39 -30.65 -0.18
CA GLN C 1 20.24 -32.05 0.28
C GLN C 1 19.00 -32.70 -0.32
N VAL C 2 19.10 -33.08 -1.59
CA VAL C 2 17.99 -33.72 -2.29
C VAL C 2 16.80 -32.78 -2.41
N VAL C 3 16.36 -32.53 -3.63
CA VAL C 3 15.23 -31.65 -3.88
C VAL C 3 15.54 -30.22 -3.45
N PRO C 4 16.22 -29.44 -4.31
CA PRO C 4 16.59 -28.06 -4.01
C PRO C 4 15.39 -27.22 -3.61
N PHE C 5 15.64 -26.14 -2.88
CA PHE C 5 14.57 -25.25 -2.43
C PHE C 5 14.44 -24.05 -3.36
N SER C 6 15.48 -23.22 -3.40
CA SER C 6 15.48 -22.03 -4.24
C SER C 6 16.33 -22.26 -5.49
N SER C 7 15.97 -21.57 -6.57
CA SER C 7 16.70 -21.69 -7.82
C SER C 7 18.04 -20.96 -7.76
N SER C 8 19.09 -21.68 -7.41
CA SER C 8 20.43 -21.10 -7.30
C SER C 8 21.13 -21.13 -8.65
N VAL C 9 21.43 -19.94 -9.18
CA VAL C 9 22.10 -19.83 -10.46
C VAL C 9 23.00 -18.60 -10.50
N MET A 1 0.85 7.92 -2.24
CA MET A 1 -0.57 8.20 -1.95
C MET A 1 -1.43 6.96 -2.12
N GLU A 2 -2.06 6.52 -1.04
CA GLU A 2 -2.91 5.33 -1.08
C GLU A 2 -4.31 5.64 -0.57
N TYR A 3 -5.23 4.71 -0.78
CA TYR A 3 -6.62 4.89 -0.35
C TYR A 3 -7.21 3.56 0.11
N GLU A 4 -8.47 3.61 0.57
CA GLU A 4 -9.15 2.40 1.04
C GLU A 4 -10.62 2.70 1.36
N GLU A 5 -11.48 1.74 1.05
CA GLU A 5 -12.91 1.88 1.31
C GLU A 5 -13.36 0.98 2.46
N ILE A 6 -13.72 1.59 3.59
CA ILE A 6 -14.15 0.86 4.75
C ILE A 6 -15.57 1.23 5.15
N THR A 7 -16.00 0.77 6.33
CA THR A 7 -17.33 1.04 6.84
C THR A 7 -17.28 1.31 8.34
N LEU A 8 -17.95 2.37 8.77
CA LEU A 8 -17.96 2.70 10.18
C LEU A 8 -19.35 2.54 10.77
N GLU A 9 -19.61 1.33 11.24
CA GLU A 9 -20.88 0.99 11.85
C GLU A 9 -20.90 1.43 13.31
N ARG A 10 -21.80 2.37 13.64
CA ARG A 10 -21.93 2.89 15.01
C ARG A 10 -21.79 1.77 16.04
N GLY A 11 -20.57 1.59 16.56
CA GLY A 11 -20.35 0.57 17.56
C GLY A 11 -21.37 0.63 18.68
N ASN A 12 -21.92 1.81 18.90
CA ASN A 12 -22.92 2.01 19.93
C ASN A 12 -23.56 3.40 19.81
N SER A 13 -22.91 4.40 20.40
CA SER A 13 -23.43 5.76 20.36
C SER A 13 -22.58 6.68 19.48
N GLY A 14 -21.96 6.13 18.44
CA GLY A 14 -21.15 6.96 17.57
C GLY A 14 -19.98 6.21 16.97
N LEU A 15 -19.23 6.90 16.13
CA LEU A 15 -18.07 6.33 15.46
C LEU A 15 -16.84 6.38 16.33
N GLY A 16 -16.60 7.54 16.96
CA GLY A 16 -15.46 7.70 17.83
C GLY A 16 -14.20 8.18 17.12
N PHE A 17 -14.25 9.39 16.58
CA PHE A 17 -13.10 9.96 15.88
C PHE A 17 -13.29 11.47 15.69
N SER A 18 -12.17 12.19 15.74
CA SER A 18 -12.21 13.65 15.57
C SER A 18 -11.91 14.04 14.13
N ILE A 19 -12.21 15.29 13.79
CA ILE A 19 -11.97 15.81 12.45
C ILE A 19 -11.76 17.31 12.48
N ALA A 20 -11.13 17.83 11.43
CA ALA A 20 -10.86 19.26 11.34
C ALA A 20 -10.42 19.66 9.93
N GLY A 21 -10.64 20.92 9.58
CA GLY A 21 -10.27 21.40 8.27
C GLY A 21 -11.43 22.02 7.52
N GLY A 22 -11.66 21.56 6.30
CA GLY A 22 -12.75 22.08 5.49
C GLY A 22 -12.26 22.80 4.26
N THR A 23 -13.01 22.68 3.16
CA THR A 23 -12.64 23.32 1.92
C THR A 23 -12.51 24.84 2.09
N ASP A 24 -13.13 25.37 3.15
CA ASP A 24 -13.07 26.80 3.40
C ASP A 24 -11.93 27.14 4.37
N ASN A 25 -11.78 26.32 5.41
CA ASN A 25 -10.74 26.54 6.41
C ASN A 25 -9.84 25.32 6.55
N PRO A 26 -8.91 25.13 5.59
CA PRO A 26 -7.98 23.99 5.62
C PRO A 26 -7.33 23.80 6.98
N HIS A 27 -7.37 22.58 7.49
CA HIS A 27 -6.79 22.25 8.78
C HIS A 27 -5.31 22.60 8.81
N ILE A 28 -4.51 21.81 8.11
CA ILE A 28 -3.06 22.04 8.05
C ILE A 28 -2.76 23.44 7.55
N GLY A 29 -3.51 23.87 6.54
CA GLY A 29 -3.33 25.19 5.97
C GLY A 29 -2.81 25.14 4.55
N ASP A 30 -3.05 24.02 3.87
CA ASP A 30 -2.60 23.86 2.50
C ASP A 30 -3.28 22.67 1.83
N ASP A 31 -4.50 22.37 2.27
CA ASP A 31 -5.26 21.25 1.72
C ASP A 31 -6.75 21.41 2.01
N PRO A 32 -7.54 21.82 1.01
CA PRO A 32 -8.99 22.00 1.18
C PRO A 32 -9.68 20.74 1.69
N SER A 33 -9.07 19.59 1.41
CA SER A 33 -9.61 18.31 1.84
C SER A 33 -9.55 18.20 3.36
N ILE A 34 -10.52 17.49 3.94
CA ILE A 34 -10.57 17.32 5.39
C ILE A 34 -9.89 16.03 5.81
N PHE A 35 -9.37 16.01 7.03
CA PHE A 35 -8.70 14.84 7.58
C PHE A 35 -8.99 14.69 9.06
N ILE A 36 -8.84 13.47 9.56
CA ILE A 36 -9.07 13.18 10.96
C ILE A 36 -7.88 13.68 11.79
N THR A 37 -8.14 14.09 13.02
CA THR A 37 -7.07 14.59 13.87
C THR A 37 -6.67 13.57 14.94
N LYS A 38 -7.63 12.75 15.35
CA LYS A 38 -7.35 11.73 16.36
C LYS A 38 -8.56 10.81 16.56
N ILE A 39 -8.27 9.55 16.86
CA ILE A 39 -9.31 8.56 17.08
C ILE A 39 -9.28 8.05 18.52
N ILE A 40 -10.45 7.83 19.09
CA ILE A 40 -10.56 7.34 20.46
C ILE A 40 -10.59 5.82 20.49
N PRO A 41 -9.90 5.21 21.47
CA PRO A 41 -9.85 3.75 21.61
C PRO A 41 -11.13 3.19 22.22
N GLY A 42 -12.24 3.33 21.51
CA GLY A 42 -13.51 2.83 21.98
C GLY A 42 -14.57 2.77 20.90
N GLY A 43 -14.62 3.80 20.07
CA GLY A 43 -15.58 3.84 18.99
C GLY A 43 -15.36 2.77 17.95
N ALA A 44 -16.24 2.70 16.96
CA ALA A 44 -16.12 1.72 15.91
C ALA A 44 -15.03 2.09 14.91
N ALA A 45 -14.67 3.37 14.87
CA ALA A 45 -13.64 3.84 13.95
C ALA A 45 -12.35 3.02 14.11
N ALA A 46 -11.83 2.99 15.31
CA ALA A 46 -10.61 2.24 15.61
C ALA A 46 -10.81 0.75 15.35
N GLN A 47 -12.05 0.29 15.49
CA GLN A 47 -12.39 -1.10 15.26
C GLN A 47 -12.33 -1.40 13.79
N ASP A 48 -12.82 -0.46 12.99
CA ASP A 48 -12.82 -0.61 11.55
C ASP A 48 -11.45 -0.27 10.99
N GLY A 49 -10.66 0.48 11.76
CA GLY A 49 -9.34 0.86 11.32
C GLY A 49 -9.36 1.84 10.16
N ARG A 50 -9.50 3.12 10.48
CA ARG A 50 -9.55 4.16 9.46
C ARG A 50 -8.15 4.67 9.14
N LEU A 51 -7.13 3.95 9.60
CA LEU A 51 -5.74 4.33 9.35
C LEU A 51 -5.40 5.66 10.04
N ARG A 52 -4.30 6.28 9.61
CA ARG A 52 -3.85 7.54 10.20
C ARG A 52 -4.96 8.60 10.12
N VAL A 53 -4.99 9.47 11.13
CA VAL A 53 -5.98 10.52 11.19
C VAL A 53 -5.83 11.50 10.03
N ASN A 54 -4.59 11.86 9.72
CA ASN A 54 -4.28 12.79 8.63
C ASN A 54 -4.93 12.37 7.31
N ASP A 55 -5.47 11.15 7.23
CA ASP A 55 -6.12 10.71 6.01
C ASP A 55 -7.34 11.56 5.72
N SER A 56 -7.70 11.68 4.45
CA SER A 56 -8.85 12.50 4.07
C SER A 56 -9.91 11.66 3.39
N ILE A 57 -11.10 11.64 3.97
CA ILE A 57 -12.20 10.87 3.41
C ILE A 57 -12.54 11.37 2.01
N LEU A 58 -11.97 10.71 1.01
CA LEU A 58 -12.21 11.10 -0.37
C LEU A 58 -13.70 10.97 -0.73
N PHE A 59 -14.40 10.10 -0.02
CA PHE A 59 -15.83 9.91 -0.26
C PHE A 59 -16.50 9.15 0.89
N VAL A 60 -17.71 9.57 1.24
CA VAL A 60 -18.46 8.93 2.31
C VAL A 60 -19.83 8.49 1.82
N ASN A 61 -20.08 7.19 1.87
CA ASN A 61 -21.35 6.63 1.43
C ASN A 61 -21.58 6.91 -0.04
N GLU A 62 -21.95 8.14 -0.36
CA GLU A 62 -22.19 8.55 -1.74
C GLU A 62 -22.12 10.07 -1.87
N VAL A 63 -21.30 10.69 -1.02
CA VAL A 63 -21.14 12.14 -1.02
C VAL A 63 -19.69 12.54 -1.29
N ASP A 64 -19.50 13.60 -2.08
CA ASP A 64 -18.17 14.08 -2.40
C ASP A 64 -17.60 14.91 -1.27
N VAL A 65 -16.63 14.36 -0.57
CA VAL A 65 -15.99 15.05 0.56
C VAL A 65 -14.48 15.12 0.38
N ARG A 66 -14.05 15.36 -0.85
CA ARG A 66 -12.63 15.45 -1.16
C ARG A 66 -12.15 16.91 -1.16
N GLU A 67 -13.08 17.83 -0.93
CA GLU A 67 -12.77 19.25 -0.90
C GLU A 67 -14.01 20.04 -0.51
N VAL A 68 -14.66 19.63 0.57
CA VAL A 68 -15.86 20.28 1.04
C VAL A 68 -15.66 20.91 2.42
N THR A 69 -16.26 22.07 2.62
CA THR A 69 -16.16 22.80 3.88
C THR A 69 -16.47 21.91 5.08
N HIS A 70 -16.03 22.36 6.25
CA HIS A 70 -16.25 21.62 7.49
C HIS A 70 -17.73 21.40 7.75
N SER A 71 -18.51 22.48 7.64
CA SER A 71 -19.95 22.39 7.86
C SER A 71 -20.60 21.39 6.91
N ALA A 72 -20.16 21.41 5.66
CA ALA A 72 -20.69 20.50 4.66
C ALA A 72 -20.23 19.07 4.92
N ALA A 73 -19.03 18.94 5.47
CA ALA A 73 -18.48 17.63 5.80
C ALA A 73 -19.21 17.06 7.00
N VAL A 74 -19.49 17.93 7.95
CA VAL A 74 -20.21 17.52 9.14
C VAL A 74 -21.63 17.10 8.77
N GLU A 75 -22.18 17.77 7.78
CA GLU A 75 -23.52 17.48 7.28
C GLU A 75 -23.54 16.13 6.55
N ALA A 76 -22.43 15.80 5.89
CA ALA A 76 -22.32 14.55 5.16
C ALA A 76 -22.26 13.38 6.13
N LEU A 77 -21.48 13.55 7.18
CA LEU A 77 -21.33 12.54 8.21
C LEU A 77 -22.58 12.51 9.08
N LYS A 78 -23.25 13.65 9.12
CA LYS A 78 -24.47 13.78 9.90
C LYS A 78 -25.56 12.94 9.26
N GLU A 79 -25.60 12.99 7.93
CA GLU A 79 -26.59 12.22 7.19
C GLU A 79 -25.95 11.01 6.54
N ALA A 80 -24.88 10.52 7.16
CA ALA A 80 -24.18 9.35 6.65
C ALA A 80 -24.77 8.05 7.19
N GLY A 81 -25.43 8.14 8.35
CA GLY A 81 -26.04 6.96 8.94
C GLY A 81 -25.21 6.35 10.06
N SER A 82 -25.47 5.09 10.37
CA SER A 82 -24.75 4.40 11.43
C SER A 82 -23.62 3.55 10.86
N ILE A 83 -23.86 2.97 9.70
CA ILE A 83 -22.88 2.15 9.00
C ILE A 83 -22.47 2.85 7.74
N VAL A 84 -21.51 3.75 7.88
CA VAL A 84 -21.04 4.54 6.78
C VAL A 84 -19.88 3.91 6.04
N ARG A 85 -20.11 3.57 4.77
CA ARG A 85 -19.07 2.99 3.93
C ARG A 85 -18.37 4.12 3.19
N LEU A 86 -17.19 4.49 3.67
CA LEU A 86 -16.45 5.60 3.07
C LEU A 86 -15.11 5.18 2.48
N TYR A 87 -14.67 5.95 1.50
CA TYR A 87 -13.41 5.74 0.83
C TYR A 87 -12.46 6.86 1.22
N VAL A 88 -11.39 6.54 1.93
CA VAL A 88 -10.46 7.56 2.38
C VAL A 88 -9.18 7.57 1.56
N MET A 89 -8.46 8.69 1.61
CA MET A 89 -7.21 8.85 0.89
C MET A 89 -6.09 9.15 1.88
N ARG A 90 -5.20 8.18 2.07
CA ARG A 90 -4.10 8.34 3.00
C ARG A 90 -2.77 8.02 2.35
N ARG A 91 -1.73 8.75 2.74
CA ARG A 91 -0.39 8.54 2.18
C ARG A 91 0.17 7.19 2.64
N LYS A 92 0.83 6.49 1.74
CA LYS A 92 1.41 5.19 2.03
C LYS A 92 2.26 5.25 3.31
N PRO A 93 1.76 4.68 4.42
CA PRO A 93 2.48 4.67 5.70
C PRO A 93 3.73 3.79 5.64
N PRO A 94 4.49 3.69 6.75
CA PRO A 94 5.71 2.88 6.80
C PRO A 94 5.43 1.41 6.51
N ALA A 95 6.25 0.52 7.07
CA ALA A 95 6.09 -0.91 6.84
C ALA A 95 6.17 -1.20 5.36
N GLU A 96 7.16 -0.59 4.70
CA GLU A 96 7.35 -0.78 3.26
C GLU A 96 8.54 0.03 2.72
N LYS A 97 9.73 -0.56 2.78
CA LYS A 97 10.93 0.09 2.29
C LYS A 97 11.25 -0.34 0.86
N VAL A 98 12.10 0.44 0.19
CA VAL A 98 12.50 0.14 -1.18
C VAL A 98 14.01 0.04 -1.29
N MET A 99 14.48 -0.98 -2.02
CA MET A 99 15.91 -1.19 -2.19
C MET A 99 16.29 -1.24 -3.67
N GLU A 100 17.59 -1.16 -3.94
CA GLU A 100 18.11 -1.21 -5.29
C GLU A 100 19.32 -2.14 -5.32
N ILE A 101 19.13 -3.32 -5.89
CA ILE A 101 20.18 -4.32 -5.93
C ILE A 101 20.66 -4.62 -7.33
N LYS A 102 21.89 -5.09 -7.41
CA LYS A 102 22.51 -5.44 -8.68
C LYS A 102 22.64 -6.96 -8.81
N LEU A 103 22.08 -7.52 -9.87
CA LEU A 103 22.13 -8.95 -10.10
C LEU A 103 22.69 -9.26 -11.47
N ILE A 104 23.81 -9.96 -11.51
CA ILE A 104 24.44 -10.33 -12.75
C ILE A 104 24.02 -11.73 -13.19
N LYS A 105 23.89 -11.89 -14.50
CA LYS A 105 23.49 -13.18 -15.07
C LYS A 105 24.68 -14.13 -15.17
N GLY A 106 24.40 -15.43 -15.18
CA GLY A 106 25.46 -16.41 -15.28
C GLY A 106 25.11 -17.51 -16.27
N PRO A 107 26.02 -18.47 -16.49
CA PRO A 107 25.77 -19.56 -17.42
C PRO A 107 24.66 -20.49 -16.95
N LYS A 108 24.55 -20.62 -15.63
CA LYS A 108 23.50 -21.46 -15.05
C LYS A 108 22.30 -20.61 -14.66
N GLY A 109 22.21 -19.42 -15.25
CA GLY A 109 21.12 -18.54 -14.95
C GLY A 109 21.55 -17.39 -14.07
N LEU A 110 20.62 -16.80 -13.35
CA LEU A 110 20.93 -15.70 -12.47
C LEU A 110 21.39 -16.19 -11.09
N GLY A 111 21.16 -17.48 -10.82
CA GLY A 111 21.56 -18.05 -9.55
C GLY A 111 20.56 -17.77 -8.45
N PHE A 112 19.29 -18.02 -8.71
CA PHE A 112 18.23 -17.80 -7.71
C PHE A 112 16.87 -18.20 -8.26
N SER A 113 15.95 -18.55 -7.35
CA SER A 113 14.61 -18.96 -7.74
C SER A 113 13.58 -17.98 -7.20
N ILE A 114 12.87 -17.32 -8.11
CA ILE A 114 11.84 -16.36 -7.72
C ILE A 114 10.56 -16.65 -8.47
N ALA A 115 9.44 -16.20 -7.92
CA ALA A 115 8.14 -16.42 -8.56
C ALA A 115 7.11 -15.37 -8.17
N GLY A 116 6.52 -14.74 -9.18
CA GLY A 116 5.51 -13.72 -8.95
C GLY A 116 4.55 -13.58 -10.12
N GLY A 117 3.66 -12.60 -10.04
CA GLY A 117 2.71 -12.37 -11.12
C GLY A 117 1.52 -13.32 -11.09
N VAL A 118 0.78 -13.37 -12.19
CA VAL A 118 -0.39 -14.23 -12.30
C VAL A 118 0.00 -15.62 -12.80
N GLY A 119 -0.73 -16.63 -12.36
CA GLY A 119 -0.45 -17.99 -12.76
C GLY A 119 0.62 -18.64 -11.91
N ASN A 120 1.29 -17.84 -11.09
CA ASN A 120 2.35 -18.32 -10.22
C ASN A 120 2.93 -17.17 -9.41
N GLN A 121 2.10 -16.60 -8.53
CA GLN A 121 2.52 -15.48 -7.70
C GLN A 121 3.41 -15.92 -6.55
N HIS A 122 3.68 -17.22 -6.45
CA HIS A 122 4.53 -17.77 -5.39
C HIS A 122 3.79 -17.74 -4.06
N ILE A 123 3.45 -16.54 -3.66
CA ILE A 123 2.73 -16.30 -2.41
C ILE A 123 1.23 -16.24 -2.66
N PRO A 124 0.48 -17.28 -2.25
CA PRO A 124 -0.97 -17.32 -2.44
C PRO A 124 -1.65 -16.02 -2.02
N GLY A 125 -1.78 -15.09 -2.97
CA GLY A 125 -2.41 -13.82 -2.69
C GLY A 125 -1.42 -12.66 -2.65
N ASP A 126 -0.39 -12.74 -3.50
CA ASP A 126 0.63 -11.70 -3.56
C ASP A 126 1.31 -11.67 -4.92
N ASN A 127 0.76 -10.89 -5.83
CA ASN A 127 1.31 -10.77 -7.19
C ASN A 127 2.80 -10.41 -7.15
N SER A 128 3.23 -9.80 -6.05
CA SER A 128 4.63 -9.40 -5.89
C SER A 128 5.56 -10.60 -6.05
N ILE A 129 6.66 -10.40 -6.76
CA ILE A 129 7.62 -11.46 -6.99
C ILE A 129 8.52 -11.67 -5.78
N TYR A 130 8.42 -12.85 -5.17
CA TYR A 130 9.22 -13.17 -4.00
C TYR A 130 10.22 -14.28 -4.34
N VAL A 131 11.36 -14.27 -3.65
CA VAL A 131 12.38 -15.28 -3.88
C VAL A 131 12.08 -16.52 -3.02
N THR A 132 12.59 -17.67 -3.45
CA THR A 132 12.35 -18.92 -2.71
C THR A 132 13.63 -19.67 -2.41
N LYS A 133 14.50 -19.80 -3.41
CA LYS A 133 15.74 -20.52 -3.22
C LYS A 133 16.88 -19.90 -4.03
N ILE A 134 18.08 -19.97 -3.47
CA ILE A 134 19.26 -19.41 -4.12
C ILE A 134 20.44 -20.37 -4.02
N ILE A 135 21.23 -20.46 -5.09
CA ILE A 135 22.39 -21.32 -5.10
C ILE A 135 23.50 -20.77 -4.23
N GLU A 136 24.56 -21.54 -4.04
CA GLU A 136 25.70 -21.12 -3.21
C GLU A 136 26.76 -20.42 -4.07
N GLY A 137 27.30 -19.32 -3.55
CA GLY A 137 28.32 -18.58 -4.27
C GLY A 137 27.87 -18.19 -5.67
N GLY A 138 26.57 -18.04 -5.85
CA GLY A 138 26.04 -17.67 -7.15
C GLY A 138 26.23 -16.19 -7.46
N ALA A 139 25.80 -15.78 -8.65
CA ALA A 139 25.93 -14.39 -9.07
C ALA A 139 25.07 -13.48 -8.20
N ALA A 140 23.79 -13.79 -8.11
CA ALA A 140 22.85 -13.00 -7.32
C ALA A 140 23.12 -13.18 -5.83
N HIS A 141 23.57 -14.36 -5.45
CA HIS A 141 23.87 -14.65 -4.06
C HIS A 141 24.96 -13.70 -3.55
N LYS A 142 26.07 -13.70 -4.26
CA LYS A 142 27.21 -12.85 -3.91
C LYS A 142 26.93 -11.38 -4.24
N ASP A 143 26.41 -11.12 -5.43
CA ASP A 143 26.13 -9.76 -5.86
C ASP A 143 24.81 -9.24 -5.31
N GLY A 144 23.73 -9.94 -5.63
CA GLY A 144 22.42 -9.54 -5.17
C GLY A 144 22.29 -9.52 -3.65
N ARG A 145 22.77 -10.58 -3.01
CA ARG A 145 22.68 -10.69 -1.56
C ARG A 145 21.23 -10.76 -1.10
N LEU A 146 20.32 -11.06 -2.03
CA LEU A 146 18.91 -11.17 -1.73
C LEU A 146 18.54 -12.60 -1.35
N GLN A 147 18.82 -12.96 -0.10
CA GLN A 147 18.54 -14.30 0.39
C GLN A 147 17.04 -14.59 0.31
N ILE A 148 16.67 -15.84 0.56
CA ILE A 148 15.26 -16.25 0.52
C ILE A 148 14.39 -15.27 1.30
N GLY A 149 13.37 -14.78 0.63
CA GLY A 149 12.45 -13.83 1.24
C GLY A 149 12.45 -12.49 0.56
N ASP A 150 13.55 -12.17 -0.14
CA ASP A 150 13.65 -10.90 -0.85
C ASP A 150 12.63 -10.83 -1.98
N LYS A 151 11.86 -9.75 -2.01
CA LYS A 151 10.85 -9.57 -3.04
C LYS A 151 11.17 -8.38 -3.94
N ILE A 152 11.09 -8.60 -5.25
CA ILE A 152 11.36 -7.56 -6.22
C ILE A 152 10.07 -7.04 -6.84
N LEU A 153 9.98 -5.73 -6.92
CA LEU A 153 8.80 -5.08 -7.49
C LEU A 153 9.06 -4.58 -8.90
N ALA A 154 10.29 -4.75 -9.37
CA ALA A 154 10.68 -4.29 -10.70
C ALA A 154 12.16 -4.52 -10.97
N VAL A 155 12.52 -4.53 -12.26
CA VAL A 155 13.91 -4.73 -12.67
C VAL A 155 14.43 -3.48 -13.37
N ASN A 156 15.18 -2.65 -12.64
CA ASN A 156 15.70 -1.40 -13.16
C ASN A 156 14.56 -0.42 -13.39
N SER A 157 13.63 -0.82 -14.23
CA SER A 157 12.45 -0.01 -14.55
C SER A 157 11.40 -0.88 -15.24
N VAL A 158 11.39 -2.17 -14.92
CA VAL A 158 10.45 -3.12 -15.51
C VAL A 158 9.38 -3.53 -14.52
N GLY A 159 8.23 -3.92 -15.05
CA GLY A 159 7.12 -4.35 -14.24
C GLY A 159 6.82 -5.82 -14.44
N LEU A 160 7.66 -6.66 -13.84
CA LEU A 160 7.51 -8.11 -13.96
C LEU A 160 6.42 -8.65 -13.06
N GLU A 161 5.47 -7.80 -12.71
CA GLU A 161 4.36 -8.20 -11.86
C GLU A 161 3.05 -7.62 -12.38
N ASP A 162 2.95 -7.55 -13.70
CA ASP A 162 1.76 -7.03 -14.35
C ASP A 162 1.47 -7.80 -15.63
N VAL A 163 1.87 -9.06 -15.65
CA VAL A 163 1.65 -9.92 -16.82
C VAL A 163 1.31 -11.34 -16.40
N MET A 164 2.33 -12.09 -16.00
CA MET A 164 2.17 -13.46 -15.57
C MET A 164 3.52 -14.03 -15.17
N HIS A 165 3.57 -15.32 -14.91
CA HIS A 165 4.81 -15.97 -14.52
C HIS A 165 5.76 -16.05 -15.72
N GLU A 166 5.19 -16.20 -16.90
CA GLU A 166 5.97 -16.31 -18.13
C GLU A 166 6.56 -14.97 -18.57
N ASP A 167 5.78 -13.90 -18.48
CA ASP A 167 6.27 -12.59 -18.90
C ASP A 167 7.27 -12.05 -17.88
N ALA A 168 7.01 -12.31 -16.61
CA ALA A 168 7.88 -11.87 -15.55
C ALA A 168 9.18 -12.66 -15.58
N VAL A 169 9.05 -13.95 -15.86
CA VAL A 169 10.20 -14.82 -15.93
C VAL A 169 11.02 -14.54 -17.18
N ALA A 170 10.33 -14.36 -18.29
CA ALA A 170 10.98 -14.07 -19.55
C ALA A 170 11.54 -12.65 -19.57
N ALA A 171 10.88 -11.76 -18.85
CA ALA A 171 11.31 -10.37 -18.77
C ALA A 171 12.53 -10.20 -17.86
N LEU A 172 12.64 -11.08 -16.87
CA LEU A 172 13.76 -11.02 -15.94
C LEU A 172 14.99 -11.70 -16.55
N LYS A 173 14.74 -12.79 -17.26
CA LYS A 173 15.81 -13.52 -17.92
C LYS A 173 16.28 -12.76 -19.15
N ASN A 174 15.39 -11.95 -19.72
CA ASN A 174 15.71 -11.17 -20.91
C ASN A 174 16.70 -10.05 -20.58
N THR A 175 16.88 -9.77 -19.30
CA THR A 175 17.78 -8.71 -18.86
C THR A 175 19.19 -8.93 -19.40
N TYR A 176 20.15 -8.17 -18.87
CA TYR A 176 21.53 -8.28 -19.29
C TYR A 176 22.38 -8.99 -18.23
N ASP A 177 23.63 -9.28 -18.57
CA ASP A 177 24.55 -9.96 -17.67
C ASP A 177 24.75 -9.19 -16.37
N VAL A 178 24.37 -7.92 -16.35
CA VAL A 178 24.51 -7.09 -15.16
C VAL A 178 23.38 -6.06 -15.09
N VAL A 179 22.30 -6.43 -14.40
CA VAL A 179 21.14 -5.56 -14.27
C VAL A 179 20.79 -5.33 -12.81
N TYR A 180 20.26 -4.15 -12.51
CA TYR A 180 19.87 -3.82 -11.14
C TYR A 180 18.37 -3.97 -10.97
N LEU A 181 17.96 -4.69 -9.93
CA LEU A 181 16.54 -4.92 -9.67
C LEU A 181 16.09 -4.15 -8.44
N LYS A 182 14.80 -3.84 -8.39
CA LYS A 182 14.22 -3.11 -7.28
C LYS A 182 13.59 -4.06 -6.27
N VAL A 183 14.13 -4.07 -5.06
CA VAL A 183 13.63 -4.94 -4.00
C VAL A 183 12.77 -4.14 -3.03
N ALA A 184 11.96 -4.84 -2.24
CA ALA A 184 11.09 -4.18 -1.28
C ALA A 184 11.05 -4.91 0.06
N LYS A 185 11.51 -4.23 1.10
CA LYS A 185 11.51 -4.79 2.45
C LYS A 185 10.54 -4.00 3.33
N PRO A 186 9.32 -4.51 3.51
CA PRO A 186 8.29 -3.84 4.31
C PRO A 186 8.79 -3.30 5.64
N SER A 187 9.15 -2.02 5.68
CA SER A 187 9.61 -1.43 6.92
C SER A 187 9.96 0.05 6.78
N ASN A 188 9.53 0.82 7.77
CA ASN A 188 9.79 2.26 7.84
C ASN A 188 9.61 2.94 6.49
N ALA A 189 8.72 2.41 5.66
CA ALA A 189 8.46 2.98 4.35
C ALA A 189 9.75 3.05 3.52
N GLN B 1 -14.18 30.94 24.27
CA GLN B 1 -13.01 31.76 23.88
C GLN B 1 -13.12 32.23 22.43
N VAL B 2 -12.07 32.88 21.94
CA VAL B 2 -12.04 33.38 20.57
C VAL B 2 -11.27 32.42 19.66
N VAL B 3 -11.38 31.12 19.93
CA VAL B 3 -10.71 30.11 19.14
C VAL B 3 -11.56 28.85 19.01
N PRO B 4 -12.04 28.54 17.78
CA PRO B 4 -12.88 27.36 17.54
C PRO B 4 -12.22 26.08 18.03
N PHE B 5 -12.82 24.95 17.68
CA PHE B 5 -12.28 23.65 18.09
C PHE B 5 -12.66 22.57 17.07
N SER B 6 -11.89 21.49 17.07
CA SER B 6 -12.13 20.38 16.14
C SER B 6 -13.46 19.70 16.46
N SER B 7 -13.94 18.90 15.52
CA SER B 7 -15.21 18.19 15.69
C SER B 7 -14.96 16.74 16.11
N SER B 8 -15.81 16.23 17.01
CA SER B 8 -15.68 14.86 17.49
C SER B 8 -16.99 14.11 17.33
N VAL B 9 -16.95 12.98 16.64
CA VAL B 9 -18.13 12.17 16.41
C VAL B 9 -17.85 10.70 16.69
N GLN C 1 -1.52 -25.00 -10.03
CA GLN C 1 -0.31 -24.54 -10.77
C GLN C 1 -0.04 -25.42 -11.98
N VAL C 2 0.65 -24.86 -12.97
CA VAL C 2 0.98 -25.61 -14.18
C VAL C 2 2.47 -25.92 -14.23
N VAL C 3 3.30 -24.92 -13.96
CA VAL C 3 4.75 -25.09 -13.98
C VAL C 3 5.34 -24.85 -12.59
N PRO C 4 6.07 -25.85 -12.04
CA PRO C 4 6.69 -25.72 -10.71
C PRO C 4 7.58 -24.48 -10.61
N PHE C 5 7.09 -23.46 -9.91
CA PHE C 5 7.83 -22.22 -9.72
C PHE C 5 8.08 -21.53 -11.06
N SER C 6 7.87 -20.22 -11.08
CA SER C 6 8.08 -19.43 -12.30
C SER C 6 9.55 -19.41 -12.68
N SER C 7 10.36 -18.75 -11.85
CA SER C 7 11.79 -18.64 -12.11
C SER C 7 12.59 -19.47 -11.12
N SER C 8 13.51 -20.27 -11.64
CA SER C 8 14.36 -21.13 -10.80
C SER C 8 15.66 -21.45 -11.50
N VAL C 9 16.55 -20.46 -11.57
CA VAL C 9 17.84 -20.64 -12.22
C VAL C 9 18.84 -19.59 -11.74
N MET A 1 -7.76 11.53 -8.69
CA MET A 1 -8.16 11.35 -7.26
C MET A 1 -8.66 9.94 -7.00
N GLU A 2 -8.54 9.51 -5.74
CA GLU A 2 -8.99 8.17 -5.36
C GLU A 2 -10.22 8.24 -4.46
N TYR A 3 -11.10 7.25 -4.61
CA TYR A 3 -12.32 7.19 -3.82
C TYR A 3 -12.69 5.74 -3.51
N GLU A 4 -13.19 5.49 -2.29
CA GLU A 4 -13.57 4.14 -1.90
C GLU A 4 -14.22 4.14 -0.52
N GLU A 5 -14.86 3.03 -0.18
CA GLU A 5 -15.52 2.88 1.12
C GLU A 5 -14.76 1.88 2.00
N ILE A 6 -14.36 2.33 3.18
CA ILE A 6 -13.63 1.50 4.11
C ILE A 6 -14.33 1.41 5.46
N THR A 7 -13.66 0.80 6.43
CA THR A 7 -14.20 0.65 7.77
C THR A 7 -13.11 0.85 8.80
N LEU A 8 -13.35 1.73 9.76
CA LEU A 8 -12.38 2.00 10.80
C LEU A 8 -12.94 1.66 12.16
N GLU A 9 -12.70 0.42 12.56
CA GLU A 9 -13.15 -0.08 13.85
C GLU A 9 -12.33 0.51 14.98
N ARG A 10 -12.99 0.88 16.08
CA ARG A 10 -12.32 1.46 17.23
C ARG A 10 -11.25 0.50 17.77
N GLY A 11 -9.99 0.81 17.48
CA GLY A 11 -8.90 -0.03 17.96
C GLY A 11 -9.03 -0.31 19.44
N ASN A 12 -9.68 0.60 20.15
CA ASN A 12 -9.91 0.47 21.58
C ASN A 12 -10.92 1.51 22.04
N SER A 13 -10.44 2.72 22.35
CA SER A 13 -11.31 3.79 22.81
C SER A 13 -11.46 4.88 21.76
N GLY A 14 -11.39 4.50 20.48
CA GLY A 14 -11.51 5.49 19.43
C GLY A 14 -10.68 5.16 18.21
N LEU A 15 -10.83 5.96 17.16
CA LEU A 15 -10.10 5.74 15.92
C LEU A 15 -8.71 6.37 15.99
N GLY A 16 -8.67 7.64 16.38
CA GLY A 16 -7.40 8.33 16.49
C GLY A 16 -7.05 9.17 15.28
N PHE A 17 -7.72 10.31 15.11
CA PHE A 17 -7.45 11.20 13.99
C PHE A 17 -8.06 12.57 14.23
N SER A 18 -7.51 13.59 13.57
CA SER A 18 -8.00 14.96 13.71
C SER A 18 -8.78 15.37 12.47
N ILE A 19 -10.00 15.85 12.67
CA ILE A 19 -10.84 16.27 11.57
C ILE A 19 -11.24 17.75 11.67
N ALA A 20 -11.53 18.34 10.53
CA ALA A 20 -11.93 19.75 10.47
C ALA A 20 -12.37 20.13 9.06
N GLY A 21 -13.32 21.06 8.96
CA GLY A 21 -13.81 21.48 7.66
C GLY A 21 -15.33 21.46 7.55
N GLY A 22 -16.00 21.46 8.70
CA GLY A 22 -17.45 21.45 8.74
C GLY A 22 -18.10 22.41 7.76
N THR A 23 -19.37 22.19 7.49
CA THR A 23 -20.14 23.02 6.56
C THR A 23 -20.32 24.45 7.08
N ASP A 24 -20.56 24.60 8.38
CA ASP A 24 -20.76 25.91 8.96
C ASP A 24 -19.44 26.61 9.29
N ASN A 25 -18.56 25.88 9.96
CA ASN A 25 -17.27 26.44 10.34
C ASN A 25 -16.11 25.67 9.69
N PRO A 26 -15.86 25.92 8.39
CA PRO A 26 -14.78 25.25 7.65
C PRO A 26 -13.46 25.27 8.43
N HIS A 27 -12.47 24.56 7.90
CA HIS A 27 -11.16 24.50 8.54
C HIS A 27 -10.13 25.28 7.72
N ILE A 28 -10.45 25.49 6.44
CA ILE A 28 -9.59 26.23 5.55
C ILE A 28 -10.15 27.62 5.29
N GLY A 29 -11.47 27.75 5.44
CA GLY A 29 -12.12 29.03 5.24
C GLY A 29 -12.75 29.15 3.86
N ASP A 30 -13.15 28.02 3.29
CA ASP A 30 -13.78 28.02 1.97
C ASP A 30 -13.89 26.60 1.42
N ASP A 31 -14.42 25.69 2.23
CA ASP A 31 -14.58 24.30 1.80
C ASP A 31 -15.75 23.64 2.51
N PRO A 32 -16.89 23.52 1.81
CA PRO A 32 -18.10 22.90 2.38
C PRO A 32 -17.95 21.40 2.54
N SER A 33 -16.99 21.00 3.37
CA SER A 33 -16.74 19.59 3.62
C SER A 33 -15.64 19.40 4.66
N ILE A 34 -15.87 18.50 5.62
CA ILE A 34 -14.90 18.24 6.66
C ILE A 34 -13.77 17.35 6.13
N PHE A 35 -12.56 17.59 6.62
CA PHE A 35 -11.40 16.80 6.22
C PHE A 35 -10.47 16.56 7.40
N ILE A 36 -9.57 15.60 7.27
CA ILE A 36 -8.64 15.28 8.33
C ILE A 36 -7.33 16.03 8.16
N THR A 37 -6.67 16.36 9.26
CA THR A 37 -5.42 17.10 9.22
C THR A 37 -4.23 16.19 9.55
N LYS A 38 -4.46 15.20 10.41
CA LYS A 38 -3.40 14.29 10.80
C LYS A 38 -3.92 13.13 11.64
N ILE A 39 -3.29 11.97 11.51
CA ILE A 39 -3.67 10.78 12.24
C ILE A 39 -2.65 10.47 13.33
N ILE A 40 -3.13 10.02 14.47
CA ILE A 40 -2.27 9.69 15.60
C ILE A 40 -1.72 8.27 15.46
N PRO A 41 -0.39 8.11 15.57
CA PRO A 41 0.27 6.80 15.46
C PRO A 41 -0.01 5.91 16.67
N GLY A 42 -1.29 5.60 16.88
CA GLY A 42 -1.67 4.76 18.01
C GLY A 42 -3.05 4.16 17.83
N GLY A 43 -4.00 4.98 17.38
CA GLY A 43 -5.35 4.51 17.18
C GLY A 43 -5.47 3.55 16.01
N ALA A 44 -6.70 3.12 15.73
CA ALA A 44 -6.94 2.19 14.64
C ALA A 44 -6.88 2.89 13.28
N ALA A 45 -7.07 4.21 13.29
CA ALA A 45 -7.03 4.99 12.05
C ALA A 45 -5.70 4.84 11.33
N ALA A 46 -4.62 5.18 12.02
CA ALA A 46 -3.29 5.07 11.46
C ALA A 46 -2.91 3.62 11.23
N GLN A 47 -3.48 2.74 12.04
CA GLN A 47 -3.23 1.32 11.93
C GLN A 47 -3.91 0.76 10.69
N ASP A 48 -5.09 1.31 10.40
CA ASP A 48 -5.83 0.88 9.23
C ASP A 48 -5.40 1.68 8.01
N GLY A 49 -4.88 2.89 8.24
CA GLY A 49 -4.43 3.75 7.15
C GLY A 49 -5.16 3.50 5.84
N ARG A 50 -6.49 3.58 5.89
CA ARG A 50 -7.31 3.34 4.71
C ARG A 50 -7.43 4.60 3.84
N LEU A 51 -6.74 5.66 4.21
CA LEU A 51 -6.80 6.91 3.44
C LEU A 51 -5.87 7.98 4.01
N ARG A 52 -5.90 9.15 3.40
CA ARG A 52 -5.07 10.27 3.84
C ARG A 52 -5.89 11.24 4.67
N VAL A 53 -5.21 12.14 5.38
CA VAL A 53 -5.88 13.11 6.22
C VAL A 53 -6.60 14.18 5.40
N ASN A 54 -5.92 14.71 4.40
CA ASN A 54 -6.46 15.76 3.54
C ASN A 54 -7.54 15.24 2.59
N ASP A 55 -8.10 14.07 2.88
CA ASP A 55 -9.15 13.51 2.05
C ASP A 55 -10.47 14.25 2.29
N SER A 56 -11.56 13.67 1.82
CA SER A 56 -12.87 14.28 2.02
C SER A 56 -13.95 13.22 2.14
N ILE A 57 -14.36 12.93 3.36
CA ILE A 57 -15.38 11.93 3.61
C ILE A 57 -16.69 12.31 2.94
N LEU A 58 -16.91 11.78 1.74
CA LEU A 58 -18.13 12.07 0.99
C LEU A 58 -19.33 11.40 1.64
N PHE A 59 -19.08 10.30 2.36
CA PHE A 59 -20.14 9.58 3.03
C PHE A 59 -19.62 8.80 4.23
N VAL A 60 -20.29 8.97 5.37
CA VAL A 60 -19.89 8.28 6.60
C VAL A 60 -21.10 7.74 7.34
N ASN A 61 -20.93 6.59 7.98
CA ASN A 61 -21.99 5.94 8.73
C ASN A 61 -23.32 6.00 7.98
N GLU A 62 -23.26 5.96 6.66
CA GLU A 62 -24.45 6.02 5.81
C GLU A 62 -25.15 7.37 5.95
N VAL A 63 -24.35 8.41 6.16
CA VAL A 63 -24.87 9.76 6.32
C VAL A 63 -24.29 10.71 5.27
N ASP A 64 -25.12 11.62 4.77
CA ASP A 64 -24.69 12.58 3.77
C ASP A 64 -23.90 13.72 4.42
N VAL A 65 -22.64 13.45 4.74
CA VAL A 65 -21.78 14.44 5.38
C VAL A 65 -20.88 15.13 4.35
N ARG A 66 -21.38 15.29 3.14
CA ARG A 66 -20.61 15.95 2.08
C ARG A 66 -20.75 17.47 2.17
N GLU A 67 -21.45 17.94 3.19
CA GLU A 67 -21.65 19.38 3.39
C GLU A 67 -22.33 19.63 4.73
N VAL A 68 -21.82 18.98 5.78
CA VAL A 68 -22.39 19.12 7.10
C VAL A 68 -21.41 19.71 8.10
N THR A 69 -21.92 20.57 8.97
CA THR A 69 -21.13 21.25 9.99
C THR A 69 -20.26 20.26 10.77
N HIS A 70 -19.28 20.82 11.48
CA HIS A 70 -18.36 20.02 12.28
C HIS A 70 -19.11 19.18 13.31
N SER A 71 -20.01 19.82 14.04
CA SER A 71 -20.79 19.12 15.07
C SER A 71 -21.45 17.87 14.49
N ALA A 72 -21.99 17.99 13.29
CA ALA A 72 -22.65 16.87 12.63
C ALA A 72 -21.67 15.73 12.40
N ALA A 73 -20.42 16.08 12.12
CA ALA A 73 -19.37 15.10 11.91
C ALA A 73 -19.02 14.42 13.22
N VAL A 74 -18.96 15.25 14.27
CA VAL A 74 -18.64 14.75 15.60
C VAL A 74 -19.75 13.81 16.06
N GLU A 75 -20.97 14.14 15.68
CA GLU A 75 -22.13 13.33 16.03
C GLU A 75 -22.11 12.00 15.29
N ALA A 76 -21.60 12.02 14.07
CA ALA A 76 -21.52 10.81 13.25
C ALA A 76 -20.48 9.86 13.82
N LEU A 77 -19.35 10.42 14.22
CA LEU A 77 -18.28 9.65 14.81
C LEU A 77 -18.63 9.31 16.25
N LYS A 78 -19.46 10.15 16.85
CA LYS A 78 -19.91 9.95 18.20
C LYS A 78 -20.90 8.80 18.25
N GLU A 79 -21.83 8.82 17.30
CA GLU A 79 -22.85 7.78 17.21
C GLU A 79 -22.51 6.81 16.09
N ALA A 80 -21.22 6.67 15.81
CA ALA A 80 -20.75 5.78 14.77
C ALA A 80 -20.69 4.34 15.24
N GLY A 81 -20.49 4.15 16.55
CA GLY A 81 -20.41 2.82 17.10
C GLY A 81 -18.97 2.37 17.35
N SER A 82 -18.60 1.23 16.78
CA SER A 82 -17.25 0.69 16.95
C SER A 82 -16.62 0.30 15.62
N ILE A 83 -17.32 0.60 14.52
CA ILE A 83 -16.83 0.29 13.18
C ILE A 83 -17.44 1.27 12.19
N VAL A 84 -16.70 2.32 11.87
CA VAL A 84 -17.19 3.34 10.97
C VAL A 84 -16.92 3.01 9.51
N ARG A 85 -17.98 2.79 8.75
CA ARG A 85 -17.87 2.49 7.33
C ARG A 85 -18.18 3.76 6.54
N LEU A 86 -17.16 4.32 5.89
CA LEU A 86 -17.37 5.55 5.14
C LEU A 86 -16.69 5.53 3.78
N TYR A 87 -17.25 6.33 2.87
CA TYR A 87 -16.71 6.46 1.52
C TYR A 87 -16.08 7.83 1.41
N VAL A 88 -14.76 7.87 1.22
CA VAL A 88 -14.05 9.13 1.14
C VAL A 88 -13.35 9.30 -0.21
N MET A 89 -12.88 10.53 -0.46
CA MET A 89 -12.18 10.84 -1.69
C MET A 89 -10.81 11.43 -1.37
N ARG A 90 -9.76 10.67 -1.66
CA ARG A 90 -8.40 11.10 -1.40
C ARG A 90 -7.53 10.92 -2.64
N ARG A 91 -6.64 11.88 -2.87
CA ARG A 91 -5.75 11.82 -4.03
C ARG A 91 -4.69 10.75 -3.84
N LYS A 92 -4.75 9.71 -4.70
CA LYS A 92 -3.79 8.62 -4.63
C LYS A 92 -2.40 9.08 -5.07
N PRO A 93 -1.44 9.13 -4.14
CA PRO A 93 -0.07 9.55 -4.45
C PRO A 93 0.79 8.41 -4.98
N PRO A 94 1.45 8.60 -6.14
CA PRO A 94 2.31 7.58 -6.74
C PRO A 94 3.64 7.45 -6.00
N ALA A 95 3.65 6.63 -4.96
CA ALA A 95 4.85 6.42 -4.15
C ALA A 95 5.72 5.29 -4.71
N GLU A 96 5.66 5.08 -6.02
CA GLU A 96 6.47 4.05 -6.66
C GLU A 96 7.92 4.51 -6.81
N LYS A 97 8.85 3.58 -6.71
CA LYS A 97 10.26 3.91 -6.82
C LYS A 97 11.07 2.74 -7.39
N VAL A 98 12.38 2.91 -7.43
CA VAL A 98 13.27 1.88 -7.94
C VAL A 98 14.36 1.55 -6.93
N MET A 99 14.88 0.33 -6.98
CA MET A 99 15.92 -0.11 -6.07
C MET A 99 17.02 -0.86 -6.79
N GLU A 100 18.14 -1.05 -6.10
CA GLU A 100 19.29 -1.77 -6.64
C GLU A 100 19.80 -2.74 -5.59
N ILE A 101 19.52 -4.01 -5.82
CA ILE A 101 19.89 -5.04 -4.87
C ILE A 101 20.92 -6.01 -5.44
N LYS A 102 21.66 -6.64 -4.53
CA LYS A 102 22.69 -7.61 -4.91
C LYS A 102 22.30 -8.99 -4.43
N LEU A 103 22.26 -9.95 -5.36
CA LEU A 103 21.90 -11.31 -5.03
C LEU A 103 22.97 -12.29 -5.51
N ILE A 104 23.58 -13.00 -4.56
CA ILE A 104 24.62 -13.95 -4.88
C ILE A 104 24.06 -15.35 -5.04
N LYS A 105 24.64 -16.11 -5.96
CA LYS A 105 24.19 -17.48 -6.20
C LYS A 105 24.47 -18.38 -5.01
N GLY A 106 23.69 -19.44 -4.89
CA GLY A 106 23.87 -20.38 -3.79
C GLY A 106 23.85 -21.81 -4.26
N PRO A 107 23.78 -22.78 -3.33
CA PRO A 107 23.76 -24.20 -3.70
C PRO A 107 22.41 -24.63 -4.23
N LYS A 108 21.34 -24.14 -3.63
CA LYS A 108 20.01 -24.46 -4.09
C LYS A 108 19.50 -23.40 -5.06
N GLY A 109 20.44 -22.65 -5.63
CA GLY A 109 20.08 -21.61 -6.56
C GLY A 109 20.25 -20.25 -5.95
N LEU A 110 19.26 -19.39 -6.12
CA LEU A 110 19.33 -18.05 -5.56
C LEU A 110 18.82 -18.05 -4.12
N GLY A 111 17.93 -18.98 -3.81
CA GLY A 111 17.37 -19.06 -2.46
C GLY A 111 16.07 -18.31 -2.32
N PHE A 112 15.21 -18.41 -3.33
CA PHE A 112 13.91 -17.74 -3.32
C PHE A 112 13.09 -18.10 -4.55
N SER A 113 11.77 -18.00 -4.41
CA SER A 113 10.87 -18.30 -5.50
C SER A 113 10.36 -17.03 -6.15
N ILE A 114 10.58 -16.91 -7.45
CA ILE A 114 10.14 -15.73 -8.19
C ILE A 114 9.38 -16.14 -9.44
N ALA A 115 8.52 -15.26 -9.92
CA ALA A 115 7.74 -15.55 -11.12
C ALA A 115 7.16 -14.28 -11.73
N GLY A 116 7.44 -14.07 -13.01
CA GLY A 116 6.94 -12.90 -13.70
C GLY A 116 6.81 -13.12 -15.18
N GLY A 117 6.44 -12.05 -15.90
CA GLY A 117 6.30 -12.13 -17.34
C GLY A 117 5.05 -12.87 -17.77
N VAL A 118 5.14 -13.58 -18.88
CA VAL A 118 4.01 -14.32 -19.42
C VAL A 118 4.15 -15.82 -19.16
N GLY A 119 3.03 -16.52 -19.11
CA GLY A 119 3.05 -17.96 -18.87
C GLY A 119 2.51 -18.33 -17.51
N ASN A 120 2.77 -17.49 -16.51
CA ASN A 120 2.31 -17.73 -15.15
C ASN A 120 2.86 -16.69 -14.20
N GLN A 121 2.25 -15.50 -14.21
CA GLN A 121 2.68 -14.41 -13.35
C GLN A 121 1.70 -14.20 -12.19
N HIS A 122 2.17 -14.44 -10.98
CA HIS A 122 1.33 -14.26 -9.78
C HIS A 122 0.82 -12.84 -9.68
N ILE A 123 1.47 -11.95 -10.41
CA ILE A 123 1.11 -10.55 -10.40
C ILE A 123 -0.05 -10.27 -11.36
N PRO A 124 -1.17 -9.72 -10.87
CA PRO A 124 -2.33 -9.42 -11.70
C PRO A 124 -2.00 -8.46 -12.84
N GLY A 125 -1.71 -9.01 -14.02
CA GLY A 125 -1.38 -8.19 -15.17
C GLY A 125 -0.16 -7.34 -14.93
N ASP A 126 0.96 -7.99 -14.61
CA ASP A 126 2.21 -7.30 -14.37
C ASP A 126 3.40 -8.07 -14.92
N ASN A 127 3.70 -7.86 -16.20
CA ASN A 127 4.79 -8.54 -16.87
C ASN A 127 6.05 -8.58 -15.97
N SER A 128 6.18 -7.59 -15.10
CA SER A 128 7.31 -7.52 -14.19
C SER A 128 7.46 -8.83 -13.40
N ILE A 129 8.58 -8.99 -12.72
CA ILE A 129 8.82 -10.20 -11.94
C ILE A 129 8.68 -9.91 -10.45
N TYR A 130 7.86 -10.71 -9.78
CA TYR A 130 7.62 -10.55 -8.35
C TYR A 130 8.09 -11.78 -7.59
N VAL A 131 8.42 -11.60 -6.32
CA VAL A 131 8.86 -12.72 -5.49
C VAL A 131 7.64 -13.36 -4.80
N THR A 132 7.75 -14.65 -4.50
CA THR A 132 6.63 -15.35 -3.87
C THR A 132 7.04 -16.01 -2.56
N LYS A 133 8.13 -16.75 -2.60
CA LYS A 133 8.62 -17.44 -1.40
C LYS A 133 10.12 -17.28 -1.23
N ILE A 134 10.55 -17.13 0.01
CA ILE A 134 11.96 -16.97 0.32
C ILE A 134 12.36 -17.80 1.53
N ILE A 135 13.53 -18.44 1.46
CA ILE A 135 14.01 -19.27 2.55
C ILE A 135 14.63 -18.42 3.65
N GLU A 136 14.99 -19.05 4.76
CA GLU A 136 15.60 -18.34 5.88
C GLU A 136 17.12 -18.35 5.78
N GLY A 137 17.72 -17.19 6.00
CA GLY A 137 19.16 -17.09 5.92
C GLY A 137 19.71 -17.52 4.57
N GLY A 138 18.88 -17.39 3.54
CA GLY A 138 19.30 -17.78 2.20
C GLY A 138 20.35 -16.83 1.63
N ALA A 139 20.21 -16.51 0.35
CA ALA A 139 21.14 -15.60 -0.31
C ALA A 139 20.61 -14.18 -0.35
N ALA A 140 19.61 -13.96 -1.20
CA ALA A 140 19.00 -12.64 -1.34
C ALA A 140 18.38 -12.18 -0.03
N HIS A 141 17.89 -13.14 0.75
CA HIS A 141 17.26 -12.83 2.03
C HIS A 141 18.21 -12.04 2.93
N LYS A 142 19.32 -12.66 3.28
CA LYS A 142 20.32 -12.03 4.14
C LYS A 142 21.09 -10.93 3.42
N ASP A 143 21.32 -11.12 2.12
CA ASP A 143 22.08 -10.15 1.33
C ASP A 143 21.23 -8.96 0.90
N GLY A 144 20.16 -9.24 0.15
CA GLY A 144 19.31 -8.18 -0.35
C GLY A 144 18.19 -7.79 0.62
N ARG A 145 17.74 -8.75 1.43
CA ARG A 145 16.66 -8.49 2.38
C ARG A 145 15.35 -8.23 1.64
N LEU A 146 15.23 -8.82 0.45
CA LEU A 146 14.03 -8.67 -0.37
C LEU A 146 13.00 -9.74 -0.02
N GLN A 147 12.23 -9.50 1.05
CA GLN A 147 11.21 -10.43 1.48
C GLN A 147 10.08 -10.51 0.47
N ILE A 148 9.12 -11.40 0.72
CA ILE A 148 7.98 -11.56 -0.18
C ILE A 148 7.37 -10.21 -0.54
N GLY A 149 7.34 -9.94 -1.82
CA GLY A 149 6.80 -8.69 -2.31
C GLY A 149 7.75 -7.98 -3.24
N ASP A 150 9.04 -8.29 -3.12
CA ASP A 150 10.06 -7.67 -3.97
C ASP A 150 9.76 -7.94 -5.44
N LYS A 151 9.96 -6.92 -6.27
CA LYS A 151 9.71 -7.05 -7.70
C LYS A 151 10.88 -6.53 -8.51
N ILE A 152 11.47 -7.42 -9.32
CA ILE A 152 12.60 -7.06 -10.16
C ILE A 152 12.17 -6.86 -11.60
N LEU A 153 12.61 -5.75 -12.18
CA LEU A 153 12.26 -5.43 -13.56
C LEU A 153 13.45 -5.67 -14.48
N ALA A 154 14.57 -6.10 -13.92
CA ALA A 154 15.78 -6.36 -14.71
C ALA A 154 16.93 -6.83 -13.83
N VAL A 155 17.98 -7.31 -14.47
CA VAL A 155 19.16 -7.80 -13.75
C VAL A 155 20.39 -6.97 -14.12
N ASN A 156 20.75 -6.04 -13.24
CA ASN A 156 21.90 -5.16 -13.47
C ASN A 156 21.59 -4.18 -14.58
N SER A 157 21.25 -4.71 -15.75
CA SER A 157 20.92 -3.89 -16.90
C SER A 157 20.22 -4.71 -17.99
N VAL A 158 19.64 -5.85 -17.61
CA VAL A 158 18.95 -6.70 -18.58
C VAL A 158 17.45 -6.79 -18.27
N GLY A 159 16.64 -6.60 -19.30
CA GLY A 159 15.20 -6.68 -19.14
C GLY A 159 14.68 -8.06 -19.48
N LEU A 160 15.03 -9.02 -18.64
CA LEU A 160 14.63 -10.41 -18.84
C LEU A 160 13.26 -10.70 -18.22
N GLU A 161 12.42 -9.67 -18.16
CA GLU A 161 11.08 -9.82 -17.60
C GLU A 161 10.03 -9.42 -18.62
N ASP A 162 10.28 -9.75 -19.87
CA ASP A 162 9.37 -9.43 -20.95
C ASP A 162 9.33 -10.56 -21.98
N VAL A 163 9.58 -11.78 -21.51
CA VAL A 163 9.59 -12.95 -22.39
C VAL A 163 8.48 -13.91 -22.00
N MET A 164 8.71 -14.66 -20.93
CA MET A 164 7.76 -15.64 -20.43
C MET A 164 8.28 -16.26 -19.14
N HIS A 165 7.62 -17.30 -18.67
CA HIS A 165 8.02 -17.97 -17.45
C HIS A 165 9.34 -18.72 -17.66
N GLU A 166 9.52 -19.25 -18.88
CA GLU A 166 10.72 -20.01 -19.20
C GLU A 166 11.94 -19.13 -19.38
N ASP A 167 11.79 -18.01 -20.10
CA ASP A 167 12.92 -17.12 -20.33
C ASP A 167 13.27 -16.36 -19.06
N ALA A 168 12.25 -15.99 -18.29
CA ALA A 168 12.46 -15.28 -17.05
C ALA A 168 13.08 -16.21 -16.02
N VAL A 169 12.65 -17.47 -16.06
CA VAL A 169 13.17 -18.45 -15.12
C VAL A 169 14.60 -18.85 -15.49
N ALA A 170 14.85 -18.99 -16.78
CA ALA A 170 16.17 -19.36 -17.25
C ALA A 170 17.15 -18.21 -17.07
N ALA A 171 16.65 -16.99 -17.21
CA ALA A 171 17.49 -15.81 -17.07
C ALA A 171 17.76 -15.49 -15.60
N LEU A 172 16.83 -15.90 -14.73
CA LEU A 172 17.00 -15.67 -13.30
C LEU A 172 18.01 -16.68 -12.76
N LYS A 173 17.95 -17.89 -13.32
CA LYS A 173 18.87 -18.94 -12.95
C LYS A 173 20.24 -18.67 -13.55
N ASN A 174 20.24 -17.94 -14.67
CA ASN A 174 21.49 -17.60 -15.35
C ASN A 174 22.32 -16.61 -14.54
N THR A 175 21.73 -16.06 -13.49
CA THR A 175 22.43 -15.10 -12.63
C THR A 175 23.81 -15.59 -12.25
N TYR A 176 24.74 -14.64 -12.06
CA TYR A 176 26.10 -14.98 -11.69
C TYR A 176 26.26 -15.11 -10.18
N ASP A 177 27.41 -15.62 -9.75
CA ASP A 177 27.69 -15.81 -8.32
C ASP A 177 27.29 -14.58 -7.49
N VAL A 178 27.46 -13.40 -8.06
CA VAL A 178 27.12 -12.16 -7.38
C VAL A 178 26.65 -11.11 -8.39
N VAL A 179 25.34 -11.07 -8.63
CA VAL A 179 24.77 -10.12 -9.57
C VAL A 179 23.79 -9.16 -8.90
N TYR A 180 23.72 -7.94 -9.41
CA TYR A 180 22.81 -6.93 -8.88
C TYR A 180 21.53 -6.90 -9.68
N LEU A 181 20.40 -7.01 -8.99
CA LEU A 181 19.09 -6.99 -9.65
C LEU A 181 18.41 -5.65 -9.41
N LYS A 182 17.57 -5.26 -10.36
CA LYS A 182 16.84 -4.00 -10.26
C LYS A 182 15.44 -4.25 -9.73
N VAL A 183 15.16 -3.74 -8.54
CA VAL A 183 13.86 -3.93 -7.92
C VAL A 183 12.99 -2.68 -8.06
N ALA A 184 11.69 -2.87 -7.90
CA ALA A 184 10.74 -1.76 -8.02
C ALA A 184 9.90 -1.61 -6.76
N LYS A 185 9.64 -0.38 -6.37
CA LYS A 185 8.85 -0.10 -5.17
C LYS A 185 7.36 -0.07 -5.52
N PRO A 186 6.53 -0.86 -4.81
CA PRO A 186 5.09 -0.91 -5.05
C PRO A 186 4.46 0.47 -5.04
N SER A 187 3.92 0.89 -6.18
CA SER A 187 3.27 2.20 -6.30
C SER A 187 2.21 2.38 -5.23
N ASN A 188 2.12 3.60 -4.70
CA ASN A 188 1.14 3.91 -3.66
C ASN A 188 1.27 2.95 -2.50
N ALA A 189 2.46 2.40 -2.31
CA ALA A 189 2.73 1.46 -1.23
C ALA A 189 4.20 1.49 -0.82
N GLN B 1 -3.16 23.07 10.23
CA GLN B 1 -3.37 24.43 10.78
C GLN B 1 -3.30 24.43 12.30
N VAL B 2 -4.14 23.62 12.93
CA VAL B 2 -4.19 23.50 14.39
C VAL B 2 -4.12 24.88 15.05
N VAL B 3 -4.65 25.89 14.36
CA VAL B 3 -4.65 27.25 14.89
C VAL B 3 -5.94 27.54 15.69
N PRO B 4 -7.11 27.19 15.14
CA PRO B 4 -8.38 27.42 15.80
C PRO B 4 -8.82 26.24 16.66
N PHE B 5 -9.22 25.15 16.02
CA PHE B 5 -9.66 23.95 16.74
C PHE B 5 -9.89 22.79 15.78
N SER B 6 -9.77 21.58 16.30
CA SER B 6 -9.96 20.37 15.50
C SER B 6 -10.59 19.27 16.33
N SER B 7 -11.20 18.29 15.66
CA SER B 7 -11.85 17.18 16.35
C SER B 7 -10.94 15.96 16.39
N SER B 8 -10.41 15.66 17.57
CA SER B 8 -9.53 14.52 17.74
C SER B 8 -10.27 13.36 18.41
N VAL B 9 -10.65 12.37 17.61
CA VAL B 9 -11.37 11.21 18.12
C VAL B 9 -10.88 9.92 17.47
N GLN C 1 -6.39 -28.09 -10.40
CA GLN C 1 -6.40 -26.86 -9.56
C GLN C 1 -6.38 -25.61 -10.43
N VAL C 2 -6.65 -24.46 -9.81
CA VAL C 2 -6.67 -23.19 -10.52
C VAL C 2 -5.84 -22.14 -9.81
N VAL C 3 -4.80 -22.58 -9.11
CA VAL C 3 -3.92 -21.68 -8.38
C VAL C 3 -2.65 -21.38 -9.17
N PRO C 4 -2.17 -20.12 -9.12
CA PRO C 4 -0.96 -19.71 -9.84
C PRO C 4 0.24 -20.59 -9.49
N PHE C 5 1.41 -20.17 -9.96
CA PHE C 5 2.64 -20.92 -9.70
C PHE C 5 3.86 -20.01 -9.79
N SER C 6 5.01 -20.53 -9.39
CA SER C 6 6.25 -19.76 -9.42
C SER C 6 7.47 -20.68 -9.53
N SER C 7 8.64 -20.08 -9.70
CA SER C 7 9.88 -20.85 -9.81
C SER C 7 10.68 -20.76 -8.52
N SER C 8 10.58 -21.79 -7.69
CA SER C 8 11.30 -21.84 -6.42
C SER C 8 12.75 -22.27 -6.63
N VAL C 9 13.64 -21.29 -6.72
CA VAL C 9 15.06 -21.57 -6.93
C VAL C 9 15.92 -20.56 -6.17
N MET A 1 -9.04 4.80 -5.38
CA MET A 1 -9.94 5.46 -4.40
C MET A 1 -10.77 4.43 -3.62
N GLU A 2 -10.71 4.51 -2.30
CA GLU A 2 -11.44 3.59 -1.44
C GLU A 2 -12.56 4.31 -0.69
N TYR A 3 -13.59 3.56 -0.31
CA TYR A 3 -14.73 4.12 0.42
C TYR A 3 -15.50 3.02 1.13
N GLU A 4 -16.14 3.38 2.25
CA GLU A 4 -16.91 2.41 3.02
C GLU A 4 -17.61 3.07 4.20
N GLU A 5 -18.66 2.43 4.70
CA GLU A 5 -19.41 2.95 5.84
C GLU A 5 -19.26 2.04 7.05
N ILE A 6 -18.63 2.55 8.10
CA ILE A 6 -18.42 1.79 9.31
C ILE A 6 -19.08 2.44 10.51
N THR A 7 -18.88 1.84 11.68
CA THR A 7 -19.45 2.35 12.92
C THR A 7 -18.37 2.50 13.98
N LEU A 8 -18.27 3.70 14.54
CA LEU A 8 -17.29 3.98 15.58
C LEU A 8 -17.98 4.52 16.81
N GLU A 9 -18.31 3.61 17.70
CA GLU A 9 -18.99 3.96 18.94
C GLU A 9 -18.04 4.62 19.92
N ARG A 10 -18.61 5.31 20.91
CA ARG A 10 -17.81 6.00 21.91
C ARG A 10 -17.17 5.01 22.88
N GLY A 11 -15.90 4.69 22.65
CA GLY A 11 -15.21 3.76 23.52
C GLY A 11 -15.37 4.15 24.99
N ASN A 12 -15.58 5.44 25.20
CA ASN A 12 -15.77 5.96 26.55
C ASN A 12 -16.28 7.41 26.48
N SER A 13 -15.36 8.36 26.40
CA SER A 13 -15.72 9.78 26.34
C SER A 13 -15.45 10.37 24.95
N GLY A 14 -15.54 9.55 23.90
CA GLY A 14 -15.29 10.04 22.57
C GLY A 14 -14.59 9.01 21.71
N LEU A 15 -14.37 9.36 20.46
CA LEU A 15 -13.72 8.45 19.52
C LEU A 15 -12.20 8.54 19.63
N GLY A 16 -11.70 9.75 19.87
CA GLY A 16 -10.28 9.95 20.03
C GLY A 16 -9.53 10.12 18.72
N PHE A 17 -9.70 11.27 18.07
CA PHE A 17 -9.00 11.55 16.82
C PHE A 17 -8.89 13.04 16.57
N SER A 18 -7.90 13.43 15.76
CA SER A 18 -7.68 14.83 15.45
C SER A 18 -8.17 15.14 14.04
N ILE A 19 -9.02 16.16 13.92
CA ILE A 19 -9.56 16.55 12.62
C ILE A 19 -8.92 17.83 12.10
N ALA A 20 -9.09 18.07 10.80
CA ALA A 20 -8.54 19.25 10.15
C ALA A 20 -9.23 19.51 8.81
N GLY A 21 -9.40 20.78 8.48
CA GLY A 21 -10.04 21.14 7.22
C GLY A 21 -11.39 21.82 7.43
N GLY A 22 -12.32 21.55 6.52
CA GLY A 22 -13.64 22.14 6.61
C GLY A 22 -14.04 22.85 5.34
N THR A 23 -15.31 22.76 4.97
CA THR A 23 -15.82 23.40 3.76
C THR A 23 -15.37 24.85 3.67
N ASP A 24 -15.13 25.47 4.81
CA ASP A 24 -14.70 26.87 4.85
C ASP A 24 -13.19 26.96 4.61
N ASN A 25 -12.44 26.09 5.27
CA ASN A 25 -10.99 26.08 5.14
C ASN A 25 -10.50 24.70 4.72
N PRO A 26 -10.51 24.41 3.40
CA PRO A 26 -10.06 23.12 2.86
C PRO A 26 -8.79 22.61 3.55
N HIS A 27 -8.71 21.30 3.73
CA HIS A 27 -7.55 20.68 4.37
C HIS A 27 -6.35 20.63 3.44
N ILE A 28 -6.57 20.14 2.23
CA ILE A 28 -5.50 20.02 1.25
C ILE A 28 -5.51 21.19 0.27
N GLY A 29 -6.70 21.75 0.05
CA GLY A 29 -6.82 22.88 -0.86
C GLY A 29 -7.55 22.51 -2.14
N ASP A 30 -8.36 21.45 -2.07
CA ASP A 30 -9.11 21.00 -3.24
C ASP A 30 -10.23 20.05 -2.83
N ASP A 31 -10.74 20.25 -1.62
CA ASP A 31 -11.82 19.42 -1.09
C ASP A 31 -12.48 20.09 0.11
N PRO A 32 -13.74 20.52 -0.04
CA PRO A 32 -14.49 21.18 1.02
C PRO A 32 -14.70 20.27 2.23
N SER A 33 -14.66 18.96 1.98
CA SER A 33 -14.84 17.98 3.04
C SER A 33 -13.81 18.17 4.15
N ILE A 34 -13.94 17.38 5.21
CA ILE A 34 -13.03 17.47 6.34
C ILE A 34 -12.04 16.31 6.33
N PHE A 35 -10.93 16.47 7.05
CA PHE A 35 -9.90 15.44 7.12
C PHE A 35 -9.47 15.18 8.56
N ILE A 36 -8.75 14.09 8.75
CA ILE A 36 -8.23 13.72 10.05
C ILE A 36 -6.71 13.71 9.99
N THR A 37 -6.07 13.98 11.11
CA THR A 37 -4.61 14.02 11.16
C THR A 37 -4.02 12.85 11.93
N LYS A 38 -4.59 12.54 13.07
CA LYS A 38 -4.08 11.43 13.88
C LYS A 38 -5.10 10.96 14.92
N ILE A 39 -4.92 9.73 15.37
CA ILE A 39 -5.80 9.13 16.36
C ILE A 39 -5.06 8.93 17.68
N ILE A 40 -5.75 9.17 18.78
CA ILE A 40 -5.17 9.02 20.11
C ILE A 40 -5.30 7.60 20.62
N PRO A 41 -4.20 6.98 21.08
CA PRO A 41 -4.21 5.61 21.59
C PRO A 41 -5.04 5.47 22.87
N GLY A 42 -6.34 5.72 22.74
CA GLY A 42 -7.23 5.62 23.89
C GLY A 42 -8.70 5.60 23.48
N GLY A 43 -9.06 6.45 22.54
CA GLY A 43 -10.43 6.50 22.08
C GLY A 43 -10.78 5.34 21.18
N ALA A 44 -12.08 5.06 21.04
CA ALA A 44 -12.55 3.96 20.21
C ALA A 44 -11.99 4.06 18.79
N ALA A 45 -11.74 5.28 18.34
CA ALA A 45 -11.21 5.51 17.00
C ALA A 45 -9.89 4.78 16.81
N ALA A 46 -8.94 5.07 17.69
CA ALA A 46 -7.62 4.43 17.63
C ALA A 46 -7.73 2.95 17.91
N GLN A 47 -8.76 2.57 18.67
CA GLN A 47 -8.99 1.18 19.01
C GLN A 47 -9.47 0.42 17.81
N ASP A 48 -10.36 1.05 17.05
CA ASP A 48 -10.87 0.43 15.84
C ASP A 48 -9.83 0.54 14.75
N GLY A 49 -9.12 1.67 14.74
CA GLY A 49 -8.08 1.92 13.74
C GLY A 49 -8.30 1.18 12.44
N ARG A 50 -9.54 1.22 11.95
CA ARG A 50 -9.88 0.54 10.71
C ARG A 50 -9.38 1.32 9.51
N LEU A 51 -9.46 2.64 9.60
CA LEU A 51 -9.05 3.51 8.50
C LEU A 51 -7.94 4.47 8.87
N ARG A 52 -7.56 5.26 7.87
CA ARG A 52 -6.50 6.25 8.03
C ARG A 52 -7.10 7.64 8.27
N VAL A 53 -6.37 8.47 8.99
CA VAL A 53 -6.81 9.82 9.31
C VAL A 53 -6.80 10.74 8.08
N ASN A 54 -5.83 10.55 7.21
CA ASN A 54 -5.68 11.37 6.01
C ASN A 54 -6.78 11.09 4.97
N ASP A 55 -7.85 10.40 5.39
CA ASP A 55 -8.94 10.11 4.49
C ASP A 55 -9.90 11.30 4.40
N SER A 56 -11.11 11.06 3.91
CA SER A 56 -12.11 12.12 3.80
C SER A 56 -13.50 11.61 4.16
N ILE A 57 -13.94 11.92 5.38
CA ILE A 57 -15.26 11.51 5.84
C ILE A 57 -16.35 11.97 4.89
N LEU A 58 -16.75 11.09 3.99
CA LEU A 58 -17.79 11.40 3.01
C LEU A 58 -19.14 11.57 3.69
N PHE A 59 -19.37 10.80 4.75
CA PHE A 59 -20.64 10.88 5.48
C PHE A 59 -20.51 10.38 6.90
N VAL A 60 -21.54 10.65 7.70
CA VAL A 60 -21.59 10.25 9.10
C VAL A 60 -23.02 9.94 9.51
N ASN A 61 -23.22 9.58 10.78
CA ASN A 61 -24.56 9.26 11.30
C ASN A 61 -25.62 10.21 10.73
N GLU A 62 -26.22 9.82 9.62
CA GLU A 62 -27.26 10.63 8.97
C GLU A 62 -26.79 12.06 8.79
N VAL A 63 -25.48 12.24 8.60
CA VAL A 63 -24.91 13.57 8.41
C VAL A 63 -24.19 13.68 7.07
N ASP A 64 -24.53 14.71 6.31
CA ASP A 64 -23.91 14.94 5.01
C ASP A 64 -22.75 15.93 5.13
N VAL A 65 -21.60 15.44 5.58
CA VAL A 65 -20.42 16.27 5.75
C VAL A 65 -19.49 16.18 4.55
N ARG A 66 -20.07 15.98 3.36
CA ARG A 66 -19.29 15.87 2.15
C ARG A 66 -18.79 17.24 1.67
N GLU A 67 -19.21 18.30 2.37
CA GLU A 67 -18.81 19.65 2.03
C GLU A 67 -19.25 20.63 3.11
N VAL A 68 -19.00 20.26 4.37
CA VAL A 68 -19.39 21.09 5.50
C VAL A 68 -18.19 21.57 6.29
N THR A 69 -18.25 22.83 6.73
CA THR A 69 -17.19 23.44 7.51
C THR A 69 -16.77 22.58 8.68
N HIS A 70 -15.63 22.91 9.27
CA HIS A 70 -15.10 22.18 10.42
C HIS A 70 -16.08 22.18 11.59
N SER A 71 -16.58 23.36 11.93
CA SER A 71 -17.51 23.51 13.04
C SER A 71 -18.74 22.61 12.86
N ALA A 72 -19.19 22.46 11.62
CA ALA A 72 -20.35 21.64 11.32
C ALA A 72 -20.02 20.16 11.47
N ALA A 73 -18.80 19.80 11.11
CA ALA A 73 -18.36 18.42 11.22
C ALA A 73 -18.14 18.04 12.67
N VAL A 74 -17.54 18.95 13.41
CA VAL A 74 -17.27 18.73 14.82
C VAL A 74 -18.59 18.61 15.57
N GLU A 75 -19.55 19.41 15.14
CA GLU A 75 -20.88 19.42 15.75
C GLU A 75 -21.62 18.12 15.45
N ALA A 76 -21.38 17.57 14.26
CA ALA A 76 -22.03 16.33 13.85
C ALA A 76 -21.50 15.16 14.67
N LEU A 77 -20.20 15.17 14.88
CA LEU A 77 -19.53 14.13 15.67
C LEU A 77 -19.73 14.42 17.14
N LYS A 78 -19.92 15.69 17.46
CA LYS A 78 -20.13 16.11 18.83
C LYS A 78 -21.51 15.66 19.27
N GLU A 79 -22.46 15.71 18.35
CA GLU A 79 -23.83 15.32 18.65
C GLU A 79 -24.09 13.90 18.15
N ALA A 80 -23.02 13.14 18.00
CA ALA A 80 -23.11 11.76 17.53
C ALA A 80 -22.33 10.82 18.45
N GLY A 81 -21.99 11.29 19.65
CA GLY A 81 -21.24 10.48 20.59
C GLY A 81 -22.01 9.27 21.07
N SER A 82 -21.66 8.10 20.53
CA SER A 82 -22.31 6.85 20.91
C SER A 82 -21.95 5.74 19.92
N ILE A 83 -22.48 5.86 18.71
CA ILE A 83 -22.25 4.90 17.63
C ILE A 83 -22.38 5.62 16.30
N VAL A 84 -21.27 6.10 15.77
CA VAL A 84 -21.29 6.85 14.53
C VAL A 84 -21.05 5.99 13.30
N ARG A 85 -22.07 5.85 12.47
CA ARG A 85 -21.94 5.12 11.22
C ARG A 85 -21.25 6.02 10.21
N LEU A 86 -19.93 6.09 10.32
CA LEU A 86 -19.15 6.98 9.47
C LEU A 86 -18.78 6.37 8.12
N TYR A 87 -19.00 7.15 7.08
CA TYR A 87 -18.65 6.74 5.73
C TYR A 87 -17.48 7.60 5.27
N VAL A 88 -16.34 6.98 5.05
CA VAL A 88 -15.15 7.71 4.65
C VAL A 88 -14.66 7.29 3.27
N MET A 89 -13.73 8.07 2.74
CA MET A 89 -13.13 7.80 1.44
C MET A 89 -11.65 8.14 1.48
N ARG A 90 -10.81 7.11 1.44
CA ARG A 90 -9.37 7.31 1.49
C ARG A 90 -8.74 6.92 0.16
N ARG A 91 -8.25 7.93 -0.56
CA ARG A 91 -7.61 7.70 -1.86
C ARG A 91 -6.20 7.16 -1.70
N LYS A 92 -5.98 5.94 -2.17
CA LYS A 92 -4.67 5.31 -2.09
C LYS A 92 -4.45 4.33 -3.25
N PRO A 93 -4.76 4.74 -4.50
CA PRO A 93 -4.59 3.89 -5.67
C PRO A 93 -3.18 3.99 -6.26
N PRO A 94 -2.56 2.84 -6.60
CA PRO A 94 -1.21 2.83 -7.18
C PRO A 94 -1.19 3.41 -8.59
N ALA A 95 -0.19 3.02 -9.38
CA ALA A 95 -0.06 3.50 -10.75
C ALA A 95 1.31 3.18 -11.33
N GLU A 96 1.83 1.99 -11.00
CA GLU A 96 3.14 1.56 -11.50
C GLU A 96 4.26 2.41 -10.89
N LYS A 97 5.48 1.88 -10.97
CA LYS A 97 6.64 2.57 -10.44
C LYS A 97 7.91 1.77 -10.70
N VAL A 98 9.02 2.21 -10.12
CA VAL A 98 10.30 1.53 -10.30
C VAL A 98 11.01 1.35 -8.96
N MET A 99 11.75 0.25 -8.84
CA MET A 99 12.48 -0.05 -7.61
C MET A 99 13.90 -0.51 -7.91
N GLU A 100 14.74 -0.52 -6.88
CA GLU A 100 16.12 -0.94 -7.00
C GLU A 100 16.45 -1.87 -5.84
N ILE A 101 16.55 -3.15 -6.15
CA ILE A 101 16.81 -4.16 -5.14
C ILE A 101 18.17 -4.82 -5.32
N LYS A 102 18.69 -5.35 -4.23
CA LYS A 102 19.97 -6.03 -4.23
C LYS A 102 19.82 -7.46 -3.75
N LEU A 103 20.29 -8.41 -4.55
CA LEU A 103 20.19 -9.82 -4.20
C LEU A 103 21.54 -10.50 -4.38
N ILE A 104 22.07 -11.04 -3.29
CA ILE A 104 23.35 -11.71 -3.31
C ILE A 104 23.17 -13.21 -3.50
N LYS A 105 24.09 -13.83 -4.24
CA LYS A 105 24.03 -15.26 -4.50
C LYS A 105 24.31 -16.06 -3.23
N GLY A 106 23.81 -17.29 -3.20
CA GLY A 106 24.02 -18.15 -2.04
C GLY A 106 24.40 -19.56 -2.46
N PRO A 107 24.24 -20.55 -1.55
CA PRO A 107 24.58 -21.93 -1.85
C PRO A 107 23.52 -22.61 -2.71
N LYS A 108 22.26 -22.37 -2.40
CA LYS A 108 21.18 -22.96 -3.16
C LYS A 108 20.75 -22.03 -4.29
N GLY A 109 21.65 -21.12 -4.66
CA GLY A 109 21.35 -20.17 -5.70
C GLY A 109 21.13 -18.79 -5.15
N LEU A 110 20.18 -18.07 -5.71
CA LEU A 110 19.89 -16.72 -5.23
C LEU A 110 18.91 -16.76 -4.06
N GLY A 111 18.13 -17.84 -3.98
CA GLY A 111 17.16 -17.98 -2.90
C GLY A 111 15.81 -17.38 -3.25
N PHE A 112 15.31 -17.68 -4.44
CA PHE A 112 14.02 -17.17 -4.87
C PHE A 112 13.62 -17.75 -6.23
N SER A 113 12.32 -17.83 -6.48
CA SER A 113 11.82 -18.37 -7.74
C SER A 113 11.18 -17.28 -8.59
N ILE A 114 11.59 -17.20 -9.84
CA ILE A 114 11.06 -16.21 -10.77
C ILE A 114 10.90 -16.79 -12.17
N ALA A 115 10.02 -16.20 -12.96
CA ALA A 115 9.80 -16.70 -14.31
C ALA A 115 9.20 -15.63 -15.24
N GLY A 116 9.88 -15.39 -16.35
CA GLY A 116 9.41 -14.42 -17.33
C GLY A 116 9.90 -14.72 -18.73
N GLY A 117 9.60 -13.83 -19.67
CA GLY A 117 10.06 -14.02 -21.03
C GLY A 117 9.14 -14.91 -21.84
N VAL A 118 9.55 -15.22 -23.07
CA VAL A 118 8.77 -16.08 -23.95
C VAL A 118 8.95 -17.56 -23.61
N GLY A 119 7.89 -18.34 -23.77
CA GLY A 119 7.95 -19.75 -23.47
C GLY A 119 7.55 -20.04 -22.03
N ASN A 120 7.75 -19.06 -21.16
CA ASN A 120 7.42 -19.20 -19.75
C ASN A 120 7.34 -17.82 -19.11
N GLN A 121 6.31 -17.07 -19.50
CA GLN A 121 6.11 -15.72 -18.98
C GLN A 121 5.61 -15.73 -17.54
N HIS A 122 5.35 -16.93 -17.00
CA HIS A 122 4.84 -17.07 -15.64
C HIS A 122 3.41 -16.61 -15.54
N ILE A 123 3.20 -15.37 -15.89
CA ILE A 123 1.88 -14.75 -15.88
C ILE A 123 1.16 -14.97 -17.21
N PRO A 124 -0.17 -15.15 -17.20
CA PRO A 124 -0.95 -15.36 -18.42
C PRO A 124 -0.97 -14.13 -19.31
N GLY A 125 0.21 -13.73 -19.80
CA GLY A 125 0.30 -12.56 -20.66
C GLY A 125 1.15 -11.45 -20.06
N ASP A 126 2.42 -11.75 -19.80
CA ASP A 126 3.34 -10.78 -19.22
C ASP A 126 4.79 -11.24 -19.39
N ASN A 127 5.43 -10.78 -20.46
CA ASN A 127 6.82 -11.13 -20.73
C ASN A 127 7.72 -10.79 -19.55
N SER A 128 7.28 -9.86 -18.72
CA SER A 128 8.06 -9.44 -17.56
C SER A 128 8.30 -10.62 -16.61
N ILE A 129 9.44 -10.61 -15.94
CA ILE A 129 9.78 -11.68 -15.01
C ILE A 129 9.24 -11.39 -13.61
N TYR A 130 8.24 -12.17 -13.20
CA TYR A 130 7.65 -12.02 -11.88
C TYR A 130 8.13 -13.13 -10.96
N VAL A 131 8.20 -12.84 -9.67
CA VAL A 131 8.64 -13.83 -8.71
C VAL A 131 7.50 -14.75 -8.29
N THR A 132 7.82 -16.00 -8.00
CA THR A 132 6.82 -16.98 -7.61
C THR A 132 6.85 -17.23 -6.10
N LYS A 133 8.02 -17.62 -5.60
CA LYS A 133 8.18 -17.90 -4.19
C LYS A 133 9.64 -17.76 -3.76
N ILE A 134 9.84 -17.32 -2.53
CA ILE A 134 11.19 -17.14 -1.98
C ILE A 134 11.44 -18.10 -0.82
N ILE A 135 12.65 -18.64 -0.76
CA ILE A 135 13.02 -19.57 0.30
C ILE A 135 13.35 -18.82 1.59
N GLU A 136 13.56 -19.57 2.66
CA GLU A 136 13.89 -18.99 3.96
C GLU A 136 15.36 -19.21 4.29
N GLY A 137 16.19 -19.27 3.26
CA GLY A 137 17.61 -19.47 3.46
C GLY A 137 18.29 -18.24 4.02
N GLY A 138 17.75 -17.07 3.70
CA GLY A 138 18.32 -15.82 4.18
C GLY A 138 19.08 -15.07 3.10
N ALA A 139 18.77 -15.37 1.85
CA ALA A 139 19.43 -14.70 0.73
C ALA A 139 18.58 -13.56 0.19
N ALA A 140 17.62 -13.88 -0.66
CA ALA A 140 16.74 -12.88 -1.25
C ALA A 140 15.79 -12.30 -0.22
N HIS A 141 15.40 -13.12 0.75
CA HIS A 141 14.50 -12.68 1.80
C HIS A 141 15.01 -11.40 2.46
N LYS A 142 16.24 -11.49 2.97
CA LYS A 142 16.87 -10.36 3.63
C LYS A 142 17.30 -9.27 2.65
N ASP A 143 18.01 -9.66 1.60
CA ASP A 143 18.50 -8.71 0.60
C ASP A 143 17.41 -8.33 -0.40
N GLY A 144 16.89 -9.32 -1.10
CA GLY A 144 15.85 -9.08 -2.08
C GLY A 144 14.64 -8.36 -1.50
N ARG A 145 14.03 -8.95 -0.48
CA ARG A 145 12.85 -8.37 0.14
C ARG A 145 11.73 -8.22 -0.88
N LEU A 146 11.75 -9.07 -1.90
CA LEU A 146 10.74 -9.03 -2.95
C LEU A 146 9.78 -10.20 -2.81
N GLN A 147 8.74 -10.02 -2.00
CA GLN A 147 7.75 -11.06 -1.78
C GLN A 147 7.08 -11.46 -3.09
N ILE A 148 6.38 -12.59 -3.08
CA ILE A 148 5.70 -13.08 -4.27
C ILE A 148 4.90 -11.98 -4.95
N GLY A 149 5.32 -11.64 -6.15
CA GLY A 149 4.64 -10.61 -6.91
C GLY A 149 5.62 -9.59 -7.48
N ASP A 150 6.83 -9.55 -6.92
CA ASP A 150 7.84 -8.61 -7.39
C ASP A 150 8.30 -8.97 -8.80
N LYS A 151 8.16 -8.02 -9.72
CA LYS A 151 8.57 -8.23 -11.11
C LYS A 151 9.78 -7.38 -11.45
N ILE A 152 10.80 -8.02 -12.01
CA ILE A 152 12.02 -7.32 -12.39
C ILE A 152 12.04 -7.06 -13.89
N LEU A 153 12.35 -5.83 -14.26
CA LEU A 153 12.41 -5.43 -15.66
C LEU A 153 13.84 -5.50 -16.19
N ALA A 154 14.79 -5.84 -15.31
CA ALA A 154 16.20 -5.93 -15.69
C ALA A 154 17.09 -6.01 -14.45
N VAL A 155 18.19 -6.74 -14.57
CA VAL A 155 19.13 -6.88 -13.47
C VAL A 155 20.33 -5.97 -13.68
N ASN A 156 20.33 -4.82 -13.03
CA ASN A 156 21.41 -3.84 -13.15
C ASN A 156 21.37 -3.22 -14.54
N SER A 157 21.51 -4.07 -15.55
CA SER A 157 21.48 -3.65 -16.94
C SER A 157 21.24 -4.85 -17.85
N VAL A 158 20.57 -5.87 -17.31
CA VAL A 158 20.27 -7.09 -18.06
C VAL A 158 18.86 -7.06 -18.61
N GLY A 159 18.64 -7.81 -19.67
CA GLY A 159 17.33 -7.88 -20.29
C GLY A 159 16.75 -9.27 -20.20
N LEU A 160 16.23 -9.59 -19.03
CA LEU A 160 15.64 -10.90 -18.77
C LEU A 160 14.24 -11.01 -19.40
N GLU A 161 14.00 -10.23 -20.44
CA GLU A 161 12.72 -10.24 -21.13
C GLU A 161 12.89 -9.83 -22.58
N ASP A 162 13.80 -10.51 -23.27
CA ASP A 162 14.06 -10.23 -24.67
C ASP A 162 14.70 -11.45 -25.34
N VAL A 163 14.38 -12.63 -24.82
CA VAL A 163 14.92 -13.88 -25.36
C VAL A 163 13.94 -15.03 -25.15
N MET A 164 13.87 -15.50 -23.92
CA MET A 164 13.00 -16.61 -23.54
C MET A 164 13.24 -16.98 -22.08
N HIS A 165 12.37 -17.81 -21.54
CA HIS A 165 12.51 -18.24 -20.14
C HIS A 165 13.89 -18.85 -19.91
N GLU A 166 14.45 -19.46 -20.96
CA GLU A 166 15.76 -20.09 -20.87
C GLU A 166 16.90 -19.07 -20.79
N ASP A 167 16.88 -18.09 -21.68
CA ASP A 167 17.92 -17.08 -21.71
C ASP A 167 17.79 -16.15 -20.51
N ALA A 168 16.55 -15.87 -20.12
CA ALA A 168 16.29 -15.01 -18.98
C ALA A 168 16.67 -15.73 -17.70
N VAL A 169 16.43 -17.04 -17.67
CA VAL A 169 16.76 -17.85 -16.51
C VAL A 169 18.27 -18.01 -16.38
N ALA A 170 18.92 -18.27 -17.50
CA ALA A 170 20.37 -18.44 -17.52
C ALA A 170 21.07 -17.11 -17.27
N ALA A 171 20.44 -16.03 -17.70
CA ALA A 171 21.00 -14.69 -17.54
C ALA A 171 20.81 -14.19 -16.11
N LEU A 172 19.78 -14.71 -15.43
CA LEU A 172 19.51 -14.30 -14.07
C LEU A 172 20.40 -15.07 -13.10
N LYS A 173 20.61 -16.35 -13.40
CA LYS A 173 21.46 -17.19 -12.57
C LYS A 173 22.92 -16.86 -12.83
N ASN A 174 23.20 -16.36 -14.03
CA ASN A 174 24.57 -16.00 -14.41
C ASN A 174 25.05 -14.78 -13.65
N THR A 175 24.14 -14.11 -12.93
CA THR A 175 24.49 -12.92 -12.16
C THR A 175 25.70 -13.16 -11.26
N TYR A 176 26.06 -12.14 -10.49
CA TYR A 176 27.20 -12.22 -9.58
C TYR A 176 26.74 -12.40 -8.13
N ASP A 177 27.69 -12.71 -7.26
CA ASP A 177 27.42 -12.93 -5.84
C ASP A 177 26.62 -11.78 -5.21
N VAL A 178 26.67 -10.61 -5.83
CA VAL A 178 25.96 -9.44 -5.31
C VAL A 178 25.50 -8.56 -6.46
N VAL A 179 24.28 -8.80 -6.93
CA VAL A 179 23.73 -8.02 -8.04
C VAL A 179 22.49 -7.24 -7.64
N TYR A 180 22.31 -6.09 -8.29
CA TYR A 180 21.16 -5.24 -8.04
C TYR A 180 20.14 -5.39 -9.16
N LEU A 181 18.92 -5.76 -8.80
CA LEU A 181 17.87 -5.95 -9.78
C LEU A 181 16.88 -4.80 -9.80
N LYS A 182 16.36 -4.49 -10.98
CA LYS A 182 15.41 -3.40 -11.13
C LYS A 182 13.99 -3.94 -11.12
N VAL A 183 13.22 -3.55 -10.10
CA VAL A 183 11.84 -4.02 -9.96
C VAL A 183 10.86 -2.96 -10.42
N ALA A 184 9.64 -3.38 -10.72
CA ALA A 184 8.60 -2.46 -11.17
C ALA A 184 7.25 -2.80 -10.55
N LYS A 185 6.58 -1.77 -10.04
CA LYS A 185 5.27 -1.95 -9.42
C LYS A 185 4.16 -1.95 -10.47
N PRO A 186 3.08 -2.72 -10.25
CA PRO A 186 1.96 -2.81 -11.19
C PRO A 186 1.32 -1.45 -11.43
N SER A 187 0.67 -1.30 -12.58
CA SER A 187 0.00 -0.05 -12.93
C SER A 187 -1.34 0.07 -12.24
N ASN A 188 -1.35 0.76 -11.09
CA ASN A 188 -2.56 0.96 -10.31
C ASN A 188 -3.37 -0.33 -10.17
N ALA A 189 -2.67 -1.45 -10.13
CA ALA A 189 -3.32 -2.75 -10.01
C ALA A 189 -2.76 -3.54 -8.82
N GLN B 1 -6.54 29.46 20.90
CA GLN B 1 -7.13 30.81 21.09
C GLN B 1 -6.92 31.68 19.85
N VAL B 2 -5.77 31.51 19.21
CA VAL B 2 -5.45 32.29 18.01
C VAL B 2 -4.93 31.39 16.90
N VAL B 3 -4.01 30.49 17.24
CA VAL B 3 -3.43 29.58 16.27
C VAL B 3 -4.11 28.21 16.33
N PRO B 4 -4.62 27.71 15.19
CA PRO B 4 -5.28 26.41 15.13
C PRO B 4 -4.43 25.29 15.69
N PHE B 5 -5.04 24.12 15.88
CA PHE B 5 -4.33 22.96 16.42
C PHE B 5 -5.18 21.70 16.29
N SER B 6 -5.92 21.60 15.19
CA SER B 6 -6.77 20.44 14.95
C SER B 6 -7.79 20.28 16.06
N SER B 7 -8.80 19.43 15.83
CA SER B 7 -9.85 19.19 16.82
C SER B 7 -9.79 17.76 17.34
N SER B 8 -9.60 17.63 18.65
CA SER B 8 -9.51 16.31 19.28
C SER B 8 -10.85 15.94 19.94
N VAL B 9 -11.48 14.89 19.43
CA VAL B 9 -12.76 14.43 19.97
C VAL B 9 -12.80 12.91 20.05
N GLN C 1 12.79 -28.59 -4.68
CA GLN C 1 12.93 -29.82 -5.49
C GLN C 1 11.86 -29.90 -6.57
N VAL C 2 10.70 -29.34 -6.28
CA VAL C 2 9.59 -29.34 -7.23
C VAL C 2 9.65 -28.15 -8.16
N VAL C 3 9.69 -28.42 -9.47
CA VAL C 3 9.74 -27.37 -10.47
C VAL C 3 8.50 -27.39 -11.36
N PRO C 4 7.39 -26.81 -10.88
CA PRO C 4 6.13 -26.76 -11.63
C PRO C 4 6.33 -26.21 -13.04
N PHE C 5 7.07 -25.10 -13.15
CA PHE C 5 7.33 -24.48 -14.44
C PHE C 5 8.25 -23.27 -14.30
N SER C 6 8.16 -22.58 -13.17
CA SER C 6 9.00 -21.41 -12.92
C SER C 6 10.45 -21.82 -12.65
N SER C 7 11.33 -20.84 -12.53
CA SER C 7 12.74 -21.09 -12.27
C SER C 7 13.06 -20.93 -10.80
N SER C 8 13.47 -22.03 -10.16
CA SER C 8 13.82 -22.01 -8.74
C SER C 8 15.33 -21.91 -8.55
N VAL C 9 15.78 -20.73 -8.16
CA VAL C 9 17.21 -20.50 -7.94
C VAL C 9 17.46 -19.07 -7.45
N MET A 1 -14.30 -5.30 2.75
CA MET A 1 -15.20 -4.13 2.90
C MET A 1 -16.00 -4.22 4.19
N GLU A 2 -15.81 -3.24 5.08
CA GLU A 2 -16.50 -3.20 6.36
C GLU A 2 -17.04 -1.81 6.65
N TYR A 3 -18.00 -1.74 7.57
CA TYR A 3 -18.60 -0.47 7.96
C TYR A 3 -18.43 -0.22 9.46
N GLU A 4 -18.45 1.04 9.86
CA GLU A 4 -18.28 1.40 11.27
C GLU A 4 -19.10 2.63 11.63
N GLU A 5 -20.04 2.45 12.56
CA GLU A 5 -20.90 3.54 13.02
C GLU A 5 -20.81 3.67 14.53
N ILE A 6 -19.95 4.57 15.01
CA ILE A 6 -19.75 4.76 16.43
C ILE A 6 -19.92 6.22 16.83
N THR A 7 -19.55 6.52 18.08
CA THR A 7 -19.64 7.88 18.62
C THR A 7 -18.27 8.37 19.04
N LEU A 8 -17.97 9.62 18.67
CA LEU A 8 -16.69 10.22 19.01
C LEU A 8 -16.92 11.56 19.68
N GLU A 9 -17.01 11.51 21.00
CA GLU A 9 -17.22 12.70 21.80
C GLU A 9 -15.97 13.57 21.86
N ARG A 10 -16.15 14.83 22.20
CA ARG A 10 -15.04 15.77 22.30
C ARG A 10 -14.15 15.45 23.49
N GLY A 11 -13.08 14.70 23.24
CA GLY A 11 -12.16 14.36 24.32
C GLY A 11 -11.73 15.59 25.09
N ASN A 12 -11.78 16.73 24.42
CA ASN A 12 -11.40 18.00 25.03
C ASN A 12 -11.73 19.15 24.09
N SER A 13 -10.79 19.46 23.20
CA SER A 13 -10.98 20.55 22.24
C SER A 13 -11.17 20.03 20.82
N GLY A 14 -11.75 18.84 20.66
CA GLY A 14 -11.94 18.31 19.33
C GLY A 14 -11.79 16.79 19.30
N LEU A 15 -11.94 16.23 18.11
CA LEU A 15 -11.84 14.80 17.92
C LEU A 15 -10.38 14.37 17.73
N GLY A 16 -9.68 15.06 16.85
CA GLY A 16 -8.28 14.74 16.61
C GLY A 16 -8.04 13.82 15.43
N PHE A 17 -8.15 14.37 14.22
CA PHE A 17 -7.90 13.60 13.01
C PHE A 17 -7.71 14.52 11.80
N SER A 18 -6.90 14.09 10.85
CA SER A 18 -6.62 14.89 9.66
C SER A 18 -7.44 14.41 8.46
N ILE A 19 -8.16 15.33 7.85
CA ILE A 19 -8.98 15.02 6.68
C ILE A 19 -8.62 15.91 5.51
N ALA A 20 -9.05 15.53 4.31
CA ALA A 20 -8.76 16.31 3.11
C ALA A 20 -9.59 15.85 1.93
N GLY A 21 -9.82 16.75 0.99
CA GLY A 21 -10.59 16.42 -0.20
C GLY A 21 -11.82 17.30 -0.33
N GLY A 22 -13.00 16.70 -0.21
CA GLY A 22 -14.23 17.45 -0.32
C GLY A 22 -14.91 17.24 -1.66
N THR A 23 -16.24 17.34 -1.67
CA THR A 23 -17.00 17.16 -2.89
C THR A 23 -16.58 18.16 -3.97
N ASP A 24 -15.90 19.23 -3.58
CA ASP A 24 -15.45 20.24 -4.53
C ASP A 24 -14.02 19.96 -5.00
N ASN A 25 -13.13 19.73 -4.05
CA ASN A 25 -11.73 19.46 -4.36
C ASN A 25 -11.29 18.10 -3.80
N PRO A 26 -11.64 17.01 -4.50
CA PRO A 26 -11.26 15.66 -4.06
C PRO A 26 -9.78 15.55 -3.70
N HIS A 27 -9.50 14.86 -2.60
CA HIS A 27 -8.12 14.69 -2.13
C HIS A 27 -7.34 13.76 -3.07
N ILE A 28 -8.07 12.93 -3.81
CA ILE A 28 -7.44 11.99 -4.74
C ILE A 28 -7.68 12.41 -6.19
N GLY A 29 -8.81 13.07 -6.43
CA GLY A 29 -9.13 13.52 -7.76
C GLY A 29 -10.03 12.53 -8.50
N ASP A 30 -10.84 11.81 -7.75
CA ASP A 30 -11.75 10.82 -8.33
C ASP A 30 -12.63 10.18 -7.26
N ASP A 31 -13.01 10.97 -6.27
CA ASP A 31 -13.84 10.48 -5.18
C ASP A 31 -14.47 11.64 -4.41
N PRO A 32 -15.71 12.02 -4.73
CA PRO A 32 -16.40 13.12 -4.05
C PRO A 32 -16.45 12.92 -2.55
N SER A 33 -16.33 11.67 -2.12
CA SER A 33 -16.36 11.35 -0.70
C SER A 33 -15.03 11.71 -0.03
N ILE A 34 -15.10 12.20 1.19
CA ILE A 34 -13.90 12.58 1.93
C ILE A 34 -13.40 11.44 2.80
N PHE A 35 -12.09 11.46 3.09
CA PHE A 35 -11.47 10.44 3.92
C PHE A 35 -10.41 11.05 4.82
N ILE A 36 -9.95 10.28 5.79
CA ILE A 36 -8.94 10.76 6.72
C ILE A 36 -7.55 10.28 6.30
N THR A 37 -6.53 11.04 6.67
CA THR A 37 -5.16 10.70 6.30
C THR A 37 -4.37 10.22 7.52
N LYS A 38 -4.62 10.83 8.67
CA LYS A 38 -3.92 10.46 9.89
C LYS A 38 -4.64 11.00 11.12
N ILE A 39 -4.43 10.34 12.26
CA ILE A 39 -5.06 10.72 13.51
C ILE A 39 -4.01 11.26 14.49
N ILE A 40 -4.40 12.29 15.22
CA ILE A 40 -3.50 12.91 16.20
C ILE A 40 -3.58 12.19 17.54
N PRO A 41 -2.43 11.70 18.06
CA PRO A 41 -2.38 10.99 19.35
C PRO A 41 -2.73 11.89 20.52
N GLY A 42 -3.96 12.38 20.54
CA GLY A 42 -4.41 13.26 21.61
C GLY A 42 -5.91 13.40 21.65
N GLY A 43 -6.51 13.77 20.52
CA GLY A 43 -7.95 13.93 20.45
C GLY A 43 -8.70 12.65 20.81
N ALA A 44 -9.99 12.77 21.04
CA ALA A 44 -10.82 11.63 21.40
C ALA A 44 -10.84 10.57 20.29
N ALA A 45 -10.55 11.00 19.06
CA ALA A 45 -10.56 10.08 17.93
C ALA A 45 -9.52 8.99 18.11
N ALA A 46 -8.26 9.40 18.28
CA ALA A 46 -7.16 8.46 18.46
C ALA A 46 -7.29 7.76 19.81
N GLN A 47 -7.91 8.44 20.76
CA GLN A 47 -8.11 7.90 22.09
C GLN A 47 -9.17 6.81 22.06
N ASP A 48 -10.19 7.03 21.25
CA ASP A 48 -11.25 6.05 21.13
C ASP A 48 -10.91 5.03 20.05
N GLY A 49 -10.06 5.44 19.09
CA GLY A 49 -9.64 4.55 18.02
C GLY A 49 -10.70 3.57 17.58
N ARG A 50 -11.74 4.07 16.93
CA ARG A 50 -12.83 3.23 16.45
C ARG A 50 -12.82 3.10 14.93
N LEU A 51 -12.06 3.96 14.26
CA LEU A 51 -11.99 3.94 12.80
C LEU A 51 -10.58 4.21 12.30
N ARG A 52 -10.38 3.99 11.01
CA ARG A 52 -9.08 4.23 10.38
C ARG A 52 -9.13 5.50 9.55
N VAL A 53 -7.97 6.02 9.17
CA VAL A 53 -7.88 7.24 8.39
C VAL A 53 -8.35 7.06 6.95
N ASN A 54 -7.86 6.01 6.30
CA ASN A 54 -8.19 5.72 4.90
C ASN A 54 -9.67 5.44 4.66
N ASP A 55 -10.51 5.58 5.69
CA ASP A 55 -11.94 5.34 5.53
C ASP A 55 -12.64 6.62 5.05
N SER A 56 -13.91 6.49 4.67
CA SER A 56 -14.67 7.64 4.20
C SER A 56 -15.89 7.88 5.08
N ILE A 57 -15.92 9.02 5.75
CA ILE A 57 -17.03 9.34 6.62
C ILE A 57 -18.35 9.40 5.85
N LEU A 58 -19.05 8.28 5.86
CA LEU A 58 -20.34 8.20 5.17
C LEU A 58 -21.38 9.03 5.89
N PHE A 59 -21.21 9.18 7.21
CA PHE A 59 -22.15 9.96 7.99
C PHE A 59 -21.52 10.47 9.29
N VAL A 60 -21.89 11.69 9.67
CA VAL A 60 -21.38 12.30 10.89
C VAL A 60 -22.39 13.29 11.46
N ASN A 61 -22.66 13.19 12.75
CA ASN A 61 -23.61 14.07 13.42
C ASN A 61 -24.94 14.09 12.68
N GLU A 62 -25.37 12.92 12.22
CA GLU A 62 -26.64 12.79 11.50
C GLU A 62 -26.60 13.62 10.21
N VAL A 63 -25.40 13.81 9.67
CA VAL A 63 -25.23 14.58 8.44
C VAL A 63 -24.57 13.73 7.36
N ASP A 64 -25.16 13.76 6.17
CA ASP A 64 -24.63 12.98 5.04
C ASP A 64 -23.34 13.61 4.51
N VAL A 65 -22.21 13.03 4.90
CA VAL A 65 -20.91 13.54 4.46
C VAL A 65 -20.22 12.53 3.54
N ARG A 66 -20.99 11.95 2.63
CA ARG A 66 -20.47 10.98 1.69
C ARG A 66 -20.27 11.58 0.30
N GLU A 67 -20.41 12.91 0.20
CA GLU A 67 -20.24 13.60 -1.08
C GLU A 67 -20.39 15.10 -0.92
N VAL A 68 -19.89 15.62 0.19
CA VAL A 68 -19.97 17.05 0.46
C VAL A 68 -18.59 17.68 0.58
N THR A 69 -18.49 18.95 0.22
CA THR A 69 -17.24 19.69 0.27
C THR A 69 -16.53 19.53 1.61
N HIS A 70 -15.21 19.74 1.59
CA HIS A 70 -14.39 19.62 2.78
C HIS A 70 -14.87 20.57 3.88
N SER A 71 -15.08 21.82 3.54
CA SER A 71 -15.52 22.81 4.50
C SER A 71 -16.85 22.42 5.14
N ALA A 72 -17.71 21.79 4.35
CA ALA A 72 -19.02 21.37 4.84
C ALA A 72 -18.90 20.24 5.86
N ALA A 73 -17.95 19.34 5.62
CA ALA A 73 -17.72 18.23 6.52
C ALA A 73 -17.09 18.73 7.80
N VAL A 74 -16.11 19.61 7.63
CA VAL A 74 -15.42 20.19 8.76
C VAL A 74 -16.40 21.01 9.60
N GLU A 75 -17.34 21.65 8.90
CA GLU A 75 -18.35 22.47 9.55
C GLU A 75 -19.33 21.61 10.34
N ALA A 76 -19.60 20.41 9.84
CA ALA A 76 -20.52 19.49 10.51
C ALA A 76 -19.90 18.97 11.79
N LEU A 77 -18.61 18.66 11.72
CA LEU A 77 -17.86 18.17 12.86
C LEU A 77 -17.47 19.34 13.75
N LYS A 78 -17.36 20.51 13.13
CA LYS A 78 -17.01 21.71 13.85
C LYS A 78 -18.19 22.13 14.72
N GLU A 79 -19.39 21.91 14.19
CA GLU A 79 -20.60 22.25 14.93
C GLU A 79 -21.16 21.02 15.63
N ALA A 80 -20.30 20.05 15.85
CA ALA A 80 -20.68 18.82 16.53
C ALA A 80 -19.71 18.48 17.65
N GLY A 81 -18.92 19.47 18.06
CA GLY A 81 -17.95 19.26 19.11
C GLY A 81 -18.59 18.87 20.43
N SER A 82 -18.66 17.56 20.70
CA SER A 82 -19.26 17.05 21.93
C SER A 82 -19.43 15.54 21.86
N ILE A 83 -20.32 15.11 20.97
CA ILE A 83 -20.62 13.70 20.77
C ILE A 83 -21.12 13.49 19.35
N VAL A 84 -20.22 13.13 18.45
CA VAL A 84 -20.59 12.94 17.06
C VAL A 84 -20.76 11.48 16.69
N ARG A 85 -21.77 11.20 15.88
CA ARG A 85 -22.03 9.84 15.42
C ARG A 85 -21.21 9.59 14.16
N LEU A 86 -20.05 9.00 14.33
CA LEU A 86 -19.15 8.75 13.21
C LEU A 86 -19.48 7.46 12.49
N TYR A 87 -19.88 7.61 11.24
CA TYR A 87 -20.19 6.47 10.40
C TYR A 87 -19.30 6.53 9.17
N VAL A 88 -18.41 5.55 9.03
CA VAL A 88 -17.49 5.55 7.91
C VAL A 88 -17.48 4.22 7.17
N MET A 89 -16.84 4.23 6.00
CA MET A 89 -16.71 3.05 5.18
C MET A 89 -15.24 2.69 5.01
N ARG A 90 -14.83 1.61 5.64
CA ARG A 90 -13.45 1.17 5.57
C ARG A 90 -13.36 -0.27 5.08
N ARG A 91 -12.30 -0.56 4.35
CA ARG A 91 -12.09 -1.90 3.81
C ARG A 91 -11.21 -2.73 4.73
N LYS A 92 -11.64 -3.97 4.99
CA LYS A 92 -10.89 -4.86 5.87
C LYS A 92 -9.45 -5.03 5.39
N PRO A 93 -8.51 -5.24 6.34
CA PRO A 93 -7.09 -5.41 6.00
C PRO A 93 -6.84 -6.68 5.20
N PRO A 94 -6.11 -6.58 4.06
CA PRO A 94 -5.82 -7.73 3.22
C PRO A 94 -4.88 -8.72 3.90
N ALA A 95 -4.24 -9.59 3.12
CA ALA A 95 -3.33 -10.58 3.67
C ALA A 95 -1.93 -10.41 3.08
N GLU A 96 -1.62 -9.21 2.64
CA GLU A 96 -0.31 -8.91 2.07
C GLU A 96 0.73 -8.77 3.17
N LYS A 97 1.94 -9.28 2.91
CA LYS A 97 3.02 -9.20 3.89
C LYS A 97 4.38 -9.17 3.20
N VAL A 98 5.44 -9.12 4.00
CA VAL A 98 6.81 -9.09 3.49
C VAL A 98 7.57 -10.32 3.94
N MET A 99 8.31 -10.93 3.00
CA MET A 99 9.08 -12.13 3.29
C MET A 99 10.58 -11.87 3.12
N GLU A 100 11.38 -12.80 3.61
CA GLU A 100 12.83 -12.73 3.52
C GLU A 100 13.37 -14.07 3.10
N ILE A 101 13.80 -14.16 1.85
CA ILE A 101 14.28 -15.42 1.30
C ILE A 101 15.76 -15.39 0.96
N LYS A 102 16.35 -16.57 0.96
CA LYS A 102 17.77 -16.73 0.65
C LYS A 102 17.93 -17.49 -0.68
N LEU A 103 18.63 -16.87 -1.62
CA LEU A 103 18.87 -17.48 -2.91
C LEU A 103 20.35 -17.55 -3.22
N ILE A 104 20.87 -18.76 -3.38
CA ILE A 104 22.27 -18.96 -3.67
C ILE A 104 22.51 -19.13 -5.17
N LYS A 105 23.63 -18.62 -5.63
CA LYS A 105 23.99 -18.70 -7.04
C LYS A 105 24.46 -20.10 -7.41
N GLY A 106 24.33 -20.46 -8.68
CA GLY A 106 24.75 -21.78 -9.13
C GLY A 106 25.58 -21.71 -10.39
N PRO A 107 25.99 -22.86 -10.94
CA PRO A 107 26.80 -22.89 -12.15
C PRO A 107 26.01 -22.47 -13.38
N LYS A 108 24.73 -22.79 -13.38
CA LYS A 108 23.87 -22.41 -14.49
C LYS A 108 23.13 -21.12 -14.18
N GLY A 109 23.64 -20.39 -13.20
CA GLY A 109 23.05 -19.14 -12.81
C GLY A 109 22.33 -19.26 -11.49
N LEU A 110 21.25 -18.50 -11.33
CA LEU A 110 20.49 -18.56 -10.09
C LEU A 110 19.44 -19.67 -10.14
N GLY A 111 19.11 -20.13 -11.34
CA GLY A 111 18.13 -21.19 -11.48
C GLY A 111 16.70 -20.70 -11.36
N PHE A 112 16.37 -19.65 -12.09
CA PHE A 112 15.01 -19.09 -12.06
C PHE A 112 14.89 -17.92 -13.04
N SER A 113 13.68 -17.69 -13.54
CA SER A 113 13.44 -16.60 -14.48
C SER A 113 12.54 -15.54 -13.87
N ILE A 114 13.08 -14.34 -13.71
CA ILE A 114 12.33 -13.23 -13.15
C ILE A 114 12.41 -12.00 -14.05
N ALA A 115 11.43 -11.12 -13.95
CA ALA A 115 11.42 -9.91 -14.77
C ALA A 115 10.61 -8.79 -14.12
N GLY A 116 11.25 -7.64 -13.94
CA GLY A 116 10.58 -6.50 -13.35
C GLY A 116 11.19 -5.17 -13.77
N GLY A 117 10.71 -4.08 -13.19
CA GLY A 117 11.25 -2.78 -13.50
C GLY A 117 10.37 -1.95 -14.43
N VAL A 118 10.89 -0.80 -14.84
CA VAL A 118 10.16 0.11 -15.71
C VAL A 118 10.64 -0.01 -17.16
N GLY A 119 9.77 0.34 -18.11
CA GLY A 119 10.12 0.25 -19.51
C GLY A 119 9.63 -1.03 -20.15
N ASN A 120 9.50 -2.07 -19.33
CA ASN A 120 9.04 -3.37 -19.79
C ASN A 120 8.84 -4.30 -18.61
N GLN A 121 7.76 -4.06 -17.86
CA GLN A 121 7.47 -4.86 -16.69
C GLN A 121 6.89 -6.21 -17.09
N HIS A 122 7.45 -7.27 -16.50
CA HIS A 122 6.99 -8.62 -16.75
C HIS A 122 5.47 -8.69 -16.76
N ILE A 123 4.91 -7.86 -15.91
CA ILE A 123 3.46 -7.78 -15.73
C ILE A 123 2.92 -6.50 -16.33
N PRO A 124 1.77 -6.57 -17.02
CA PRO A 124 1.14 -5.39 -17.65
C PRO A 124 0.55 -4.42 -16.63
N GLY A 125 1.40 -3.89 -15.76
CA GLY A 125 0.92 -2.95 -14.76
C GLY A 125 1.49 -3.21 -13.37
N ASP A 126 2.80 -3.39 -13.29
CA ASP A 126 3.45 -3.63 -12.01
C ASP A 126 4.98 -3.68 -12.17
N ASN A 127 5.63 -2.55 -11.90
CA ASN A 127 7.09 -2.47 -12.00
C ASN A 127 7.76 -3.51 -11.10
N SER A 128 7.04 -3.95 -10.08
CA SER A 128 7.57 -4.93 -9.14
C SER A 128 8.08 -6.16 -9.87
N ILE A 129 9.24 -6.66 -9.46
CA ILE A 129 9.84 -7.83 -10.08
C ILE A 129 9.09 -9.11 -9.68
N TYR A 130 8.56 -9.80 -10.68
CA TYR A 130 7.83 -11.04 -10.44
C TYR A 130 8.55 -12.21 -11.09
N VAL A 131 8.45 -13.38 -10.47
CA VAL A 131 9.10 -14.57 -11.00
C VAL A 131 8.22 -15.23 -12.06
N THR A 132 8.85 -15.70 -13.14
CA THR A 132 8.11 -16.33 -14.23
C THR A 132 8.14 -17.86 -14.10
N LYS A 133 9.34 -18.43 -14.10
CA LYS A 133 9.48 -19.88 -13.99
C LYS A 133 10.83 -20.26 -13.41
N ILE A 134 10.87 -21.41 -12.72
CA ILE A 134 12.09 -21.91 -12.11
C ILE A 134 12.36 -23.35 -12.52
N ILE A 135 13.62 -23.68 -12.74
CA ILE A 135 14.00 -25.02 -13.15
C ILE A 135 13.90 -25.98 -11.96
N GLU A 136 14.10 -27.27 -12.23
CA GLU A 136 14.03 -28.29 -11.18
C GLU A 136 15.39 -28.46 -10.50
N GLY A 137 15.36 -28.75 -9.21
CA GLY A 137 16.59 -28.94 -8.46
C GLY A 137 17.50 -27.73 -8.52
N GLY A 138 16.92 -26.55 -8.73
CA GLY A 138 17.69 -25.34 -8.81
C GLY A 138 18.05 -24.78 -7.44
N ALA A 139 19.01 -23.87 -7.40
CA ALA A 139 19.45 -23.27 -6.15
C ALA A 139 18.30 -22.56 -5.46
N ALA A 140 17.62 -21.69 -6.19
CA ALA A 140 16.50 -20.94 -5.65
C ALA A 140 15.30 -21.85 -5.40
N HIS A 141 15.16 -22.87 -6.22
CA HIS A 141 14.05 -23.81 -6.07
C HIS A 141 14.05 -24.41 -4.68
N LYS A 142 15.18 -24.99 -4.31
CA LYS A 142 15.34 -25.62 -3.00
C LYS A 142 15.44 -24.58 -1.88
N ASP A 143 16.34 -23.61 -2.05
CA ASP A 143 16.55 -22.58 -1.05
C ASP A 143 15.49 -21.48 -1.12
N GLY A 144 15.41 -20.83 -2.28
CA GLY A 144 14.45 -19.76 -2.47
C GLY A 144 13.02 -20.18 -2.19
N ARG A 145 12.61 -21.30 -2.79
CA ARG A 145 11.25 -21.80 -2.61
C ARG A 145 10.23 -20.79 -3.14
N LEU A 146 10.70 -19.88 -3.99
CA LEU A 146 9.83 -18.86 -4.57
C LEU A 146 9.29 -19.31 -5.93
N GLN A 147 8.26 -20.16 -5.90
CA GLN A 147 7.65 -20.66 -7.12
C GLN A 147 7.08 -19.52 -7.94
N ILE A 148 6.58 -19.85 -9.13
CA ILE A 148 6.01 -18.84 -10.02
C ILE A 148 5.00 -17.96 -9.29
N GLY A 149 5.17 -16.67 -9.42
CA GLY A 149 4.29 -15.72 -8.77
C GLY A 149 4.99 -14.90 -7.71
N ASP A 150 6.09 -15.43 -7.17
CA ASP A 150 6.84 -14.72 -6.14
C ASP A 150 7.37 -13.39 -6.68
N LYS A 151 7.12 -12.32 -5.93
CA LYS A 151 7.56 -10.99 -6.33
C LYS A 151 8.54 -10.41 -5.32
N ILE A 152 9.72 -10.01 -5.80
CA ILE A 152 10.75 -9.44 -4.93
C ILE A 152 10.75 -7.92 -5.04
N LEU A 153 10.78 -7.27 -3.88
CA LEU A 153 10.78 -5.81 -3.84
C LEU A 153 12.19 -5.28 -3.60
N ALA A 154 13.15 -6.18 -3.46
CA ALA A 154 14.55 -5.79 -3.22
C ALA A 154 15.41 -7.00 -2.88
N VAL A 155 16.72 -6.85 -3.07
CA VAL A 155 17.67 -7.91 -2.77
C VAL A 155 18.61 -7.48 -1.65
N ASN A 156 18.33 -7.93 -0.43
CA ASN A 156 19.13 -7.57 0.74
C ASN A 156 18.93 -6.10 1.07
N SER A 157 19.27 -5.26 0.10
CA SER A 157 19.13 -3.81 0.25
C SER A 157 19.20 -3.14 -1.12
N VAL A 158 18.81 -3.87 -2.15
CA VAL A 158 18.83 -3.34 -3.51
C VAL A 158 17.44 -2.96 -3.98
N GLY A 159 17.38 -2.03 -4.94
CA GLY A 159 16.11 -1.58 -5.46
C GLY A 159 16.00 -1.87 -6.95
N LEU A 160 15.68 -3.13 -7.24
CA LEU A 160 15.54 -3.58 -8.64
C LEU A 160 14.22 -3.14 -9.25
N GLU A 161 13.65 -2.07 -8.71
CA GLU A 161 12.40 -1.54 -9.22
C GLU A 161 12.41 -0.02 -9.24
N ASP A 162 13.57 0.54 -9.59
CA ASP A 162 13.73 1.98 -9.67
C ASP A 162 14.70 2.34 -10.78
N VAL A 163 14.75 1.50 -11.81
CA VAL A 163 15.64 1.73 -12.94
C VAL A 163 15.03 1.24 -14.24
N MET A 164 15.03 -0.07 -14.43
CA MET A 164 14.49 -0.69 -15.62
C MET A 164 14.81 -2.18 -15.62
N HIS A 165 14.15 -2.93 -16.49
CA HIS A 165 14.38 -4.37 -16.57
C HIS A 165 15.86 -4.66 -16.76
N GLU A 166 16.57 -3.74 -17.41
CA GLU A 166 18.00 -3.91 -17.66
C GLU A 166 18.83 -3.73 -16.41
N ASP A 167 18.56 -2.68 -15.65
CA ASP A 167 19.30 -2.40 -14.43
C ASP A 167 18.93 -3.41 -13.35
N ALA A 168 17.65 -3.77 -13.31
CA ALA A 168 17.17 -4.73 -12.33
C ALA A 168 17.68 -6.12 -12.66
N VAL A 169 17.80 -6.42 -13.94
CA VAL A 169 18.29 -7.71 -14.37
C VAL A 169 19.78 -7.85 -14.10
N ALA A 170 20.53 -6.79 -14.34
CA ALA A 170 21.96 -6.80 -14.11
C ALA A 170 22.29 -6.80 -12.62
N ALA A 171 21.48 -6.09 -11.85
CA ALA A 171 21.69 -6.00 -10.41
C ALA A 171 21.25 -7.28 -9.70
N LEU A 172 20.30 -8.00 -10.29
CA LEU A 172 19.82 -9.24 -9.71
C LEU A 172 20.75 -10.39 -10.05
N LYS A 173 21.29 -10.36 -11.26
CA LYS A 173 22.22 -11.39 -11.69
C LYS A 173 23.57 -11.17 -11.03
N ASN A 174 23.85 -9.91 -10.69
CA ASN A 174 25.10 -9.55 -10.04
C ASN A 174 25.16 -10.10 -8.61
N THR A 175 24.03 -10.62 -8.12
CA THR A 175 23.94 -11.18 -6.78
C THR A 175 25.16 -12.02 -6.41
N TYR A 176 25.28 -12.35 -5.13
CA TYR A 176 26.39 -13.14 -4.64
C TYR A 176 26.00 -14.62 -4.51
N ASP A 177 26.99 -15.48 -4.32
CA ASP A 177 26.76 -16.92 -4.20
C ASP A 177 25.63 -17.25 -3.22
N VAL A 178 25.44 -16.39 -2.22
CA VAL A 178 24.40 -16.60 -1.22
C VAL A 178 23.84 -15.27 -0.73
N VAL A 179 22.79 -14.80 -1.37
CA VAL A 179 22.18 -13.52 -1.01
C VAL A 179 20.72 -13.70 -0.58
N TYR A 180 20.26 -12.85 0.34
CA TYR A 180 18.89 -12.90 0.81
C TYR A 180 18.07 -11.78 0.18
N LEU A 181 16.96 -12.14 -0.47
CA LEU A 181 16.13 -11.15 -1.13
C LEU A 181 14.82 -10.92 -0.37
N LYS A 182 14.24 -9.75 -0.57
CA LYS A 182 12.99 -9.38 0.07
C LYS A 182 11.81 -9.65 -0.85
N VAL A 183 10.97 -10.61 -0.46
CA VAL A 183 9.81 -10.97 -1.26
C VAL A 183 8.54 -10.38 -0.67
N ALA A 184 7.46 -10.37 -1.45
CA ALA A 184 6.20 -9.82 -1.00
C ALA A 184 5.07 -10.81 -1.28
N LYS A 185 4.27 -11.09 -0.26
CA LYS A 185 3.16 -12.02 -0.41
C LYS A 185 1.92 -11.32 -0.97
N PRO A 186 1.31 -11.87 -2.02
CA PRO A 186 0.12 -11.28 -2.65
C PRO A 186 -0.94 -10.91 -1.61
N SER A 187 -1.62 -9.78 -1.85
CA SER A 187 -2.64 -9.31 -0.94
C SER A 187 -3.72 -10.38 -0.73
N ASN A 188 -4.77 -10.02 -0.02
CA ASN A 188 -5.87 -10.94 0.26
C ASN A 188 -6.60 -11.32 -1.02
N ALA A 189 -5.96 -12.16 -1.84
CA ALA A 189 -6.56 -12.60 -3.10
C ALA A 189 -5.84 -13.84 -3.64
N GLN B 1 2.46 14.81 -3.01
CA GLN B 1 2.92 16.07 -2.36
C GLN B 1 2.07 16.41 -1.14
N VAL B 2 2.39 17.52 -0.49
CA VAL B 2 1.65 17.96 0.68
C VAL B 2 2.16 19.30 1.19
N VAL B 3 1.87 20.37 0.45
CA VAL B 3 2.31 21.70 0.82
C VAL B 3 1.31 22.37 1.77
N PRO B 4 0.00 22.33 1.43
CA PRO B 4 -1.05 22.93 2.25
C PRO B 4 -1.32 22.12 3.52
N PHE B 5 -0.96 20.83 3.50
CA PHE B 5 -1.17 19.96 4.64
C PHE B 5 -2.66 19.75 4.90
N SER B 6 -3.02 18.52 5.27
CA SER B 6 -4.42 18.19 5.55
C SER B 6 -4.98 19.08 6.64
N SER B 7 -6.27 18.89 6.94
CA SER B 7 -6.93 19.68 7.97
C SER B 7 -7.22 18.83 9.20
N SER B 8 -6.73 19.29 10.35
CA SER B 8 -6.94 18.57 11.60
C SER B 8 -8.09 19.18 12.40
N VAL B 9 -8.89 18.32 13.03
CA VAL B 9 -10.02 18.77 13.82
C VAL B 9 -10.43 17.72 14.85
N GLN C 1 10.64 -12.04 -28.78
CA GLN C 1 11.51 -12.06 -29.98
C GLN C 1 12.48 -10.88 -29.97
N VAL C 2 11.96 -9.69 -29.70
CA VAL C 2 12.79 -8.49 -29.66
C VAL C 2 13.00 -8.02 -28.22
N VAL C 3 11.98 -8.22 -27.39
CA VAL C 3 12.05 -7.82 -25.99
C VAL C 3 11.88 -9.03 -25.06
N PRO C 4 12.87 -9.31 -24.20
CA PRO C 4 12.80 -10.44 -23.27
C PRO C 4 11.77 -10.23 -22.18
N PHE C 5 10.61 -10.87 -22.32
CA PHE C 5 9.54 -10.76 -21.34
C PHE C 5 9.99 -11.25 -19.97
N SER C 6 10.90 -12.22 -19.98
CA SER C 6 11.41 -12.78 -18.73
C SER C 6 12.93 -12.90 -18.77
N SER C 7 13.56 -12.79 -17.61
CA SER C 7 15.02 -12.89 -17.51
C SER C 7 15.43 -14.22 -16.88
N SER C 8 15.75 -15.19 -17.72
CA SER C 8 16.16 -16.50 -17.24
C SER C 8 17.60 -16.48 -16.76
N VAL C 9 17.82 -16.90 -15.52
CA VAL C 9 19.15 -16.94 -14.93
C VAL C 9 19.25 -18.02 -13.86
N MET A 1 -12.50 11.77 -11.21
CA MET A 1 -12.64 11.53 -9.75
C MET A 1 -13.91 10.73 -9.44
N GLU A 2 -13.78 9.73 -8.58
CA GLU A 2 -14.91 8.89 -8.21
C GLU A 2 -15.42 9.23 -6.82
N TYR A 3 -16.70 8.96 -6.57
CA TYR A 3 -17.31 9.24 -5.28
C TYR A 3 -18.17 8.07 -4.82
N GLU A 4 -18.62 8.13 -3.57
CA GLU A 4 -19.46 7.07 -3.02
C GLU A 4 -19.89 7.38 -1.58
N GLU A 5 -21.20 7.34 -1.35
CA GLU A 5 -21.75 7.61 -0.02
C GLU A 5 -22.31 6.33 0.59
N ILE A 6 -21.60 5.79 1.57
CA ILE A 6 -22.00 4.56 2.22
C ILE A 6 -22.18 4.75 3.74
N THR A 7 -22.31 3.63 4.46
CA THR A 7 -22.48 3.65 5.91
C THR A 7 -21.56 2.65 6.56
N LEU A 8 -20.92 3.06 7.65
CA LEU A 8 -20.02 2.18 8.36
C LEU A 8 -20.47 1.99 9.79
N GLU A 9 -21.30 0.98 9.97
CA GLU A 9 -21.82 0.64 11.29
C GLU A 9 -20.73 -0.02 12.12
N ARG A 10 -20.52 0.49 13.33
CA ARG A 10 -19.49 -0.04 14.23
C ARG A 10 -19.53 -1.57 14.25
N GLY A 11 -18.55 -2.18 13.58
CA GLY A 11 -18.47 -3.62 13.55
C GLY A 11 -18.14 -4.20 14.91
N ASN A 12 -19.07 -4.03 15.85
CA ASN A 12 -18.88 -4.51 17.21
C ASN A 12 -17.96 -3.60 18.00
N SER A 13 -16.66 -3.66 17.70
CA SER A 13 -15.68 -2.84 18.39
C SER A 13 -15.09 -1.73 17.53
N GLY A 14 -15.86 -1.19 16.58
CA GLY A 14 -15.34 -0.13 15.75
C GLY A 14 -15.51 -0.40 14.27
N LEU A 15 -14.99 0.51 13.48
CA LEU A 15 -15.08 0.43 12.03
C LEU A 15 -13.96 -0.44 11.47
N GLY A 16 -12.73 -0.14 11.86
CA GLY A 16 -11.59 -0.92 11.40
C GLY A 16 -10.86 -0.31 10.23
N PHE A 17 -10.18 0.81 10.46
CA PHE A 17 -9.41 1.46 9.40
C PHE A 17 -8.45 2.50 10.00
N SER A 18 -7.39 2.80 9.25
CA SER A 18 -6.40 3.76 9.71
C SER A 18 -6.32 4.96 8.78
N ILE A 19 -6.21 6.15 9.35
CA ILE A 19 -6.13 7.38 8.57
C ILE A 19 -4.91 8.21 8.98
N ALA A 20 -4.57 9.20 8.16
CA ALA A 20 -3.43 10.06 8.43
C ALA A 20 -3.53 11.36 7.66
N GLY A 21 -2.79 12.37 8.11
CA GLY A 21 -2.81 13.66 7.44
C GLY A 21 -3.44 14.74 8.30
N GLY A 22 -4.35 15.51 7.70
CA GLY A 22 -5.02 16.58 8.42
C GLY A 22 -4.77 17.94 7.81
N THR A 23 -5.77 18.82 7.91
CA THR A 23 -5.65 20.15 7.34
C THR A 23 -4.52 20.95 7.99
N ASP A 24 -4.04 20.49 9.14
CA ASP A 24 -2.95 21.16 9.85
C ASP A 24 -1.63 20.43 9.63
N ASN A 25 -1.69 19.10 9.63
CA ASN A 25 -0.49 18.30 9.44
C ASN A 25 -0.63 17.35 8.25
N PRO A 26 -0.52 17.87 7.02
CA PRO A 26 -0.61 17.07 5.79
C PRO A 26 0.17 15.77 5.89
N HIS A 27 -0.24 14.78 5.11
CA HIS A 27 0.42 13.47 5.12
C HIS A 27 0.95 13.09 3.73
N ILE A 28 0.53 13.83 2.70
CA ILE A 28 0.97 13.52 1.35
C ILE A 28 1.98 14.54 0.82
N GLY A 29 1.59 15.80 0.80
CA GLY A 29 2.47 16.83 0.31
C GLY A 29 1.89 18.22 0.50
N ASP A 30 1.15 18.37 1.58
CA ASP A 30 0.52 19.65 1.91
C ASP A 30 -0.78 19.82 1.13
N ASP A 31 -1.66 18.83 1.24
CA ASP A 31 -2.94 18.87 0.56
C ASP A 31 -4.09 18.83 1.56
N PRO A 32 -4.89 19.92 1.64
CA PRO A 32 -6.02 20.01 2.56
C PRO A 32 -7.05 18.91 2.32
N SER A 33 -6.78 17.73 2.88
CA SER A 33 -7.69 16.59 2.72
C SER A 33 -7.11 15.35 3.41
N ILE A 34 -7.98 14.55 4.01
CA ILE A 34 -7.56 13.34 4.69
C ILE A 34 -7.91 12.09 3.88
N PHE A 35 -7.07 11.07 4.01
CA PHE A 35 -7.26 9.80 3.31
C PHE A 35 -6.87 8.63 4.19
N ILE A 36 -7.58 7.53 4.06
CA ILE A 36 -7.30 6.33 4.85
C ILE A 36 -6.01 5.67 4.35
N THR A 37 -5.24 5.10 5.27
CA THR A 37 -3.99 4.45 4.91
C THR A 37 -4.18 2.94 4.72
N LYS A 38 -4.92 2.32 5.63
CA LYS A 38 -5.15 0.88 5.54
C LYS A 38 -6.37 0.46 6.37
N ILE A 39 -6.92 -0.71 6.01
CA ILE A 39 -8.08 -1.25 6.70
C ILE A 39 -7.74 -2.57 7.37
N ILE A 40 -8.31 -2.79 8.55
CA ILE A 40 -8.06 -4.02 9.30
C ILE A 40 -8.99 -5.14 8.83
N PRO A 41 -8.44 -6.35 8.61
CA PRO A 41 -9.23 -7.50 8.17
C PRO A 41 -10.20 -7.99 9.24
N GLY A 42 -11.31 -7.27 9.39
CA GLY A 42 -12.29 -7.65 10.39
C GLY A 42 -13.30 -6.54 10.65
N GLY A 43 -12.84 -5.29 10.52
CA GLY A 43 -13.72 -4.17 10.75
C GLY A 43 -14.90 -4.14 9.79
N ALA A 44 -15.87 -3.27 10.08
CA ALA A 44 -17.05 -3.16 9.23
C ALA A 44 -16.75 -2.41 7.93
N ALA A 45 -15.69 -1.62 7.93
CA ALA A 45 -15.31 -0.85 6.75
C ALA A 45 -15.15 -1.75 5.52
N ALA A 46 -14.28 -2.74 5.63
CA ALA A 46 -14.04 -3.67 4.55
C ALA A 46 -15.28 -4.49 4.24
N GLN A 47 -16.11 -4.69 5.26
CA GLN A 47 -17.35 -5.44 5.11
C GLN A 47 -18.35 -4.63 4.32
N ASP A 48 -18.34 -3.32 4.57
CA ASP A 48 -19.24 -2.42 3.88
C ASP A 48 -18.66 -2.05 2.51
N GLY A 49 -17.35 -2.22 2.36
CA GLY A 49 -16.71 -1.89 1.11
C GLY A 49 -16.41 -0.41 1.00
N ARG A 50 -15.42 0.05 1.75
CA ARG A 50 -15.03 1.45 1.75
C ARG A 50 -13.96 1.72 0.70
N LEU A 51 -14.05 1.01 -0.42
CA LEU A 51 -13.10 1.16 -1.52
C LEU A 51 -11.66 1.39 -1.04
N ARG A 52 -10.83 1.99 -1.88
CA ARG A 52 -9.44 2.26 -1.53
C ARG A 52 -9.35 3.23 -0.36
N VAL A 53 -8.44 2.94 0.56
CA VAL A 53 -8.23 3.77 1.73
C VAL A 53 -7.70 5.15 1.34
N ASN A 54 -6.83 5.17 0.35
CA ASN A 54 -6.24 6.41 -0.14
C ASN A 54 -7.29 7.47 -0.48
N ASP A 55 -8.55 7.05 -0.61
CA ASP A 55 -9.63 7.99 -0.94
C ASP A 55 -9.72 9.07 0.12
N SER A 56 -10.52 10.10 -0.14
CA SER A 56 -10.67 11.19 0.81
C SER A 56 -12.13 11.38 1.19
N ILE A 57 -12.44 11.12 2.46
CA ILE A 57 -13.80 11.27 2.95
C ILE A 57 -14.30 12.70 2.74
N LEU A 58 -14.99 12.92 1.62
CA LEU A 58 -15.52 14.23 1.30
C LEU A 58 -16.52 14.69 2.36
N PHE A 59 -17.20 13.74 2.99
CA PHE A 59 -18.18 14.08 4.01
C PHE A 59 -18.46 12.90 4.94
N VAL A 60 -18.32 13.14 6.25
CA VAL A 60 -18.55 12.14 7.25
C VAL A 60 -19.75 12.51 8.12
N ASN A 61 -20.79 11.68 8.10
CA ASN A 61 -21.98 11.94 8.90
C ASN A 61 -22.54 13.33 8.61
N GLU A 62 -22.55 13.70 7.34
CA GLU A 62 -23.05 15.01 6.92
C GLU A 62 -22.15 16.12 7.44
N VAL A 63 -20.86 15.81 7.59
CA VAL A 63 -19.88 16.78 8.07
C VAL A 63 -18.79 17.01 7.05
N ASP A 64 -18.42 18.27 6.84
CA ASP A 64 -17.38 18.62 5.87
C ASP A 64 -16.00 18.44 6.48
N VAL A 65 -15.25 17.45 6.00
CA VAL A 65 -13.91 17.19 6.48
C VAL A 65 -12.91 17.10 5.34
N ARG A 66 -13.23 17.75 4.22
CA ARG A 66 -12.35 17.75 3.06
C ARG A 66 -11.20 18.74 3.23
N GLU A 67 -11.11 19.35 4.40
CA GLU A 67 -10.07 20.32 4.70
C GLU A 67 -9.97 20.55 6.20
N VAL A 68 -10.07 19.47 6.97
CA VAL A 68 -10.02 19.55 8.42
C VAL A 68 -8.85 18.78 9.02
N THR A 69 -8.29 19.35 10.06
CA THR A 69 -7.14 18.77 10.78
C THR A 69 -7.37 17.30 11.13
N HIS A 70 -6.32 16.65 11.61
CA HIS A 70 -6.37 15.25 12.01
C HIS A 70 -7.21 15.08 13.27
N SER A 71 -6.93 15.89 14.27
CA SER A 71 -7.66 15.82 15.53
C SER A 71 -9.16 15.95 15.31
N ALA A 72 -9.54 16.89 14.46
CA ALA A 72 -10.94 17.10 14.14
C ALA A 72 -11.55 15.86 13.51
N ALA A 73 -10.73 15.14 12.75
CA ALA A 73 -11.16 13.92 12.10
C ALA A 73 -11.33 12.83 13.13
N VAL A 74 -10.37 12.79 14.05
CA VAL A 74 -10.41 11.81 15.12
C VAL A 74 -11.60 12.07 16.02
N GLU A 75 -11.92 13.35 16.21
CA GLU A 75 -13.04 13.75 17.04
C GLU A 75 -14.36 13.39 16.34
N ALA A 76 -14.35 13.40 15.02
CA ALA A 76 -15.53 13.08 14.24
C ALA A 76 -15.84 11.61 14.35
N LEU A 77 -14.79 10.80 14.39
CA LEU A 77 -14.92 9.35 14.52
C LEU A 77 -15.15 8.98 15.96
N LYS A 78 -14.67 9.84 16.87
CA LYS A 78 -14.81 9.60 18.28
C LYS A 78 -16.23 9.90 18.73
N GLU A 79 -16.86 10.89 18.08
CA GLU A 79 -18.22 11.26 18.40
C GLU A 79 -19.14 10.99 17.22
N ALA A 80 -18.79 9.97 16.44
CA ALA A 80 -19.58 9.60 15.28
C ALA A 80 -20.68 8.60 15.64
N GLY A 81 -20.48 7.86 16.72
CA GLY A 81 -21.46 6.88 17.14
C GLY A 81 -21.11 5.46 16.71
N SER A 82 -22.09 4.74 16.19
CA SER A 82 -21.88 3.36 15.75
C SER A 82 -22.44 3.13 14.34
N ILE A 83 -22.81 4.21 13.67
CA ILE A 83 -23.36 4.14 12.31
C ILE A 83 -23.04 5.43 11.57
N VAL A 84 -21.93 5.42 10.86
CA VAL A 84 -21.49 6.61 10.14
C VAL A 84 -21.74 6.55 8.64
N ARG A 85 -22.60 7.43 8.15
CA ARG A 85 -22.88 7.52 6.73
C ARG A 85 -21.79 8.36 6.09
N LEU A 86 -20.74 7.71 5.62
CA LEU A 86 -19.60 8.41 5.04
C LEU A 86 -19.69 8.58 3.53
N TYR A 87 -19.20 9.72 3.07
CA TYR A 87 -19.17 10.03 1.66
C TYR A 87 -17.71 10.31 1.29
N VAL A 88 -17.15 9.47 0.45
CA VAL A 88 -15.76 9.61 0.06
C VAL A 88 -15.61 9.91 -1.43
N MET A 89 -14.39 10.30 -1.81
CA MET A 89 -14.08 10.61 -3.19
C MET A 89 -12.72 10.04 -3.55
N ARG A 90 -12.73 9.00 -4.37
CA ARG A 90 -11.51 8.34 -4.78
C ARG A 90 -11.23 8.59 -6.26
N ARG A 91 -10.01 9.00 -6.56
CA ARG A 91 -9.62 9.29 -7.93
C ARG A 91 -9.41 8.01 -8.73
N LYS A 92 -10.12 7.91 -9.85
CA LYS A 92 -10.02 6.74 -10.72
C LYS A 92 -8.75 6.78 -11.56
N PRO A 93 -8.47 7.91 -12.23
CA PRO A 93 -7.27 8.07 -13.06
C PRO A 93 -6.01 7.52 -12.39
N PRO A 94 -5.27 6.64 -13.10
CA PRO A 94 -4.05 6.04 -12.58
C PRO A 94 -2.80 6.83 -12.98
N ALA A 95 -2.22 7.53 -12.02
CA ALA A 95 -1.02 8.32 -12.26
C ALA A 95 0.23 7.55 -11.87
N GLU A 96 0.15 6.22 -11.99
CA GLU A 96 1.27 5.35 -11.65
C GLU A 96 2.58 5.89 -12.20
N LYS A 97 3.58 5.97 -11.34
CA LYS A 97 4.89 6.48 -11.73
C LYS A 97 5.94 5.37 -11.67
N VAL A 98 6.70 5.23 -12.74
CA VAL A 98 7.74 4.20 -12.81
C VAL A 98 9.02 4.68 -12.12
N MET A 99 9.59 3.81 -11.29
CA MET A 99 10.81 4.13 -10.57
C MET A 99 11.99 3.29 -11.06
N GLU A 100 13.19 3.69 -10.67
CA GLU A 100 14.42 2.99 -11.04
C GLU A 100 15.30 2.84 -9.83
N ILE A 101 15.36 1.62 -9.31
CA ILE A 101 16.13 1.33 -8.12
C ILE A 101 17.31 0.40 -8.39
N LYS A 102 18.31 0.49 -7.53
CA LYS A 102 19.51 -0.33 -7.64
C LYS A 102 19.59 -1.31 -6.47
N LEU A 103 19.75 -2.59 -6.79
CA LEU A 103 19.86 -3.61 -5.77
C LEU A 103 21.06 -4.52 -6.03
N ILE A 104 21.99 -4.54 -5.08
CA ILE A 104 23.18 -5.34 -5.21
C ILE A 104 22.98 -6.71 -4.56
N LYS A 105 23.59 -7.73 -5.16
CA LYS A 105 23.48 -9.09 -4.65
C LYS A 105 24.21 -9.24 -3.32
N GLY A 106 23.92 -10.33 -2.61
CA GLY A 106 24.57 -10.59 -1.34
C GLY A 106 24.85 -12.06 -1.14
N PRO A 107 25.10 -12.50 0.10
CA PRO A 107 25.39 -13.90 0.39
C PRO A 107 24.13 -14.76 0.40
N LYS A 108 23.04 -14.19 0.87
CA LYS A 108 21.78 -14.92 0.91
C LYS A 108 20.96 -14.64 -0.34
N GLY A 109 21.64 -14.18 -1.39
CA GLY A 109 20.95 -13.87 -2.63
C GLY A 109 20.82 -12.39 -2.81
N LEU A 110 19.61 -11.93 -3.06
CA LEU A 110 19.37 -10.50 -3.24
C LEU A 110 19.12 -9.83 -1.89
N GLY A 111 18.53 -10.58 -0.97
CA GLY A 111 18.24 -10.05 0.35
C GLY A 111 16.80 -9.60 0.51
N PHE A 112 15.88 -10.36 -0.07
CA PHE A 112 14.45 -10.04 0.01
C PHE A 112 13.60 -11.09 -0.69
N SER A 113 12.32 -11.13 -0.35
CA SER A 113 11.40 -12.08 -0.95
C SER A 113 10.39 -11.36 -1.84
N ILE A 114 10.42 -11.67 -3.14
CA ILE A 114 9.53 -11.06 -4.10
C ILE A 114 8.54 -12.05 -4.67
N ALA A 115 7.60 -11.55 -5.46
CA ALA A 115 6.58 -12.39 -6.08
C ALA A 115 6.93 -12.71 -7.53
N GLY A 116 6.03 -13.40 -8.21
CA GLY A 116 6.25 -13.76 -9.60
C GLY A 116 4.98 -13.76 -10.42
N GLY A 117 5.08 -13.34 -11.67
CA GLY A 117 3.91 -13.29 -12.54
C GLY A 117 3.13 -14.60 -12.56
N VAL A 118 3.74 -15.65 -13.09
CA VAL A 118 3.09 -16.96 -13.16
C VAL A 118 3.63 -17.90 -12.09
N GLY A 119 2.80 -18.86 -11.69
CA GLY A 119 3.20 -19.82 -10.68
C GLY A 119 3.02 -19.30 -9.26
N ASN A 120 2.72 -18.00 -9.13
CA ASN A 120 2.52 -17.39 -7.83
C ASN A 120 2.47 -15.86 -7.97
N GLN A 121 1.31 -15.35 -8.36
CA GLN A 121 1.13 -13.92 -8.55
C GLN A 121 1.28 -13.17 -7.24
N HIS A 122 1.24 -13.90 -6.12
CA HIS A 122 1.36 -13.29 -4.79
C HIS A 122 0.10 -12.50 -4.45
N ILE A 123 -0.23 -11.59 -5.33
CA ILE A 123 -1.41 -10.74 -5.17
C ILE A 123 -2.62 -11.37 -5.85
N PRO A 124 -3.82 -11.21 -5.26
CA PRO A 124 -5.05 -11.77 -5.83
C PRO A 124 -5.35 -11.21 -7.21
N GLY A 125 -4.64 -11.71 -8.23
CA GLY A 125 -4.85 -11.26 -9.59
C GLY A 125 -4.01 -10.04 -9.93
N ASP A 126 -2.69 -10.23 -9.95
CA ASP A 126 -1.77 -9.14 -10.27
C ASP A 126 -0.40 -9.69 -10.64
N ASN A 127 -0.17 -9.87 -11.94
CA ASN A 127 1.09 -10.38 -12.44
C ASN A 127 2.26 -9.54 -11.95
N SER A 128 1.98 -8.28 -11.61
CA SER A 128 3.01 -7.38 -11.13
C SER A 128 3.69 -7.95 -9.89
N ILE A 129 5.00 -8.16 -9.98
CA ILE A 129 5.77 -8.70 -8.86
C ILE A 129 5.89 -7.70 -7.72
N TYR A 130 5.43 -8.11 -6.54
CA TYR A 130 5.48 -7.27 -5.36
C TYR A 130 6.46 -7.86 -4.35
N VAL A 131 7.07 -7.01 -3.55
CA VAL A 131 8.02 -7.47 -2.55
C VAL A 131 7.28 -7.86 -1.27
N THR A 132 7.45 -9.10 -0.85
CA THR A 132 6.78 -9.60 0.35
C THR A 132 7.52 -9.15 1.62
N LYS A 133 8.77 -9.53 1.73
CA LYS A 133 9.57 -9.18 2.91
C LYS A 133 11.05 -9.06 2.56
N ILE A 134 11.77 -8.24 3.31
CA ILE A 134 13.21 -8.05 3.09
C ILE A 134 14.00 -8.49 4.32
N ILE A 135 15.15 -9.12 4.07
CA ILE A 135 16.01 -9.58 5.16
C ILE A 135 16.73 -8.41 5.80
N GLU A 136 17.43 -8.68 6.90
CA GLU A 136 18.17 -7.64 7.61
C GLU A 136 19.66 -7.77 7.33
N GLY A 137 20.00 -8.26 6.15
CA GLY A 137 21.39 -8.42 5.77
C GLY A 137 22.04 -7.11 5.39
N GLY A 138 21.23 -6.18 4.86
CA GLY A 138 21.75 -4.90 4.46
C GLY A 138 22.03 -4.82 2.97
N ALA A 139 21.31 -5.63 2.19
CA ALA A 139 21.47 -5.65 0.74
C ALA A 139 20.45 -4.75 0.07
N ALA A 140 19.25 -5.28 -0.13
CA ALA A 140 18.18 -4.51 -0.76
C ALA A 140 17.68 -3.40 0.15
N HIS A 141 17.74 -3.64 1.46
CA HIS A 141 17.31 -2.66 2.44
C HIS A 141 17.98 -1.32 2.18
N LYS A 142 19.30 -1.31 2.30
CA LYS A 142 20.10 -0.11 2.11
C LYS A 142 20.18 0.31 0.64
N ASP A 143 20.36 -0.66 -0.25
CA ASP A 143 20.49 -0.36 -1.67
C ASP A 143 19.14 -0.14 -2.34
N GLY A 144 18.28 -1.15 -2.27
CA GLY A 144 16.97 -1.06 -2.87
C GLY A 144 16.05 -0.11 -2.14
N ARG A 145 16.08 -0.15 -0.81
CA ARG A 145 15.22 0.71 -0.01
C ARG A 145 13.74 0.46 -0.34
N LEU A 146 13.46 -0.72 -0.89
CA LEU A 146 12.10 -1.09 -1.27
C LEU A 146 11.44 -1.90 -0.15
N GLN A 147 10.86 -1.21 0.82
CA GLN A 147 10.18 -1.87 1.93
C GLN A 147 8.98 -2.66 1.44
N ILE A 148 8.44 -3.52 2.29
CA ILE A 148 7.29 -4.34 1.93
C ILE A 148 6.20 -3.50 1.29
N GLY A 149 5.92 -3.82 0.04
CA GLY A 149 4.90 -3.09 -0.71
C GLY A 149 5.41 -2.58 -2.04
N ASP A 150 6.74 -2.58 -2.22
CA ASP A 150 7.32 -2.11 -3.46
C ASP A 150 7.11 -3.13 -4.58
N LYS A 151 6.44 -2.69 -5.64
CA LYS A 151 6.16 -3.57 -6.78
C LYS A 151 7.14 -3.29 -7.91
N ILE A 152 7.87 -4.31 -8.33
CA ILE A 152 8.83 -4.16 -9.42
C ILE A 152 8.26 -4.68 -10.72
N LEU A 153 8.12 -3.80 -11.70
CA LEU A 153 7.57 -4.17 -12.99
C LEU A 153 8.61 -4.80 -13.90
N ALA A 154 9.85 -4.92 -13.41
CA ALA A 154 10.92 -5.50 -14.21
C ALA A 154 12.26 -5.42 -13.49
N VAL A 155 13.20 -6.27 -13.90
CA VAL A 155 14.53 -6.26 -13.30
C VAL A 155 15.57 -6.01 -14.37
N ASN A 156 16.03 -4.77 -14.45
CA ASN A 156 17.03 -4.38 -15.43
C ASN A 156 16.46 -4.42 -16.84
N SER A 157 15.96 -5.60 -17.22
CA SER A 157 15.37 -5.77 -18.54
C SER A 157 14.22 -6.77 -18.56
N VAL A 158 14.12 -7.64 -17.55
CA VAL A 158 13.05 -8.63 -17.50
C VAL A 158 11.75 -7.96 -17.06
N GLY A 159 10.63 -8.36 -17.67
CA GLY A 159 9.35 -7.76 -17.33
C GLY A 159 8.71 -8.34 -16.07
N LEU A 160 9.50 -9.10 -15.30
CA LEU A 160 9.01 -9.72 -14.06
C LEU A 160 7.58 -10.23 -14.20
N GLU A 161 7.25 -10.69 -15.38
CA GLU A 161 5.92 -11.23 -15.67
C GLU A 161 5.82 -11.71 -17.11
N ASP A 162 6.53 -12.78 -17.41
CA ASP A 162 6.53 -13.36 -18.75
C ASP A 162 7.07 -14.79 -18.73
N VAL A 163 6.93 -15.44 -17.58
CA VAL A 163 7.40 -16.81 -17.43
C VAL A 163 6.75 -17.47 -16.21
N MET A 164 7.30 -17.20 -15.03
CA MET A 164 6.78 -17.76 -13.79
C MET A 164 7.75 -17.49 -12.64
N HIS A 165 7.31 -17.75 -11.43
CA HIS A 165 8.15 -17.54 -10.25
C HIS A 165 9.48 -18.27 -10.39
N GLU A 166 9.46 -19.39 -11.11
CA GLU A 166 10.67 -20.18 -11.32
C GLU A 166 11.63 -19.51 -12.30
N ASP A 167 11.10 -19.06 -13.43
CA ASP A 167 11.93 -18.41 -14.44
C ASP A 167 12.31 -17.01 -13.99
N ALA A 168 11.40 -16.37 -13.25
CA ALA A 168 11.64 -15.04 -12.74
C ALA A 168 12.70 -15.09 -11.66
N VAL A 169 12.69 -16.18 -10.89
CA VAL A 169 13.66 -16.35 -9.82
C VAL A 169 15.05 -16.58 -10.38
N ALA A 170 15.12 -17.38 -11.45
CA ALA A 170 16.40 -17.68 -12.09
C ALA A 170 16.93 -16.46 -12.82
N ALA A 171 16.01 -15.63 -13.31
CA ALA A 171 16.38 -14.42 -14.03
C ALA A 171 16.81 -13.31 -13.08
N LEU A 172 16.33 -13.37 -11.84
CA LEU A 172 16.68 -12.38 -10.84
C LEU A 172 18.03 -12.71 -10.22
N LYS A 173 18.26 -14.00 -9.97
CA LYS A 173 19.51 -14.45 -9.41
C LYS A 173 20.60 -14.43 -10.47
N ASN A 174 20.19 -14.57 -11.74
CA ASN A 174 21.13 -14.56 -12.84
C ASN A 174 21.76 -13.18 -13.03
N THR A 175 21.09 -12.15 -12.49
CA THR A 175 21.58 -10.79 -12.60
C THR A 175 23.00 -10.66 -12.06
N TYR A 176 23.49 -9.43 -11.98
CA TYR A 176 24.84 -9.18 -11.48
C TYR A 176 24.81 -8.69 -10.03
N ASP A 177 25.99 -8.60 -9.42
CA ASP A 177 26.11 -8.16 -8.03
C ASP A 177 25.53 -6.76 -7.81
N VAL A 178 25.27 -6.03 -8.89
CA VAL A 178 24.72 -4.69 -8.80
C VAL A 178 23.82 -4.40 -9.99
N VAL A 179 22.54 -4.69 -9.85
CA VAL A 179 21.59 -4.48 -10.94
C VAL A 179 20.48 -3.52 -10.54
N TYR A 180 19.97 -2.77 -11.51
CA TYR A 180 18.90 -1.82 -11.26
C TYR A 180 17.56 -2.40 -11.70
N LEU A 181 16.59 -2.38 -10.78
CA LEU A 181 15.26 -2.91 -11.08
C LEU A 181 14.25 -1.78 -11.22
N LYS A 182 13.19 -2.05 -11.98
CA LYS A 182 12.15 -1.06 -12.21
C LYS A 182 10.98 -1.25 -11.26
N VAL A 183 10.71 -0.23 -10.45
CA VAL A 183 9.61 -0.28 -9.49
C VAL A 183 8.42 0.52 -10.01
N ALA A 184 7.25 0.31 -9.41
CA ALA A 184 6.05 1.02 -9.86
C ALA A 184 5.31 1.65 -8.68
N LYS A 185 4.79 2.86 -8.90
CA LYS A 185 4.04 3.57 -7.88
C LYS A 185 2.59 3.10 -7.86
N PRO A 186 1.95 3.07 -6.68
CA PRO A 186 0.55 2.63 -6.52
C PRO A 186 -0.44 3.57 -7.22
N SER A 187 -0.31 3.70 -8.54
CA SER A 187 -1.21 4.55 -9.32
C SER A 187 -1.48 5.87 -8.62
N ASN A 188 -2.54 6.57 -9.03
CA ASN A 188 -2.91 7.84 -8.42
C ASN A 188 -3.40 7.65 -6.99
N ALA A 189 -2.53 7.12 -6.13
CA ALA A 189 -2.89 6.89 -4.73
C ALA A 189 -4.05 5.91 -4.63
N GLN B 1 12.23 15.63 19.68
CA GLN B 1 11.66 15.39 18.33
C GLN B 1 10.14 15.25 18.38
N VAL B 2 9.53 15.17 17.21
CA VAL B 2 8.08 15.03 17.11
C VAL B 2 7.68 13.81 16.28
N VAL B 3 7.06 12.84 16.93
CA VAL B 3 6.64 11.62 16.24
C VAL B 3 5.17 11.71 15.80
N PRO B 4 4.87 11.35 14.54
CA PRO B 4 3.51 11.40 14.01
C PRO B 4 2.63 10.29 14.58
N PHE B 5 1.33 10.39 14.32
CA PHE B 5 0.37 9.40 14.81
C PHE B 5 -0.77 9.21 13.81
N SER B 6 -1.35 8.02 13.79
CA SER B 6 -2.45 7.71 12.89
C SER B 6 -3.72 7.34 13.68
N SER B 7 -4.86 7.51 13.04
CA SER B 7 -6.14 7.20 13.67
C SER B 7 -6.62 5.82 13.26
N SER B 8 -6.37 4.82 14.11
CA SER B 8 -6.78 3.46 13.83
C SER B 8 -7.92 3.04 14.76
N VAL B 9 -9.11 2.89 14.19
CA VAL B 9 -10.29 2.49 14.97
C VAL B 9 -11.44 2.09 14.05
N GLN C 1 5.47 -29.81 -0.86
CA GLN C 1 4.56 -28.65 -0.71
C GLN C 1 5.13 -27.63 0.27
N VAL C 2 5.99 -26.75 -0.24
CA VAL C 2 6.61 -25.72 0.59
C VAL C 2 5.54 -24.85 1.26
N VAL C 3 5.88 -24.27 2.41
CA VAL C 3 4.95 -23.42 3.13
C VAL C 3 4.92 -22.01 2.53
N PRO C 4 6.05 -21.30 2.54
CA PRO C 4 6.13 -19.94 1.98
C PRO C 4 6.01 -19.94 0.46
N PHE C 5 4.99 -19.25 -0.04
CA PHE C 5 4.76 -19.17 -1.48
C PHE C 5 5.36 -17.90 -2.06
N SER C 6 6.50 -17.49 -1.53
CA SER C 6 7.17 -16.29 -2.00
C SER C 6 8.63 -16.57 -2.34
N SER C 7 9.11 -15.99 -3.43
CA SER C 7 10.48 -16.19 -3.85
C SER C 7 11.45 -15.51 -2.90
N SER C 8 11.83 -16.22 -1.85
CA SER C 8 12.76 -15.69 -0.85
C SER C 8 14.20 -15.87 -1.29
N VAL C 9 14.84 -14.77 -1.64
CA VAL C 9 16.24 -14.79 -2.09
C VAL C 9 16.89 -13.43 -1.93
N MET A 1 -16.97 0.77 -4.71
CA MET A 1 -16.99 1.74 -3.57
C MET A 1 -17.74 1.14 -2.38
N GLU A 2 -17.06 1.06 -1.24
CA GLU A 2 -17.66 0.51 -0.02
C GLU A 2 -18.31 1.62 0.82
N TYR A 3 -19.26 1.22 1.65
CA TYR A 3 -19.97 2.17 2.51
C TYR A 3 -20.45 1.47 3.78
N GLU A 4 -20.46 2.20 4.90
CA GLU A 4 -20.90 1.64 6.17
C GLU A 4 -20.89 2.69 7.28
N GLU A 5 -21.70 2.46 8.31
CA GLU A 5 -21.79 3.37 9.43
C GLU A 5 -20.72 3.04 10.48
N ILE A 6 -20.51 3.94 11.43
CA ILE A 6 -19.51 3.72 12.47
C ILE A 6 -19.70 4.67 13.66
N THR A 7 -19.03 4.36 14.76
CA THR A 7 -19.08 5.18 15.96
C THR A 7 -17.71 5.32 16.57
N LEU A 8 -17.29 6.56 16.79
CA LEU A 8 -15.97 6.80 17.36
C LEU A 8 -16.07 7.59 18.66
N GLU A 9 -16.20 6.85 19.75
CA GLU A 9 -16.29 7.46 21.07
C GLU A 9 -14.93 7.97 21.51
N ARG A 10 -14.93 8.99 22.36
CA ARG A 10 -13.68 9.57 22.85
C ARG A 10 -12.94 8.59 23.74
N GLY A 11 -12.02 7.83 23.16
CA GLY A 11 -11.25 6.87 23.93
C GLY A 11 -10.64 7.51 25.16
N ASN A 12 -10.42 8.81 25.08
CA ASN A 12 -9.85 9.57 26.19
C ASN A 12 -10.00 11.07 25.94
N SER A 13 -9.00 11.68 25.30
CA SER A 13 -9.03 13.11 25.00
C SER A 13 -9.22 13.37 23.51
N GLY A 14 -9.92 12.47 22.82
CA GLY A 14 -10.13 12.65 21.41
C GLY A 14 -10.22 11.34 20.66
N LEU A 15 -10.39 11.43 19.36
CA LEU A 15 -10.51 10.24 18.51
C LEU A 15 -9.13 9.71 18.13
N GLY A 16 -8.25 10.59 17.68
CA GLY A 16 -6.91 10.20 17.31
C GLY A 16 -6.74 9.86 15.84
N PHE A 17 -6.72 10.90 14.99
CA PHE A 17 -6.54 10.71 13.56
C PHE A 17 -6.19 12.02 12.88
N SER A 18 -5.78 11.95 11.61
CA SER A 18 -5.40 13.14 10.86
C SER A 18 -6.26 13.30 9.60
N ILE A 19 -6.80 14.50 9.43
CA ILE A 19 -7.62 14.80 8.26
C ILE A 19 -7.08 16.02 7.52
N ALA A 20 -7.55 16.22 6.29
CA ALA A 20 -7.09 17.35 5.49
C ALA A 20 -7.93 17.51 4.23
N GLY A 21 -7.82 18.69 3.61
CA GLY A 21 -8.57 18.96 2.40
C GLY A 21 -9.63 20.02 2.59
N GLY A 22 -10.88 19.65 2.37
CA GLY A 22 -11.97 20.59 2.53
C GLY A 22 -12.51 21.10 1.20
N THR A 23 -13.82 21.33 1.14
CA THR A 23 -14.44 21.81 -0.08
C THR A 23 -13.76 23.07 -0.61
N ASP A 24 -13.12 23.80 0.30
CA ASP A 24 -12.42 25.03 -0.07
C ASP A 24 -11.05 24.74 -0.65
N ASN A 25 -10.23 24.03 0.13
CA ASN A 25 -8.89 23.68 -0.31
C ASN A 25 -8.70 22.16 -0.36
N PRO A 26 -9.12 21.52 -1.46
CA PRO A 26 -9.00 20.07 -1.63
C PRO A 26 -7.59 19.57 -1.32
N HIS A 27 -7.51 18.50 -0.52
CA HIS A 27 -6.23 17.92 -0.14
C HIS A 27 -5.54 17.28 -1.34
N ILE A 28 -6.33 16.94 -2.35
CA ILE A 28 -5.80 16.32 -3.57
C ILE A 28 -5.89 17.26 -4.76
N GLY A 29 -6.87 18.14 -4.73
CA GLY A 29 -7.05 19.09 -5.82
C GLY A 29 -7.98 18.58 -6.90
N ASP A 30 -8.93 17.74 -6.49
CA ASP A 30 -9.90 17.18 -7.43
C ASP A 30 -10.98 16.38 -6.71
N ASP A 31 -11.34 16.84 -5.51
CA ASP A 31 -12.36 16.17 -4.72
C ASP A 31 -12.71 16.98 -3.47
N PRO A 32 -13.93 17.56 -3.42
CA PRO A 32 -14.38 18.36 -2.29
C PRO A 32 -14.53 17.52 -1.02
N SER A 33 -14.80 16.24 -1.19
CA SER A 33 -14.97 15.33 -0.06
C SER A 33 -13.66 15.20 0.73
N ILE A 34 -13.75 15.41 2.04
CA ILE A 34 -12.57 15.32 2.90
C ILE A 34 -12.25 13.86 3.24
N PHE A 35 -10.97 13.58 3.45
CA PHE A 35 -10.53 12.23 3.79
C PHE A 35 -9.41 12.26 4.82
N ILE A 36 -9.32 11.20 5.61
CA ILE A 36 -8.29 11.10 6.64
C ILE A 36 -6.95 10.72 6.01
N THR A 37 -5.86 11.22 6.57
CA THR A 37 -4.53 10.93 6.05
C THR A 37 -3.84 9.83 6.86
N LYS A 38 -4.06 9.82 8.17
CA LYS A 38 -3.45 8.82 9.02
C LYS A 38 -4.10 8.77 10.40
N ILE A 39 -3.94 7.65 11.09
CA ILE A 39 -4.50 7.46 12.41
C ILE A 39 -3.41 7.29 13.45
N ILE A 40 -3.62 7.87 14.62
CA ILE A 40 -2.66 7.79 15.71
C ILE A 40 -2.87 6.52 16.54
N PRO A 41 -1.83 5.67 16.67
CA PRO A 41 -1.92 4.42 17.45
C PRO A 41 -2.13 4.69 18.94
N GLY A 42 -3.27 5.30 19.27
CA GLY A 42 -3.58 5.60 20.66
C GLY A 42 -5.04 5.93 20.86
N GLY A 43 -5.53 6.91 20.11
CA GLY A 43 -6.93 7.30 20.23
C GLY A 43 -7.88 6.16 19.93
N ALA A 44 -9.17 6.46 19.93
CA ALA A 44 -10.18 5.44 19.66
C ALA A 44 -10.26 5.12 18.17
N ALA A 45 -9.90 6.09 17.33
CA ALA A 45 -9.92 5.89 15.88
C ALA A 45 -9.04 4.72 15.48
N ALA A 46 -8.01 4.47 16.28
CA ALA A 46 -7.09 3.37 16.03
C ALA A 46 -7.70 2.04 16.48
N GLN A 47 -8.60 2.12 17.46
CA GLN A 47 -9.27 0.94 18.00
C GLN A 47 -10.26 0.41 16.98
N ASP A 48 -11.00 1.32 16.37
CA ASP A 48 -11.98 0.92 15.38
C ASP A 48 -11.35 0.95 14.00
N GLY A 49 -10.40 1.85 13.80
CA GLY A 49 -9.73 1.97 12.53
C GLY A 49 -10.49 2.84 11.54
N ARG A 50 -11.81 2.89 11.70
CA ARG A 50 -12.67 3.67 10.81
C ARG A 50 -12.28 3.46 9.35
N LEU A 51 -11.78 2.26 9.06
CA LEU A 51 -11.36 1.91 7.71
C LEU A 51 -10.18 2.76 7.25
N ARG A 52 -9.83 2.61 5.97
CA ARG A 52 -8.71 3.37 5.41
C ARG A 52 -8.93 4.86 5.60
N VAL A 53 -7.89 5.54 6.08
CA VAL A 53 -7.95 6.96 6.32
C VAL A 53 -8.38 7.73 5.06
N ASN A 54 -7.92 7.27 3.92
CA ASN A 54 -8.24 7.91 2.64
C ASN A 54 -9.74 7.87 2.34
N ASP A 55 -10.52 7.23 3.19
CA ASP A 55 -11.96 7.13 2.98
C ASP A 55 -12.58 8.53 2.93
N SER A 56 -13.88 8.59 2.64
CA SER A 56 -14.59 9.86 2.54
C SER A 56 -15.86 9.83 3.38
N ILE A 57 -15.82 10.46 4.55
CA ILE A 57 -16.97 10.51 5.44
C ILE A 57 -18.22 10.99 4.70
N LEU A 58 -19.03 10.02 4.27
CA LEU A 58 -20.27 10.33 3.55
C LEU A 58 -21.19 11.16 4.41
N PHE A 59 -21.17 10.90 5.71
CA PHE A 59 -22.01 11.63 6.65
C PHE A 59 -21.47 11.55 8.07
N VAL A 60 -21.22 12.70 8.68
CA VAL A 60 -20.72 12.76 10.04
C VAL A 60 -21.73 13.40 10.98
N ASN A 61 -22.16 12.63 11.99
CA ASN A 61 -23.13 13.11 12.96
C ASN A 61 -24.38 13.61 12.26
N GLU A 62 -24.78 12.94 11.18
CA GLU A 62 -25.95 13.33 10.42
C GLU A 62 -25.75 14.69 9.77
N VAL A 63 -24.50 15.01 9.44
CA VAL A 63 -24.16 16.28 8.82
C VAL A 63 -23.54 16.07 7.44
N ASP A 64 -24.01 16.83 6.47
CA ASP A 64 -23.48 16.73 5.11
C ASP A 64 -22.09 17.34 5.00
N VAL A 65 -21.09 16.59 5.47
CA VAL A 65 -19.71 17.05 5.43
C VAL A 65 -18.91 16.30 4.37
N ARG A 66 -19.58 15.97 3.27
CA ARG A 66 -18.94 15.25 2.17
C ARG A 66 -18.56 16.20 1.03
N GLU A 67 -18.85 17.49 1.22
CA GLU A 67 -18.55 18.49 0.21
C GLU A 67 -18.41 19.88 0.82
N VAL A 68 -17.91 19.93 2.05
CA VAL A 68 -17.72 21.20 2.74
C VAL A 68 -16.27 21.38 3.16
N THR A 69 -15.88 22.63 3.38
CA THR A 69 -14.52 22.97 3.77
C THR A 69 -14.03 22.13 4.94
N HIS A 70 -12.72 22.13 5.13
CA HIS A 70 -12.08 21.38 6.20
C HIS A 70 -12.55 21.85 7.58
N SER A 71 -12.53 23.15 7.79
CA SER A 71 -12.95 23.71 9.07
C SER A 71 -14.33 23.21 9.48
N ALA A 72 -15.21 23.03 8.51
CA ALA A 72 -16.56 22.56 8.77
C ALA A 72 -16.55 21.11 9.25
N ALA A 73 -15.62 20.33 8.70
CA ALA A 73 -15.49 18.93 9.08
C ALA A 73 -14.91 18.83 10.47
N VAL A 74 -13.93 19.67 10.75
CA VAL A 74 -13.29 19.70 12.05
C VAL A 74 -14.31 20.14 13.11
N GLU A 75 -15.18 21.05 12.71
CA GLU A 75 -16.21 21.56 13.59
C GLU A 75 -17.26 20.49 13.88
N ALA A 76 -17.51 19.64 12.90
CA ALA A 76 -18.48 18.55 13.04
C ALA A 76 -17.97 17.50 14.01
N LEU A 77 -16.68 17.21 13.89
CA LEU A 77 -16.04 16.24 14.76
C LEU A 77 -15.70 16.90 16.08
N LYS A 78 -15.51 18.21 16.04
CA LYS A 78 -15.20 18.98 17.23
C LYS A 78 -16.45 19.07 18.09
N GLU A 79 -17.59 19.21 17.43
CA GLU A 79 -18.86 19.30 18.13
C GLU A 79 -19.58 17.96 18.08
N ALA A 80 -18.81 16.90 17.94
CA ALA A 80 -19.37 15.55 17.88
C ALA A 80 -19.51 14.96 19.29
N GLY A 81 -18.73 15.46 20.23
CA GLY A 81 -18.80 14.97 21.60
C GLY A 81 -17.83 13.82 21.84
N SER A 82 -18.18 12.95 22.79
CA SER A 82 -17.35 11.80 23.13
C SER A 82 -17.90 10.51 22.51
N ILE A 83 -18.85 10.65 21.59
CA ILE A 83 -19.46 9.52 20.91
C ILE A 83 -19.93 9.93 19.53
N VAL A 84 -19.08 9.75 18.53
CA VAL A 84 -19.43 10.13 17.17
C VAL A 84 -20.08 8.98 16.41
N ARG A 85 -20.95 9.34 15.49
CA ARG A 85 -21.67 8.37 14.67
C ARG A 85 -21.70 8.87 13.23
N LEU A 86 -20.85 8.32 12.39
CA LEU A 86 -20.77 8.77 10.99
C LEU A 86 -20.76 7.61 10.00
N TYR A 87 -21.23 7.90 8.79
CA TYR A 87 -21.25 6.92 7.71
C TYR A 87 -20.14 7.27 6.73
N VAL A 88 -19.16 6.39 6.61
CA VAL A 88 -18.03 6.66 5.72
C VAL A 88 -18.10 5.83 4.44
N MET A 89 -17.25 6.20 3.49
CA MET A 89 -17.19 5.51 2.20
C MET A 89 -15.73 5.29 1.80
N ARG A 90 -15.30 4.04 1.83
CA ARG A 90 -13.92 3.70 1.49
C ARG A 90 -13.87 2.90 0.20
N ARG A 91 -13.42 3.54 -0.87
CA ARG A 91 -13.32 2.89 -2.17
C ARG A 91 -12.25 1.80 -2.16
N LYS A 92 -12.53 0.69 -2.83
CA LYS A 92 -11.59 -0.43 -2.90
C LYS A 92 -11.43 -0.93 -4.33
N PRO A 93 -10.86 -0.08 -5.23
CA PRO A 93 -10.66 -0.45 -6.62
C PRO A 93 -9.79 -1.70 -6.80
N PRO A 94 -8.65 -1.77 -6.09
CA PRO A 94 -7.75 -2.91 -6.18
C PRO A 94 -8.05 -3.97 -5.12
N ALA A 95 -7.14 -4.92 -4.96
CA ALA A 95 -7.31 -5.98 -3.97
C ALA A 95 -5.97 -6.50 -3.47
N GLU A 96 -4.95 -5.67 -3.52
CA GLU A 96 -3.62 -6.04 -3.05
C GLU A 96 -2.79 -4.80 -2.72
N LYS A 97 -1.52 -5.01 -2.40
CA LYS A 97 -0.63 -3.90 -2.06
C LYS A 97 0.83 -4.25 -2.34
N VAL A 98 1.72 -3.34 -1.98
CA VAL A 98 3.15 -3.53 -2.19
C VAL A 98 3.85 -4.01 -0.91
N MET A 99 4.84 -4.86 -1.08
CA MET A 99 5.58 -5.41 0.05
C MET A 99 7.06 -5.02 -0.01
N GLU A 100 7.75 -5.22 1.11
CA GLU A 100 9.18 -4.91 1.22
C GLU A 100 9.90 -6.09 1.86
N ILE A 101 10.63 -6.81 1.04
CA ILE A 101 11.33 -8.00 1.49
C ILE A 101 12.84 -7.87 1.41
N LYS A 102 13.52 -8.65 2.23
CA LYS A 102 14.98 -8.65 2.26
C LYS A 102 15.52 -9.99 1.79
N LEU A 103 16.41 -9.97 0.81
CA LEU A 103 16.99 -11.19 0.27
C LEU A 103 18.50 -11.11 0.29
N ILE A 104 19.13 -12.02 1.03
CA ILE A 104 20.57 -12.05 1.14
C ILE A 104 21.16 -13.07 0.17
N LYS A 105 22.33 -12.74 -0.37
CA LYS A 105 23.00 -13.61 -1.33
C LYS A 105 23.54 -14.86 -0.64
N GLY A 106 23.77 -15.91 -1.43
CA GLY A 106 24.29 -17.15 -0.89
C GLY A 106 25.40 -17.73 -1.74
N PRO A 107 25.90 -18.93 -1.41
CA PRO A 107 26.96 -19.56 -2.19
C PRO A 107 26.50 -19.97 -3.58
N LYS A 108 25.30 -20.50 -3.67
CA LYS A 108 24.75 -20.91 -4.96
C LYS A 108 23.96 -19.77 -5.58
N GLY A 109 24.23 -18.55 -5.12
CA GLY A 109 23.52 -17.40 -5.63
C GLY A 109 22.48 -16.93 -4.67
N LEU A 110 21.33 -16.51 -5.17
CA LEU A 110 20.27 -16.05 -4.31
C LEU A 110 19.40 -17.20 -3.84
N GLY A 111 19.42 -18.30 -4.59
CA GLY A 111 18.63 -19.47 -4.24
C GLY A 111 17.17 -19.32 -4.59
N PHE A 112 16.89 -19.10 -5.88
CA PHE A 112 15.51 -18.95 -6.34
C PHE A 112 15.47 -18.76 -7.86
N SER A 113 14.35 -19.11 -8.47
CA SER A 113 14.20 -18.98 -9.92
C SER A 113 13.10 -17.98 -10.25
N ILE A 114 13.48 -16.89 -10.91
CA ILE A 114 12.54 -15.86 -11.29
C ILE A 114 12.76 -15.42 -12.73
N ALA A 115 11.72 -14.90 -13.37
CA ALA A 115 11.84 -14.46 -14.76
C ALA A 115 10.92 -13.28 -15.06
N GLY A 116 11.52 -12.20 -15.55
CA GLY A 116 10.76 -11.01 -15.90
C GLY A 116 11.44 -10.17 -16.96
N GLY A 117 10.86 -9.01 -17.26
CA GLY A 117 11.45 -8.11 -18.25
C GLY A 117 11.07 -8.46 -19.67
N VAL A 118 11.64 -7.71 -20.61
CA VAL A 118 11.39 -7.93 -22.03
C VAL A 118 12.25 -9.05 -22.58
N GLY A 119 11.78 -9.69 -23.64
CA GLY A 119 12.52 -10.79 -24.23
C GLY A 119 12.39 -12.06 -23.42
N ASN A 120 11.54 -12.02 -22.39
CA ASN A 120 11.31 -13.18 -21.53
C ASN A 120 10.10 -12.94 -20.63
N GLN A 121 8.97 -12.58 -21.25
CA GLN A 121 7.74 -12.31 -20.54
C GLN A 121 7.58 -13.18 -19.31
N HIS A 122 7.90 -14.46 -19.45
CA HIS A 122 7.76 -15.43 -18.36
C HIS A 122 6.28 -15.71 -18.15
N ILE A 123 5.52 -14.65 -18.16
CA ILE A 123 4.08 -14.69 -18.02
C ILE A 123 3.43 -14.01 -19.23
N PRO A 124 2.44 -14.66 -19.87
CA PRO A 124 1.77 -14.10 -21.05
C PRO A 124 1.24 -12.68 -20.82
N GLY A 125 2.08 -11.68 -21.10
CA GLY A 125 1.68 -10.30 -20.92
C GLY A 125 1.95 -9.76 -19.53
N ASP A 126 3.14 -10.04 -19.01
CA ASP A 126 3.51 -9.58 -17.68
C ASP A 126 5.01 -9.35 -17.57
N ASN A 127 5.48 -8.24 -18.11
CA ASN A 127 6.90 -7.91 -18.07
C ASN A 127 7.43 -7.94 -16.63
N SER A 128 6.54 -7.79 -15.66
CA SER A 128 6.93 -7.80 -14.25
C SER A 128 7.68 -9.08 -13.92
N ILE A 129 8.65 -8.99 -13.01
CA ILE A 129 9.44 -10.14 -12.61
C ILE A 129 8.69 -11.00 -11.58
N TYR A 130 8.41 -12.24 -11.97
CA TYR A 130 7.71 -13.17 -11.10
C TYR A 130 8.62 -14.34 -10.74
N VAL A 131 8.33 -14.98 -9.61
CA VAL A 131 9.11 -16.12 -9.17
C VAL A 131 8.44 -17.43 -9.62
N THR A 132 9.22 -18.49 -9.75
CA THR A 132 8.68 -19.77 -10.19
C THR A 132 9.10 -20.93 -9.27
N LYS A 133 10.29 -20.85 -8.69
CA LYS A 133 10.74 -21.93 -7.81
C LYS A 133 11.88 -21.46 -6.90
N ILE A 134 11.89 -21.99 -5.68
CA ILE A 134 12.92 -21.65 -4.70
C ILE A 134 13.50 -22.90 -4.06
N ILE A 135 14.82 -22.88 -3.82
CA ILE A 135 15.49 -24.03 -3.22
C ILE A 135 15.15 -24.12 -1.73
N GLU A 136 15.62 -25.18 -1.08
CA GLU A 136 15.35 -25.38 0.34
C GLU A 136 16.55 -24.94 1.19
N GLY A 137 16.27 -24.30 2.31
CA GLY A 137 17.32 -23.83 3.19
C GLY A 137 18.30 -22.90 2.49
N GLY A 138 17.80 -22.18 1.49
CA GLY A 138 18.65 -21.26 0.76
C GLY A 138 18.82 -19.93 1.47
N ALA A 139 18.65 -18.84 0.73
CA ALA A 139 18.79 -17.50 1.30
C ALA A 139 17.44 -16.80 1.37
N ALA A 140 16.83 -16.60 0.21
CA ALA A 140 15.52 -15.93 0.13
C ALA A 140 14.43 -16.78 0.77
N HIS A 141 14.59 -18.08 0.70
CA HIS A 141 13.60 -18.99 1.27
C HIS A 141 13.32 -18.63 2.72
N LYS A 142 14.35 -18.68 3.55
CA LYS A 142 14.23 -18.37 4.97
C LYS A 142 14.05 -16.87 5.21
N ASP A 143 14.86 -16.05 4.55
CA ASP A 143 14.80 -14.60 4.73
C ASP A 143 13.67 -13.96 3.93
N GLY A 144 13.72 -14.15 2.62
CA GLY A 144 12.71 -13.58 1.75
C GLY A 144 11.32 -14.12 2.00
N ARG A 145 11.21 -15.43 2.17
CA ARG A 145 9.92 -16.06 2.42
C ARG A 145 8.96 -15.81 1.25
N LEU A 146 9.53 -15.49 0.09
CA LEU A 146 8.74 -15.24 -1.11
C LEU A 146 8.57 -16.52 -1.92
N GLN A 147 7.59 -17.33 -1.52
CA GLN A 147 7.32 -18.58 -2.21
C GLN A 147 6.90 -18.33 -3.66
N ILE A 148 6.83 -19.40 -4.45
CA ILE A 148 6.43 -19.28 -5.85
C ILE A 148 5.18 -18.43 -6.01
N GLY A 149 5.31 -17.37 -6.78
CA GLY A 149 4.20 -16.47 -7.01
C GLY A 149 4.54 -15.03 -6.67
N ASP A 150 5.54 -14.84 -5.83
CA ASP A 150 5.96 -13.49 -5.44
C ASP A 150 6.60 -12.77 -6.62
N LYS A 151 6.07 -11.59 -6.93
CA LYS A 151 6.57 -10.79 -8.04
C LYS A 151 7.22 -9.50 -7.53
N ILE A 152 8.44 -9.24 -7.97
CA ILE A 152 9.16 -8.05 -7.56
C ILE A 152 9.13 -6.99 -8.67
N LEU A 153 8.77 -5.78 -8.30
CA LEU A 153 8.70 -4.68 -9.25
C LEU A 153 9.95 -3.81 -9.21
N ALA A 154 10.88 -4.17 -8.32
CA ALA A 154 12.12 -3.40 -8.18
C ALA A 154 12.93 -3.88 -6.98
N VAL A 155 14.25 -3.71 -7.05
CA VAL A 155 15.13 -4.11 -5.96
C VAL A 155 15.65 -2.87 -5.24
N ASN A 156 15.03 -2.55 -4.10
CA ASN A 156 15.41 -1.39 -3.31
C ASN A 156 15.02 -0.12 -4.05
N SER A 157 15.59 0.04 -5.24
CA SER A 157 15.32 1.18 -6.10
C SER A 157 15.75 0.87 -7.54
N VAL A 158 15.75 -0.40 -7.89
CA VAL A 158 16.14 -0.84 -9.23
C VAL A 158 14.93 -1.12 -10.10
N GLY A 159 15.11 -1.01 -11.40
CA GLY A 159 14.04 -1.26 -12.34
C GLY A 159 14.35 -2.45 -13.24
N LEU A 160 14.19 -3.64 -12.69
CA LEU A 160 14.45 -4.88 -13.43
C LEU A 160 13.31 -5.22 -14.37
N GLU A 161 12.55 -4.23 -14.77
CA GLU A 161 11.43 -4.44 -15.68
C GLU A 161 11.35 -3.30 -16.70
N ASP A 162 12.51 -2.77 -17.06
CA ASP A 162 12.60 -1.69 -18.02
C ASP A 162 13.83 -1.86 -18.90
N VAL A 163 14.26 -3.10 -19.06
CA VAL A 163 15.45 -3.40 -19.86
C VAL A 163 15.27 -4.70 -20.63
N MET A 164 15.44 -5.82 -19.94
CA MET A 164 15.32 -7.14 -20.54
C MET A 164 15.68 -8.19 -19.51
N HIS A 165 15.35 -9.45 -19.80
CA HIS A 165 15.66 -10.53 -18.89
C HIS A 165 17.14 -10.54 -18.54
N GLU A 166 17.96 -10.09 -19.49
CA GLU A 166 19.41 -10.06 -19.29
C GLU A 166 19.84 -8.95 -18.35
N ASP A 167 19.28 -7.76 -18.53
CA ASP A 167 19.64 -6.63 -17.68
C ASP A 167 19.03 -6.80 -16.29
N ALA A 168 17.82 -7.33 -16.24
CA ALA A 168 17.14 -7.57 -14.99
C ALA A 168 17.82 -8.69 -14.23
N VAL A 169 18.29 -9.69 -14.97
CA VAL A 169 18.96 -10.83 -14.36
C VAL A 169 20.36 -10.43 -13.90
N ALA A 170 21.05 -9.66 -14.72
CA ALA A 170 22.40 -9.22 -14.39
C ALA A 170 22.37 -8.17 -13.29
N ALA A 171 21.31 -7.36 -13.27
CA ALA A 171 21.17 -6.31 -12.28
C ALA A 171 20.72 -6.88 -10.94
N LEU A 172 19.99 -7.98 -10.97
CA LEU A 172 19.52 -8.62 -9.75
C LEU A 172 20.63 -9.46 -9.14
N LYS A 173 21.42 -10.07 -10.02
CA LYS A 173 22.56 -10.87 -9.59
C LYS A 173 23.69 -9.97 -9.12
N ASN A 174 23.71 -8.76 -9.67
CA ASN A 174 24.74 -7.78 -9.30
C ASN A 174 24.49 -7.20 -7.91
N THR A 175 23.32 -7.50 -7.35
CA THR A 175 22.95 -7.00 -6.04
C THR A 175 24.02 -7.32 -4.99
N TYR A 176 23.75 -6.97 -3.75
CA TYR A 176 24.69 -7.22 -2.65
C TYR A 176 24.25 -8.42 -1.80
N ASP A 177 25.14 -8.85 -0.92
CA ASP A 177 24.88 -9.99 -0.04
C ASP A 177 23.60 -9.81 0.77
N VAL A 178 23.11 -8.58 0.88
CA VAL A 178 21.89 -8.30 1.63
C VAL A 178 21.15 -7.12 1.00
N VAL A 179 20.23 -7.43 0.10
CA VAL A 179 19.48 -6.39 -0.60
C VAL A 179 17.98 -6.52 -0.35
N TYR A 180 17.29 -5.38 -0.34
CA TYR A 180 15.85 -5.35 -0.12
C TYR A 180 15.12 -5.31 -1.47
N LEU A 181 14.19 -6.23 -1.66
CA LEU A 181 13.44 -6.29 -2.91
C LEU A 181 12.01 -5.80 -2.70
N LYS A 182 11.48 -5.13 -3.72
CA LYS A 182 10.12 -4.62 -3.65
C LYS A 182 9.16 -5.59 -4.33
N VAL A 183 8.29 -6.19 -3.52
CA VAL A 183 7.33 -7.16 -4.04
C VAL A 183 5.95 -6.52 -4.18
N ALA A 184 5.09 -7.15 -4.98
CA ALA A 184 3.74 -6.63 -5.19
C ALA A 184 2.74 -7.77 -5.35
N LYS A 185 1.57 -7.60 -4.76
CA LYS A 185 0.52 -8.61 -4.85
C LYS A 185 -0.46 -8.27 -5.97
N PRO A 186 -1.01 -9.30 -6.63
CA PRO A 186 -1.96 -9.12 -7.74
C PRO A 186 -3.07 -8.13 -7.42
N SER A 187 -2.82 -6.85 -7.70
CA SER A 187 -3.81 -5.81 -7.45
C SER A 187 -5.10 -6.08 -8.20
N ASN A 188 -6.14 -5.35 -7.85
CA ASN A 188 -7.45 -5.50 -8.48
C ASN A 188 -7.79 -6.97 -8.76
N ALA A 189 -7.31 -7.85 -7.89
CA ALA A 189 -7.56 -9.28 -8.04
C ALA A 189 -6.96 -9.81 -9.34
N GLN B 1 2.94 17.92 2.73
CA GLN B 1 4.22 17.61 2.04
C GLN B 1 5.39 17.70 3.01
N VAL B 2 5.78 18.93 3.35
CA VAL B 2 6.90 19.15 4.25
C VAL B 2 6.56 20.21 5.31
N VAL B 3 6.05 21.35 4.85
CA VAL B 3 5.69 22.44 5.75
C VAL B 3 4.29 22.25 6.33
N PRO B 4 3.29 21.96 5.48
CA PRO B 4 1.91 21.76 5.92
C PRO B 4 1.67 20.35 6.47
N PHE B 5 0.64 20.22 7.30
CA PHE B 5 0.30 18.93 7.89
C PHE B 5 -1.20 18.79 8.07
N SER B 6 -1.64 17.58 8.40
CA SER B 6 -3.07 17.31 8.60
C SER B 6 -3.50 17.67 10.01
N SER B 7 -4.80 17.86 10.21
CA SER B 7 -5.33 18.20 11.52
C SER B 7 -5.48 16.97 12.39
N SER B 8 -4.74 16.95 13.50
CA SER B 8 -4.78 15.82 14.43
C SER B 8 -5.79 16.07 15.55
N VAL B 9 -6.76 15.17 15.67
CA VAL B 9 -7.78 15.30 16.71
C VAL B 9 -8.43 13.95 17.01
N GLN C 1 0.56 -20.60 -24.63
CA GLN C 1 1.99 -20.44 -24.26
C GLN C 1 2.89 -20.61 -25.48
N VAL C 2 3.97 -19.83 -25.51
CA VAL C 2 4.91 -19.89 -26.63
C VAL C 2 6.13 -20.76 -26.27
N VAL C 3 6.83 -20.36 -25.20
CA VAL C 3 8.01 -21.10 -24.76
C VAL C 3 8.38 -20.72 -23.33
N PRO C 4 8.13 -21.61 -22.36
CA PRO C 4 8.45 -21.36 -20.94
C PRO C 4 9.89 -20.90 -20.75
N PHE C 5 10.18 -20.38 -19.56
CA PHE C 5 11.53 -19.91 -19.25
C PHE C 5 11.61 -19.43 -17.80
N SER C 6 12.74 -19.71 -17.16
CA SER C 6 12.95 -19.31 -15.77
C SER C 6 14.43 -19.06 -15.49
N SER C 7 14.70 -18.00 -14.73
CA SER C 7 16.07 -17.64 -14.39
C SER C 7 16.44 -18.15 -13.01
N SER C 8 17.07 -19.32 -12.94
CA SER C 8 17.46 -19.91 -11.68
C SER C 8 18.89 -19.49 -11.31
N VAL C 9 19.03 -18.82 -10.17
CA VAL C 9 20.33 -18.35 -9.72
C VAL C 9 20.34 -18.12 -8.22
N MET A 1 -3.94 10.26 -7.24
CA MET A 1 -5.32 10.50 -6.69
C MET A 1 -6.16 9.23 -6.82
N GLU A 2 -6.58 8.68 -5.67
CA GLU A 2 -7.39 7.48 -5.65
C GLU A 2 -8.43 7.53 -4.53
N TYR A 3 -9.57 6.89 -4.77
CA TYR A 3 -10.65 6.87 -3.78
C TYR A 3 -11.10 5.44 -3.53
N GLU A 4 -11.80 5.21 -2.42
CA GLU A 4 -12.29 3.87 -2.09
C GLU A 4 -13.16 3.88 -0.84
N GLU A 5 -13.94 2.82 -0.66
CA GLU A 5 -14.83 2.69 0.48
C GLU A 5 -14.10 1.99 1.63
N ILE A 6 -14.67 2.08 2.83
CA ILE A 6 -14.06 1.45 4.00
C ILE A 6 -15.05 1.34 5.16
N THR A 7 -14.68 0.54 6.17
CA THR A 7 -15.52 0.34 7.34
C THR A 7 -14.69 0.45 8.61
N LEU A 8 -15.25 1.11 9.63
CA LEU A 8 -14.56 1.28 10.89
C LEU A 8 -15.48 1.01 12.06
N GLU A 9 -15.57 -0.25 12.42
CA GLU A 9 -16.41 -0.67 13.54
C GLU A 9 -15.73 -0.33 14.86
N ARG A 10 -16.53 -0.17 15.91
CA ARG A 10 -16.01 0.16 17.23
C ARG A 10 -15.18 -0.99 17.78
N GLY A 11 -13.88 -1.00 17.43
CA GLY A 11 -13.00 -2.06 17.92
C GLY A 11 -13.10 -2.21 19.43
N ASN A 12 -13.49 -1.13 20.09
CA ASN A 12 -13.63 -1.14 21.53
C ASN A 12 -14.39 0.11 22.00
N SER A 13 -13.66 1.16 22.37
CA SER A 13 -14.28 2.40 22.81
C SER A 13 -14.12 3.52 21.80
N GLY A 14 -14.07 3.17 20.52
CA GLY A 14 -13.92 4.19 19.49
C GLY A 14 -13.19 3.68 18.27
N LEU A 15 -12.99 4.56 17.32
CA LEU A 15 -12.33 4.22 16.07
C LEU A 15 -10.82 4.31 16.22
N GLY A 16 -10.35 5.36 16.87
CA GLY A 16 -8.93 5.54 17.09
C GLY A 16 -8.21 6.27 15.98
N PHE A 17 -8.56 7.54 15.78
CA PHE A 17 -7.92 8.35 14.75
C PHE A 17 -8.16 9.84 15.03
N SER A 18 -7.12 10.65 14.81
CA SER A 18 -7.20 12.08 15.05
C SER A 18 -7.63 12.83 13.79
N ILE A 19 -8.61 13.71 13.94
CA ILE A 19 -9.11 14.51 12.84
C ILE A 19 -9.23 15.98 13.24
N ALA A 20 -9.34 16.85 12.26
CA ALA A 20 -9.47 18.28 12.53
C ALA A 20 -9.75 19.06 11.26
N GLY A 21 -10.21 20.30 11.43
CA GLY A 21 -10.52 21.14 10.29
C GLY A 21 -11.95 21.61 10.28
N GLY A 22 -12.72 21.15 9.30
CA GLY A 22 -14.11 21.54 9.20
C GLY A 22 -14.37 22.47 8.03
N THR A 23 -15.50 22.30 7.36
CA THR A 23 -15.85 23.12 6.21
C THR A 23 -15.85 24.61 6.57
N ASP A 24 -15.99 24.91 7.87
CA ASP A 24 -16.01 26.30 8.32
C ASP A 24 -14.62 26.77 8.73
N ASN A 25 -13.91 25.92 9.46
CA ASN A 25 -12.56 26.25 9.92
C ASN A 25 -11.55 25.19 9.46
N PRO A 26 -11.13 25.25 8.19
CA PRO A 26 -10.16 24.30 7.63
C PRO A 26 -8.96 24.08 8.56
N HIS A 27 -8.49 22.84 8.61
CA HIS A 27 -7.34 22.49 9.44
C HIS A 27 -6.04 22.98 8.83
N ILE A 28 -6.06 23.27 7.53
CA ILE A 28 -4.87 23.75 6.82
C ILE A 28 -5.05 25.19 6.38
N GLY A 29 -6.29 25.60 6.16
CA GLY A 29 -6.56 26.96 5.74
C GLY A 29 -6.69 27.08 4.24
N ASP A 30 -7.13 26.01 3.59
CA ASP A 30 -7.29 26.00 2.15
C ASP A 30 -8.01 24.73 1.69
N ASP A 31 -8.93 24.24 2.52
CA ASP A 31 -9.67 23.04 2.19
C ASP A 31 -10.81 22.81 3.20
N PRO A 32 -12.07 22.96 2.76
CA PRO A 32 -13.23 22.77 3.63
C PRO A 32 -13.37 21.33 4.11
N SER A 33 -12.88 20.39 3.29
CA SER A 33 -12.95 18.98 3.63
C SER A 33 -12.15 18.69 4.90
N ILE A 34 -12.31 17.48 5.42
CA ILE A 34 -11.60 17.08 6.63
C ILE A 34 -10.64 15.92 6.35
N PHE A 35 -9.55 15.88 7.10
CA PHE A 35 -8.55 14.83 6.93
C PHE A 35 -7.97 14.42 8.28
N ILE A 36 -7.67 13.13 8.43
CA ILE A 36 -7.10 12.62 9.67
C ILE A 36 -5.65 13.08 9.81
N THR A 37 -5.21 13.31 11.04
CA THR A 37 -3.84 13.75 11.29
C THR A 37 -2.96 12.60 11.75
N LYS A 38 -3.55 11.66 12.50
CA LYS A 38 -2.79 10.52 13.00
C LYS A 38 -3.71 9.45 13.59
N ILE A 39 -3.25 8.20 13.55
CA ILE A 39 -4.02 7.09 14.07
C ILE A 39 -3.29 6.44 15.25
N ILE A 40 -4.07 6.04 16.24
CA ILE A 40 -3.51 5.40 17.43
C ILE A 40 -3.51 3.88 17.29
N PRO A 41 -2.45 3.21 17.78
CA PRO A 41 -2.33 1.76 17.71
C PRO A 41 -3.22 1.04 18.71
N GLY A 42 -4.53 1.25 18.59
CA GLY A 42 -5.47 0.63 19.50
C GLY A 42 -6.87 0.55 18.93
N GLY A 43 -7.31 1.64 18.31
CA GLY A 43 -8.64 1.67 17.74
C GLY A 43 -8.79 0.73 16.55
N ALA A 44 -10.00 0.64 16.02
CA ALA A 44 -10.28 -0.24 14.89
C ALA A 44 -9.76 0.36 13.58
N ALA A 45 -9.45 1.66 13.58
CA ALA A 45 -8.94 2.31 12.38
C ALA A 45 -7.71 1.60 11.84
N ALA A 46 -6.69 1.49 12.68
CA ALA A 46 -5.45 0.81 12.31
C ALA A 46 -5.69 -0.67 12.04
N GLN A 47 -6.70 -1.23 12.71
CA GLN A 47 -7.05 -2.62 12.55
C GLN A 47 -7.69 -2.82 11.19
N ASP A 48 -8.46 -1.82 10.78
CA ASP A 48 -9.13 -1.86 9.49
C ASP A 48 -8.19 -1.38 8.40
N GLY A 49 -7.21 -0.55 8.79
CA GLY A 49 -6.26 -0.04 7.83
C GLY A 49 -6.79 1.15 7.07
N ARG A 50 -7.20 2.18 7.81
CA ARG A 50 -7.73 3.40 7.20
C ARG A 50 -6.66 4.20 6.47
N LEU A 51 -5.80 3.49 5.73
CA LEU A 51 -4.74 4.12 4.94
C LEU A 51 -4.17 5.39 5.60
N ARG A 52 -3.63 6.30 4.78
CA ARG A 52 -3.06 7.54 5.28
C ARG A 52 -4.12 8.40 5.95
N VAL A 53 -3.73 9.10 7.01
CA VAL A 53 -4.63 9.95 7.74
C VAL A 53 -5.01 11.19 6.93
N ASN A 54 -4.04 11.72 6.21
CA ASN A 54 -4.25 12.91 5.39
C ASN A 54 -5.41 12.76 4.41
N ASP A 55 -5.89 11.52 4.21
CA ASP A 55 -7.01 11.30 3.30
C ASP A 55 -8.21 12.13 3.72
N SER A 56 -9.17 12.29 2.82
CA SER A 56 -10.37 13.08 3.11
C SER A 56 -11.62 12.24 2.92
N ILE A 57 -12.29 11.91 4.02
CA ILE A 57 -13.49 11.11 3.97
C ILE A 57 -14.56 11.79 3.12
N LEU A 58 -14.61 11.40 1.84
CA LEU A 58 -15.56 11.98 0.91
C LEU A 58 -16.99 11.61 1.30
N PHE A 59 -17.16 10.44 1.89
CA PHE A 59 -18.48 9.98 2.31
C PHE A 59 -18.43 9.16 3.59
N VAL A 60 -19.61 8.90 4.16
CA VAL A 60 -19.72 8.12 5.39
C VAL A 60 -21.02 7.33 5.39
N ASN A 61 -21.27 6.61 6.48
CA ASN A 61 -22.48 5.80 6.61
C ASN A 61 -23.72 6.66 6.36
N GLU A 62 -24.06 6.85 5.09
CA GLU A 62 -25.22 7.67 4.73
C GLU A 62 -25.01 9.13 5.12
N VAL A 63 -23.75 9.54 5.19
CA VAL A 63 -23.43 10.92 5.56
C VAL A 63 -22.63 11.62 4.47
N ASP A 64 -22.93 12.90 4.26
CA ASP A 64 -22.24 13.68 3.25
C ASP A 64 -21.32 14.72 3.89
N VAL A 65 -20.18 14.25 4.40
CA VAL A 65 -19.22 15.15 5.04
C VAL A 65 -18.08 15.52 4.09
N ARG A 66 -18.39 15.59 2.80
CA ARG A 66 -17.40 15.94 1.80
C ARG A 66 -16.93 17.38 1.95
N GLU A 67 -17.65 18.15 2.77
CA GLU A 67 -17.31 19.55 3.01
C GLU A 67 -18.21 20.11 4.09
N VAL A 68 -18.20 19.47 5.26
CA VAL A 68 -19.03 19.89 6.37
C VAL A 68 -18.20 20.33 7.58
N THR A 69 -18.65 21.39 8.23
CA THR A 69 -17.98 21.96 9.40
C THR A 69 -17.66 20.90 10.44
N HIS A 70 -16.87 21.30 11.43
CA HIS A 70 -16.45 20.43 12.52
C HIS A 70 -17.64 19.73 13.17
N SER A 71 -18.66 20.48 13.50
CA SER A 71 -19.85 19.95 14.15
C SER A 71 -20.40 18.74 13.38
N ALA A 72 -20.54 18.91 12.07
CA ALA A 72 -21.05 17.83 11.22
C ALA A 72 -20.17 16.59 11.31
N ALA A 73 -18.87 16.82 11.50
CA ALA A 73 -17.92 15.73 11.61
C ALA A 73 -18.10 15.03 12.94
N VAL A 74 -18.25 15.83 13.99
CA VAL A 74 -18.45 15.31 15.32
C VAL A 74 -19.78 14.57 15.38
N GLU A 75 -20.77 15.08 14.64
CA GLU A 75 -22.09 14.48 14.58
C GLU A 75 -22.04 13.14 13.84
N ALA A 76 -21.14 13.03 12.87
CA ALA A 76 -20.98 11.81 12.10
C ALA A 76 -20.39 10.71 12.96
N LEU A 77 -19.39 11.08 13.74
CA LEU A 77 -18.74 10.16 14.64
C LEU A 77 -19.61 9.91 15.85
N LYS A 78 -20.45 10.89 16.16
CA LYS A 78 -21.37 10.79 17.28
C LYS A 78 -22.48 9.81 16.94
N GLU A 79 -22.93 9.86 15.69
CA GLU A 79 -23.97 8.97 15.24
C GLU A 79 -23.40 7.90 14.32
N ALA A 80 -22.14 7.56 14.56
CA ALA A 80 -21.46 6.54 13.76
C ALA A 80 -21.81 5.13 14.23
N GLY A 81 -22.16 5.01 15.51
CA GLY A 81 -22.51 3.71 16.05
C GLY A 81 -21.29 2.86 16.37
N SER A 82 -21.32 1.60 15.95
CA SER A 82 -20.21 0.68 16.19
C SER A 82 -19.71 0.05 14.89
N ILE A 83 -20.26 0.51 13.76
CA ILE A 83 -19.86 0.00 12.45
C ILE A 83 -20.05 1.08 11.41
N VAL A 84 -18.99 1.86 11.16
CA VAL A 84 -19.06 2.96 10.20
C VAL A 84 -18.60 2.52 8.81
N ARG A 85 -19.19 3.13 7.79
CA ARG A 85 -18.84 2.85 6.41
C ARG A 85 -18.67 4.17 5.66
N LEU A 86 -17.44 4.51 5.33
CA LEU A 86 -17.19 5.77 4.65
C LEU A 86 -16.31 5.61 3.42
N TYR A 87 -16.47 6.54 2.49
CA TYR A 87 -15.69 6.56 1.27
C TYR A 87 -14.68 7.69 1.36
N VAL A 88 -13.40 7.34 1.38
CA VAL A 88 -12.36 8.35 1.53
C VAL A 88 -11.65 8.65 0.21
N MET A 89 -10.86 9.73 0.23
CA MET A 89 -10.09 10.14 -0.93
C MET A 89 -8.63 10.32 -0.54
N ARG A 90 -7.79 9.43 -1.03
CA ARG A 90 -6.36 9.47 -0.73
C ARG A 90 -5.56 9.60 -2.02
N ARG A 91 -4.43 10.31 -1.94
CA ARG A 91 -3.57 10.51 -3.10
C ARG A 91 -2.47 9.46 -3.18
N LYS A 92 -2.28 8.90 -4.37
CA LYS A 92 -1.25 7.89 -4.60
C LYS A 92 -0.60 8.09 -5.97
N PRO A 93 0.31 9.09 -6.08
CA PRO A 93 1.00 9.39 -7.33
C PRO A 93 2.18 8.45 -7.62
N PRO A 94 2.06 7.61 -8.66
CA PRO A 94 3.12 6.66 -9.04
C PRO A 94 4.32 7.40 -9.64
N ALA A 95 5.00 6.76 -10.59
CA ALA A 95 6.18 7.34 -11.24
C ALA A 95 7.02 6.29 -11.94
N GLU A 96 6.73 6.04 -13.22
CA GLU A 96 7.49 5.07 -14.00
C GLU A 96 8.98 5.37 -13.97
N LYS A 97 9.76 4.37 -13.58
CA LYS A 97 11.21 4.53 -13.50
C LYS A 97 11.92 3.20 -13.67
N VAL A 98 12.77 3.10 -14.70
CA VAL A 98 13.52 1.88 -14.96
C VAL A 98 14.77 1.82 -14.10
N MET A 99 14.83 0.81 -13.22
CA MET A 99 15.97 0.65 -12.33
C MET A 99 16.93 -0.42 -12.81
N GLU A 100 18.12 -0.42 -12.21
CA GLU A 100 19.16 -1.38 -12.53
C GLU A 100 19.79 -1.85 -11.24
N ILE A 101 19.49 -3.08 -10.85
CA ILE A 101 19.97 -3.62 -9.60
C ILE A 101 20.96 -4.78 -9.78
N LYS A 102 21.79 -4.95 -8.78
CA LYS A 102 22.78 -6.02 -8.76
C LYS A 102 22.54 -6.90 -7.54
N LEU A 103 22.25 -8.18 -7.77
CA LEU A 103 21.98 -9.09 -6.68
C LEU A 103 22.95 -10.25 -6.66
N ILE A 104 23.70 -10.36 -5.57
CA ILE A 104 24.67 -11.42 -5.41
C ILE A 104 24.06 -12.59 -4.64
N LYS A 105 24.46 -13.79 -5.01
CA LYS A 105 23.96 -14.99 -4.35
C LYS A 105 24.20 -14.94 -2.84
N GLY A 106 23.25 -15.46 -2.06
CA GLY A 106 23.38 -15.46 -0.63
C GLY A 106 23.18 -16.85 -0.05
N PRO A 107 23.18 -16.98 1.29
CA PRO A 107 23.00 -18.28 1.94
C PRO A 107 21.58 -18.78 1.82
N LYS A 108 20.62 -17.87 1.94
CA LYS A 108 19.22 -18.22 1.81
C LYS A 108 18.74 -18.01 0.38
N GLY A 109 19.70 -17.92 -0.53
CA GLY A 109 19.38 -17.70 -1.92
C GLY A 109 19.63 -16.28 -2.33
N LEU A 110 18.67 -15.67 -2.99
CA LEU A 110 18.81 -14.29 -3.41
C LEU A 110 18.35 -13.34 -2.31
N GLY A 111 17.43 -13.81 -1.49
CA GLY A 111 16.91 -12.99 -0.40
C GLY A 111 15.70 -12.17 -0.80
N PHE A 112 14.74 -12.80 -1.46
CA PHE A 112 13.53 -12.11 -1.90
C PHE A 112 12.57 -13.08 -2.59
N SER A 113 11.28 -12.82 -2.48
CA SER A 113 10.27 -13.67 -3.10
C SER A 113 9.61 -12.95 -4.27
N ILE A 114 9.66 -13.58 -5.44
CA ILE A 114 9.07 -13.01 -6.63
C ILE A 114 8.28 -14.05 -7.41
N ALA A 115 7.31 -13.60 -8.21
CA ALA A 115 6.50 -14.51 -9.00
C ALA A 115 5.97 -13.84 -10.27
N GLY A 116 6.25 -14.47 -11.41
CA GLY A 116 5.79 -13.93 -12.68
C GLY A 116 5.65 -15.02 -13.74
N GLY A 117 5.34 -14.61 -14.97
CA GLY A 117 5.21 -15.58 -16.05
C GLY A 117 3.81 -16.16 -16.17
N VAL A 118 3.64 -17.05 -17.13
CA VAL A 118 2.35 -17.69 -17.37
C VAL A 118 2.13 -18.82 -16.37
N GLY A 119 0.87 -19.01 -15.97
CA GLY A 119 0.54 -20.05 -15.01
C GLY A 119 0.53 -19.50 -13.59
N ASN A 120 1.39 -18.53 -13.35
CA ASN A 120 1.52 -17.89 -12.05
C ASN A 120 2.12 -16.49 -12.22
N GLN A 121 1.37 -15.62 -12.88
CA GLN A 121 1.82 -14.26 -13.13
C GLN A 121 1.87 -13.42 -11.86
N HIS A 122 1.42 -13.99 -10.74
CA HIS A 122 1.41 -13.28 -9.46
C HIS A 122 0.33 -12.21 -9.45
N ILE A 123 0.44 -11.32 -10.41
CA ILE A 123 -0.53 -10.23 -10.57
C ILE A 123 -1.66 -10.64 -11.50
N PRO A 124 -2.93 -10.48 -11.08
CA PRO A 124 -4.08 -10.84 -11.91
C PRO A 124 -4.15 -10.05 -13.21
N GLY A 125 -3.27 -10.40 -14.15
CA GLY A 125 -3.25 -9.70 -15.43
C GLY A 125 -1.93 -8.99 -15.68
N ASP A 126 -0.82 -9.70 -15.47
CA ASP A 126 0.51 -9.12 -15.69
C ASP A 126 1.57 -10.21 -15.70
N ASN A 127 1.90 -10.70 -16.89
CA ASN A 127 2.90 -11.74 -17.04
C ASN A 127 4.25 -11.32 -16.44
N SER A 128 4.45 -10.02 -16.30
CA SER A 128 5.68 -9.48 -15.74
C SER A 128 5.95 -10.06 -14.35
N ILE A 129 7.23 -10.17 -13.99
CA ILE A 129 7.61 -10.70 -12.69
C ILE A 129 7.67 -9.61 -11.64
N TYR A 130 6.85 -9.74 -10.60
CA TYR A 130 6.82 -8.78 -9.51
C TYR A 130 7.26 -9.43 -8.21
N VAL A 131 7.77 -8.62 -7.29
CA VAL A 131 8.22 -9.13 -6.00
C VAL A 131 7.06 -9.25 -5.03
N THR A 132 7.20 -10.13 -4.05
CA THR A 132 6.15 -10.35 -3.05
C THR A 132 6.63 -9.98 -1.65
N LYS A 133 7.69 -10.63 -1.22
CA LYS A 133 8.24 -10.37 0.11
C LYS A 133 9.76 -10.47 0.11
N ILE A 134 10.39 -9.65 0.95
CA ILE A 134 11.85 -9.63 1.06
C ILE A 134 12.28 -9.73 2.52
N ILE A 135 13.36 -10.47 2.76
CA ILE A 135 13.87 -10.65 4.12
C ILE A 135 14.68 -9.43 4.54
N GLU A 136 15.09 -9.40 5.80
CA GLU A 136 15.88 -8.29 6.33
C GLU A 136 17.37 -8.52 6.08
N GLY A 137 18.08 -7.43 5.79
CA GLY A 137 19.51 -7.54 5.54
C GLY A 137 19.83 -8.39 4.32
N GLY A 138 18.85 -8.51 3.42
CA GLY A 138 19.06 -9.31 2.22
C GLY A 138 19.98 -8.63 1.22
N ALA A 139 20.12 -9.23 0.04
CA ALA A 139 20.98 -8.68 -0.99
C ALA A 139 20.31 -7.52 -1.71
N ALA A 140 19.27 -7.83 -2.48
CA ALA A 140 18.53 -6.81 -3.23
C ALA A 140 17.87 -5.81 -2.30
N HIS A 141 17.47 -6.27 -1.12
CA HIS A 141 16.81 -5.41 -0.14
C HIS A 141 17.65 -4.16 0.14
N LYS A 142 18.84 -4.36 0.66
CA LYS A 142 19.74 -3.26 0.99
C LYS A 142 20.34 -2.63 -0.27
N ASP A 143 20.67 -3.45 -1.26
CA ASP A 143 21.29 -2.97 -2.49
C ASP A 143 20.27 -2.37 -3.46
N GLY A 144 19.31 -3.19 -3.86
CA GLY A 144 18.30 -2.75 -4.81
C GLY A 144 17.18 -1.94 -4.19
N ARG A 145 17.01 -2.05 -2.88
CA ARG A 145 15.95 -1.33 -2.17
C ARG A 145 14.59 -1.56 -2.86
N LEU A 146 14.47 -2.70 -3.52
CA LEU A 146 13.23 -3.05 -4.23
C LEU A 146 12.26 -3.75 -3.29
N GLN A 147 11.54 -2.97 -2.49
CA GLN A 147 10.58 -3.53 -1.54
C GLN A 147 9.41 -4.16 -2.28
N ILE A 148 8.50 -4.78 -1.54
CA ILE A 148 7.33 -5.43 -2.14
C ILE A 148 6.65 -4.51 -3.15
N GLY A 149 6.47 -5.03 -4.34
CA GLY A 149 5.84 -4.26 -5.40
C GLY A 149 6.74 -4.08 -6.60
N ASP A 150 8.05 -4.19 -6.39
CA ASP A 150 9.01 -4.05 -7.48
C ASP A 150 8.81 -5.16 -8.51
N LYS A 151 9.29 -4.93 -9.73
CA LYS A 151 9.16 -5.91 -10.80
C LYS A 151 10.37 -5.89 -11.73
N ILE A 152 10.81 -7.08 -12.12
CA ILE A 152 11.96 -7.20 -13.02
C ILE A 152 11.50 -7.58 -14.42
N LEU A 153 12.02 -6.86 -15.40
CA LEU A 153 11.67 -7.11 -16.80
C LEU A 153 12.73 -7.95 -17.50
N ALA A 154 13.81 -8.28 -16.77
CA ALA A 154 14.90 -9.07 -17.34
C ALA A 154 16.10 -9.10 -16.41
N VAL A 155 16.91 -10.15 -16.53
CA VAL A 155 18.11 -10.28 -15.72
C VAL A 155 19.35 -10.07 -16.59
N ASN A 156 19.92 -8.87 -16.52
CA ASN A 156 21.09 -8.52 -17.32
C ASN A 156 20.71 -8.43 -18.79
N SER A 157 20.20 -9.54 -19.31
CA SER A 157 19.76 -9.63 -20.69
C SER A 157 18.90 -10.87 -20.89
N VAL A 158 18.22 -11.29 -19.82
CA VAL A 158 17.36 -12.45 -19.85
C VAL A 158 15.89 -12.08 -19.94
N GLY A 159 15.09 -12.99 -20.48
CA GLY A 159 13.67 -12.76 -20.62
C GLY A 159 12.88 -13.72 -19.77
N LEU A 160 12.85 -13.44 -18.47
CA LEU A 160 12.13 -14.29 -17.51
C LEU A 160 10.63 -13.99 -17.50
N GLU A 161 10.12 -13.48 -18.61
CA GLU A 161 8.69 -13.17 -18.73
C GLU A 161 8.19 -13.50 -20.12
N ASP A 162 8.39 -14.74 -20.52
CA ASP A 162 7.94 -15.22 -21.81
C ASP A 162 7.97 -16.74 -21.86
N VAL A 163 7.77 -17.36 -20.69
CA VAL A 163 7.77 -18.82 -20.60
C VAL A 163 6.70 -19.32 -19.64
N MET A 164 6.99 -19.19 -18.34
CA MET A 164 6.08 -19.64 -17.30
C MET A 164 6.73 -19.43 -15.95
N HIS A 165 5.94 -19.55 -14.89
CA HIS A 165 6.46 -19.38 -13.54
C HIS A 165 7.65 -20.31 -13.29
N GLU A 166 7.64 -21.46 -13.97
CA GLU A 166 8.71 -22.44 -13.85
C GLU A 166 9.98 -22.00 -14.55
N ASP A 167 9.85 -21.58 -15.80
CA ASP A 167 11.01 -21.14 -16.57
C ASP A 167 11.51 -19.81 -16.04
N ALA A 168 10.59 -18.98 -15.57
CA ALA A 168 10.93 -17.69 -15.02
C ALA A 168 11.63 -17.88 -13.70
N VAL A 169 11.13 -18.82 -12.92
CA VAL A 169 11.72 -19.12 -11.62
C VAL A 169 13.09 -19.77 -11.81
N ALA A 170 13.16 -20.70 -12.74
CA ALA A 170 14.42 -21.39 -13.03
C ALA A 170 15.47 -20.39 -13.49
N ALA A 171 15.01 -19.34 -14.17
CA ALA A 171 15.90 -18.29 -14.66
C ALA A 171 16.30 -17.35 -13.53
N LEU A 172 15.44 -17.24 -12.52
CA LEU A 172 15.73 -16.37 -11.38
C LEU A 172 16.65 -17.07 -10.41
N LYS A 173 16.43 -18.37 -10.25
CA LYS A 173 17.25 -19.18 -9.37
C LYS A 173 18.60 -19.45 -10.02
N ASN A 174 18.61 -19.44 -11.35
CA ASN A 174 19.84 -19.68 -12.11
C ASN A 174 20.83 -18.54 -11.94
N THR A 175 20.38 -17.44 -11.33
CA THR A 175 21.24 -16.27 -11.10
C THR A 175 22.63 -16.68 -10.64
N TYR A 176 23.63 -15.90 -11.02
CA TYR A 176 25.01 -16.17 -10.64
C TYR A 176 25.36 -15.47 -9.33
N ASP A 177 26.53 -15.81 -8.79
CA ASP A 177 27.00 -15.22 -7.53
C ASP A 177 26.79 -13.70 -7.50
N VAL A 178 26.89 -13.06 -8.66
CA VAL A 178 26.72 -11.62 -8.76
C VAL A 178 26.12 -11.25 -10.12
N VAL A 179 24.80 -11.18 -10.18
CA VAL A 179 24.12 -10.85 -11.43
C VAL A 179 23.30 -9.56 -11.31
N TYR A 180 23.20 -8.84 -12.42
CA TYR A 180 22.44 -7.59 -12.47
C TYR A 180 21.08 -7.81 -13.11
N LEU A 181 20.03 -7.28 -12.48
CA LEU A 181 18.68 -7.42 -13.00
C LEU A 181 18.07 -6.06 -13.31
N LYS A 182 17.18 -6.02 -14.30
CA LYS A 182 16.51 -4.78 -14.69
C LYS A 182 15.14 -4.69 -14.02
N VAL A 183 15.01 -3.74 -13.11
CA VAL A 183 13.75 -3.54 -12.39
C VAL A 183 12.98 -2.34 -12.94
N ALA A 184 11.68 -2.32 -12.68
CA ALA A 184 10.83 -1.23 -13.14
C ALA A 184 9.92 -0.74 -12.01
N LYS A 185 9.64 0.56 -12.02
CA LYS A 185 8.79 1.17 -11.00
C LYS A 185 7.38 1.40 -11.54
N PRO A 186 6.35 1.27 -10.67
CA PRO A 186 4.96 1.48 -11.07
C PRO A 186 4.76 2.82 -11.77
N SER A 187 4.50 2.75 -13.08
CA SER A 187 4.29 3.96 -13.88
C SER A 187 3.21 4.84 -13.29
N ASN A 188 3.20 6.10 -13.71
CA ASN A 188 2.23 7.08 -13.24
C ASN A 188 0.82 6.74 -13.71
N ALA A 189 0.30 5.58 -13.29
CA ALA A 189 -1.03 5.15 -13.68
C ALA A 189 -1.12 4.97 -15.20
N GLN B 1 -8.96 23.35 26.52
CA GLN B 1 -9.30 21.97 26.95
C GLN B 1 -8.31 20.96 26.39
N VAL B 2 -7.07 21.39 26.19
CA VAL B 2 -6.02 20.53 25.66
C VAL B 2 -6.28 20.19 24.20
N VAL B 3 -7.36 19.48 23.94
CA VAL B 3 -7.71 19.08 22.58
C VAL B 3 -7.83 20.30 21.66
N PRO B 4 -7.04 20.34 20.57
CA PRO B 4 -7.06 21.45 19.62
C PRO B 4 -8.44 21.64 18.99
N PHE B 5 -8.82 20.70 18.12
CA PHE B 5 -10.11 20.76 17.46
C PHE B 5 -10.90 19.48 17.72
N SER B 6 -10.76 18.48 16.84
CA SER B 6 -11.45 17.21 16.99
C SER B 6 -10.58 16.23 17.74
N SER B 7 -9.38 15.98 17.21
CA SER B 7 -8.43 15.06 17.82
C SER B 7 -8.85 13.61 17.63
N SER B 8 -8.23 12.72 18.39
CA SER B 8 -8.52 11.28 18.29
C SER B 8 -9.99 11.00 18.59
N VAL B 9 -10.55 10.02 17.88
CA VAL B 9 -11.94 9.63 18.06
C VAL B 9 -12.15 8.19 17.64
N GLN C 1 0.71 -30.02 -7.88
CA GLN C 1 0.24 -28.85 -7.10
C GLN C 1 0.44 -27.55 -7.88
N VAL C 2 -0.63 -26.75 -7.98
CA VAL C 2 -0.57 -25.50 -8.71
C VAL C 2 0.35 -24.50 -8.01
N VAL C 3 0.40 -24.58 -6.69
CA VAL C 3 1.25 -23.68 -5.90
C VAL C 3 0.86 -22.23 -6.13
N PRO C 4 -0.15 -21.73 -5.39
CA PRO C 4 -0.61 -20.34 -5.51
C PRO C 4 0.40 -19.35 -4.97
N PHE C 5 1.23 -19.79 -4.02
CA PHE C 5 2.24 -18.94 -3.43
C PHE C 5 3.21 -18.42 -4.49
N SER C 6 4.30 -17.80 -4.03
CA SER C 6 5.30 -17.26 -4.95
C SER C 6 6.64 -17.97 -4.75
N SER C 7 7.66 -17.52 -5.47
CA SER C 7 8.99 -18.10 -5.37
C SER C 7 9.83 -17.37 -4.33
N SER C 8 9.74 -17.82 -3.08
CA SER C 8 10.49 -17.21 -1.99
C SER C 8 11.89 -17.81 -1.88
N VAL C 9 12.89 -17.01 -2.22
CA VAL C 9 14.27 -17.46 -2.16
C VAL C 9 15.24 -16.28 -2.12
N MET A 1 -4.55 9.82 -6.16
CA MET A 1 -5.80 9.25 -5.57
C MET A 1 -7.01 10.08 -5.95
N GLU A 2 -8.20 9.53 -5.72
CA GLU A 2 -9.44 10.22 -6.05
C GLU A 2 -10.03 10.89 -4.80
N TYR A 3 -11.10 11.66 -5.01
CA TYR A 3 -11.76 12.37 -3.91
C TYR A 3 -13.25 12.51 -4.17
N GLU A 4 -14.01 12.83 -3.12
CA GLU A 4 -15.45 12.99 -3.24
C GLU A 4 -16.08 13.36 -1.90
N GLU A 5 -17.21 14.06 -1.95
CA GLU A 5 -17.91 14.48 -0.74
C GLU A 5 -18.81 13.36 -0.23
N ILE A 6 -18.99 13.30 1.09
CA ILE A 6 -19.83 12.27 1.69
C ILE A 6 -20.51 12.77 2.96
N THR A 7 -21.67 12.17 3.26
CA THR A 7 -22.45 12.52 4.43
C THR A 7 -22.54 11.35 5.39
N LEU A 8 -22.25 11.62 6.65
CA LEU A 8 -22.30 10.59 7.67
C LEU A 8 -22.99 11.12 8.92
N GLU A 9 -24.29 10.92 8.95
CA GLU A 9 -25.11 11.37 10.07
C GLU A 9 -24.81 10.53 11.32
N ARG A 10 -25.31 10.99 12.45
CA ARG A 10 -25.11 10.29 13.72
C ARG A 10 -25.93 9.01 13.78
N GLY A 11 -25.26 7.87 13.59
CA GLY A 11 -25.94 6.60 13.65
C GLY A 11 -26.39 6.28 15.05
N ASN A 12 -27.33 7.09 15.56
CA ASN A 12 -27.83 6.92 16.91
C ASN A 12 -26.82 7.43 17.92
N SER A 13 -25.78 6.64 18.16
CA SER A 13 -24.74 7.00 19.12
C SER A 13 -23.41 7.36 18.45
N GLY A 14 -23.46 7.90 17.23
CA GLY A 14 -22.22 8.26 16.56
C GLY A 14 -22.13 7.66 15.17
N LEU A 15 -21.01 7.91 14.52
CA LEU A 15 -20.77 7.43 13.17
C LEU A 15 -20.23 6.01 13.18
N GLY A 16 -19.16 5.79 13.95
CA GLY A 16 -18.59 4.46 14.06
C GLY A 16 -17.42 4.24 13.12
N PHE A 17 -16.25 4.76 13.49
CA PHE A 17 -15.04 4.58 12.69
C PHE A 17 -13.80 4.94 13.50
N SER A 18 -12.66 4.37 13.11
CA SER A 18 -11.40 4.64 13.81
C SER A 18 -10.46 5.49 12.97
N ILE A 19 -10.00 6.60 13.55
CA ILE A 19 -9.09 7.50 12.86
C ILE A 19 -7.77 7.62 13.63
N ALA A 20 -6.75 8.17 12.96
CA ALA A 20 -5.45 8.33 13.60
C ALA A 20 -4.51 9.15 12.71
N GLY A 21 -3.50 9.75 13.34
CA GLY A 21 -2.55 10.55 12.60
C GLY A 21 -2.44 11.97 13.13
N GLY A 22 -2.78 12.94 12.29
CA GLY A 22 -2.72 14.33 12.71
C GLY A 22 -1.58 15.08 12.06
N THR A 23 -1.81 16.35 11.76
CA THR A 23 -0.78 17.18 11.12
C THR A 23 0.49 17.23 11.97
N ASP A 24 0.38 16.91 13.25
CA ASP A 24 1.53 16.92 14.14
C ASP A 24 2.25 15.58 14.13
N ASN A 25 1.51 14.51 14.40
CA ASN A 25 2.07 13.17 14.43
C ASN A 25 1.39 12.26 13.41
N PRO A 26 1.82 12.34 12.14
CA PRO A 26 1.24 11.52 11.07
C PRO A 26 1.15 10.04 11.45
N HIS A 27 0.04 9.42 11.09
CA HIS A 27 -0.19 8.00 11.40
C HIS A 27 0.72 7.11 10.56
N ILE A 28 1.24 7.64 9.47
CA ILE A 28 2.12 6.89 8.58
C ILE A 28 3.56 7.41 8.66
N GLY A 29 3.70 8.71 8.93
CA GLY A 29 5.02 9.30 9.03
C GLY A 29 5.44 9.99 7.74
N ASP A 30 4.47 10.47 6.98
CA ASP A 30 4.74 11.14 5.72
C ASP A 30 3.47 11.74 5.12
N ASP A 31 2.58 12.20 5.99
CA ASP A 31 1.32 12.80 5.55
C ASP A 31 0.68 13.60 6.68
N PRO A 32 0.62 14.94 6.53
CA PRO A 32 0.01 15.81 7.55
C PRO A 32 -1.47 15.55 7.73
N SER A 33 -2.12 15.12 6.66
CA SER A 33 -3.55 14.82 6.70
C SER A 33 -3.83 13.61 7.59
N ILE A 34 -5.11 13.30 7.76
CA ILE A 34 -5.52 12.16 8.59
C ILE A 34 -6.39 11.19 7.80
N PHE A 35 -6.35 9.93 8.18
CA PHE A 35 -7.13 8.90 7.50
C PHE A 35 -7.73 7.92 8.52
N ILE A 36 -8.64 7.09 8.05
CA ILE A 36 -9.30 6.10 8.90
C ILE A 36 -8.59 4.75 8.80
N THR A 37 -8.69 3.95 9.84
CA THR A 37 -8.04 2.64 9.86
C THR A 37 -9.06 1.50 9.76
N LYS A 38 -10.26 1.72 10.29
CA LYS A 38 -11.29 0.69 10.25
C LYS A 38 -12.63 1.23 10.73
N ILE A 39 -13.71 0.66 10.20
CA ILE A 39 -15.06 1.06 10.56
C ILE A 39 -15.76 -0.04 11.35
N ILE A 40 -16.53 0.37 12.35
CA ILE A 40 -17.26 -0.58 13.19
C ILE A 40 -18.60 -0.94 12.56
N PRO A 41 -18.87 -2.24 12.34
CA PRO A 41 -20.12 -2.70 11.75
C PRO A 41 -21.32 -2.43 12.66
N GLY A 42 -21.61 -1.16 12.89
CA GLY A 42 -22.73 -0.79 13.74
C GLY A 42 -23.10 0.67 13.62
N GLY A 43 -22.10 1.54 13.76
CA GLY A 43 -22.36 2.97 13.66
C GLY A 43 -22.91 3.37 12.30
N ALA A 44 -23.27 4.64 12.16
CA ALA A 44 -23.83 5.13 10.90
C ALA A 44 -22.84 4.95 9.75
N ALA A 45 -21.55 5.08 10.05
CA ALA A 45 -20.51 4.93 9.04
C ALA A 45 -20.69 3.63 8.27
N ALA A 46 -20.97 2.56 8.99
CA ALA A 46 -21.18 1.25 8.38
C ALA A 46 -22.52 1.21 7.65
N GLN A 47 -23.47 2.02 8.12
CA GLN A 47 -24.79 2.09 7.52
C GLN A 47 -24.70 2.79 6.19
N ASP A 48 -23.87 3.84 6.15
CA ASP A 48 -23.68 4.59 4.93
C ASP A 48 -22.61 3.94 4.07
N GLY A 49 -21.69 3.24 4.73
CA GLY A 49 -20.60 2.55 4.03
C GLY A 49 -20.34 3.05 2.62
N ARG A 50 -20.03 4.33 2.49
CA ARG A 50 -19.77 4.92 1.18
C ARG A 50 -18.30 5.31 1.03
N LEU A 51 -17.58 5.36 2.15
CA LEU A 51 -16.17 5.73 2.12
C LEU A 51 -15.29 4.59 2.64
N ARG A 52 -13.98 4.71 2.41
CA ARG A 52 -13.03 3.72 2.86
C ARG A 52 -12.23 4.24 4.04
N VAL A 53 -11.63 3.35 4.82
CA VAL A 53 -10.86 3.76 5.97
C VAL A 53 -9.55 4.41 5.57
N ASN A 54 -8.83 3.79 4.66
CA ASN A 54 -7.53 4.28 4.19
C ASN A 54 -7.63 5.66 3.52
N ASP A 55 -8.83 6.23 3.47
CA ASP A 55 -9.00 7.54 2.84
C ASP A 55 -8.69 8.65 3.85
N SER A 56 -8.42 9.85 3.36
CA SER A 56 -8.10 10.97 4.22
C SER A 56 -9.04 12.13 3.97
N ILE A 57 -9.87 12.45 4.96
CA ILE A 57 -10.81 13.54 4.82
C ILE A 57 -10.10 14.85 4.49
N LEU A 58 -10.03 15.16 3.20
CA LEU A 58 -9.37 16.39 2.76
C LEU A 58 -10.11 17.63 3.26
N PHE A 59 -11.39 17.45 3.60
CA PHE A 59 -12.20 18.56 4.09
C PHE A 59 -13.37 18.04 4.92
N VAL A 60 -13.74 18.81 5.96
CA VAL A 60 -14.84 18.44 6.82
C VAL A 60 -15.81 19.59 6.98
N ASN A 61 -17.05 19.38 6.54
CA ASN A 61 -18.09 20.41 6.63
C ASN A 61 -17.63 21.69 5.93
N GLU A 62 -16.83 22.49 6.64
CA GLU A 62 -16.32 23.75 6.10
C GLU A 62 -14.97 24.08 6.71
N VAL A 63 -14.21 23.04 7.07
CA VAL A 63 -12.89 23.23 7.67
C VAL A 63 -11.80 22.57 6.85
N ASP A 64 -10.65 23.23 6.76
CA ASP A 64 -9.52 22.70 6.00
C ASP A 64 -8.82 21.60 6.79
N VAL A 65 -9.26 20.37 6.60
CA VAL A 65 -8.68 19.22 7.29
C VAL A 65 -7.74 18.43 6.39
N ARG A 66 -7.06 19.13 5.49
CA ARG A 66 -6.13 18.49 4.56
C ARG A 66 -4.73 18.39 5.17
N GLU A 67 -4.61 18.78 6.44
CA GLU A 67 -3.33 18.74 7.13
C GLU A 67 -3.47 19.37 8.52
N VAL A 68 -4.45 18.90 9.29
CA VAL A 68 -4.70 19.42 10.61
C VAL A 68 -4.44 18.38 11.71
N THR A 69 -3.87 18.84 12.81
CA THR A 69 -3.55 17.98 13.96
C THR A 69 -4.75 17.13 14.36
N HIS A 70 -4.47 16.02 15.04
CA HIS A 70 -5.50 15.10 15.49
C HIS A 70 -6.60 15.83 16.26
N SER A 71 -6.20 16.66 17.21
CA SER A 71 -7.15 17.41 18.01
C SER A 71 -8.09 18.23 17.13
N ALA A 72 -7.53 18.86 16.11
CA ALA A 72 -8.32 19.68 15.19
C ALA A 72 -9.34 18.82 14.46
N ALA A 73 -8.96 17.58 14.17
CA ALA A 73 -9.84 16.65 13.49
C ALA A 73 -10.95 16.22 14.43
N VAL A 74 -10.57 15.99 15.67
CA VAL A 74 -11.52 15.59 16.69
C VAL A 74 -12.52 16.71 16.92
N GLU A 75 -12.03 17.94 16.84
CA GLU A 75 -12.86 19.12 17.03
C GLU A 75 -13.83 19.29 15.87
N ALA A 76 -13.41 18.89 14.67
CA ALA A 76 -14.23 18.98 13.47
C ALA A 76 -15.38 17.99 13.54
N LEU A 77 -15.05 16.78 13.98
CA LEU A 77 -16.03 15.72 14.13
C LEU A 77 -16.86 15.96 15.38
N LYS A 78 -16.24 16.65 16.34
CA LYS A 78 -16.89 16.98 17.58
C LYS A 78 -17.98 18.01 17.32
N GLU A 79 -17.68 18.94 16.43
CA GLU A 79 -18.62 19.97 16.06
C GLU A 79 -19.26 19.67 14.71
N ALA A 80 -19.32 18.39 14.38
CA ALA A 80 -19.89 17.94 13.12
C ALA A 80 -21.40 17.76 13.23
N GLY A 81 -21.88 17.51 14.45
CA GLY A 81 -23.30 17.33 14.65
C GLY A 81 -23.76 15.91 14.34
N SER A 82 -25.03 15.77 13.97
CA SER A 82 -25.59 14.46 13.64
C SER A 82 -25.68 14.25 12.13
N ILE A 83 -25.05 15.14 11.37
CA ILE A 83 -25.05 15.07 9.92
C ILE A 83 -23.77 15.68 9.38
N VAL A 84 -22.76 14.85 9.16
CA VAL A 84 -21.48 15.35 8.67
C VAL A 84 -21.46 15.45 7.16
N ARG A 85 -20.70 16.42 6.68
CA ARG A 85 -20.53 16.66 5.25
C ARG A 85 -19.06 16.95 4.97
N LEU A 86 -18.28 15.90 4.80
CA LEU A 86 -16.85 16.05 4.57
C LEU A 86 -16.42 15.55 3.20
N TYR A 87 -15.32 16.12 2.72
CA TYR A 87 -14.74 15.75 1.44
C TYR A 87 -13.51 14.90 1.69
N VAL A 88 -13.56 13.63 1.29
CA VAL A 88 -12.44 12.73 1.51
C VAL A 88 -11.66 12.45 0.23
N MET A 89 -10.49 11.85 0.39
CA MET A 89 -9.64 11.51 -0.73
C MET A 89 -9.17 10.06 -0.62
N ARG A 90 -9.68 9.22 -1.50
CA ARG A 90 -9.32 7.80 -1.52
C ARG A 90 -8.70 7.42 -2.85
N ARG A 91 -7.76 6.50 -2.83
CA ARG A 91 -7.08 6.04 -4.04
C ARG A 91 -8.09 5.62 -5.10
N LYS A 92 -7.64 5.57 -6.36
CA LYS A 92 -8.50 5.18 -7.47
C LYS A 92 -8.74 3.67 -7.48
N PRO A 93 -9.76 3.22 -8.24
CA PRO A 93 -10.11 1.81 -8.34
C PRO A 93 -8.99 0.96 -8.94
N PRO A 94 -9.14 -0.37 -8.92
CA PRO A 94 -8.14 -1.29 -9.48
C PRO A 94 -7.90 -1.07 -10.97
N ALA A 95 -7.59 -2.15 -11.69
CA ALA A 95 -7.33 -2.10 -13.12
C ALA A 95 -5.89 -1.68 -13.40
N GLU A 96 -4.96 -2.39 -12.79
CA GLU A 96 -3.54 -2.11 -12.97
C GLU A 96 -3.11 -2.35 -14.43
N LYS A 97 -1.82 -2.54 -14.64
CA LYS A 97 -1.30 -2.78 -15.99
C LYS A 97 0.15 -3.25 -15.93
N VAL A 98 0.74 -3.47 -17.10
CA VAL A 98 2.13 -3.92 -17.19
C VAL A 98 3.09 -2.75 -17.09
N MET A 99 4.02 -2.83 -16.15
CA MET A 99 4.99 -1.76 -15.94
C MET A 99 6.35 -2.10 -16.54
N GLU A 100 7.18 -1.07 -16.69
CA GLU A 100 8.54 -1.20 -17.21
C GLU A 100 9.49 -0.54 -16.24
N ILE A 101 10.23 -1.36 -15.53
CA ILE A 101 11.14 -0.87 -14.51
C ILE A 101 12.60 -1.16 -14.81
N LYS A 102 13.46 -0.34 -14.23
CA LYS A 102 14.90 -0.48 -14.39
C LYS A 102 15.54 -0.78 -13.04
N LEU A 103 16.19 -1.93 -12.93
CA LEU A 103 16.80 -2.33 -11.67
C LEU A 103 18.32 -2.44 -11.81
N ILE A 104 19.03 -1.63 -11.05
CA ILE A 104 20.46 -1.62 -11.09
C ILE A 104 21.05 -2.45 -9.95
N LYS A 105 22.16 -3.13 -10.22
CA LYS A 105 22.82 -3.97 -9.22
C LYS A 105 23.55 -3.11 -8.19
N GLY A 106 23.85 -3.72 -7.05
CA GLY A 106 24.55 -3.01 -6.00
C GLY A 106 25.71 -3.81 -5.45
N PRO A 107 26.31 -3.38 -4.32
CA PRO A 107 27.44 -4.09 -3.73
C PRO A 107 27.01 -5.37 -3.04
N LYS A 108 25.88 -5.33 -2.36
CA LYS A 108 25.37 -6.51 -1.69
C LYS A 108 24.38 -7.24 -2.59
N GLY A 109 24.48 -6.97 -3.89
CA GLY A 109 23.59 -7.61 -4.83
C GLY A 109 22.54 -6.65 -5.32
N LEU A 110 21.33 -7.14 -5.52
CA LEU A 110 20.25 -6.28 -5.98
C LEU A 110 19.56 -5.60 -4.79
N GLY A 111 19.70 -6.19 -3.61
CA GLY A 111 19.08 -5.63 -2.42
C GLY A 111 17.58 -5.86 -2.37
N PHE A 112 17.17 -7.11 -2.56
CA PHE A 112 15.76 -7.46 -2.53
C PHE A 112 15.55 -8.97 -2.68
N SER A 113 14.51 -9.49 -2.05
CA SER A 113 14.20 -10.91 -2.12
C SER A 113 12.99 -11.16 -3.01
N ILE A 114 13.20 -11.87 -4.10
CA ILE A 114 12.12 -12.18 -5.03
C ILE A 114 11.86 -13.68 -5.08
N ALA A 115 10.81 -14.07 -5.79
CA ALA A 115 10.45 -15.47 -5.91
C ALA A 115 10.95 -16.08 -7.22
N GLY A 116 10.60 -17.34 -7.44
CA GLY A 116 11.01 -18.04 -8.64
C GLY A 116 9.93 -18.98 -9.16
N GLY A 117 9.89 -19.16 -10.47
CA GLY A 117 8.89 -20.03 -11.07
C GLY A 117 8.77 -21.37 -10.37
N VAL A 118 9.49 -22.37 -10.89
CA VAL A 118 9.46 -23.71 -10.31
C VAL A 118 10.50 -23.85 -9.20
N GLY A 119 10.19 -24.68 -8.20
CA GLY A 119 11.11 -24.88 -7.09
C GLY A 119 10.81 -23.96 -5.93
N ASN A 120 10.12 -22.85 -6.20
CA ASN A 120 9.77 -21.89 -5.18
C ASN A 120 8.86 -20.80 -5.77
N GLN A 121 7.64 -21.18 -6.10
CA GLN A 121 6.68 -20.25 -6.67
C GLN A 121 6.41 -19.09 -5.73
N HIS A 122 6.71 -19.27 -4.45
CA HIS A 122 6.49 -18.23 -3.44
C HIS A 122 5.01 -18.07 -3.15
N ILE A 123 4.26 -17.88 -4.20
CA ILE A 123 2.81 -17.71 -4.12
C ILE A 123 2.09 -19.04 -4.28
N PRO A 124 1.01 -19.28 -3.52
CA PRO A 124 0.23 -20.51 -3.60
C PRO A 124 -0.24 -20.82 -5.02
N GLY A 125 0.64 -21.42 -5.82
CA GLY A 125 0.30 -21.75 -7.18
C GLY A 125 0.41 -20.56 -8.12
N ASP A 126 1.62 -20.02 -8.26
CA ASP A 126 1.85 -18.88 -9.14
C ASP A 126 3.33 -18.77 -9.50
N ASN A 127 3.70 -19.36 -10.63
CA ASN A 127 5.08 -19.34 -11.10
C ASN A 127 5.60 -17.90 -11.23
N SER A 128 4.66 -16.95 -11.37
CA SER A 128 5.03 -15.55 -11.51
C SER A 128 5.92 -15.10 -10.34
N ILE A 129 7.10 -14.60 -10.67
CA ILE A 129 8.04 -14.15 -9.65
C ILE A 129 7.59 -12.85 -8.99
N TYR A 130 7.34 -12.93 -7.69
CA TYR A 130 6.91 -11.77 -6.92
C TYR A 130 8.00 -11.35 -5.94
N VAL A 131 8.01 -10.07 -5.58
CA VAL A 131 8.98 -9.56 -4.62
C VAL A 131 8.42 -9.67 -3.21
N THR A 132 9.23 -10.15 -2.27
CA THR A 132 8.76 -10.31 -0.90
C THR A 132 9.50 -9.41 0.08
N LYS A 133 10.82 -9.35 -0.03
CA LYS A 133 11.62 -8.53 0.88
C LYS A 133 12.45 -7.50 0.12
N ILE A 134 12.40 -6.26 0.60
CA ILE A 134 13.15 -5.18 -0.02
C ILE A 134 13.81 -4.30 1.03
N ILE A 135 15.11 -4.07 0.89
CA ILE A 135 15.85 -3.25 1.84
C ILE A 135 15.54 -1.77 1.63
N GLU A 136 16.04 -0.92 2.51
CA GLU A 136 15.80 0.51 2.43
C GLU A 136 16.92 1.20 1.65
N GLY A 137 16.56 2.22 0.87
CA GLY A 137 17.54 2.94 0.08
C GLY A 137 18.39 2.02 -0.77
N GLY A 138 17.85 0.85 -1.10
CA GLY A 138 18.58 -0.10 -1.91
C GLY A 138 18.70 0.32 -3.36
N ALA A 139 18.91 -0.64 -4.25
CA ALA A 139 19.04 -0.37 -5.67
C ALA A 139 17.67 -0.28 -6.34
N ALA A 140 16.97 -1.41 -6.35
CA ALA A 140 15.64 -1.46 -6.96
C ALA A 140 14.61 -0.70 -6.14
N HIS A 141 14.81 -0.67 -4.84
CA HIS A 141 13.89 0.05 -3.95
C HIS A 141 13.76 1.50 -4.39
N LYS A 142 14.89 2.19 -4.42
CA LYS A 142 14.93 3.58 -4.82
C LYS A 142 14.72 3.77 -6.32
N ASP A 143 15.43 2.97 -7.12
CA ASP A 143 15.34 3.07 -8.58
C ASP A 143 14.12 2.34 -9.11
N GLY A 144 14.06 1.04 -8.85
CA GLY A 144 12.96 0.23 -9.32
C GLY A 144 11.61 0.68 -8.77
N ARG A 145 11.59 1.13 -7.52
CA ARG A 145 10.36 1.58 -6.89
C ARG A 145 9.34 0.43 -6.81
N LEU A 146 9.84 -0.79 -6.90
CA LEU A 146 8.99 -1.98 -6.84
C LEU A 146 8.97 -2.56 -5.44
N GLN A 147 8.15 -1.96 -4.57
CA GLN A 147 8.05 -2.42 -3.19
C GLN A 147 7.44 -3.82 -3.13
N ILE A 148 7.36 -4.39 -1.94
CA ILE A 148 6.80 -5.72 -1.76
C ILE A 148 5.48 -5.88 -2.50
N GLY A 149 5.39 -6.93 -3.28
CA GLY A 149 4.19 -7.20 -4.05
C GLY A 149 4.43 -7.15 -5.54
N ASP A 150 5.47 -6.41 -5.96
CA ASP A 150 5.79 -6.30 -7.37
C ASP A 150 6.20 -7.66 -7.95
N LYS A 151 5.64 -8.00 -9.10
CA LYS A 151 5.94 -9.26 -9.76
C LYS A 151 6.48 -9.04 -11.17
N ILE A 152 7.60 -9.67 -11.47
CA ILE A 152 8.21 -9.54 -12.79
C ILE A 152 7.96 -10.78 -13.63
N LEU A 153 7.63 -10.57 -14.90
CA LEU A 153 7.37 -11.67 -15.81
C LEU A 153 8.60 -11.95 -16.68
N ALA A 154 9.65 -11.14 -16.51
CA ALA A 154 10.88 -11.29 -17.29
C ALA A 154 11.76 -10.05 -17.17
N VAL A 155 13.07 -10.26 -17.23
CA VAL A 155 14.03 -9.16 -17.15
C VAL A 155 14.53 -8.83 -18.55
N ASN A 156 13.96 -7.79 -19.15
CA ASN A 156 14.32 -7.38 -20.51
C ASN A 156 13.85 -8.42 -21.51
N SER A 157 14.32 -9.65 -21.32
CA SER A 157 13.94 -10.76 -22.17
C SER A 157 14.28 -12.10 -21.51
N VAL A 158 14.32 -12.09 -20.18
CA VAL A 158 14.64 -13.30 -19.42
C VAL A 158 13.37 -14.07 -19.05
N GLY A 159 13.55 -15.36 -18.82
CA GLY A 159 12.45 -16.23 -18.47
C GLY A 159 12.39 -16.47 -16.98
N LEU A 160 11.95 -15.46 -16.25
CA LEU A 160 11.84 -15.53 -14.79
C LEU A 160 10.70 -16.45 -14.36
N GLU A 161 10.35 -17.38 -15.23
CA GLU A 161 9.29 -18.33 -14.94
C GLU A 161 9.15 -19.35 -16.06
N ASP A 162 10.24 -20.03 -16.36
CA ASP A 162 10.27 -21.04 -17.40
C ASP A 162 11.47 -21.96 -17.22
N VAL A 163 11.91 -22.11 -15.98
CA VAL A 163 13.06 -22.96 -15.67
C VAL A 163 12.98 -23.48 -14.23
N MET A 164 13.31 -22.62 -13.29
CA MET A 164 13.29 -22.96 -11.88
C MET A 164 13.88 -21.81 -11.07
N HIS A 165 13.65 -21.82 -9.77
CA HIS A 165 14.17 -20.76 -8.90
C HIS A 165 15.68 -20.61 -9.10
N GLU A 166 16.34 -21.71 -9.44
CA GLU A 166 17.78 -21.72 -9.66
C GLU A 166 18.17 -21.03 -10.96
N ASP A 167 17.46 -21.35 -12.04
CA ASP A 167 17.76 -20.76 -13.34
C ASP A 167 17.32 -19.30 -13.38
N ALA A 168 16.20 -19.01 -12.72
CA ALA A 168 15.68 -17.66 -12.66
C ALA A 168 16.58 -16.80 -11.79
N VAL A 169 17.13 -17.41 -10.75
CA VAL A 169 18.02 -16.70 -9.84
C VAL A 169 19.38 -16.48 -10.49
N ALA A 170 19.85 -17.50 -11.22
CA ALA A 170 21.13 -17.42 -11.90
C ALA A 170 21.05 -16.46 -13.08
N ALA A 171 19.88 -16.40 -13.70
CA ALA A 171 19.66 -15.52 -14.85
C ALA A 171 19.47 -14.08 -14.42
N LEU A 172 18.95 -13.89 -13.20
CA LEU A 172 18.75 -12.56 -12.66
C LEU A 172 20.06 -12.02 -12.11
N LYS A 173 20.82 -12.91 -11.51
CA LYS A 173 22.13 -12.56 -10.96
C LYS A 173 23.12 -12.36 -12.09
N ASN A 174 22.88 -13.03 -13.21
CA ASN A 174 23.75 -12.91 -14.37
C ASN A 174 23.53 -11.59 -15.10
N THR A 175 22.44 -10.90 -14.77
CA THR A 175 22.12 -9.62 -15.39
C THR A 175 23.27 -8.64 -15.26
N TYR A 176 23.03 -7.39 -15.66
CA TYR A 176 24.04 -6.35 -15.60
C TYR A 176 23.72 -5.34 -14.49
N ASP A 177 24.68 -4.47 -14.20
CA ASP A 177 24.53 -3.45 -13.17
C ASP A 177 23.29 -2.58 -13.37
N VAL A 178 22.73 -2.60 -14.57
CA VAL A 178 21.55 -1.82 -14.88
C VAL A 178 20.69 -2.54 -15.92
N VAL A 179 19.73 -3.32 -15.44
CA VAL A 179 18.86 -4.09 -16.34
C VAL A 179 17.40 -3.67 -16.20
N TYR A 180 16.66 -3.77 -17.31
CA TYR A 180 15.25 -3.43 -17.33
C TYR A 180 14.40 -4.67 -17.12
N LEU A 181 13.44 -4.58 -16.21
CA LEU A 181 12.57 -5.73 -15.92
C LEU A 181 11.12 -5.40 -16.23
N LYS A 182 10.38 -6.40 -16.67
CA LYS A 182 8.97 -6.23 -17.00
C LYS A 182 8.11 -6.65 -15.82
N VAL A 183 7.51 -5.65 -15.16
CA VAL A 183 6.67 -5.91 -14.00
C VAL A 183 5.20 -5.82 -14.36
N ALA A 184 4.36 -6.46 -13.56
CA ALA A 184 2.91 -6.45 -13.80
C ALA A 184 2.14 -6.35 -12.49
N LYS A 185 0.94 -5.81 -12.56
CA LYS A 185 0.09 -5.67 -11.39
C LYS A 185 -1.26 -6.35 -11.62
N PRO A 186 -1.81 -7.00 -10.57
CA PRO A 186 -3.09 -7.71 -10.67
C PRO A 186 -4.25 -6.79 -11.04
N SER A 187 -4.60 -6.76 -12.33
CA SER A 187 -5.69 -5.94 -12.81
C SER A 187 -7.03 -6.43 -12.28
N ASN A 188 -7.96 -5.51 -12.09
CA ASN A 188 -9.29 -5.84 -11.59
C ASN A 188 -9.21 -6.78 -10.39
N ALA A 189 -8.12 -6.66 -9.63
CA ALA A 189 -7.92 -7.49 -8.45
C ALA A 189 -7.87 -8.97 -8.83
N GLN B 1 -1.99 1.97 27.16
CA GLN B 1 -0.55 2.17 27.47
C GLN B 1 0.34 1.75 26.30
N VAL B 2 -0.19 0.89 25.44
CA VAL B 2 0.57 0.42 24.29
C VAL B 2 0.37 1.33 23.08
N VAL B 3 0.57 2.63 23.29
CA VAL B 3 0.42 3.61 22.23
C VAL B 3 -0.98 3.55 21.61
N PRO B 4 -2.02 3.87 22.39
CA PRO B 4 -3.41 3.85 21.92
C PRO B 4 -3.69 4.97 20.92
N PHE B 5 -3.53 4.67 19.63
CA PHE B 5 -3.77 5.65 18.59
C PHE B 5 -4.90 5.20 17.67
N SER B 6 -6.14 5.44 18.10
CA SER B 6 -7.30 5.06 17.31
C SER B 6 -8.56 5.76 17.83
N SER B 7 -8.80 6.97 17.34
CA SER B 7 -9.96 7.76 17.76
C SER B 7 -11.24 7.16 17.20
N SER B 8 -12.00 6.48 18.05
CA SER B 8 -13.26 5.86 17.64
C SER B 8 -14.44 6.80 17.89
N VAL B 9 -15.03 7.30 16.81
CA VAL B 9 -16.16 8.21 16.91
C VAL B 9 -17.29 7.78 15.97
N GLN C 1 17.00 -32.82 1.56
CA GLN C 1 17.15 -31.71 0.59
C GLN C 1 16.51 -30.43 1.12
N VAL C 2 17.34 -29.51 1.58
CA VAL C 2 16.86 -28.24 2.11
C VAL C 2 16.31 -27.34 0.99
N VAL C 3 15.16 -26.73 1.24
CA VAL C 3 14.53 -25.85 0.27
C VAL C 3 14.50 -24.41 0.77
N PRO C 4 15.53 -23.61 0.44
CA PRO C 4 15.61 -22.21 0.86
C PRO C 4 14.33 -21.43 0.53
N PHE C 5 13.85 -20.68 1.52
CA PHE C 5 12.63 -19.90 1.34
C PHE C 5 12.94 -18.58 0.62
N SER C 6 12.34 -18.40 -0.56
CA SER C 6 12.54 -17.19 -1.33
C SER C 6 14.02 -17.00 -1.68
N SER C 7 14.29 -16.16 -2.66
CA SER C 7 15.66 -15.90 -3.10
C SER C 7 16.06 -14.46 -2.80
N SER C 8 16.97 -14.29 -1.84
CA SER C 8 17.43 -12.96 -1.45
C SER C 8 18.71 -12.60 -2.19
N VAL C 9 18.64 -11.56 -3.02
CA VAL C 9 19.79 -11.11 -3.79
C VAL C 9 20.03 -9.61 -3.59
N MET A 1 -11.82 -0.48 -4.41
CA MET A 1 -12.15 0.61 -3.45
C MET A 1 -13.62 1.00 -3.52
N GLU A 2 -14.26 1.09 -2.37
CA GLU A 2 -15.67 1.44 -2.31
C GLU A 2 -15.86 2.92 -1.96
N TYR A 3 -17.07 3.43 -2.20
CA TYR A 3 -17.39 4.83 -1.93
C TYR A 3 -18.90 5.02 -1.82
N GLU A 4 -19.31 6.05 -1.07
CA GLU A 4 -20.73 6.34 -0.89
C GLU A 4 -20.93 7.56 0.00
N GLU A 5 -22.09 8.21 -0.14
CA GLU A 5 -22.40 9.38 0.67
C GLU A 5 -22.72 8.96 2.10
N ILE A 6 -22.60 9.90 3.04
CA ILE A 6 -22.87 9.60 4.44
C ILE A 6 -23.32 10.84 5.21
N THR A 7 -24.26 10.62 6.13
CA THR A 7 -24.79 11.68 6.97
C THR A 7 -24.58 11.34 8.43
N LEU A 8 -23.83 12.18 9.12
CA LEU A 8 -23.56 11.96 10.53
C LEU A 8 -23.96 13.18 11.34
N GLU A 9 -25.17 13.14 11.84
CA GLU A 9 -25.72 14.23 12.64
C GLU A 9 -25.18 14.17 14.06
N ARG A 10 -25.35 15.27 14.80
CA ARG A 10 -24.89 15.35 16.18
C ARG A 10 -25.76 14.49 17.09
N GLY A 11 -25.33 13.25 17.32
CA GLY A 11 -26.08 12.37 18.19
C GLY A 11 -26.40 13.02 19.52
N ASN A 12 -25.56 13.99 19.90
CA ASN A 12 -25.74 14.72 21.15
C ASN A 12 -24.73 15.86 21.23
N SER A 13 -23.54 15.55 21.72
CA SER A 13 -22.48 16.56 21.85
C SER A 13 -21.36 16.32 20.84
N GLY A 14 -21.69 15.77 19.68
CA GLY A 14 -20.67 15.51 18.68
C GLY A 14 -20.94 14.24 17.92
N LEU A 15 -20.09 13.96 16.95
CA LEU A 15 -20.22 12.77 16.12
C LEU A 15 -19.59 11.56 16.79
N GLY A 16 -18.41 11.76 17.35
CA GLY A 16 -17.73 10.68 18.05
C GLY A 16 -16.75 9.91 17.17
N PHE A 17 -15.63 10.52 16.83
CA PHE A 17 -14.60 9.88 16.02
C PHE A 17 -13.29 10.63 16.09
N SER A 18 -12.18 9.93 15.85
CA SER A 18 -10.87 10.55 15.89
C SER A 18 -10.22 10.59 14.51
N ILE A 19 -9.79 11.78 14.09
CA ILE A 19 -9.15 11.95 12.80
C ILE A 19 -7.65 12.16 12.97
N ALA A 20 -6.91 12.01 11.87
CA ALA A 20 -5.45 12.18 11.90
C ALA A 20 -4.88 12.24 10.50
N GLY A 21 -3.89 13.10 10.31
CA GLY A 21 -3.26 13.23 9.01
C GLY A 21 -3.00 14.68 8.64
N GLY A 22 -3.48 15.06 7.46
CA GLY A 22 -3.29 16.42 6.99
C GLY A 22 -2.47 16.50 5.72
N THR A 23 -3.00 17.21 4.72
CA THR A 23 -2.32 17.35 3.45
C THR A 23 -0.86 17.79 3.62
N ASP A 24 -0.57 18.45 4.73
CA ASP A 24 0.79 18.91 5.00
C ASP A 24 1.57 17.87 5.81
N ASN A 25 0.90 17.27 6.79
CA ASN A 25 1.53 16.26 7.62
C ASN A 25 0.75 14.95 7.59
N PRO A 26 0.90 14.17 6.50
CA PRO A 26 0.21 12.89 6.35
C PRO A 26 0.37 11.99 7.57
N HIS A 27 -0.73 11.39 8.00
CA HIS A 27 -0.71 10.50 9.16
C HIS A 27 0.06 9.21 8.86
N ILE A 28 0.20 8.89 7.58
CA ILE A 28 0.93 7.69 7.17
C ILE A 28 2.22 8.05 6.47
N GLY A 29 2.22 9.17 5.76
CA GLY A 29 3.41 9.61 5.05
C GLY A 29 3.37 9.25 3.58
N ASP A 30 2.17 9.16 3.03
CA ASP A 30 1.99 8.82 1.62
C ASP A 30 0.52 8.87 1.23
N ASP A 31 -0.21 9.82 1.80
CA ASP A 31 -1.62 9.98 1.51
C ASP A 31 -2.12 11.36 1.93
N PRO A 32 -2.16 12.32 0.99
CA PRO A 32 -2.62 13.69 1.28
C PRO A 32 -4.02 13.71 1.88
N SER A 33 -4.79 12.65 1.62
CA SER A 33 -6.15 12.55 2.15
C SER A 33 -6.12 12.23 3.64
N ILE A 34 -7.21 12.52 4.32
CA ILE A 34 -7.32 12.26 5.76
C ILE A 34 -8.19 11.04 6.03
N PHE A 35 -7.91 10.35 7.13
CA PHE A 35 -8.67 9.16 7.52
C PHE A 35 -8.85 9.11 9.03
N ILE A 36 -9.99 8.60 9.47
CA ILE A 36 -10.28 8.48 10.89
C ILE A 36 -9.48 7.33 11.51
N THR A 37 -9.09 7.48 12.76
CA THR A 37 -8.32 6.45 13.44
C THR A 37 -9.21 5.54 14.28
N LYS A 38 -10.12 6.13 15.05
CA LYS A 38 -11.01 5.35 15.90
C LYS A 38 -12.31 6.11 16.19
N ILE A 39 -13.35 5.37 16.55
CA ILE A 39 -14.65 5.95 16.86
C ILE A 39 -14.96 5.82 18.34
N ILE A 40 -15.58 6.85 18.89
CA ILE A 40 -15.94 6.86 20.30
C ILE A 40 -17.28 6.17 20.53
N PRO A 41 -17.30 5.07 21.30
CA PRO A 41 -18.53 4.33 21.59
C PRO A 41 -19.56 5.18 22.32
N GLY A 42 -20.24 6.06 21.57
CA GLY A 42 -21.24 6.93 22.15
C GLY A 42 -21.77 7.93 21.16
N GLY A 43 -20.87 8.57 20.42
CA GLY A 43 -21.28 9.56 19.44
C GLY A 43 -22.25 9.00 18.41
N ALA A 44 -22.64 9.83 17.46
CA ALA A 44 -23.57 9.40 16.42
C ALA A 44 -22.88 8.53 15.37
N ALA A 45 -21.57 8.75 15.18
CA ALA A 45 -20.81 7.98 14.21
C ALA A 45 -20.93 6.49 14.49
N ALA A 46 -20.82 6.13 15.76
CA ALA A 46 -20.94 4.74 16.18
C ALA A 46 -22.36 4.22 16.02
N GLN A 47 -23.32 5.14 16.10
CA GLN A 47 -24.72 4.80 15.97
C GLN A 47 -25.02 4.46 14.52
N ASP A 48 -24.45 5.24 13.61
CA ASP A 48 -24.64 5.01 12.20
C ASP A 48 -23.63 3.99 11.68
N GLY A 49 -22.50 3.90 12.37
CA GLY A 49 -21.45 2.98 11.97
C GLY A 49 -20.38 3.68 11.18
N ARG A 50 -20.83 4.60 10.32
CA ARG A 50 -19.93 5.37 9.47
C ARG A 50 -18.73 4.54 9.02
N LEU A 51 -19.02 3.26 8.77
CA LEU A 51 -18.01 2.30 8.31
C LEU A 51 -16.68 2.46 9.05
N ARG A 52 -15.61 1.90 8.48
CA ARG A 52 -14.28 1.95 9.09
C ARG A 52 -13.75 3.37 9.15
N VAL A 53 -12.99 3.64 10.21
CA VAL A 53 -12.41 4.95 10.42
C VAL A 53 -11.29 5.23 9.42
N ASN A 54 -10.55 4.19 9.08
CA ASN A 54 -9.43 4.29 8.13
C ASN A 54 -9.87 4.91 6.81
N ASP A 55 -11.18 4.97 6.56
CA ASP A 55 -11.68 5.55 5.32
C ASP A 55 -11.19 6.98 5.15
N SER A 56 -11.54 7.61 4.04
CA SER A 56 -11.13 8.98 3.78
C SER A 56 -12.28 9.81 3.21
N ILE A 57 -12.77 10.75 4.02
CA ILE A 57 -13.87 11.61 3.60
C ILE A 57 -13.49 12.40 2.34
N LEU A 58 -13.88 11.87 1.18
CA LEU A 58 -13.59 12.52 -0.07
C LEU A 58 -14.29 13.88 -0.16
N PHE A 59 -15.36 14.03 0.62
CA PHE A 59 -16.11 15.28 0.63
C PHE A 59 -16.89 15.45 1.95
N VAL A 60 -17.06 16.69 2.37
CA VAL A 60 -17.79 16.99 3.59
C VAL A 60 -18.62 18.27 3.44
N ASN A 61 -19.91 18.17 3.71
CA ASN A 61 -20.81 19.30 3.59
C ASN A 61 -20.58 20.06 2.29
N GLU A 62 -20.51 19.32 1.19
CA GLU A 62 -20.29 19.92 -0.13
C GLU A 62 -18.91 20.56 -0.21
N VAL A 63 -17.98 20.07 0.61
CA VAL A 63 -16.62 20.60 0.63
C VAL A 63 -15.61 19.51 0.30
N ASP A 64 -14.57 19.88 -0.46
CA ASP A 64 -13.53 18.94 -0.84
C ASP A 64 -12.41 18.90 0.19
N VAL A 65 -12.08 17.70 0.64
CA VAL A 65 -11.01 17.52 1.63
C VAL A 65 -10.23 16.24 1.37
N ARG A 66 -10.12 15.87 0.09
CA ARG A 66 -9.40 14.67 -0.31
C ARG A 66 -7.88 14.87 -0.23
N GLU A 67 -7.45 16.06 0.21
CA GLU A 67 -6.03 16.36 0.31
C GLU A 67 -5.85 17.71 0.99
N VAL A 68 -6.56 17.90 2.10
CA VAL A 68 -6.48 19.16 2.84
C VAL A 68 -5.79 18.98 4.19
N THR A 69 -4.98 19.96 4.55
CA THR A 69 -4.23 19.95 5.81
C THR A 69 -5.12 19.61 7.00
N HIS A 70 -4.50 19.20 8.08
CA HIS A 70 -5.20 18.84 9.31
C HIS A 70 -6.16 19.94 9.73
N SER A 71 -5.67 21.17 9.77
CA SER A 71 -6.50 22.31 10.15
C SER A 71 -7.79 22.35 9.35
N ALA A 72 -7.68 22.07 8.06
CA ALA A 72 -8.85 22.06 7.18
C ALA A 72 -9.85 21.01 7.63
N ALA A 73 -9.33 19.90 8.15
CA ALA A 73 -10.16 18.82 8.64
C ALA A 73 -10.84 19.25 9.92
N VAL A 74 -10.08 19.94 10.76
CA VAL A 74 -10.60 20.44 12.03
C VAL A 74 -11.70 21.46 11.76
N GLU A 75 -11.50 22.24 10.70
CA GLU A 75 -12.46 23.26 10.30
C GLU A 75 -13.74 22.62 9.76
N ALA A 76 -13.58 21.46 9.12
CA ALA A 76 -14.72 20.73 8.55
C ALA A 76 -15.58 20.16 9.67
N LEU A 77 -14.91 19.61 10.66
CA LEU A 77 -15.59 19.04 11.82
C LEU A 77 -16.06 20.16 12.73
N LYS A 78 -15.36 21.28 12.67
CA LYS A 78 -15.70 22.45 13.46
C LYS A 78 -16.95 23.08 12.89
N GLU A 79 -17.00 23.20 11.57
CA GLU A 79 -18.14 23.76 10.88
C GLU A 79 -18.98 22.65 10.28
N ALA A 80 -18.94 21.49 10.91
CA ALA A 80 -19.71 20.33 10.44
C ALA A 80 -21.18 20.46 10.78
N GLY A 81 -21.49 21.16 11.86
CA GLY A 81 -22.87 21.34 12.26
C GLY A 81 -23.42 20.14 13.01
N SER A 82 -24.74 19.94 12.93
CA SER A 82 -25.38 18.82 13.61
C SER A 82 -25.85 17.75 12.61
N ILE A 83 -25.51 17.94 11.34
CA ILE A 83 -25.88 17.00 10.28
C ILE A 83 -24.90 17.13 9.12
N VAL A 84 -23.87 16.29 9.12
CA VAL A 84 -22.85 16.36 8.09
C VAL A 84 -23.13 15.38 6.95
N ARG A 85 -23.47 15.92 5.79
CA ARG A 85 -23.71 15.12 4.60
C ARG A 85 -22.41 14.96 3.83
N LEU A 86 -21.48 14.22 4.41
CA LEU A 86 -20.17 14.01 3.81
C LEU A 86 -20.13 12.80 2.89
N TYR A 87 -19.21 12.85 1.93
CA TYR A 87 -19.01 11.77 0.99
C TYR A 87 -17.68 11.10 1.29
N VAL A 88 -17.73 9.81 1.60
CA VAL A 88 -16.51 9.09 1.95
C VAL A 88 -16.19 7.96 0.98
N MET A 89 -14.98 7.45 1.10
CA MET A 89 -14.51 6.35 0.26
C MET A 89 -13.54 5.47 1.04
N ARG A 90 -13.99 4.28 1.37
CA ARG A 90 -13.16 3.34 2.13
C ARG A 90 -12.67 2.19 1.25
N ARG A 91 -11.37 2.18 1.00
CA ARG A 91 -10.78 1.14 0.17
C ARG A 91 -10.72 -0.18 0.94
N LYS A 92 -10.90 -1.29 0.23
CA LYS A 92 -10.87 -2.60 0.85
C LYS A 92 -9.58 -3.36 0.50
N PRO A 93 -8.43 -2.93 1.06
CA PRO A 93 -7.15 -3.57 0.79
C PRO A 93 -6.99 -4.90 1.53
N PRO A 94 -6.37 -5.90 0.89
CA PRO A 94 -6.15 -7.22 1.51
C PRO A 94 -5.12 -7.17 2.63
N ALA A 95 -4.45 -8.29 2.89
CA ALA A 95 -3.44 -8.33 3.92
C ALA A 95 -2.05 -7.99 3.39
N GLU A 96 -2.03 -7.47 2.18
CA GLU A 96 -0.80 -7.06 1.52
C GLU A 96 -1.06 -6.72 0.05
N LYS A 97 0.00 -6.45 -0.70
CA LYS A 97 -0.14 -6.10 -2.11
C LYS A 97 1.22 -5.84 -2.75
N VAL A 98 1.29 -4.87 -3.67
CA VAL A 98 2.54 -4.55 -4.36
C VAL A 98 3.42 -3.62 -3.53
N MET A 99 4.73 -3.74 -3.74
CA MET A 99 5.71 -2.94 -3.02
C MET A 99 6.72 -2.30 -3.99
N GLU A 100 7.48 -1.35 -3.49
CA GLU A 100 8.49 -0.66 -4.28
C GLU A 100 9.84 -0.82 -3.61
N ILE A 101 10.68 -1.65 -4.20
CA ILE A 101 11.98 -1.94 -3.64
C ILE A 101 13.11 -1.55 -4.57
N LYS A 102 14.27 -1.31 -3.97
CA LYS A 102 15.47 -0.92 -4.72
C LYS A 102 16.51 -2.03 -4.68
N LEU A 103 16.99 -2.44 -5.86
CA LEU A 103 17.99 -3.48 -5.96
C LEU A 103 19.19 -3.00 -6.75
N ILE A 104 20.36 -2.97 -6.10
CA ILE A 104 21.57 -2.52 -6.74
C ILE A 104 22.43 -3.70 -7.18
N LYS A 105 23.11 -3.53 -8.31
CA LYS A 105 23.98 -4.57 -8.85
C LYS A 105 25.16 -4.82 -7.91
N GLY A 106 25.69 -6.04 -7.95
CA GLY A 106 26.82 -6.38 -7.11
C GLY A 106 27.91 -7.08 -7.88
N PRO A 107 29.17 -7.05 -7.40
CA PRO A 107 30.28 -7.70 -8.08
C PRO A 107 29.99 -9.16 -8.39
N LYS A 108 29.26 -9.81 -7.50
CA LYS A 108 28.90 -11.20 -7.70
C LYS A 108 27.52 -11.31 -8.33
N GLY A 109 27.08 -10.21 -8.92
CA GLY A 109 25.77 -10.19 -9.55
C GLY A 109 24.77 -9.45 -8.71
N LEU A 110 23.52 -9.86 -8.77
CA LEU A 110 22.48 -9.21 -7.99
C LEU A 110 22.39 -9.82 -6.59
N GLY A 111 22.94 -11.01 -6.42
CA GLY A 111 22.92 -11.67 -5.12
C GLY A 111 21.55 -12.20 -4.75
N PHE A 112 20.95 -12.97 -5.65
CA PHE A 112 19.63 -13.55 -5.41
C PHE A 112 19.20 -14.43 -6.59
N SER A 113 18.48 -15.51 -6.29
CA SER A 113 18.01 -16.41 -7.34
C SER A 113 16.50 -16.31 -7.50
N ILE A 114 16.07 -15.87 -8.68
CA ILE A 114 14.65 -15.74 -8.97
C ILE A 114 14.30 -16.47 -10.26
N ALA A 115 13.04 -16.89 -10.37
CA ALA A 115 12.61 -17.60 -11.57
C ALA A 115 11.13 -17.34 -11.88
N GLY A 116 10.87 -16.87 -13.09
CA GLY A 116 9.50 -16.59 -13.51
C GLY A 116 9.33 -16.67 -15.01
N GLY A 117 8.14 -16.33 -15.49
CA GLY A 117 7.89 -16.35 -16.92
C GLY A 117 6.92 -17.43 -17.36
N VAL A 118 6.69 -17.52 -18.65
CA VAL A 118 5.78 -18.51 -19.21
C VAL A 118 6.54 -19.65 -19.88
N GLY A 119 5.99 -20.87 -19.77
CA GLY A 119 6.63 -22.02 -20.39
C GLY A 119 7.52 -22.80 -19.44
N ASN A 120 7.97 -22.16 -18.37
CA ASN A 120 8.84 -22.82 -17.39
C ASN A 120 9.32 -21.82 -16.36
N GLN A 121 8.47 -21.51 -15.39
CA GLN A 121 8.81 -20.55 -14.35
C GLN A 121 9.14 -21.26 -13.05
N HIS A 122 9.46 -20.47 -12.03
CA HIS A 122 9.80 -21.00 -10.72
C HIS A 122 8.65 -21.84 -10.17
N ILE A 123 7.48 -21.24 -10.22
CA ILE A 123 6.26 -21.84 -9.73
C ILE A 123 5.41 -22.37 -10.90
N PRO A 124 5.42 -23.69 -11.12
CA PRO A 124 4.63 -24.31 -12.20
C PRO A 124 3.16 -23.90 -12.15
N GLY A 125 2.82 -22.84 -12.88
CA GLY A 125 1.45 -22.36 -12.91
C GLY A 125 1.31 -20.93 -12.42
N ASP A 126 2.40 -20.18 -12.45
CA ASP A 126 2.39 -18.80 -11.99
C ASP A 126 3.52 -18.00 -12.66
N ASN A 127 3.22 -17.40 -13.80
CA ASN A 127 4.21 -16.61 -14.53
C ASN A 127 4.90 -15.61 -13.61
N SER A 128 4.22 -15.21 -12.54
CA SER A 128 4.78 -14.25 -11.59
C SER A 128 6.14 -14.72 -11.08
N ILE A 129 7.17 -13.95 -11.39
CA ILE A 129 8.53 -14.29 -10.97
C ILE A 129 8.64 -14.32 -9.45
N TYR A 130 9.04 -15.48 -8.93
CA TYR A 130 9.20 -15.66 -7.49
C TYR A 130 10.66 -15.90 -7.16
N VAL A 131 11.05 -15.60 -5.92
CA VAL A 131 12.42 -15.80 -5.48
C VAL A 131 12.65 -17.25 -5.05
N THR A 132 13.90 -17.69 -5.12
CA THR A 132 14.24 -19.06 -4.74
C THR A 132 15.24 -19.09 -3.59
N LYS A 133 16.39 -18.46 -3.80
CA LYS A 133 17.42 -18.43 -2.78
C LYS A 133 18.23 -17.13 -2.86
N ILE A 134 18.71 -16.68 -1.71
CA ILE A 134 19.49 -15.46 -1.64
C ILE A 134 20.70 -15.62 -0.73
N ILE A 135 21.84 -15.08 -1.15
CA ILE A 135 23.07 -15.17 -0.37
C ILE A 135 23.06 -14.14 0.76
N GLU A 136 24.07 -14.21 1.62
CA GLU A 136 24.17 -13.28 2.74
C GLU A 136 25.00 -12.07 2.36
N GLY A 137 24.70 -10.93 2.97
CA GLY A 137 25.41 -9.71 2.68
C GLY A 137 25.39 -9.36 1.20
N GLY A 138 24.37 -9.84 0.50
CA GLY A 138 24.26 -9.55 -0.93
C GLY A 138 23.72 -8.16 -1.20
N ALA A 139 23.63 -7.82 -2.49
CA ALA A 139 23.14 -6.51 -2.89
C ALA A 139 21.66 -6.37 -2.60
N ALA A 140 20.86 -7.24 -3.21
CA ALA A 140 19.42 -7.22 -3.02
C ALA A 140 19.04 -7.68 -1.62
N HIS A 141 19.82 -8.58 -1.04
CA HIS A 141 19.56 -9.06 0.29
C HIS A 141 19.56 -7.91 1.30
N LYS A 142 20.57 -7.06 1.17
CA LYS A 142 20.71 -5.90 2.05
C LYS A 142 19.67 -4.83 1.72
N ASP A 143 19.67 -4.37 0.47
CA ASP A 143 18.75 -3.33 0.04
C ASP A 143 17.37 -3.89 -0.28
N GLY A 144 17.33 -4.82 -1.21
CA GLY A 144 16.06 -5.43 -1.60
C GLY A 144 15.27 -5.95 -0.43
N ARG A 145 15.92 -6.71 0.44
CA ARG A 145 15.26 -7.26 1.62
C ARG A 145 14.15 -8.23 1.21
N LEU A 146 14.19 -8.70 -0.03
CA LEU A 146 13.19 -9.64 -0.53
C LEU A 146 13.67 -11.07 -0.37
N GLN A 147 13.57 -11.59 0.85
CA GLN A 147 13.99 -12.95 1.15
C GLN A 147 13.17 -13.95 0.36
N ILE A 148 13.50 -15.23 0.50
CA ILE A 148 12.79 -16.29 -0.21
C ILE A 148 11.28 -16.11 -0.08
N GLY A 149 10.58 -16.27 -1.19
CA GLY A 149 9.14 -16.12 -1.20
C GLY A 149 8.69 -14.84 -1.90
N ASP A 150 9.54 -13.83 -1.89
CA ASP A 150 9.21 -12.55 -2.53
C ASP A 150 9.03 -12.74 -4.04
N LYS A 151 8.04 -12.06 -4.60
CA LYS A 151 7.76 -12.16 -6.03
C LYS A 151 7.76 -10.77 -6.68
N ILE A 152 8.46 -10.65 -7.79
CA ILE A 152 8.54 -9.38 -8.51
C ILE A 152 7.66 -9.41 -9.76
N LEU A 153 6.79 -8.42 -9.88
CA LEU A 153 5.87 -8.34 -11.00
C LEU A 153 6.42 -7.39 -12.08
N ALA A 154 7.59 -6.81 -11.83
CA ALA A 154 8.21 -5.88 -12.77
C ALA A 154 9.46 -5.24 -12.18
N VAL A 155 10.33 -4.76 -13.06
CA VAL A 155 11.57 -4.11 -12.64
C VAL A 155 11.59 -2.66 -13.11
N ASN A 156 11.26 -1.73 -12.21
CA ASN A 156 11.21 -0.31 -12.54
C ASN A 156 10.02 -0.04 -13.47
N SER A 157 10.03 -0.70 -14.60
CA SER A 157 8.96 -0.58 -15.59
C SER A 157 9.05 -1.71 -16.61
N VAL A 158 9.60 -2.84 -16.18
CA VAL A 158 9.75 -4.00 -17.06
C VAL A 158 8.69 -5.06 -16.77
N GLY A 159 8.41 -5.87 -17.78
CA GLY A 159 7.43 -6.93 -17.64
C GLY A 159 8.04 -8.29 -17.82
N LEU A 160 8.71 -8.76 -16.76
CA LEU A 160 9.37 -10.06 -16.79
C LEU A 160 8.39 -11.21 -16.64
N GLU A 161 7.14 -10.97 -17.01
CA GLU A 161 6.11 -11.99 -16.94
C GLU A 161 5.18 -11.91 -18.14
N ASP A 162 5.77 -11.66 -19.31
CA ASP A 162 5.00 -11.56 -20.54
C ASP A 162 5.84 -12.04 -21.72
N VAL A 163 6.77 -12.96 -21.44
CA VAL A 163 7.64 -13.50 -22.48
C VAL A 163 8.03 -14.94 -22.18
N MET A 164 8.96 -15.11 -21.24
CA MET A 164 9.44 -16.42 -20.85
C MET A 164 10.59 -16.26 -19.86
N HIS A 165 11.00 -17.36 -19.24
CA HIS A 165 12.08 -17.32 -18.28
C HIS A 165 13.33 -16.71 -18.89
N GLU A 166 13.49 -16.89 -20.20
CA GLU A 166 14.65 -16.36 -20.91
C GLU A 166 14.58 -14.86 -21.09
N ASP A 167 13.44 -14.35 -21.54
CA ASP A 167 13.28 -12.92 -21.75
C ASP A 167 13.22 -12.19 -20.43
N ALA A 168 12.59 -12.81 -19.44
CA ALA A 168 12.48 -12.22 -18.12
C ALA A 168 13.84 -12.22 -17.43
N VAL A 169 14.61 -13.28 -17.67
CA VAL A 169 15.92 -13.39 -17.06
C VAL A 169 16.90 -12.39 -17.67
N ALA A 170 16.81 -12.21 -18.98
CA ALA A 170 17.68 -11.28 -19.68
C ALA A 170 17.34 -9.85 -19.33
N ALA A 171 16.06 -9.58 -19.13
CA ALA A 171 15.60 -8.25 -18.79
C ALA A 171 15.88 -7.92 -17.32
N LEU A 172 15.96 -8.96 -16.49
CA LEU A 172 16.25 -8.78 -15.07
C LEU A 172 17.74 -8.58 -14.88
N LYS A 173 18.52 -9.30 -15.69
CA LYS A 173 19.97 -9.19 -15.65
C LYS A 173 20.39 -7.87 -16.27
N ASN A 174 19.56 -7.35 -17.16
CA ASN A 174 19.84 -6.10 -17.84
C ASN A 174 19.70 -4.91 -16.88
N THR A 175 19.16 -5.16 -15.69
CA THR A 175 18.96 -4.12 -14.69
C THR A 175 20.20 -3.24 -14.55
N TYR A 176 20.00 -2.04 -13.99
CA TYR A 176 21.09 -1.09 -13.81
C TYR A 176 21.70 -1.24 -12.41
N ASP A 177 22.85 -0.59 -12.21
CA ASP A 177 23.57 -0.65 -10.95
C ASP A 177 22.65 -0.41 -9.74
N VAL A 178 21.64 0.42 -9.92
CA VAL A 178 20.71 0.73 -8.85
C VAL A 178 19.31 1.02 -9.41
N VAL A 179 18.49 -0.02 -9.52
CA VAL A 179 17.15 0.13 -10.06
C VAL A 179 16.11 -0.38 -9.07
N TYR A 180 14.93 0.23 -9.11
CA TYR A 180 13.84 -0.16 -8.22
C TYR A 180 12.95 -1.19 -8.92
N LEU A 181 12.64 -2.26 -8.21
CA LEU A 181 11.79 -3.32 -8.76
C LEU A 181 10.45 -3.36 -8.05
N LYS A 182 9.44 -3.85 -8.74
CA LYS A 182 8.11 -3.95 -8.17
C LYS A 182 7.86 -5.34 -7.62
N VAL A 183 7.71 -5.42 -6.31
CA VAL A 183 7.45 -6.70 -5.65
C VAL A 183 5.97 -6.82 -5.30
N ALA A 184 5.50 -8.02 -5.01
CA ALA A 184 4.10 -8.21 -4.68
C ALA A 184 3.90 -9.29 -3.63
N LYS A 185 2.85 -9.13 -2.85
CA LYS A 185 2.51 -10.08 -1.80
C LYS A 185 1.18 -10.75 -2.13
N PRO A 186 1.01 -12.03 -1.75
CA PRO A 186 -0.22 -12.79 -2.03
C PRO A 186 -1.44 -12.30 -1.26
N SER A 187 -1.50 -11.00 -0.99
CA SER A 187 -2.64 -10.41 -0.28
C SER A 187 -3.05 -11.29 0.90
N ASN A 188 -4.25 -11.05 1.43
CA ASN A 188 -4.76 -11.80 2.57
C ASN A 188 -5.01 -13.26 2.19
N ALA A 189 -3.93 -13.97 1.86
CA ALA A 189 -4.05 -15.38 1.49
C ALA A 189 -2.66 -16.00 1.27
N GLN B 1 6.17 9.09 16.43
CA GLN B 1 5.01 8.32 16.96
C GLN B 1 5.09 8.20 18.48
N VAL B 2 5.20 9.34 19.16
CA VAL B 2 5.28 9.34 20.62
C VAL B 2 4.05 10.02 21.23
N VAL B 3 3.51 11.01 20.52
CA VAL B 3 2.34 11.74 21.00
C VAL B 3 1.18 11.60 20.03
N PRO B 4 -0.01 11.19 20.53
CA PRO B 4 -1.20 11.03 19.68
C PRO B 4 -1.82 12.36 19.28
N PHE B 5 -1.80 12.66 17.99
CA PHE B 5 -2.36 13.89 17.48
C PHE B 5 -3.73 13.67 16.87
N SER B 6 -4.48 12.72 17.42
CA SER B 6 -5.81 12.40 16.93
C SER B 6 -6.84 13.37 17.47
N SER B 7 -7.65 13.94 16.58
CA SER B 7 -8.68 14.90 16.97
C SER B 7 -10.02 14.20 17.19
N SER B 8 -10.41 14.07 18.46
CA SER B 8 -11.67 13.42 18.80
C SER B 8 -12.81 14.43 18.85
N VAL B 9 -13.79 14.23 17.99
CA VAL B 9 -14.94 15.13 17.93
C VAL B 9 -16.24 14.34 17.76
N GLN C 1 14.29 -30.29 -17.39
CA GLN C 1 14.94 -31.61 -17.59
C GLN C 1 14.86 -32.44 -16.31
N VAL C 2 15.02 -31.78 -15.17
CA VAL C 2 14.97 -32.46 -13.88
C VAL C 2 15.13 -31.47 -12.73
N VAL C 3 16.01 -30.50 -12.92
CA VAL C 3 16.26 -29.48 -11.91
C VAL C 3 15.38 -28.25 -12.11
N PRO C 4 15.14 -27.47 -11.05
CA PRO C 4 14.31 -26.27 -11.12
C PRO C 4 15.00 -25.11 -11.84
N PHE C 5 16.25 -25.32 -12.24
CA PHE C 5 17.02 -24.30 -12.94
C PHE C 5 17.28 -23.10 -12.03
N SER C 6 16.27 -22.26 -11.85
CA SER C 6 16.40 -21.08 -11.00
C SER C 6 17.45 -20.11 -11.57
N SER C 7 17.09 -18.84 -11.65
CA SER C 7 18.00 -17.83 -12.17
C SER C 7 18.82 -17.21 -11.05
N SER C 8 19.93 -17.85 -10.71
CA SER C 8 20.80 -17.36 -9.65
C SER C 8 21.80 -16.34 -10.19
N VAL C 9 21.73 -15.12 -9.67
CA VAL C 9 22.62 -14.05 -10.11
C VAL C 9 22.87 -13.06 -8.98
N MET A 1 -2.18 9.53 -4.37
CA MET A 1 -3.40 10.12 -3.74
C MET A 1 -4.64 9.31 -4.09
N GLU A 2 -5.41 8.94 -3.06
CA GLU A 2 -6.63 8.17 -3.26
C GLU A 2 -7.86 9.05 -3.13
N TYR A 3 -8.96 8.61 -3.73
CA TYR A 3 -10.21 9.36 -3.69
C TYR A 3 -11.39 8.46 -4.10
N GLU A 4 -12.42 8.42 -3.26
CA GLU A 4 -13.60 7.60 -3.56
C GLU A 4 -14.67 7.75 -2.50
N GLU A 5 -15.82 7.12 -2.74
CA GLU A 5 -16.94 7.17 -1.82
C GLU A 5 -16.91 5.98 -0.86
N ILE A 6 -17.41 6.18 0.35
CA ILE A 6 -17.43 5.12 1.35
C ILE A 6 -18.64 5.23 2.27
N THR A 7 -19.10 4.08 2.76
CA THR A 7 -20.24 4.02 3.67
C THR A 7 -19.82 3.52 5.02
N LEU A 8 -20.02 4.34 6.04
CA LEU A 8 -19.68 3.97 7.40
C LEU A 8 -20.91 4.03 8.28
N GLU A 9 -21.56 2.90 8.42
CA GLU A 9 -22.76 2.79 9.23
C GLU A 9 -22.42 2.78 10.72
N ARG A 10 -23.35 3.26 11.52
CA ARG A 10 -23.17 3.33 12.97
C ARG A 10 -23.23 1.93 13.58
N GLY A 11 -22.07 1.37 13.93
CA GLY A 11 -22.04 0.05 14.52
C GLY A 11 -23.03 -0.08 15.66
N ASN A 12 -23.34 1.06 16.29
CA ASN A 12 -24.29 1.11 17.39
C ASN A 12 -24.63 2.55 17.73
N SER A 13 -23.77 3.19 18.54
CA SER A 13 -23.98 4.57 18.93
C SER A 13 -22.98 5.52 18.27
N GLY A 14 -22.53 5.18 17.06
CA GLY A 14 -21.57 6.03 16.39
C GLY A 14 -20.60 5.24 15.54
N LEU A 15 -19.79 5.96 14.78
CA LEU A 15 -18.80 5.34 13.91
C LEU A 15 -17.53 5.00 14.67
N GLY A 16 -17.00 5.97 15.40
CA GLY A 16 -15.80 5.75 16.19
C GLY A 16 -14.54 6.29 15.54
N PHE A 17 -14.34 7.60 15.66
CA PHE A 17 -13.15 8.24 15.11
C PHE A 17 -12.96 9.64 15.70
N SER A 18 -11.75 10.15 15.63
CA SER A 18 -11.45 11.48 16.17
C SER A 18 -11.11 12.46 15.05
N ILE A 19 -11.81 13.59 15.03
CA ILE A 19 -11.58 14.61 14.02
C ILE A 19 -11.13 15.92 14.67
N ALA A 20 -10.73 16.88 13.85
CA ALA A 20 -10.27 18.17 14.36
C ALA A 20 -10.03 19.16 13.22
N GLY A 21 -10.24 20.43 13.51
CA GLY A 21 -10.06 21.47 12.51
C GLY A 21 -11.35 22.19 12.18
N GLY A 22 -11.75 22.14 10.92
CA GLY A 22 -12.97 22.79 10.50
C GLY A 22 -12.72 24.07 9.72
N THR A 23 -13.59 24.35 8.75
CA THR A 23 -13.47 25.54 7.93
C THR A 23 -13.30 26.80 8.78
N ASP A 24 -13.78 26.75 10.03
CA ASP A 24 -13.68 27.89 10.93
C ASP A 24 -12.34 27.88 11.68
N ASN A 25 -11.99 26.73 12.23
CA ASN A 25 -10.76 26.59 12.99
C ASN A 25 -9.89 25.46 12.42
N PRO A 26 -9.15 25.74 11.33
CA PRO A 26 -8.28 24.74 10.70
C PRO A 26 -7.34 24.06 11.70
N HIS A 27 -7.36 22.74 11.71
CA HIS A 27 -6.51 21.96 12.63
C HIS A 27 -5.05 22.11 12.26
N ILE A 28 -4.78 22.54 11.02
CA ILE A 28 -3.42 22.72 10.55
C ILE A 28 -3.11 24.19 10.27
N GLY A 29 -4.15 24.96 9.97
CA GLY A 29 -3.97 26.37 9.68
C GLY A 29 -3.62 26.64 8.24
N ASP A 30 -4.10 25.78 7.35
CA ASP A 30 -3.83 25.92 5.92
C ASP A 30 -4.65 24.92 5.11
N ASP A 31 -5.85 24.62 5.57
CA ASP A 31 -6.72 23.66 4.89
C ASP A 31 -8.14 23.71 5.45
N PRO A 32 -9.11 24.20 4.66
CA PRO A 32 -10.50 24.30 5.09
C PRO A 32 -11.12 22.93 5.34
N SER A 33 -10.63 21.93 4.62
CA SER A 33 -11.14 20.57 4.77
C SER A 33 -10.68 19.96 6.09
N ILE A 34 -11.55 19.15 6.69
CA ILE A 34 -11.23 18.50 7.96
C ILE A 34 -10.66 17.11 7.73
N PHE A 35 -9.91 16.63 8.73
CA PHE A 35 -9.30 15.31 8.66
C PHE A 35 -9.35 14.62 10.02
N ILE A 36 -9.35 13.29 9.99
CA ILE A 36 -9.39 12.51 11.22
C ILE A 36 -7.98 12.34 11.79
N THR A 37 -7.89 12.21 13.11
CA THR A 37 -6.59 12.05 13.76
C THR A 37 -6.33 10.58 14.10
N LYS A 38 -7.33 9.94 14.69
CA LYS A 38 -7.21 8.53 15.06
C LYS A 38 -8.58 7.87 15.18
N ILE A 39 -8.60 6.54 15.01
CA ILE A 39 -9.82 5.77 15.09
C ILE A 39 -9.81 4.85 16.30
N ILE A 40 -10.96 4.72 16.94
CA ILE A 40 -11.09 3.86 18.12
C ILE A 40 -11.34 2.41 17.71
N PRO A 41 -10.63 1.45 18.33
CA PRO A 41 -10.80 0.03 18.02
C PRO A 41 -12.09 -0.55 18.60
N GLY A 42 -13.22 0.01 18.16
CA GLY A 42 -14.50 -0.46 18.65
C GLY A 42 -15.65 -0.02 17.76
N GLY A 43 -15.66 1.26 17.40
CA GLY A 43 -16.72 1.78 16.55
C GLY A 43 -16.70 1.17 15.17
N ALA A 44 -17.76 1.42 14.40
CA ALA A 44 -17.88 0.89 13.05
C ALA A 44 -16.76 1.41 12.15
N ALA A 45 -16.22 2.58 12.48
CA ALA A 45 -15.15 3.18 11.70
C ALA A 45 -13.94 2.26 11.64
N ALA A 46 -13.41 1.91 12.81
CA ALA A 46 -12.25 1.03 12.91
C ALA A 46 -12.57 -0.36 12.35
N GLN A 47 -13.85 -0.73 12.43
CA GLN A 47 -14.30 -2.02 11.94
C GLN A 47 -14.29 -2.00 10.42
N ASP A 48 -14.74 -0.89 9.87
CA ASP A 48 -14.77 -0.71 8.43
C ASP A 48 -13.35 -0.51 7.92
N GLY A 49 -12.53 0.14 8.75
CA GLY A 49 -11.14 0.39 8.41
C GLY A 49 -10.88 0.54 6.91
N ARG A 50 -11.80 1.19 6.21
CA ARG A 50 -11.67 1.38 4.77
C ARG A 50 -11.12 2.75 4.44
N LEU A 51 -10.33 3.32 5.35
CA LEU A 51 -9.75 4.64 5.15
C LEU A 51 -8.82 5.01 6.30
N ARG A 52 -8.00 6.03 6.08
CA ARG A 52 -7.07 6.50 7.09
C ARG A 52 -7.62 7.73 7.81
N VAL A 53 -7.03 8.05 8.96
CA VAL A 53 -7.47 9.20 9.74
C VAL A 53 -7.10 10.52 9.07
N ASN A 54 -5.86 10.62 8.63
CA ASN A 54 -5.36 11.84 7.99
C ASN A 54 -6.15 12.20 6.73
N ASP A 55 -7.10 11.35 6.33
CA ASP A 55 -7.91 11.63 5.16
C ASP A 55 -8.73 12.91 5.34
N SER A 56 -9.44 13.32 4.30
CA SER A 56 -10.24 14.53 4.36
C SER A 56 -11.55 14.35 3.61
N ILE A 57 -12.65 14.21 4.35
CA ILE A 57 -13.95 14.03 3.76
C ILE A 57 -14.27 15.17 2.78
N LEU A 58 -14.07 14.89 1.50
CA LEU A 58 -14.31 15.89 0.45
C LEU A 58 -15.81 16.15 0.28
N PHE A 59 -16.63 15.17 0.65
CA PHE A 59 -18.07 15.32 0.51
C PHE A 59 -18.83 14.27 1.33
N VAL A 60 -19.97 14.67 1.89
CA VAL A 60 -20.79 13.77 2.67
C VAL A 60 -22.01 13.33 1.87
N ASN A 61 -22.88 12.55 2.50
CA ASN A 61 -24.10 12.04 1.85
C ASN A 61 -24.51 12.90 0.65
N GLU A 62 -24.60 14.21 0.87
CA GLU A 62 -24.96 15.15 -0.19
C GLU A 62 -24.61 16.57 0.21
N VAL A 63 -23.60 16.71 1.07
CA VAL A 63 -23.16 18.02 1.54
C VAL A 63 -21.69 18.27 1.22
N ASP A 64 -21.37 19.50 0.86
CA ASP A 64 -19.99 19.87 0.55
C ASP A 64 -19.21 20.10 1.84
N VAL A 65 -18.69 19.02 2.41
CA VAL A 65 -17.94 19.09 3.66
C VAL A 65 -16.45 19.28 3.41
N ARG A 66 -16.10 19.86 2.27
CA ARG A 66 -14.70 20.09 1.93
C ARG A 66 -14.27 21.52 2.30
N GLU A 67 -15.15 22.22 3.02
CA GLU A 67 -14.88 23.59 3.45
C GLU A 67 -15.86 24.01 4.52
N VAL A 68 -16.22 23.07 5.40
CA VAL A 68 -17.17 23.35 6.46
C VAL A 68 -16.54 23.16 7.85
N THR A 69 -16.91 24.06 8.76
CA THR A 69 -16.40 24.03 10.14
C THR A 69 -16.54 22.64 10.75
N HIS A 70 -15.86 22.44 11.88
CA HIS A 70 -15.89 21.16 12.58
C HIS A 70 -17.32 20.80 12.99
N SER A 71 -18.01 21.74 13.60
CA SER A 71 -19.37 21.52 14.06
C SER A 71 -20.29 21.18 12.88
N ALA A 72 -20.04 21.82 11.75
CA ALA A 72 -20.84 21.59 10.55
C ALA A 72 -20.67 20.16 10.05
N ALA A 73 -19.45 19.65 10.16
CA ALA A 73 -19.15 18.29 9.73
C ALA A 73 -19.78 17.31 10.71
N VAL A 74 -19.65 17.62 11.99
CA VAL A 74 -20.21 16.79 13.02
C VAL A 74 -21.74 16.77 12.91
N GLU A 75 -22.29 17.90 12.53
CA GLU A 75 -23.73 18.04 12.37
C GLU A 75 -24.21 17.25 11.16
N ALA A 76 -23.37 17.17 10.13
CA ALA A 76 -23.69 16.43 8.92
C ALA A 76 -23.73 14.94 9.20
N LEU A 77 -22.76 14.48 9.96
CA LEU A 77 -22.67 13.09 10.34
C LEU A 77 -23.65 12.79 11.46
N LYS A 78 -23.96 13.84 12.22
CA LYS A 78 -24.90 13.72 13.31
C LYS A 78 -26.30 13.56 12.76
N GLU A 79 -26.58 14.31 11.69
CA GLU A 79 -27.87 14.24 11.04
C GLU A 79 -27.80 13.37 9.79
N ALA A 80 -26.86 12.44 9.80
CA ALA A 80 -26.67 11.53 8.67
C ALA A 80 -27.40 10.22 8.89
N GLY A 81 -27.73 9.92 10.15
CA GLY A 81 -28.43 8.69 10.47
C GLY A 81 -27.52 7.63 11.04
N SER A 82 -27.43 6.49 10.37
CA SER A 82 -26.58 5.39 10.81
C SER A 82 -25.81 4.77 9.65
N ILE A 83 -25.72 5.50 8.55
CA ILE A 83 -25.01 5.05 7.36
C ILE A 83 -24.53 6.25 6.55
N VAL A 84 -23.28 6.64 6.80
CA VAL A 84 -22.72 7.80 6.13
C VAL A 84 -22.02 7.44 4.83
N ARG A 85 -22.60 7.89 3.72
CA ARG A 85 -22.03 7.65 2.39
C ARG A 85 -21.30 8.91 1.93
N LEU A 86 -20.08 9.09 2.41
CA LEU A 86 -19.29 10.27 2.08
C LEU A 86 -18.12 9.94 1.18
N TYR A 87 -17.70 10.93 0.40
CA TYR A 87 -16.57 10.78 -0.50
C TYR A 87 -15.36 11.46 0.13
N VAL A 88 -14.35 10.67 0.47
CA VAL A 88 -13.16 11.20 1.10
C VAL A 88 -11.94 11.12 0.20
N MET A 89 -10.88 11.81 0.61
CA MET A 89 -9.63 11.82 -0.14
C MET A 89 -8.47 11.46 0.79
N ARG A 90 -7.91 10.28 0.60
CA ARG A 90 -6.81 9.82 1.44
C ARG A 90 -5.57 9.53 0.60
N ARG A 91 -4.42 10.03 1.05
CA ARG A 91 -3.17 9.83 0.36
C ARG A 91 -2.48 8.55 0.84
N LYS A 92 -1.95 7.78 -0.12
CA LYS A 92 -1.26 6.54 0.20
C LYS A 92 0.26 6.72 0.12
N PRO A 93 0.88 7.21 1.21
CA PRO A 93 2.33 7.43 1.25
C PRO A 93 3.13 6.14 1.13
N PRO A 94 3.80 5.92 -0.03
CA PRO A 94 4.59 4.74 -0.28
C PRO A 94 6.06 4.95 0.02
N ALA A 95 6.54 4.33 1.10
CA ALA A 95 7.93 4.46 1.50
C ALA A 95 8.84 3.47 0.79
N GLU A 96 8.42 3.02 -0.39
CA GLU A 96 9.20 2.07 -1.18
C GLU A 96 10.12 2.82 -2.14
N LYS A 97 10.91 2.08 -2.90
CA LYS A 97 11.83 2.68 -3.86
C LYS A 97 12.25 1.67 -4.92
N VAL A 98 12.35 2.14 -6.16
CA VAL A 98 12.76 1.28 -7.28
C VAL A 98 14.27 1.29 -7.44
N MET A 99 14.84 0.14 -7.78
CA MET A 99 16.28 0.03 -7.95
C MET A 99 16.63 -0.56 -9.32
N GLU A 100 17.90 -0.45 -9.69
CA GLU A 100 18.39 -0.97 -10.95
C GLU A 100 19.65 -1.79 -10.70
N ILE A 101 19.50 -3.10 -10.79
CA ILE A 101 20.60 -4.01 -10.50
C ILE A 101 21.00 -4.82 -11.73
N LYS A 102 22.25 -5.26 -11.71
CA LYS A 102 22.79 -6.06 -12.80
C LYS A 102 23.13 -7.47 -12.31
N LEU A 103 22.60 -8.47 -13.00
CA LEU A 103 22.83 -9.86 -12.64
C LEU A 103 23.33 -10.64 -13.84
N ILE A 104 24.54 -11.19 -13.73
CA ILE A 104 25.12 -11.95 -14.80
C ILE A 104 24.89 -13.45 -14.61
N LYS A 105 24.70 -14.15 -15.72
CA LYS A 105 24.45 -15.59 -15.68
C LYS A 105 25.74 -16.34 -15.33
N GLY A 106 25.58 -17.55 -14.80
CA GLY A 106 26.73 -18.35 -14.44
C GLY A 106 26.63 -19.77 -14.99
N PRO A 107 27.48 -20.70 -14.55
CA PRO A 107 27.46 -22.08 -15.02
C PRO A 107 26.31 -22.86 -14.42
N LYS A 108 26.03 -22.63 -13.15
CA LYS A 108 24.92 -23.31 -12.50
C LYS A 108 23.67 -22.46 -12.56
N GLY A 109 23.65 -21.52 -13.49
CA GLY A 109 22.51 -20.64 -13.65
C GLY A 109 22.81 -19.26 -13.15
N LEU A 110 21.83 -18.62 -12.54
CA LEU A 110 22.02 -17.27 -12.01
C LEU A 110 22.60 -17.31 -10.60
N GLY A 111 22.41 -18.44 -9.92
CA GLY A 111 22.92 -18.57 -8.57
C GLY A 111 22.04 -17.87 -7.53
N PHE A 112 20.76 -18.20 -7.53
CA PHE A 112 19.81 -17.61 -6.60
C PHE A 112 18.43 -18.22 -6.76
N SER A 113 17.67 -18.30 -5.67
CA SER A 113 16.32 -18.86 -5.71
C SER A 113 15.27 -17.77 -5.54
N ILE A 114 14.44 -17.60 -6.57
CA ILE A 114 13.38 -16.62 -6.54
C ILE A 114 12.02 -17.28 -6.76
N ALA A 115 10.95 -16.57 -6.41
CA ALA A 115 9.60 -17.13 -6.56
C ALA A 115 8.69 -16.26 -7.44
N GLY A 116 8.09 -16.89 -8.44
CA GLY A 116 7.19 -16.21 -9.35
C GLY A 116 5.79 -16.04 -8.78
N GLY A 117 5.07 -15.06 -9.28
CA GLY A 117 3.72 -14.80 -8.81
C GLY A 117 2.86 -16.04 -8.75
N VAL A 118 2.21 -16.35 -9.87
CA VAL A 118 1.34 -17.53 -9.95
C VAL A 118 2.06 -18.79 -9.52
N GLY A 119 1.39 -19.60 -8.70
CA GLY A 119 1.97 -20.84 -8.22
C GLY A 119 2.66 -20.69 -6.88
N ASN A 120 3.13 -19.47 -6.59
CA ASN A 120 3.82 -19.18 -5.33
C ASN A 120 4.54 -17.84 -5.42
N GLN A 121 3.78 -16.77 -5.18
CA GLN A 121 4.34 -15.42 -5.24
C GLN A 121 5.36 -15.18 -4.12
N HIS A 122 5.64 -16.20 -3.31
CA HIS A 122 6.58 -16.07 -2.20
C HIS A 122 5.94 -15.39 -1.01
N ILE A 123 5.50 -14.18 -1.26
CA ILE A 123 4.86 -13.36 -0.25
C ILE A 123 3.42 -13.02 -0.62
N PRO A 124 2.44 -13.71 -0.02
CA PRO A 124 1.02 -13.48 -0.30
C PRO A 124 0.66 -12.00 -0.19
N GLY A 125 0.67 -11.30 -1.31
CA GLY A 125 0.35 -9.89 -1.32
C GLY A 125 1.12 -9.11 -2.36
N ASP A 126 2.18 -9.71 -2.89
CA ASP A 126 3.00 -9.06 -3.90
C ASP A 126 3.36 -10.05 -5.01
N ASN A 127 2.46 -10.20 -5.97
CA ASN A 127 2.67 -11.11 -7.10
C ASN A 127 4.09 -11.03 -7.63
N SER A 128 4.73 -9.88 -7.47
CA SER A 128 6.10 -9.69 -7.93
C SER A 128 7.00 -10.79 -7.39
N ILE A 129 8.07 -11.09 -8.11
CA ILE A 129 9.00 -12.13 -7.70
C ILE A 129 9.89 -11.66 -6.55
N TYR A 130 9.87 -12.41 -5.44
CA TYR A 130 10.68 -12.09 -4.29
C TYR A 130 11.73 -13.18 -4.09
N VAL A 131 12.97 -12.79 -3.89
CA VAL A 131 14.05 -13.75 -3.70
C VAL A 131 13.82 -14.61 -2.46
N THR A 132 14.40 -15.80 -2.45
CA THR A 132 14.27 -16.72 -1.35
C THR A 132 15.61 -17.04 -0.71
N LYS A 133 16.54 -17.55 -1.51
CA LYS A 133 17.86 -17.90 -1.02
C LYS A 133 18.91 -17.73 -2.10
N ILE A 134 20.11 -17.28 -1.71
CA ILE A 134 21.20 -17.08 -2.64
C ILE A 134 22.47 -17.76 -2.12
N ILE A 135 23.24 -18.34 -3.04
CA ILE A 135 24.48 -19.01 -2.66
C ILE A 135 25.60 -17.99 -2.42
N GLU A 136 26.74 -18.47 -1.94
CA GLU A 136 27.87 -17.59 -1.66
C GLU A 136 28.80 -17.52 -2.86
N GLY A 137 29.46 -16.38 -3.03
CA GLY A 137 30.39 -16.21 -4.14
C GLY A 137 29.74 -16.48 -5.49
N GLY A 138 28.43 -16.24 -5.58
CA GLY A 138 27.72 -16.48 -6.81
C GLY A 138 27.79 -15.29 -7.75
N ALA A 139 26.95 -15.32 -8.79
CA ALA A 139 26.92 -14.24 -9.78
C ALA A 139 26.09 -13.07 -9.28
N ALA A 140 24.85 -13.35 -8.92
CA ALA A 140 23.94 -12.33 -8.42
C ALA A 140 24.35 -11.85 -7.04
N HIS A 141 24.94 -12.74 -6.25
CA HIS A 141 25.38 -12.38 -4.92
C HIS A 141 26.36 -11.21 -4.98
N LYS A 142 27.41 -11.38 -5.75
CA LYS A 142 28.44 -10.36 -5.91
C LYS A 142 27.94 -9.19 -6.77
N ASP A 143 27.35 -9.51 -7.91
CA ASP A 143 26.85 -8.47 -8.82
C ASP A 143 25.49 -7.93 -8.38
N GLY A 144 24.52 -8.81 -8.30
CA GLY A 144 23.19 -8.42 -7.91
C GLY A 144 23.13 -7.77 -6.54
N ARG A 145 23.75 -8.41 -5.55
CA ARG A 145 23.76 -7.90 -4.19
C ARG A 145 22.34 -7.86 -3.61
N LEU A 146 21.44 -8.62 -4.22
CA LEU A 146 20.05 -8.69 -3.78
C LEU A 146 19.84 -9.89 -2.87
N GLN A 147 20.20 -9.75 -1.61
CA GLN A 147 20.05 -10.82 -0.63
C GLN A 147 18.58 -11.18 -0.46
N ILE A 148 18.32 -12.27 0.26
CA ILE A 148 16.96 -12.72 0.50
C ILE A 148 16.07 -11.57 0.92
N GLY A 149 14.95 -11.43 0.23
CA GLY A 149 14.01 -10.37 0.53
C GLY A 149 13.84 -9.40 -0.63
N ASP A 150 14.87 -9.32 -1.49
CA ASP A 150 14.81 -8.42 -2.63
C ASP A 150 13.78 -8.90 -3.64
N LYS A 151 12.93 -7.98 -4.09
CA LYS A 151 11.89 -8.31 -5.06
C LYS A 151 12.09 -7.56 -6.37
N ILE A 152 11.97 -8.28 -7.48
CA ILE A 152 12.13 -7.67 -8.79
C ILE A 152 10.79 -7.50 -9.48
N LEU A 153 10.56 -6.31 -10.01
CA LEU A 153 9.31 -6.00 -10.70
C LEU A 153 9.45 -6.17 -12.21
N ALA A 154 10.67 -6.48 -12.66
CA ALA A 154 10.92 -6.65 -14.09
C ALA A 154 12.41 -6.73 -14.39
N VAL A 155 12.76 -7.47 -15.44
CA VAL A 155 14.15 -7.61 -15.85
C VAL A 155 14.42 -6.76 -17.08
N ASN A 156 15.01 -5.58 -16.87
CA ASN A 156 15.29 -4.65 -17.95
C ASN A 156 13.98 -4.08 -18.49
N SER A 157 13.13 -4.97 -18.96
CA SER A 157 11.82 -4.61 -19.49
C SER A 157 10.95 -5.86 -19.61
N VAL A 158 11.19 -6.82 -18.72
CA VAL A 158 10.43 -8.07 -18.71
C VAL A 158 9.41 -8.10 -17.58
N GLY A 159 8.37 -8.91 -17.78
CA GLY A 159 7.34 -9.03 -16.78
C GLY A 159 7.34 -10.40 -16.14
N LEU A 160 8.32 -10.62 -15.27
CA LEU A 160 8.47 -11.90 -14.58
C LEU A 160 7.48 -12.03 -13.42
N GLU A 161 6.37 -11.31 -13.53
CA GLU A 161 5.32 -11.36 -12.51
C GLU A 161 3.98 -10.96 -13.10
N ASP A 162 3.83 -11.22 -14.39
CA ASP A 162 2.59 -10.91 -15.10
C ASP A 162 2.21 -12.05 -16.03
N VAL A 163 2.64 -13.26 -15.67
CA VAL A 163 2.34 -14.45 -16.47
C VAL A 163 2.13 -15.66 -15.57
N MET A 164 3.22 -16.14 -15.00
CA MET A 164 3.21 -17.29 -14.12
C MET A 164 4.64 -17.66 -13.75
N HIS A 165 4.80 -18.43 -12.69
CA HIS A 165 6.14 -18.83 -12.26
C HIS A 165 6.89 -19.47 -13.42
N GLU A 166 6.15 -20.11 -14.32
CA GLU A 166 6.74 -20.77 -15.49
C GLU A 166 7.21 -19.77 -16.54
N ASP A 167 6.39 -18.76 -16.84
CA ASP A 167 6.75 -17.77 -17.84
C ASP A 167 7.83 -16.83 -17.30
N ALA A 168 7.73 -16.54 -16.01
CA ALA A 168 8.70 -15.67 -15.36
C ALA A 168 10.04 -16.36 -15.25
N VAL A 169 9.99 -17.67 -15.03
CA VAL A 169 11.21 -18.46 -14.89
C VAL A 169 11.90 -18.62 -16.24
N ALA A 170 11.12 -18.90 -17.28
CA ALA A 170 11.66 -19.07 -18.61
C ALA A 170 12.11 -17.74 -19.20
N ALA A 171 11.43 -16.67 -18.80
CA ALA A 171 11.78 -15.33 -19.28
C ALA A 171 13.00 -14.78 -18.58
N LEU A 172 13.24 -15.22 -17.35
CA LEU A 172 14.38 -14.78 -16.58
C LEU A 172 15.63 -15.56 -16.98
N LYS A 173 15.45 -16.84 -17.22
CA LYS A 173 16.54 -17.71 -17.63
C LYS A 173 16.89 -17.44 -19.09
N ASN A 174 15.89 -16.98 -19.84
CA ASN A 174 16.09 -16.70 -21.27
C ASN A 174 16.92 -15.43 -21.45
N THR A 175 17.14 -14.70 -20.36
CA THR A 175 17.92 -13.47 -20.42
C THR A 175 19.33 -13.72 -20.95
N TYR A 176 20.18 -12.70 -20.88
CA TYR A 176 21.55 -12.81 -21.35
C TYR A 176 22.53 -12.98 -20.19
N ASP A 177 23.78 -13.30 -20.52
CA ASP A 177 24.82 -13.50 -19.52
C ASP A 177 24.98 -12.30 -18.59
N VAL A 178 24.47 -11.15 -19.00
CA VAL A 178 24.56 -9.93 -18.20
C VAL A 178 23.33 -9.06 -18.41
N VAL A 179 22.33 -9.25 -17.57
CA VAL A 179 21.08 -8.50 -17.67
C VAL A 179 20.83 -7.64 -16.43
N TYR A 180 20.18 -6.50 -16.62
CA TYR A 180 19.86 -5.61 -15.51
C TYR A 180 18.39 -5.75 -15.12
N LEU A 181 18.15 -6.02 -13.85
CA LEU A 181 16.79 -6.19 -13.36
C LEU A 181 16.38 -5.05 -12.44
N LYS A 182 15.08 -4.79 -12.40
CA LYS A 182 14.54 -3.72 -11.55
C LYS A 182 14.04 -4.28 -10.23
N VAL A 183 14.61 -3.80 -9.13
CA VAL A 183 14.22 -4.25 -7.80
C VAL A 183 13.32 -3.24 -7.11
N ALA A 184 12.59 -3.69 -6.10
CA ALA A 184 11.68 -2.83 -5.37
C ALA A 184 11.99 -2.85 -3.88
N LYS A 185 12.03 -1.66 -3.26
CA LYS A 185 12.32 -1.55 -1.84
C LYS A 185 11.04 -1.74 -1.01
N PRO A 186 11.16 -2.34 0.18
CA PRO A 186 10.02 -2.59 1.06
C PRO A 186 9.21 -1.32 1.32
N SER A 187 7.99 -1.29 0.79
CA SER A 187 7.11 -0.14 0.96
C SER A 187 6.84 0.14 2.43
N ASN A 188 6.64 1.42 2.75
CA ASN A 188 6.38 1.84 4.12
C ASN A 188 7.48 1.34 5.06
N ALA A 189 8.68 1.18 4.51
CA ALA A 189 9.82 0.71 5.30
C ALA A 189 10.95 1.73 5.27
N GLN B 1 -13.92 33.08 24.92
CA GLN B 1 -13.50 32.26 23.75
C GLN B 1 -13.15 30.84 24.16
N VAL B 2 -14.17 30.01 24.35
CA VAL B 2 -13.97 28.62 24.74
C VAL B 2 -14.76 27.67 23.85
N VAL B 3 -14.10 27.12 22.84
CA VAL B 3 -14.74 26.19 21.92
C VAL B 3 -13.83 25.03 21.59
N PRO B 4 -14.29 23.78 21.82
CA PRO B 4 -13.49 22.58 21.53
C PRO B 4 -12.99 22.55 20.09
N PHE B 5 -11.87 21.87 19.88
CA PHE B 5 -11.28 21.76 18.55
C PHE B 5 -11.29 20.31 18.07
N SER B 6 -11.03 19.39 18.98
CA SER B 6 -11.00 17.97 18.65
C SER B 6 -12.21 17.25 19.25
N SER B 7 -12.85 16.40 18.45
CA SER B 7 -14.01 15.65 18.90
C SER B 7 -13.94 14.20 18.43
N SER B 8 -14.76 13.35 19.04
CA SER B 8 -14.79 11.94 18.69
C SER B 8 -16.23 11.43 18.61
N VAL B 9 -16.58 10.82 17.48
CA VAL B 9 -17.92 10.29 17.28
C VAL B 9 -17.91 9.12 16.31
N GLN C 1 12.24 -35.06 -12.07
CA GLN C 1 12.84 -33.80 -11.60
C GLN C 1 11.97 -33.14 -10.53
N VAL C 2 12.60 -32.70 -9.44
CA VAL C 2 11.88 -32.06 -8.35
C VAL C 2 12.33 -30.61 -8.18
N VAL C 3 11.47 -29.79 -7.58
CA VAL C 3 11.78 -28.38 -7.35
C VAL C 3 11.50 -27.99 -5.91
N PRO C 4 12.44 -27.26 -5.26
CA PRO C 4 12.27 -26.82 -3.87
C PRO C 4 11.03 -25.98 -3.67
N PHE C 5 11.01 -25.19 -2.60
CA PHE C 5 9.87 -24.33 -2.30
C PHE C 5 9.59 -23.37 -3.45
N SER C 6 10.65 -22.73 -3.95
CA SER C 6 10.51 -21.79 -5.05
C SER C 6 11.43 -22.17 -6.21
N SER C 7 11.55 -21.28 -7.19
CA SER C 7 12.40 -21.53 -8.35
C SER C 7 13.87 -21.31 -8.00
N SER C 8 14.70 -22.30 -8.32
CA SER C 8 16.12 -22.22 -8.05
C SER C 8 16.93 -22.26 -9.35
N VAL C 9 17.66 -21.19 -9.61
CA VAL C 9 18.48 -21.10 -10.82
C VAL C 9 19.80 -20.39 -10.54
N MET A 1 -3.64 12.22 -7.09
CA MET A 1 -2.90 12.14 -5.80
C MET A 1 -2.38 10.72 -5.55
N GLU A 2 -1.90 10.48 -4.34
CA GLU A 2 -1.37 9.16 -3.98
C GLU A 2 -2.18 8.53 -2.85
N TYR A 3 -2.17 7.21 -2.78
CA TYR A 3 -2.89 6.49 -1.73
C TYR A 3 -1.93 5.84 -0.75
N GLU A 4 -2.42 5.49 0.43
CA GLU A 4 -1.59 4.87 1.46
C GLU A 4 -2.41 4.48 2.68
N GLU A 5 -2.08 3.32 3.26
CA GLU A 5 -2.78 2.83 4.45
C GLU A 5 -1.86 2.89 5.67
N ILE A 6 -2.45 2.98 6.86
CA ILE A 6 -1.65 3.06 8.08
C ILE A 6 -2.50 2.82 9.33
N THR A 7 -1.83 2.46 10.42
CA THR A 7 -2.49 2.20 11.70
C THR A 7 -2.20 3.33 12.67
N LEU A 8 -3.25 3.95 13.19
CA LEU A 8 -3.09 5.04 14.12
C LEU A 8 -3.67 4.67 15.49
N GLU A 9 -2.79 4.15 16.33
CA GLU A 9 -3.17 3.74 17.68
C GLU A 9 -3.56 4.95 18.53
N ARG A 10 -4.56 4.76 19.39
CA ARG A 10 -5.03 5.82 20.26
C ARG A 10 -3.99 6.14 21.33
N GLY A 11 -3.23 7.22 21.13
CA GLY A 11 -2.22 7.61 22.09
C GLY A 11 -2.76 7.61 23.50
N ASN A 12 -4.06 7.84 23.62
CA ASN A 12 -4.74 7.85 24.90
C ASN A 12 -6.25 7.98 24.70
N SER A 13 -6.71 9.20 24.48
CA SER A 13 -8.13 9.46 24.26
C SER A 13 -8.43 9.83 22.81
N GLY A 14 -7.65 9.31 21.87
CA GLY A 14 -7.87 9.64 20.48
C GLY A 14 -6.58 9.77 19.71
N LEU A 15 -6.71 10.08 18.43
CA LEU A 15 -5.55 10.23 17.56
C LEU A 15 -4.96 11.64 17.66
N GLY A 16 -5.75 12.63 17.26
CA GLY A 16 -5.29 14.00 17.34
C GLY A 16 -5.14 14.67 15.98
N PHE A 17 -6.25 14.80 15.26
CA PHE A 17 -6.24 15.45 13.95
C PHE A 17 -7.57 16.13 13.68
N SER A 18 -7.51 17.33 13.09
CA SER A 18 -8.71 18.08 12.79
C SER A 18 -9.39 17.57 11.53
N ILE A 19 -10.67 17.26 11.63
CA ILE A 19 -11.42 16.76 10.49
C ILE A 19 -12.73 17.51 10.32
N ALA A 20 -13.25 17.52 9.09
CA ALA A 20 -14.50 18.20 8.80
C ALA A 20 -14.95 17.93 7.37
N GLY A 21 -16.27 17.98 7.15
CA GLY A 21 -16.80 17.75 5.83
C GLY A 21 -18.12 16.99 5.86
N GLY A 22 -18.16 15.85 5.18
CA GLY A 22 -19.36 15.04 5.15
C GLY A 22 -19.95 14.94 3.75
N THR A 23 -20.23 13.73 3.31
CA THR A 23 -20.80 13.49 1.98
C THR A 23 -22.03 14.36 1.75
N ASP A 24 -22.73 14.69 2.84
CA ASP A 24 -23.94 15.51 2.75
C ASP A 24 -23.60 17.00 2.84
N ASN A 25 -22.69 17.33 3.75
CA ASN A 25 -22.27 18.72 3.95
C ASN A 25 -20.76 18.86 3.79
N PRO A 26 -20.27 18.86 2.53
CA PRO A 26 -18.83 19.00 2.25
C PRO A 26 -18.19 20.16 3.00
N HIS A 27 -16.94 19.99 3.39
CA HIS A 27 -16.20 21.02 4.11
C HIS A 27 -15.73 22.12 3.16
N ILE A 28 -15.69 21.82 1.87
CA ILE A 28 -15.26 22.79 0.87
C ILE A 28 -16.42 23.23 0.00
N GLY A 29 -17.36 22.32 -0.23
CA GLY A 29 -18.52 22.64 -1.04
C GLY A 29 -18.44 22.02 -2.43
N ASP A 30 -17.71 20.92 -2.54
CA ASP A 30 -17.56 20.23 -3.82
C ASP A 30 -16.72 18.97 -3.66
N ASP A 31 -16.93 18.27 -2.55
CA ASP A 31 -16.18 17.04 -2.27
C ASP A 31 -16.87 16.22 -1.18
N PRO A 32 -17.69 15.22 -1.58
CA PRO A 32 -18.40 14.36 -0.64
C PRO A 32 -17.46 13.67 0.34
N SER A 33 -16.19 13.52 -0.07
CA SER A 33 -15.20 12.88 0.77
C SER A 33 -14.77 13.80 1.92
N ILE A 34 -14.22 13.20 2.97
CA ILE A 34 -13.77 13.96 4.13
C ILE A 34 -12.26 14.10 4.13
N PHE A 35 -11.76 15.21 4.68
CA PHE A 35 -10.31 15.45 4.74
C PHE A 35 -9.93 16.13 6.05
N ILE A 36 -8.65 16.10 6.37
CA ILE A 36 -8.14 16.72 7.58
C ILE A 36 -7.63 18.13 7.29
N THR A 37 -7.74 19.02 8.26
CA THR A 37 -7.30 20.39 8.08
C THR A 37 -6.00 20.66 8.79
N LYS A 38 -5.79 20.01 9.93
CA LYS A 38 -4.56 20.19 10.69
C LYS A 38 -4.46 19.14 11.82
N ILE A 39 -3.22 18.82 12.17
CA ILE A 39 -2.96 17.84 13.22
C ILE A 39 -2.35 18.50 14.44
N ILE A 40 -2.77 18.05 15.61
CA ILE A 40 -2.26 18.60 16.87
C ILE A 40 -1.03 17.83 17.35
N PRO A 41 0.01 18.56 17.81
CA PRO A 41 1.25 17.96 18.29
C PRO A 41 1.11 17.39 19.70
N GLY A 42 0.16 16.47 19.89
CA GLY A 42 -0.05 15.87 21.19
C GLY A 42 -0.53 14.44 21.10
N GLY A 43 -1.70 14.24 20.48
CA GLY A 43 -2.23 12.90 20.34
C GLY A 43 -1.32 11.98 19.56
N ALA A 44 -1.80 10.77 19.27
CA ALA A 44 -1.03 9.79 18.53
C ALA A 44 -0.89 10.17 17.07
N ALA A 45 -1.86 10.92 16.55
CA ALA A 45 -1.84 11.35 15.15
C ALA A 45 -0.52 12.05 14.82
N ALA A 46 -0.22 13.11 15.55
CA ALA A 46 1.00 13.87 15.35
C ALA A 46 2.23 12.99 15.55
N GLN A 47 2.09 11.96 16.38
CA GLN A 47 3.16 11.04 16.66
C GLN A 47 3.41 10.18 15.45
N ASP A 48 2.32 9.67 14.89
CA ASP A 48 2.40 8.84 13.72
C ASP A 48 2.85 9.69 12.53
N GLY A 49 2.39 10.94 12.53
CA GLY A 49 2.74 11.89 11.47
C GLY A 49 3.19 11.24 10.17
N ARG A 50 2.43 10.27 9.69
CA ARG A 50 2.76 9.57 8.46
C ARG A 50 1.79 9.93 7.34
N LEU A 51 1.10 11.06 7.48
CA LEU A 51 0.14 11.50 6.48
C LEU A 51 -0.12 13.00 6.57
N ARG A 52 -0.69 13.56 5.51
CA ARG A 52 -1.00 14.98 5.46
C ARG A 52 -2.47 15.21 5.81
N VAL A 53 -2.79 16.43 6.23
CA VAL A 53 -4.15 16.77 6.61
C VAL A 53 -5.08 16.86 5.39
N ASN A 54 -4.62 17.55 4.35
CA ASN A 54 -5.40 17.74 3.13
C ASN A 54 -5.73 16.43 2.41
N ASP A 55 -5.35 15.29 2.98
CA ASP A 55 -5.64 13.99 2.37
C ASP A 55 -7.11 13.64 2.56
N SER A 56 -7.55 12.55 1.94
CA SER A 56 -8.93 12.12 2.06
C SER A 56 -9.02 10.65 2.44
N ILE A 57 -9.32 10.39 3.70
CA ILE A 57 -9.43 9.02 4.19
C ILE A 57 -10.45 8.24 3.37
N LEU A 58 -9.95 7.52 2.37
CA LEU A 58 -10.80 6.73 1.50
C LEU A 58 -11.33 5.48 2.22
N PHE A 59 -10.61 5.06 3.26
CA PHE A 59 -11.02 3.87 4.01
C PHE A 59 -10.54 3.91 5.45
N VAL A 60 -11.25 3.19 6.32
CA VAL A 60 -10.89 3.11 7.74
C VAL A 60 -11.37 1.80 8.34
N ASN A 61 -10.48 1.12 9.04
CA ASN A 61 -10.81 -0.16 9.67
C ASN A 61 -11.57 -1.07 8.72
N GLU A 62 -11.23 -1.00 7.44
CA GLU A 62 -11.89 -1.80 6.41
C GLU A 62 -13.31 -1.33 6.16
N VAL A 63 -13.53 -0.03 6.34
CA VAL A 63 -14.85 0.56 6.13
C VAL A 63 -14.82 1.64 5.06
N ASP A 64 -15.86 1.70 4.25
CA ASP A 64 -15.95 2.69 3.18
C ASP A 64 -16.23 4.09 3.73
N VAL A 65 -15.27 4.99 3.55
CA VAL A 65 -15.41 6.36 4.04
C VAL A 65 -14.78 7.34 3.06
N ARG A 66 -14.99 7.10 1.76
CA ARG A 66 -14.43 7.96 0.73
C ARG A 66 -15.51 8.92 0.20
N GLU A 67 -16.66 8.95 0.85
CA GLU A 67 -17.75 9.83 0.44
C GLU A 67 -18.95 9.64 1.35
N VAL A 68 -18.70 9.58 2.65
CA VAL A 68 -19.76 9.41 3.63
C VAL A 68 -20.00 10.68 4.45
N THR A 69 -21.25 10.90 4.83
CA THR A 69 -21.65 12.07 5.60
C THR A 69 -20.75 12.30 6.81
N HIS A 70 -20.92 13.45 7.44
CA HIS A 70 -20.13 13.83 8.61
C HIS A 70 -20.39 12.87 9.77
N SER A 71 -21.64 12.64 10.06
CA SER A 71 -22.01 11.75 11.16
C SER A 71 -21.55 10.33 10.89
N ALA A 72 -21.61 9.93 9.62
CA ALA A 72 -21.19 8.59 9.23
C ALA A 72 -19.68 8.44 9.32
N ALA A 73 -18.97 9.52 9.00
CA ALA A 73 -17.52 9.52 9.06
C ALA A 73 -17.07 9.53 10.51
N VAL A 74 -17.74 10.35 11.30
CA VAL A 74 -17.43 10.45 12.72
C VAL A 74 -17.71 9.12 13.40
N GLU A 75 -18.76 8.46 12.95
CA GLU A 75 -19.16 7.17 13.49
C GLU A 75 -18.15 6.08 13.11
N ALA A 76 -17.56 6.24 11.93
CA ALA A 76 -16.58 5.29 11.43
C ALA A 76 -15.30 5.38 12.24
N LEU A 77 -14.89 6.61 12.51
CA LEU A 77 -13.69 6.87 13.29
C LEU A 77 -13.98 6.64 14.76
N LYS A 78 -15.26 6.81 15.12
CA LYS A 78 -15.70 6.61 16.48
C LYS A 78 -15.65 5.13 16.80
N GLU A 79 -16.07 4.31 15.83
CA GLU A 79 -16.07 2.88 15.99
C GLU A 79 -14.88 2.27 15.28
N ALA A 80 -13.81 3.05 15.17
CA ALA A 80 -12.58 2.60 14.51
C ALA A 80 -11.65 1.92 15.51
N GLY A 81 -11.80 2.24 16.79
CA GLY A 81 -10.95 1.65 17.81
C GLY A 81 -9.73 2.51 18.13
N SER A 82 -8.73 1.90 18.75
CA SER A 82 -7.51 2.60 19.12
C SER A 82 -6.51 2.61 17.96
N ILE A 83 -6.25 1.44 17.43
CA ILE A 83 -5.35 1.28 16.31
C ILE A 83 -6.16 1.17 15.04
N VAL A 84 -6.51 2.33 14.52
CA VAL A 84 -7.34 2.43 13.34
C VAL A 84 -6.54 2.32 12.05
N ARG A 85 -6.80 1.28 11.28
CA ARG A 85 -6.15 1.08 10.00
C ARG A 85 -6.76 2.02 8.98
N LEU A 86 -6.34 3.27 9.02
CA LEU A 86 -6.89 4.28 8.12
C LEU A 86 -6.19 4.30 6.77
N TYR A 87 -7.00 4.38 5.72
CA TYR A 87 -6.51 4.44 4.36
C TYR A 87 -6.90 5.77 3.77
N VAL A 88 -5.92 6.60 3.46
CA VAL A 88 -6.19 7.92 2.92
C VAL A 88 -5.48 8.14 1.59
N MET A 89 -5.87 9.22 0.91
CA MET A 89 -5.26 9.57 -0.36
C MET A 89 -4.59 10.95 -0.25
N ARG A 90 -3.28 10.95 -0.26
CA ARG A 90 -2.51 12.18 -0.15
C ARG A 90 -1.58 12.35 -1.34
N ARG A 91 -1.83 13.39 -2.13
CA ARG A 91 -1.03 13.68 -3.31
C ARG A 91 0.47 13.49 -3.05
N LYS A 92 1.15 12.88 -4.02
CA LYS A 92 2.59 12.64 -3.92
C LYS A 92 3.21 12.49 -5.30
N PRO A 93 4.53 12.71 -5.42
CA PRO A 93 5.26 12.61 -6.69
C PRO A 93 4.89 11.35 -7.48
N PRO A 94 3.98 11.47 -8.44
CA PRO A 94 3.52 10.36 -9.27
C PRO A 94 4.23 10.31 -10.63
N ALA A 95 3.58 9.66 -11.60
CA ALA A 95 4.12 9.55 -12.96
C ALA A 95 5.13 8.41 -13.07
N GLU A 96 4.89 7.33 -12.34
CA GLU A 96 5.76 6.17 -12.36
C GLU A 96 7.05 6.43 -11.59
N LYS A 97 7.77 5.35 -11.28
CA LYS A 97 9.03 5.45 -10.55
C LYS A 97 9.73 4.10 -10.52
N VAL A 98 10.93 4.05 -11.08
CA VAL A 98 11.71 2.82 -11.11
C VAL A 98 12.46 2.61 -9.80
N MET A 99 12.04 1.60 -9.04
CA MET A 99 12.65 1.30 -7.75
C MET A 99 13.75 0.27 -7.88
N GLU A 100 14.54 0.14 -6.82
CA GLU A 100 15.63 -0.82 -6.74
C GLU A 100 15.59 -1.48 -5.37
N ILE A 101 15.17 -2.72 -5.35
CA ILE A 101 15.03 -3.44 -4.10
C ILE A 101 16.00 -4.60 -3.95
N LYS A 102 16.27 -4.94 -2.70
CA LYS A 102 17.18 -6.03 -2.37
C LYS A 102 16.41 -7.20 -1.77
N LEU A 103 16.60 -8.38 -2.35
CA LEU A 103 15.91 -9.57 -1.88
C LEU A 103 16.91 -10.69 -1.61
N ILE A 104 16.97 -11.13 -0.36
CA ILE A 104 17.89 -12.19 0.02
C ILE A 104 17.18 -13.55 0.03
N LYS A 105 17.91 -14.58 -0.36
CA LYS A 105 17.35 -15.93 -0.40
C LYS A 105 17.27 -16.53 1.00
N GLY A 106 16.39 -17.51 1.16
CA GLY A 106 16.24 -18.16 2.44
C GLY A 106 16.24 -19.67 2.32
N PRO A 107 15.88 -20.39 3.39
CA PRO A 107 15.86 -21.86 3.37
C PRO A 107 14.67 -22.40 2.58
N LYS A 108 13.58 -21.66 2.58
CA LYS A 108 12.40 -22.07 1.84
C LYS A 108 12.37 -21.42 0.47
N GLY A 109 13.53 -20.93 0.04
CA GLY A 109 13.63 -20.28 -1.25
C GLY A 109 13.74 -18.78 -1.09
N LEU A 110 13.17 -18.04 -2.03
CA LEU A 110 13.22 -16.60 -1.95
C LEU A 110 12.06 -16.05 -1.13
N GLY A 111 11.02 -16.86 -0.96
CA GLY A 111 9.87 -16.45 -0.17
C GLY A 111 8.91 -15.55 -0.93
N PHE A 112 8.59 -15.92 -2.16
CA PHE A 112 7.66 -15.14 -2.97
C PHE A 112 7.43 -15.80 -4.33
N SER A 113 6.28 -15.53 -4.93
CA SER A 113 5.95 -16.11 -6.24
C SER A 113 5.74 -15.03 -7.29
N ILE A 114 6.47 -15.14 -8.39
CA ILE A 114 6.37 -14.18 -9.48
C ILE A 114 6.29 -14.89 -10.83
N ALA A 115 5.67 -14.24 -11.80
CA ALA A 115 5.54 -14.82 -13.13
C ALA A 115 5.49 -13.76 -14.23
N GLY A 116 6.40 -13.89 -15.19
CA GLY A 116 6.45 -12.96 -16.29
C GLY A 116 7.06 -13.58 -17.53
N GLY A 117 7.25 -12.76 -18.58
CA GLY A 117 7.86 -13.26 -19.80
C GLY A 117 6.91 -14.06 -20.65
N VAL A 118 7.46 -14.73 -21.67
CA VAL A 118 6.68 -15.54 -22.59
C VAL A 118 6.34 -16.89 -21.98
N GLY A 119 5.24 -17.49 -22.44
CA GLY A 119 4.82 -18.78 -21.93
C GLY A 119 3.83 -18.65 -20.78
N ASN A 120 3.90 -17.52 -20.08
CA ASN A 120 3.02 -17.24 -18.96
C ASN A 120 3.47 -15.97 -18.26
N GLN A 121 3.14 -14.82 -18.86
CA GLN A 121 3.51 -13.52 -18.31
C GLN A 121 2.70 -13.16 -17.06
N HIS A 122 1.89 -14.10 -16.57
CA HIS A 122 1.07 -13.86 -15.38
C HIS A 122 -0.08 -12.92 -15.69
N ILE A 123 0.27 -11.74 -16.12
CA ILE A 123 -0.70 -10.70 -16.45
C ILE A 123 -1.16 -10.84 -17.90
N PRO A 124 -2.43 -11.22 -18.12
CA PRO A 124 -2.99 -11.38 -19.48
C PRO A 124 -2.91 -10.09 -20.29
N GLY A 125 -1.74 -9.81 -20.84
CA GLY A 125 -1.54 -8.61 -21.63
C GLY A 125 -0.45 -7.72 -21.08
N ASP A 126 0.64 -8.33 -20.61
CA ASP A 126 1.76 -7.58 -20.06
C ASP A 126 2.92 -8.51 -19.71
N ASN A 127 3.88 -8.63 -20.62
CA ASN A 127 5.04 -9.49 -20.41
C ASN A 127 5.79 -9.11 -19.14
N SER A 128 5.63 -7.85 -18.71
CA SER A 128 6.29 -7.36 -17.51
C SER A 128 6.13 -8.33 -16.35
N ILE A 129 7.25 -8.70 -15.72
CA ILE A 129 7.21 -9.63 -14.59
C ILE A 129 6.48 -9.03 -13.40
N TYR A 130 5.45 -9.72 -12.93
CA TYR A 130 4.65 -9.26 -11.81
C TYR A 130 4.66 -10.29 -10.69
N VAL A 131 4.40 -9.86 -9.47
CA VAL A 131 4.36 -10.76 -8.33
C VAL A 131 2.96 -11.32 -8.13
N THR A 132 2.89 -12.53 -7.57
CA THR A 132 1.61 -13.18 -7.34
C THR A 132 1.29 -13.28 -5.85
N LYS A 133 2.17 -13.93 -5.10
CA LYS A 133 1.99 -14.10 -3.67
C LYS A 133 3.32 -14.17 -2.94
N ILE A 134 3.33 -13.66 -1.70
CA ILE A 134 4.53 -13.67 -0.89
C ILE A 134 4.26 -14.28 0.49
N ILE A 135 5.23 -15.05 0.99
CA ILE A 135 5.08 -15.69 2.29
C ILE A 135 5.02 -14.66 3.40
N GLU A 136 4.80 -15.11 4.63
CA GLU A 136 4.72 -14.23 5.78
C GLU A 136 6.08 -14.08 6.46
N GLY A 137 6.46 -12.85 6.76
CA GLY A 137 7.74 -12.60 7.41
C GLY A 137 8.90 -13.20 6.64
N GLY A 138 8.72 -13.37 5.34
CA GLY A 138 9.77 -13.94 4.51
C GLY A 138 10.97 -13.01 4.38
N ALA A 139 11.79 -13.25 3.36
CA ALA A 139 12.97 -12.44 3.12
C ALA A 139 12.61 -11.11 2.48
N ALA A 140 11.99 -11.17 1.31
CA ALA A 140 11.59 -9.97 0.59
C ALA A 140 10.45 -9.25 1.28
N HIS A 141 9.58 -10.01 1.94
CA HIS A 141 8.45 -9.43 2.65
C HIS A 141 8.92 -8.36 3.62
N LYS A 142 9.85 -8.74 4.48
CA LYS A 142 10.40 -7.82 5.48
C LYS A 142 11.34 -6.80 4.85
N ASP A 143 12.33 -7.28 4.10
CA ASP A 143 13.31 -6.41 3.45
C ASP A 143 12.78 -5.79 2.17
N GLY A 144 12.41 -6.65 1.24
CA GLY A 144 11.89 -6.19 -0.05
C GLY A 144 10.81 -5.15 0.07
N ARG A 145 9.84 -5.40 0.95
CA ARG A 145 8.73 -4.46 1.14
C ARG A 145 7.87 -4.38 -0.12
N LEU A 146 8.03 -5.36 -1.00
CA LEU A 146 7.28 -5.41 -2.25
C LEU A 146 6.21 -6.50 -2.19
N GLN A 147 5.07 -6.16 -1.60
CA GLN A 147 3.96 -7.10 -1.47
C GLN A 147 3.35 -7.40 -2.83
N ILE A 148 2.39 -8.31 -2.84
CA ILE A 148 1.71 -8.70 -4.07
C ILE A 148 1.29 -7.48 -4.88
N GLY A 149 1.77 -7.42 -6.11
CA GLY A 149 1.45 -6.30 -6.97
C GLY A 149 2.69 -5.62 -7.51
N ASP A 150 3.82 -5.81 -6.83
CA ASP A 150 5.07 -5.20 -7.27
C ASP A 150 5.50 -5.77 -8.61
N LYS A 151 5.85 -4.89 -9.54
CA LYS A 151 6.28 -5.31 -10.86
C LYS A 151 7.77 -5.11 -11.04
N ILE A 152 8.47 -6.18 -11.41
CA ILE A 152 9.91 -6.11 -11.62
C ILE A 152 10.23 -6.12 -13.11
N LEU A 153 11.11 -5.22 -13.50
CA LEU A 153 11.52 -5.11 -14.89
C LEU A 153 12.79 -5.93 -15.14
N ALA A 154 13.35 -6.52 -14.07
CA ALA A 154 14.56 -7.32 -14.18
C ALA A 154 15.06 -7.73 -12.81
N VAL A 155 15.82 -8.81 -12.77
CA VAL A 155 16.40 -9.29 -11.52
C VAL A 155 17.90 -9.05 -11.56
N ASN A 156 18.35 -7.99 -10.91
CA ASN A 156 19.76 -7.65 -10.91
C ASN A 156 20.23 -7.48 -12.36
N SER A 157 19.31 -7.01 -13.20
CA SER A 157 19.57 -6.80 -14.62
C SER A 157 19.40 -8.10 -15.40
N VAL A 158 18.58 -9.01 -14.88
CA VAL A 158 18.36 -10.29 -15.54
C VAL A 158 16.88 -10.68 -15.56
N GLY A 159 16.50 -11.37 -16.64
CA GLY A 159 15.13 -11.82 -16.82
C GLY A 159 14.34 -10.87 -17.66
N LEU A 160 14.00 -9.73 -17.06
CA LEU A 160 13.25 -8.67 -17.72
C LEU A 160 12.20 -9.23 -18.68
N GLU A 161 11.64 -10.38 -18.32
CA GLU A 161 10.62 -11.05 -19.14
C GLU A 161 10.88 -10.88 -20.63
N ASP A 162 12.15 -10.85 -21.01
CA ASP A 162 12.54 -10.69 -22.40
C ASP A 162 13.23 -11.94 -22.92
N VAL A 163 12.75 -13.09 -22.46
CA VAL A 163 13.32 -14.38 -22.87
C VAL A 163 12.26 -15.46 -22.83
N MET A 164 11.88 -15.85 -21.62
CA MET A 164 10.88 -16.87 -21.40
C MET A 164 10.77 -17.13 -19.90
N HIS A 165 9.67 -17.72 -19.47
CA HIS A 165 9.49 -18.00 -18.06
C HIS A 165 10.66 -18.79 -17.52
N GLU A 166 11.27 -19.60 -18.37
CA GLU A 166 12.42 -20.43 -18.00
C GLU A 166 13.69 -19.61 -17.86
N ASP A 167 13.92 -18.67 -18.76
CA ASP A 167 15.12 -17.85 -18.70
C ASP A 167 15.03 -16.82 -17.58
N ALA A 168 13.83 -16.27 -17.41
CA ALA A 168 13.60 -15.29 -16.36
C ALA A 168 13.63 -15.97 -15.01
N VAL A 169 13.07 -17.18 -14.96
CA VAL A 169 13.05 -17.94 -13.72
C VAL A 169 14.44 -18.48 -13.42
N ALA A 170 15.08 -19.06 -14.42
CA ALA A 170 16.42 -19.58 -14.27
C ALA A 170 17.39 -18.47 -13.92
N ALA A 171 17.08 -17.26 -14.38
CA ALA A 171 17.92 -16.10 -14.12
C ALA A 171 17.76 -15.59 -12.69
N LEU A 172 16.54 -15.72 -12.17
CA LEU A 172 16.26 -15.29 -10.81
C LEU A 172 16.71 -16.34 -9.81
N LYS A 173 16.52 -17.60 -10.20
CA LYS A 173 16.92 -18.71 -9.35
C LYS A 173 18.44 -18.82 -9.36
N ASN A 174 19.05 -18.36 -10.45
CA ASN A 174 20.50 -18.41 -10.58
C ASN A 174 21.17 -17.32 -9.74
N THR A 175 20.36 -16.40 -9.21
CA THR A 175 20.88 -15.31 -8.40
C THR A 175 21.61 -15.83 -7.16
N TYR A 176 21.93 -14.91 -6.25
CA TYR A 176 22.63 -15.26 -5.02
C TYR A 176 21.74 -15.02 -3.79
N ASP A 177 22.24 -15.45 -2.63
CA ASP A 177 21.50 -15.28 -1.38
C ASP A 177 21.15 -13.83 -1.08
N VAL A 178 21.77 -12.90 -1.80
CA VAL A 178 21.50 -11.47 -1.60
C VAL A 178 21.62 -10.72 -2.93
N VAL A 179 20.51 -10.59 -3.63
CA VAL A 179 20.49 -9.91 -4.91
C VAL A 179 19.38 -8.85 -4.95
N TYR A 180 19.61 -7.77 -5.71
CA TYR A 180 18.63 -6.69 -5.79
C TYR A 180 17.94 -6.67 -7.16
N LEU A 181 16.62 -6.49 -7.13
CA LEU A 181 15.83 -6.45 -8.35
C LEU A 181 15.28 -5.04 -8.58
N LYS A 182 14.92 -4.75 -9.83
CA LYS A 182 14.38 -3.44 -10.18
C LYS A 182 12.86 -3.50 -10.28
N VAL A 183 12.18 -2.74 -9.42
CA VAL A 183 10.73 -2.70 -9.42
C VAL A 183 10.22 -1.43 -10.10
N ALA A 184 8.97 -1.46 -10.55
CA ALA A 184 8.38 -0.32 -11.22
C ALA A 184 7.06 0.10 -10.57
N LYS A 185 6.86 1.41 -10.49
CA LYS A 185 5.64 1.96 -9.89
C LYS A 185 4.65 2.41 -10.97
N PRO A 186 3.34 2.27 -10.72
CA PRO A 186 2.30 2.66 -11.68
C PRO A 186 2.31 4.17 -11.95
N SER A 187 2.22 4.53 -13.22
CA SER A 187 2.21 5.93 -13.63
C SER A 187 0.85 6.57 -13.36
N ASN A 188 0.86 7.83 -12.94
CA ASN A 188 -0.37 8.56 -12.63
C ASN A 188 -1.30 7.73 -11.75
N ALA A 189 -0.70 6.86 -10.95
CA ALA A 189 -1.47 6.01 -10.04
C ALA A 189 -0.56 5.34 -9.02
N GLN B 1 -17.81 11.51 29.81
CA GLN B 1 -17.69 12.99 29.77
C GLN B 1 -17.25 13.47 28.40
N VAL B 2 -16.09 12.99 27.95
CA VAL B 2 -15.56 13.37 26.65
C VAL B 2 -16.31 12.69 25.52
N VAL B 3 -16.67 13.46 24.50
CA VAL B 3 -17.41 12.92 23.36
C VAL B 3 -17.15 13.76 22.11
N PRO B 4 -15.90 13.81 21.62
CA PRO B 4 -15.53 14.59 20.43
C PRO B 4 -16.30 14.14 19.19
N PHE B 5 -16.70 15.11 18.39
CA PHE B 5 -17.45 14.83 17.16
C PHE B 5 -16.61 15.15 15.93
N SER B 6 -16.43 16.44 15.67
CA SER B 6 -15.64 16.88 14.52
C SER B 6 -14.38 17.58 14.98
N SER B 7 -13.67 18.20 14.04
CA SER B 7 -12.43 18.90 14.36
C SER B 7 -11.39 17.93 14.92
N SER B 8 -10.47 18.43 15.74
CA SER B 8 -9.42 17.60 16.33
C SER B 8 -10.03 16.37 17.02
N VAL B 9 -9.60 15.20 16.58
CA VAL B 9 -10.09 13.94 17.15
C VAL B 9 -9.11 12.80 16.89
N GLN C 1 -9.93 -25.23 -8.36
CA GLN C 1 -10.63 -24.04 -8.94
C GLN C 1 -9.63 -22.90 -9.19
N VAL C 2 -9.04 -22.39 -8.11
CA VAL C 2 -8.08 -21.30 -8.21
C VAL C 2 -6.66 -21.79 -7.94
N VAL C 3 -6.17 -22.68 -8.81
CA VAL C 3 -4.83 -23.22 -8.66
C VAL C 3 -3.78 -22.22 -9.13
N PRO C 4 -2.78 -21.91 -8.27
CA PRO C 4 -1.71 -20.96 -8.61
C PRO C 4 -1.01 -21.34 -9.91
N PHE C 5 -0.64 -20.33 -10.69
CA PHE C 5 0.05 -20.54 -11.95
C PHE C 5 1.19 -19.55 -12.13
N SER C 6 2.31 -19.82 -11.47
CA SER C 6 3.48 -18.96 -11.56
C SER C 6 4.70 -19.63 -10.94
N SER C 7 5.81 -18.89 -10.88
CA SER C 7 7.04 -19.42 -10.31
C SER C 7 7.12 -19.15 -8.81
N SER C 8 6.87 -20.18 -8.01
CA SER C 8 6.92 -20.05 -6.56
C SER C 8 8.29 -20.42 -6.02
N VAL C 9 8.95 -19.45 -5.38
CA VAL C 9 10.27 -19.67 -4.82
C VAL C 9 10.43 -18.96 -3.48
N MET A 1 -0.51 2.12 1.07
CA MET A 1 -1.75 2.50 1.80
C MET A 1 -3.00 1.97 1.08
N GLU A 2 -4.11 1.91 1.80
CA GLU A 2 -5.37 1.44 1.23
C GLU A 2 -6.53 2.33 1.64
N TYR A 3 -7.69 2.09 1.04
CA TYR A 3 -8.89 2.88 1.35
C TYR A 3 -10.10 1.97 1.54
N GLU A 4 -11.17 2.52 2.10
CA GLU A 4 -12.38 1.74 2.33
C GLU A 4 -13.49 2.61 2.90
N GLU A 5 -14.73 2.14 2.75
CA GLU A 5 -15.89 2.86 3.25
C GLU A 5 -16.30 2.35 4.63
N ILE A 6 -16.96 3.20 5.41
CA ILE A 6 -17.40 2.81 6.75
C ILE A 6 -18.63 3.60 7.19
N THR A 7 -19.29 3.13 8.24
CA THR A 7 -20.49 3.79 8.76
C THR A 7 -20.30 4.13 10.23
N LEU A 8 -20.45 5.41 10.55
CA LEU A 8 -20.31 5.86 11.92
C LEU A 8 -21.53 6.63 12.36
N GLU A 9 -22.46 5.91 12.96
CA GLU A 9 -23.70 6.49 13.45
C GLU A 9 -23.43 7.32 14.71
N ARG A 10 -24.41 8.14 15.09
CA ARG A 10 -24.29 8.97 16.28
C ARG A 10 -24.59 8.16 17.55
N GLY A 11 -23.54 7.65 18.17
CA GLY A 11 -23.72 6.89 19.41
C GLY A 11 -24.61 7.62 20.39
N ASN A 12 -24.61 8.95 20.29
CA ASN A 12 -25.41 9.79 21.15
C ASN A 12 -25.42 11.23 20.62
N SER A 13 -24.45 12.02 21.06
CA SER A 13 -24.34 13.41 20.63
C SER A 13 -23.15 13.64 19.69
N GLY A 14 -22.79 12.61 18.91
CA GLY A 14 -21.67 12.76 18.02
C GLY A 14 -20.96 11.44 17.76
N LEU A 15 -19.96 11.48 16.90
CA LEU A 15 -19.22 10.30 16.53
C LEU A 15 -18.10 10.01 17.53
N GLY A 16 -17.33 11.04 17.86
CA GLY A 16 -16.25 10.88 18.83
C GLY A 16 -14.86 10.83 18.21
N PHE A 17 -14.44 11.94 17.62
CA PHE A 17 -13.12 12.03 17.00
C PHE A 17 -12.74 13.49 16.74
N SER A 18 -11.45 13.73 16.52
CA SER A 18 -10.99 15.09 16.27
C SER A 18 -10.25 15.18 14.94
N ILE A 19 -10.58 16.21 14.16
CA ILE A 19 -9.94 16.43 12.87
C ILE A 19 -9.26 17.79 12.83
N ALA A 20 -8.50 18.04 11.77
CA ALA A 20 -7.79 19.30 11.63
C ALA A 20 -7.17 19.43 10.24
N GLY A 21 -7.01 20.67 9.79
CA GLY A 21 -6.43 20.93 8.49
C GLY A 21 -7.39 21.66 7.56
N GLY A 22 -7.79 20.99 6.48
CA GLY A 22 -8.70 21.60 5.53
C GLY A 22 -8.00 22.06 4.28
N THR A 23 -8.69 21.97 3.14
CA THR A 23 -8.12 22.37 1.86
C THR A 23 -7.58 23.80 1.91
N ASP A 24 -8.10 24.60 2.84
CA ASP A 24 -7.67 25.99 2.97
C ASP A 24 -6.50 26.12 3.94
N ASN A 25 -6.61 25.46 5.09
CA ASN A 25 -5.57 25.51 6.11
C ASN A 25 -5.05 24.11 6.43
N PRO A 26 -4.19 23.54 5.56
CA PRO A 26 -3.62 22.21 5.77
C PRO A 26 -3.03 22.05 7.17
N HIS A 27 -3.43 20.97 7.85
CA HIS A 27 -2.94 20.70 9.19
C HIS A 27 -1.44 20.39 9.20
N ILE A 28 -0.92 20.00 8.03
CA ILE A 28 0.50 19.67 7.91
C ILE A 28 1.22 20.68 7.04
N GLY A 29 0.50 21.29 6.11
CA GLY A 29 1.09 22.28 5.23
C GLY A 29 1.59 21.68 3.93
N ASP A 30 0.98 20.57 3.52
CA ASP A 30 1.37 19.90 2.29
C ASP A 30 0.34 18.82 1.92
N ASP A 31 -0.92 19.08 2.23
CA ASP A 31 -1.99 18.15 1.93
C ASP A 31 -3.35 18.82 2.09
N PRO A 32 -3.98 19.23 0.97
CA PRO A 32 -5.30 19.88 1.00
C PRO A 32 -6.35 19.02 1.69
N SER A 33 -6.15 17.71 1.66
CA SER A 33 -7.08 16.78 2.30
C SER A 33 -7.05 16.94 3.81
N ILE A 34 -7.89 16.19 4.50
CA ILE A 34 -7.97 16.26 5.96
C ILE A 34 -7.77 14.87 6.58
N PHE A 35 -7.28 14.85 7.81
CA PHE A 35 -7.04 13.60 8.53
C PHE A 35 -7.38 13.76 10.01
N ILE A 36 -7.83 12.68 10.63
CA ILE A 36 -8.18 12.70 12.05
C ILE A 36 -6.90 12.71 12.89
N THR A 37 -6.96 13.31 14.07
CA THR A 37 -5.79 13.39 14.94
C THR A 37 -5.89 12.38 16.08
N LYS A 38 -7.07 12.22 16.65
CA LYS A 38 -7.27 11.29 17.75
C LYS A 38 -8.75 11.03 18.00
N ILE A 39 -9.06 9.80 18.41
CA ILE A 39 -10.43 9.40 18.69
C ILE A 39 -10.68 9.34 20.19
N ILE A 40 -11.87 9.77 20.59
CA ILE A 40 -12.26 9.78 21.99
C ILE A 40 -12.82 8.41 22.41
N PRO A 41 -12.42 7.91 23.59
CA PRO A 41 -12.91 6.62 24.09
C PRO A 41 -14.32 6.70 24.64
N GLY A 42 -15.26 7.12 23.79
CA GLY A 42 -16.65 7.23 24.21
C GLY A 42 -17.61 7.21 23.04
N GLY A 43 -17.40 8.10 22.07
CA GLY A 43 -18.26 8.15 20.90
C GLY A 43 -18.35 6.82 20.18
N ALA A 44 -19.05 6.81 19.06
CA ALA A 44 -19.21 5.59 18.27
C ALA A 44 -17.93 5.25 17.50
N ALA A 45 -17.19 6.29 17.10
CA ALA A 45 -15.94 6.09 16.37
C ALA A 45 -15.00 5.18 17.15
N ALA A 46 -15.17 5.18 18.47
CA ALA A 46 -14.35 4.36 19.35
C ALA A 46 -14.83 2.91 19.33
N GLN A 47 -16.11 2.74 19.04
CA GLN A 47 -16.71 1.41 18.99
C GLN A 47 -16.21 0.68 17.77
N ASP A 48 -16.18 1.37 16.65
CA ASP A 48 -15.71 0.78 15.41
C ASP A 48 -14.23 1.05 15.22
N GLY A 49 -13.77 2.18 15.75
CA GLY A 49 -12.37 2.54 15.63
C GLY A 49 -12.09 3.35 14.39
N ARG A 50 -12.82 3.06 13.31
CA ARG A 50 -12.63 3.76 12.04
C ARG A 50 -11.15 3.82 11.66
N LEU A 51 -10.37 2.87 12.17
CA LEU A 51 -8.94 2.80 11.88
C LEU A 51 -8.18 3.98 12.47
N ARG A 52 -6.92 4.13 12.06
CA ARG A 52 -6.08 5.21 12.54
C ARG A 52 -6.68 6.57 12.22
N VAL A 53 -6.34 7.56 13.04
CA VAL A 53 -6.84 8.90 12.86
C VAL A 53 -6.20 9.58 11.65
N ASN A 54 -4.93 9.30 11.42
CA ASN A 54 -4.19 9.86 10.30
C ASN A 54 -4.91 9.67 8.97
N ASP A 55 -5.89 8.76 8.92
CA ASP A 55 -6.64 8.51 7.70
C ASP A 55 -7.32 9.79 7.23
N SER A 56 -7.62 9.88 5.94
CA SER A 56 -8.26 11.07 5.39
C SER A 56 -9.59 10.73 4.74
N ILE A 57 -10.64 11.42 5.16
CA ILE A 57 -11.96 11.20 4.60
C ILE A 57 -12.01 11.59 3.13
N LEU A 58 -11.79 10.60 2.27
CA LEU A 58 -11.82 10.82 0.83
C LEU A 58 -13.25 10.94 0.33
N PHE A 59 -14.18 10.29 1.04
CA PHE A 59 -15.59 10.34 0.66
C PHE A 59 -16.50 10.19 1.87
N VAL A 60 -17.28 11.23 2.16
CA VAL A 60 -18.19 11.22 3.28
C VAL A 60 -19.58 11.70 2.87
N ASN A 61 -20.60 10.88 3.14
CA ASN A 61 -21.97 11.24 2.79
C ASN A 61 -22.09 11.56 1.30
N GLU A 62 -21.34 10.83 0.47
CA GLU A 62 -21.35 11.04 -0.97
C GLU A 62 -20.89 12.46 -1.30
N VAL A 63 -20.06 13.02 -0.43
CA VAL A 63 -19.54 14.38 -0.64
C VAL A 63 -18.04 14.35 -0.92
N ASP A 64 -17.61 15.22 -1.82
CA ASP A 64 -16.19 15.29 -2.17
C ASP A 64 -15.39 15.99 -1.08
N VAL A 65 -15.20 15.30 0.04
CA VAL A 65 -14.45 15.86 1.16
C VAL A 65 -13.02 15.34 1.16
N ARG A 66 -12.48 15.16 -0.04
CA ARG A 66 -11.11 14.67 -0.18
C ARG A 66 -10.13 15.83 -0.43
N GLU A 67 -10.67 17.03 -0.65
CA GLU A 67 -9.83 18.20 -0.90
C GLU A 67 -10.58 19.50 -0.64
N VAL A 68 -11.33 19.54 0.46
CA VAL A 68 -12.08 20.75 0.80
C VAL A 68 -11.72 21.23 2.21
N THR A 69 -11.92 22.52 2.43
CA THR A 69 -11.60 23.15 3.71
C THR A 69 -12.18 22.38 4.89
N HIS A 70 -11.64 22.66 6.07
CA HIS A 70 -12.08 22.01 7.29
C HIS A 70 -13.56 22.25 7.55
N SER A 71 -13.97 23.50 7.47
CA SER A 71 -15.37 23.86 7.70
C SER A 71 -16.32 23.00 6.87
N ALA A 72 -15.91 22.69 5.65
CA ALA A 72 -16.73 21.87 4.75
C ALA A 72 -16.90 20.47 5.31
N ALA A 73 -15.85 19.97 5.96
CA ALA A 73 -15.87 18.64 6.56
C ALA A 73 -16.77 18.66 7.78
N VAL A 74 -16.63 19.71 8.57
CA VAL A 74 -17.43 19.87 9.78
C VAL A 74 -18.90 20.03 9.39
N GLU A 75 -19.11 20.70 8.26
CA GLU A 75 -20.46 20.93 7.75
C GLU A 75 -21.10 19.63 7.26
N ALA A 76 -20.25 18.73 6.74
CA ALA A 76 -20.71 17.45 6.23
C ALA A 76 -21.17 16.57 7.38
N LEU A 77 -20.40 16.60 8.45
CA LEU A 77 -20.71 15.82 9.64
C LEU A 77 -21.85 16.49 10.40
N LYS A 78 -21.96 17.81 10.22
CA LYS A 78 -23.00 18.58 10.89
C LYS A 78 -24.36 18.28 10.25
N GLU A 79 -24.34 18.05 8.95
CA GLU A 79 -25.57 17.75 8.23
C GLU A 79 -25.57 16.33 7.70
N ALA A 80 -24.85 15.45 8.39
CA ALA A 80 -24.76 14.06 7.98
C ALA A 80 -25.84 13.21 8.67
N GLY A 81 -26.36 13.70 9.78
CA GLY A 81 -27.39 12.96 10.51
C GLY A 81 -26.82 12.14 11.65
N SER A 82 -27.30 10.91 11.80
CA SER A 82 -26.84 10.03 12.87
C SER A 82 -26.25 8.73 12.31
N ILE A 83 -25.93 8.76 11.01
CA ILE A 83 -25.35 7.61 10.32
C ILE A 83 -24.53 8.10 9.14
N VAL A 84 -23.23 8.25 9.34
CA VAL A 84 -22.36 8.75 8.28
C VAL A 84 -21.58 7.65 7.60
N ARG A 85 -21.40 7.80 6.29
CA ARG A 85 -20.64 6.85 5.50
C ARG A 85 -19.24 7.41 5.26
N LEU A 86 -18.31 7.04 6.13
CA LEU A 86 -16.95 7.55 6.04
C LEU A 86 -16.07 6.70 5.15
N TYR A 87 -15.63 7.31 4.05
CA TYR A 87 -14.72 6.66 3.12
C TYR A 87 -13.38 7.36 3.25
N VAL A 88 -12.37 6.65 3.73
CA VAL A 88 -11.08 7.26 3.93
C VAL A 88 -9.93 6.44 3.38
N MET A 89 -8.75 7.07 3.32
CA MET A 89 -7.54 6.43 2.86
C MET A 89 -6.63 6.20 4.06
N ARG A 90 -6.49 4.94 4.43
CA ARG A 90 -5.68 4.58 5.59
C ARG A 90 -4.73 3.43 5.28
N ARG A 91 -3.56 3.46 5.91
CA ARG A 91 -2.55 2.43 5.70
C ARG A 91 -2.97 1.10 6.33
N LYS A 92 -2.67 0.01 5.64
CA LYS A 92 -3.01 -1.32 6.14
C LYS A 92 -1.91 -2.32 5.79
N PRO A 93 -1.29 -2.95 6.81
CA PRO A 93 -0.22 -3.94 6.59
C PRO A 93 -0.67 -5.10 5.70
N PRO A 94 -1.85 -5.68 5.98
CA PRO A 94 -2.38 -6.81 5.21
C PRO A 94 -3.17 -6.34 3.99
N ALA A 95 -4.02 -7.23 3.47
CA ALA A 95 -4.82 -6.92 2.31
C ALA A 95 -3.95 -6.68 1.08
N GLU A 96 -2.79 -7.31 1.08
CA GLU A 96 -1.84 -7.19 -0.03
C GLU A 96 -1.09 -5.86 0.04
N LYS A 97 0.19 -5.89 -0.32
CA LYS A 97 1.01 -4.70 -0.30
C LYS A 97 2.24 -4.87 -1.18
N VAL A 98 2.49 -3.88 -2.04
CA VAL A 98 3.64 -3.93 -2.95
C VAL A 98 4.90 -3.45 -2.25
N MET A 99 6.05 -4.02 -2.65
CA MET A 99 7.32 -3.66 -2.05
C MET A 99 8.32 -3.20 -3.12
N GLU A 100 9.41 -2.59 -2.67
CA GLU A 100 10.45 -2.11 -3.54
C GLU A 100 11.80 -2.53 -3.00
N ILE A 101 12.40 -3.51 -3.64
CA ILE A 101 13.68 -4.05 -3.20
C ILE A 101 14.80 -3.76 -4.18
N LYS A 102 16.01 -3.75 -3.65
CA LYS A 102 17.20 -3.50 -4.45
C LYS A 102 18.10 -4.72 -4.50
N LEU A 103 18.48 -5.11 -5.72
CA LEU A 103 19.35 -6.26 -5.91
C LEU A 103 20.50 -5.89 -6.83
N ILE A 104 21.72 -5.99 -6.32
CA ILE A 104 22.89 -5.66 -7.10
C ILE A 104 23.49 -6.90 -7.74
N LYS A 105 24.03 -6.74 -8.94
CA LYS A 105 24.63 -7.84 -9.67
C LYS A 105 25.89 -8.33 -8.97
N GLY A 106 26.17 -9.63 -9.10
CA GLY A 106 27.34 -10.20 -8.48
C GLY A 106 28.12 -11.08 -9.44
N PRO A 107 29.17 -11.77 -8.97
CA PRO A 107 29.98 -12.64 -9.81
C PRO A 107 29.22 -13.87 -10.28
N LYS A 108 28.38 -14.41 -9.40
CA LYS A 108 27.59 -15.58 -9.74
C LYS A 108 26.22 -15.17 -10.26
N GLY A 109 26.12 -13.91 -10.69
CA GLY A 109 24.87 -13.40 -11.20
C GLY A 109 24.19 -12.52 -10.19
N LEU A 110 22.88 -12.61 -10.09
CA LEU A 110 22.15 -11.81 -9.14
C LEU A 110 22.09 -12.48 -7.77
N GLY A 111 22.27 -13.80 -7.75
CA GLY A 111 22.24 -14.54 -6.51
C GLY A 111 20.84 -14.94 -6.09
N PHE A 112 20.08 -15.48 -7.02
CA PHE A 112 18.71 -15.91 -6.75
C PHE A 112 18.08 -16.57 -7.98
N SER A 113 17.23 -17.56 -7.75
CA SER A 113 16.57 -18.25 -8.85
C SER A 113 15.09 -17.90 -8.89
N ILE A 114 14.67 -17.27 -9.98
CA ILE A 114 13.29 -16.87 -10.16
C ILE A 114 12.76 -17.35 -11.50
N ALA A 115 11.46 -17.56 -11.59
CA ALA A 115 10.86 -18.02 -12.83
C ALA A 115 9.40 -17.57 -12.97
N GLY A 116 9.11 -16.91 -14.08
CA GLY A 116 7.75 -16.44 -14.34
C GLY A 116 7.48 -16.29 -15.82
N GLY A 117 6.31 -15.76 -16.17
CA GLY A 117 5.98 -15.57 -17.57
C GLY A 117 4.67 -16.20 -18.00
N VAL A 118 4.30 -15.97 -19.25
CA VAL A 118 3.05 -16.50 -19.80
C VAL A 118 3.31 -17.74 -20.65
N GLY A 119 2.29 -18.60 -20.75
CA GLY A 119 2.42 -19.82 -21.53
C GLY A 119 3.14 -20.93 -20.77
N ASN A 120 3.65 -20.60 -19.58
CA ASN A 120 4.36 -21.57 -18.76
C ASN A 120 4.97 -20.85 -17.55
N GLN A 121 4.14 -20.59 -16.55
CA GLN A 121 4.57 -19.89 -15.36
C GLN A 121 5.08 -20.85 -14.30
N HIS A 122 6.13 -20.45 -13.59
CA HIS A 122 6.72 -21.24 -12.53
C HIS A 122 5.64 -21.82 -11.63
N ILE A 123 4.63 -21.02 -11.42
CA ILE A 123 3.50 -21.38 -10.58
C ILE A 123 2.31 -21.81 -11.45
N PRO A 124 1.54 -22.81 -10.99
CA PRO A 124 0.38 -23.31 -11.75
C PRO A 124 -0.64 -22.20 -12.04
N GLY A 125 -0.39 -21.46 -13.11
CA GLY A 125 -1.30 -20.38 -13.49
C GLY A 125 -0.99 -19.07 -12.80
N ASP A 126 0.25 -18.61 -12.91
CA ASP A 126 0.66 -17.36 -12.28
C ASP A 126 1.85 -16.76 -13.01
N ASN A 127 1.58 -15.95 -14.04
CA ASN A 127 2.62 -15.31 -14.81
C ASN A 127 3.58 -14.54 -13.90
N SER A 128 3.08 -14.15 -12.73
CA SER A 128 3.89 -13.41 -11.76
C SER A 128 5.20 -14.14 -11.49
N ILE A 129 6.31 -13.42 -11.66
CA ILE A 129 7.63 -14.01 -11.46
C ILE A 129 7.93 -14.19 -9.97
N TYR A 130 8.03 -15.46 -9.56
CA TYR A 130 8.33 -15.79 -8.16
C TYR A 130 9.75 -16.30 -8.02
N VAL A 131 10.18 -16.50 -6.79
CA VAL A 131 11.52 -17.00 -6.51
C VAL A 131 11.44 -18.42 -5.98
N THR A 132 12.45 -19.24 -6.27
CA THR A 132 12.43 -20.63 -5.81
C THR A 132 13.73 -21.04 -5.13
N LYS A 133 14.86 -20.42 -5.51
CA LYS A 133 16.14 -20.77 -4.91
C LYS A 133 17.02 -19.55 -4.70
N ILE A 134 17.67 -19.48 -3.54
CA ILE A 134 18.56 -18.37 -3.23
C ILE A 134 19.84 -18.86 -2.57
N ILE A 135 20.96 -18.29 -2.98
CA ILE A 135 22.26 -18.66 -2.43
C ILE A 135 22.52 -17.96 -1.11
N GLU A 136 23.60 -18.33 -0.43
CA GLU A 136 23.95 -17.73 0.84
C GLU A 136 24.80 -16.47 0.64
N GLY A 137 24.54 -15.45 1.45
CA GLY A 137 25.28 -14.21 1.34
C GLY A 137 25.19 -13.59 -0.05
N GLY A 138 24.10 -13.91 -0.75
CA GLY A 138 23.90 -13.38 -2.08
C GLY A 138 23.66 -11.88 -2.09
N ALA A 139 23.38 -11.33 -3.27
CA ALA A 139 23.12 -9.91 -3.40
C ALA A 139 21.82 -9.50 -2.74
N ALA A 140 20.71 -9.98 -3.30
CA ALA A 140 19.39 -9.67 -2.77
C ALA A 140 19.15 -10.36 -1.44
N HIS A 141 19.65 -11.58 -1.30
CA HIS A 141 19.49 -12.34 -0.06
C HIS A 141 19.93 -11.50 1.14
N LYS A 142 21.09 -10.87 1.00
CA LYS A 142 21.65 -10.04 2.07
C LYS A 142 20.89 -8.73 2.23
N ASP A 143 20.82 -7.96 1.15
CA ASP A 143 20.15 -6.66 1.18
C ASP A 143 18.63 -6.79 1.06
N GLY A 144 18.19 -7.38 -0.05
CA GLY A 144 16.76 -7.55 -0.29
C GLY A 144 16.09 -8.41 0.76
N ARG A 145 16.80 -9.40 1.28
CA ARG A 145 16.25 -10.30 2.28
C ARG A 145 15.03 -11.04 1.74
N LEU A 146 14.93 -11.10 0.41
CA LEU A 146 13.81 -11.78 -0.24
C LEU A 146 14.07 -13.27 -0.35
N GLN A 147 13.76 -14.00 0.73
CA GLN A 147 13.96 -15.44 0.76
C GLN A 147 13.00 -16.12 -0.21
N ILE A 148 13.20 -17.43 -0.42
CA ILE A 148 12.35 -18.19 -1.33
C ILE A 148 10.88 -17.92 -1.05
N GLY A 149 10.20 -17.43 -2.07
CA GLY A 149 8.79 -17.12 -1.95
C GLY A 149 8.46 -15.71 -2.38
N ASP A 150 9.48 -14.84 -2.40
CA ASP A 150 9.28 -13.46 -2.80
C ASP A 150 8.89 -13.36 -4.27
N LYS A 151 7.71 -12.83 -4.53
CA LYS A 151 7.22 -12.68 -5.89
C LYS A 151 7.42 -11.26 -6.40
N ILE A 152 8.12 -11.14 -7.53
CA ILE A 152 8.37 -9.82 -8.11
C ILE A 152 7.39 -9.56 -9.24
N LEU A 153 6.62 -8.49 -9.12
CA LEU A 153 5.64 -8.13 -10.12
C LEU A 153 6.24 -7.28 -11.22
N ALA A 154 7.54 -6.97 -11.12
CA ALA A 154 8.20 -6.14 -12.12
C ALA A 154 9.62 -5.78 -11.70
N VAL A 155 10.45 -5.40 -12.67
CA VAL A 155 11.83 -5.00 -12.39
C VAL A 155 12.03 -3.55 -12.77
N ASN A 156 11.97 -2.68 -11.77
CA ASN A 156 12.13 -1.25 -11.97
C ASN A 156 10.96 -0.67 -12.76
N SER A 157 10.74 -1.22 -13.95
CA SER A 157 9.65 -0.76 -14.80
C SER A 157 9.02 -1.88 -15.63
N VAL A 158 9.73 -3.00 -15.79
CA VAL A 158 9.20 -4.12 -16.58
C VAL A 158 8.19 -4.90 -15.76
N GLY A 159 7.00 -5.13 -16.33
CA GLY A 159 5.95 -5.86 -15.63
C GLY A 159 6.28 -7.32 -15.37
N LEU A 160 7.50 -7.75 -15.65
CA LEU A 160 7.92 -9.13 -15.42
C LEU A 160 6.85 -10.13 -15.88
N GLU A 161 6.08 -9.73 -16.87
CA GLU A 161 5.02 -10.60 -17.39
C GLU A 161 4.30 -9.93 -18.56
N ASP A 162 4.95 -9.91 -19.72
CA ASP A 162 4.36 -9.31 -20.91
C ASP A 162 5.01 -9.87 -22.18
N VAL A 163 5.52 -11.10 -22.08
CA VAL A 163 6.16 -11.75 -23.21
C VAL A 163 6.14 -13.26 -23.04
N MET A 164 7.00 -13.75 -22.15
CA MET A 164 7.10 -15.17 -21.88
C MET A 164 8.19 -15.41 -20.83
N HIS A 165 8.51 -16.68 -20.60
CA HIS A 165 9.53 -17.03 -19.62
C HIS A 165 10.91 -16.57 -20.09
N GLU A 166 11.16 -16.67 -21.39
CA GLU A 166 12.44 -16.29 -21.96
C GLU A 166 12.66 -14.78 -22.03
N ASP A 167 11.61 -14.04 -22.37
CA ASP A 167 11.75 -12.59 -22.47
C ASP A 167 11.79 -11.95 -21.09
N ALA A 168 11.05 -12.51 -20.15
CA ALA A 168 11.03 -12.02 -18.80
C ALA A 168 12.37 -12.30 -18.13
N VAL A 169 12.92 -13.46 -18.45
CA VAL A 169 14.21 -13.86 -17.90
C VAL A 169 15.32 -12.99 -18.46
N ALA A 170 15.24 -12.73 -19.77
CA ALA A 170 16.23 -11.91 -20.44
C ALA A 170 16.09 -10.45 -20.04
N ALA A 171 14.86 -10.05 -19.69
CA ALA A 171 14.57 -8.69 -19.29
C ALA A 171 15.01 -8.43 -17.85
N LEU A 172 15.06 -9.49 -17.05
CA LEU A 172 15.47 -9.36 -15.66
C LEU A 172 16.98 -9.33 -15.57
N LYS A 173 17.63 -10.16 -16.39
CA LYS A 173 19.08 -10.22 -16.42
C LYS A 173 19.64 -9.00 -17.15
N ASN A 174 18.83 -8.44 -18.05
CA ASN A 174 19.24 -7.27 -18.81
C ASN A 174 19.64 -6.12 -17.89
N THR A 175 19.16 -6.16 -16.65
CA THR A 175 19.47 -5.14 -15.67
C THR A 175 20.97 -4.93 -15.51
N TYR A 176 21.37 -4.13 -14.53
CA TYR A 176 22.79 -3.86 -14.31
C TYR A 176 23.23 -4.18 -12.88
N ASP A 177 24.37 -3.64 -12.48
CA ASP A 177 24.97 -3.88 -11.16
C ASP A 177 24.09 -3.48 -9.97
N VAL A 178 23.13 -2.58 -10.17
CA VAL A 178 22.29 -2.14 -9.07
C VAL A 178 20.87 -1.80 -9.54
N VAL A 179 19.99 -2.78 -9.50
CA VAL A 179 18.61 -2.58 -9.94
C VAL A 179 17.62 -2.83 -8.82
N TYR A 180 16.50 -2.11 -8.85
CA TYR A 180 15.46 -2.27 -7.85
C TYR A 180 14.27 -3.02 -8.43
N LEU A 181 13.87 -4.10 -7.77
CA LEU A 181 12.75 -4.92 -8.23
C LEU A 181 11.53 -4.71 -7.36
N LYS A 182 10.36 -4.83 -7.97
CA LYS A 182 9.10 -4.66 -7.25
C LYS A 182 8.53 -6.00 -6.80
N VAL A 183 8.39 -6.18 -5.49
CA VAL A 183 7.87 -7.42 -4.93
C VAL A 183 6.41 -7.25 -4.53
N ALA A 184 5.71 -8.38 -4.36
CA ALA A 184 4.30 -8.33 -3.98
C ALA A 184 3.98 -9.33 -2.88
N LYS A 185 3.06 -8.94 -2.00
CA LYS A 185 2.65 -9.80 -0.88
C LYS A 185 1.41 -10.61 -1.25
N PRO A 186 1.28 -11.84 -0.74
CA PRO A 186 0.13 -12.72 -1.02
C PRO A 186 -1.11 -12.35 -0.22
N SER A 187 -1.35 -11.05 -0.03
CA SER A 187 -2.50 -10.60 0.72
C SER A 187 -2.60 -11.32 2.08
N ASN A 188 -3.63 -10.98 2.84
CA ASN A 188 -3.86 -11.58 4.16
C ASN A 188 -2.56 -11.83 4.91
N ALA A 189 -1.58 -10.94 4.71
CA ALA A 189 -0.28 -11.08 5.36
C ALA A 189 0.18 -9.76 5.96
N GLN B 1 0.85 23.53 20.81
CA GLN B 1 -0.10 24.28 19.94
C GLN B 1 -0.49 25.61 20.56
N VAL B 2 -0.45 26.67 19.75
CA VAL B 2 -0.80 28.01 20.23
C VAL B 2 -2.16 28.44 19.69
N VAL B 3 -2.50 27.95 18.50
CA VAL B 3 -3.77 28.28 17.87
C VAL B 3 -4.62 27.04 17.64
N PRO B 4 -5.55 26.75 18.57
CA PRO B 4 -6.43 25.58 18.47
C PRO B 4 -7.10 25.48 17.10
N PHE B 5 -6.47 24.76 16.19
CA PHE B 5 -7.01 24.59 14.83
C PHE B 5 -7.48 23.16 14.62
N SER B 6 -8.41 22.71 15.45
CA SER B 6 -8.94 21.35 15.34
C SER B 6 -10.34 21.27 15.94
N SER B 7 -11.19 20.45 15.35
CA SER B 7 -12.56 20.28 15.82
C SER B 7 -12.73 18.94 16.51
N SER B 8 -13.65 18.89 17.48
CA SER B 8 -13.91 17.67 18.23
C SER B 8 -15.41 17.41 18.34
N VAL B 9 -15.87 16.33 17.72
CA VAL B 9 -17.28 15.97 17.75
C VAL B 9 -17.47 14.49 17.44
N GLN C 1 22.08 -29.62 -21.83
CA GLN C 1 22.31 -28.49 -20.91
C GLN C 1 21.05 -28.16 -20.12
N VAL C 2 21.10 -27.06 -19.37
CA VAL C 2 19.96 -26.62 -18.57
C VAL C 2 19.17 -25.54 -19.29
N VAL C 3 17.86 -25.53 -19.09
CA VAL C 3 16.98 -24.55 -19.72
C VAL C 3 15.66 -24.40 -18.94
N PRO C 4 14.84 -25.47 -18.89
CA PRO C 4 13.56 -25.44 -18.17
C PRO C 4 13.74 -25.17 -16.69
N PHE C 5 12.68 -25.40 -15.91
CA PHE C 5 12.72 -25.18 -14.47
C PHE C 5 12.93 -23.71 -14.15
N SER C 6 13.19 -23.42 -12.88
CA SER C 6 13.41 -22.04 -12.44
C SER C 6 14.68 -21.47 -13.07
N SER C 7 14.70 -20.15 -13.25
CA SER C 7 15.85 -19.48 -13.83
C SER C 7 16.85 -19.08 -12.75
N SER C 8 17.99 -19.76 -12.72
CA SER C 8 19.03 -19.48 -11.74
C SER C 8 19.90 -18.32 -12.20
N VAL C 9 19.80 -17.20 -11.49
CA VAL C 9 20.58 -16.01 -11.82
C VAL C 9 21.32 -15.47 -10.61
#